data_6IJQ
#
_entry.id   6IJQ
#
loop_
_entity.id
_entity.type
_entity.pdbx_description
1 polymer 'Tumor protein p73'
2 polymer 'Bcl-2-like protein 1,Bcl-2-like protein 1'
#
loop_
_entity_poly.entity_id
_entity_poly.type
_entity_poly.pdbx_seq_one_letter_code
_entity_poly.pdbx_strand_id
1 'polypeptide(L)' DGGTTFEHLWSSLEPD A
2 'polypeptide(L)'
;MSMAMSQSNRELVVDFLSYKLSQKGYSWSQFSDVEENRTEAPEGTESEAVKQALREAGDEFELRYRRAFSDLTSQLHITP
GTAYQSFEQVVNELFRDGVNWGRIVAFFSFGGALCVESVDKEMQVLVSRIAAWMATYLNDHLEPWIQENGGWDTFVELYG
NNAAAESRKGQERLEHHHHHH
;
B
#
# COMPACT_ATOMS: atom_id res chain seq x y z
N ASP A 1 -21.35 8.28 18.51
CA ASP A 1 -20.29 7.53 17.80
C ASP A 1 -18.95 8.29 17.91
N GLY A 2 -17.83 7.57 17.69
CA GLY A 2 -16.49 8.13 17.84
C GLY A 2 -16.17 9.17 16.77
N GLY A 3 -16.29 8.75 15.49
CA GLY A 3 -16.05 9.64 14.34
C GLY A 3 -14.59 10.00 14.13
N THR A 4 -13.70 9.22 14.76
CA THR A 4 -12.25 9.45 14.77
C THR A 4 -11.53 8.94 13.50
N THR A 5 -12.32 8.72 12.43
CA THR A 5 -11.83 8.46 11.07
C THR A 5 -11.12 7.11 10.97
N PHE A 6 -9.85 7.12 11.37
CA PHE A 6 -8.96 5.97 11.21
C PHE A 6 -9.22 4.92 12.30
N GLU A 7 -9.33 5.40 13.55
CA GLU A 7 -9.46 4.53 14.75
C GLU A 7 -10.73 3.69 14.65
N HIS A 8 -11.83 4.35 14.29
CA HIS A 8 -13.14 3.72 14.09
C HIS A 8 -13.12 2.75 12.90
N LEU A 9 -12.47 3.19 11.80
CA LEU A 9 -12.36 2.42 10.54
C LEU A 9 -11.79 1.03 10.80
N TRP A 10 -10.58 1.03 11.38
CA TRP A 10 -9.79 -0.17 11.61
C TRP A 10 -10.33 -1.01 12.78
N SER A 11 -11.13 -0.39 13.65
CA SER A 11 -11.78 -1.09 14.78
C SER A 11 -12.85 -2.06 14.25
N SER A 12 -13.64 -1.55 13.30
CA SER A 12 -14.71 -2.31 12.64
C SER A 12 -14.14 -3.23 11.52
N LEU A 13 -13.03 -2.81 10.91
CA LEU A 13 -12.38 -3.53 9.78
C LEU A 13 -11.53 -4.71 10.28
N GLU A 14 -11.01 -4.59 11.51
CA GLU A 14 -10.12 -5.60 12.13
C GLU A 14 -10.74 -7.02 12.20
N PRO A 15 -11.98 -7.23 12.79
CA PRO A 15 -12.60 -8.59 12.86
C PRO A 15 -13.32 -8.99 11.55
N ASP A 16 -13.07 -8.24 10.45
CA ASP A 16 -13.66 -8.43 9.09
C ASP A 16 -15.21 -8.64 9.15
N MET B 5 -5.54 0.35 -13.54
CA MET B 5 -4.54 1.01 -12.68
C MET B 5 -3.13 0.74 -13.25
N SER B 6 -2.76 -0.57 -13.35
CA SER B 6 -1.54 -1.11 -14.02
C SER B 6 -0.21 -0.45 -13.58
N GLN B 7 0.10 0.75 -14.12
CA GLN B 7 1.36 1.49 -13.81
C GLN B 7 1.18 2.42 -12.60
N SER B 8 -0.04 2.95 -12.45
CA SER B 8 -0.42 3.88 -11.36
C SER B 8 -0.29 3.21 -9.98
N ASN B 9 -0.84 2.00 -9.86
CA ASN B 9 -0.83 1.23 -8.59
C ASN B 9 0.55 0.58 -8.38
N ARG B 10 1.33 0.48 -9.46
CA ARG B 10 2.70 -0.04 -9.43
C ARG B 10 3.65 1.00 -8.81
N GLU B 11 3.50 2.27 -9.23
CA GLU B 11 4.27 3.39 -8.67
C GLU B 11 3.79 3.73 -7.26
N LEU B 12 2.49 3.45 -6.99
CA LEU B 12 1.91 3.47 -5.62
C LEU B 12 2.73 2.53 -4.69
N VAL B 13 3.03 1.30 -5.19
CA VAL B 13 3.93 0.36 -4.49
C VAL B 13 5.33 1.00 -4.26
N VAL B 14 5.93 1.57 -5.33
CA VAL B 14 7.30 2.14 -5.31
C VAL B 14 7.49 3.19 -4.20
N ASP B 15 6.58 4.19 -4.14
CA ASP B 15 6.64 5.24 -3.11
C ASP B 15 6.31 4.65 -1.73
N PHE B 16 5.44 3.62 -1.68
CA PHE B 16 5.02 2.99 -0.41
C PHE B 16 6.21 2.24 0.21
N LEU B 17 7.06 1.65 -0.67
CA LEU B 17 8.29 0.94 -0.25
C LEU B 17 9.33 1.95 0.24
N SER B 18 9.36 3.13 -0.42
CA SER B 18 10.17 4.28 -0.01
C SER B 18 9.78 4.74 1.41
N TYR B 19 8.45 4.81 1.68
CA TYR B 19 7.90 5.22 2.98
C TYR B 19 8.28 4.18 4.07
N LYS B 20 8.38 2.90 3.67
CA LYS B 20 8.83 1.81 4.57
C LYS B 20 10.33 1.92 4.87
N LEU B 21 11.13 2.27 3.86
CA LEU B 21 12.58 2.44 3.99
C LEU B 21 12.94 3.73 4.77
N SER B 22 11.96 4.64 4.86
CA SER B 22 12.05 5.87 5.68
C SER B 22 12.17 5.58 7.19
N GLN B 23 11.90 4.33 7.63
CA GLN B 23 12.23 3.87 9.01
C GLN B 23 13.71 4.12 9.32
N LYS B 24 14.52 3.98 8.27
CA LYS B 24 15.99 4.10 8.31
C LYS B 24 16.43 5.51 7.90
N GLY B 25 15.46 6.27 7.38
CA GLY B 25 15.69 7.59 6.80
C GLY B 25 16.23 7.48 5.37
N TYR B 26 15.69 6.49 4.62
CA TYR B 26 16.22 6.09 3.32
C TYR B 26 15.06 5.85 2.29
N SER B 27 15.42 5.77 1.00
CA SER B 27 14.51 5.40 -0.09
C SER B 27 15.30 4.65 -1.20
N TRP B 28 14.74 3.54 -1.75
CA TRP B 28 15.36 2.83 -2.90
C TRP B 28 15.11 3.62 -4.20
N SER B 29 14.13 4.54 -4.15
CA SER B 29 13.76 5.42 -5.26
C SER B 29 14.80 6.56 -5.42
N GLN B 30 15.70 6.70 -4.42
CA GLN B 30 16.91 7.55 -4.52
C GLN B 30 17.90 6.95 -5.54
N PHE B 31 18.10 5.62 -5.40
CA PHE B 31 18.90 4.82 -6.35
C PHE B 31 18.27 4.86 -7.76
N SER B 32 16.94 4.68 -7.80
CA SER B 32 16.14 4.77 -9.04
C SER B 32 16.15 6.21 -9.61
N ASP B 33 16.33 7.20 -8.70
CA ASP B 33 16.47 8.66 -9.01
C ASP B 33 15.13 9.31 -9.47
N VAL B 34 14.04 8.52 -9.48
CA VAL B 34 12.74 8.93 -10.07
C VAL B 34 11.90 9.85 -9.15
N GLU B 35 12.48 10.20 -8.00
CA GLU B 35 11.90 11.21 -7.07
C GLU B 35 12.07 12.64 -7.63
N GLU B 36 12.94 12.79 -8.63
CA GLU B 36 13.11 14.05 -9.37
C GLU B 36 12.01 14.21 -10.42
N ASN B 37 11.69 13.09 -11.08
CA ASN B 37 10.71 12.99 -12.16
C ASN B 37 9.32 13.41 -11.67
N ARG B 38 9.07 13.05 -10.39
CA ARG B 38 7.82 13.37 -9.66
C ARG B 38 6.58 12.84 -10.39
N THR B 39 6.78 11.74 -11.15
CA THR B 39 5.70 11.08 -11.89
C THR B 39 4.75 10.40 -10.92
N GLU B 40 5.05 9.14 -10.52
CA GLU B 40 4.27 8.36 -9.54
C GLU B 40 2.81 8.05 -10.00
N ALA B 41 2.49 8.49 -11.25
CA ALA B 41 1.15 8.45 -11.86
C ALA B 41 0.03 8.89 -10.89
N PRO B 42 -0.05 10.21 -10.59
CA PRO B 42 -1.04 10.78 -9.66
C PRO B 42 -2.28 11.34 -10.40
N GLU B 43 -2.17 11.34 -11.75
CA GLU B 43 -3.08 11.97 -12.71
C GLU B 43 -3.29 13.50 -12.45
N GLY B 44 -2.57 14.06 -11.43
CA GLY B 44 -2.78 15.43 -10.94
C GLY B 44 -4.20 15.66 -10.42
N THR B 45 -4.86 14.58 -9.96
CA THR B 45 -6.28 14.59 -9.55
C THR B 45 -6.42 14.46 -8.02
N GLU B 46 -6.32 13.22 -7.55
CA GLU B 46 -6.76 12.79 -6.21
C GLU B 46 -6.32 11.34 -5.96
N SER B 47 -6.03 10.62 -7.07
CA SER B 47 -5.36 9.31 -7.05
C SER B 47 -3.93 9.42 -6.46
N GLU B 48 -3.40 10.65 -6.46
CA GLU B 48 -2.18 11.04 -5.72
C GLU B 48 -2.40 10.84 -4.20
N ALA B 49 -3.55 11.33 -3.71
CA ALA B 49 -3.91 11.28 -2.27
C ALA B 49 -4.09 9.84 -1.75
N VAL B 50 -4.25 8.86 -2.69
CA VAL B 50 -4.32 7.41 -2.38
C VAL B 50 -3.13 6.94 -1.51
N LYS B 51 -1.91 7.30 -1.92
CA LYS B 51 -0.68 6.84 -1.22
C LYS B 51 -0.58 7.40 0.20
N GLN B 52 -1.06 8.64 0.37
CA GLN B 52 -1.06 9.34 1.67
C GLN B 52 -2.18 8.79 2.56
N ALA B 53 -3.28 8.37 1.93
CA ALA B 53 -4.43 7.77 2.62
C ALA B 53 -4.05 6.39 3.18
N LEU B 54 -3.27 5.65 2.37
CA LEU B 54 -2.82 4.29 2.73
C LEU B 54 -1.59 4.36 3.64
N ARG B 55 -0.87 5.49 3.60
CA ARG B 55 0.27 5.74 4.48
C ARG B 55 -0.21 5.93 5.91
N GLU B 56 -1.11 6.92 6.13
CA GLU B 56 -1.53 7.32 7.48
C GLU B 56 -2.29 6.16 8.16
N ALA B 57 -3.29 5.65 7.44
CA ALA B 57 -4.23 4.64 7.94
C ALA B 57 -3.62 3.25 7.97
N GLY B 58 -2.99 2.87 6.84
CA GLY B 58 -2.48 1.54 6.65
C GLY B 58 -1.37 1.25 7.62
N ASP B 59 -0.51 2.27 7.87
CA ASP B 59 0.64 2.15 8.77
C ASP B 59 0.19 2.27 10.25
N GLU B 60 -0.93 3.02 10.50
CA GLU B 60 -1.51 3.15 11.86
C GLU B 60 -1.96 1.78 12.41
N PHE B 61 -2.80 1.08 11.62
CA PHE B 61 -3.31 -0.27 11.95
C PHE B 61 -2.16 -1.30 11.93
N GLU B 62 -1.17 -1.04 11.05
CA GLU B 62 -0.05 -1.94 10.78
C GLU B 62 0.73 -2.24 12.06
N LEU B 63 1.18 -1.20 12.79
CA LEU B 63 2.17 -1.29 13.92
C LEU B 63 2.17 -2.64 14.73
N ARG B 64 0.98 -3.00 15.24
CA ARG B 64 0.74 -4.29 15.96
C ARG B 64 0.98 -5.48 15.01
N TYR B 65 0.24 -5.47 13.90
CA TYR B 65 0.35 -6.45 12.83
C TYR B 65 1.69 -6.29 12.06
N ARG B 66 2.48 -5.22 12.33
CA ARG B 66 3.76 -4.96 11.63
C ARG B 66 4.80 -5.85 12.24
N ARG B 67 4.87 -5.87 13.59
CA ARG B 67 5.76 -6.79 14.32
C ARG B 67 5.29 -8.26 14.10
N ALA B 68 3.95 -8.44 13.95
CA ALA B 68 3.37 -9.76 13.66
C ALA B 68 3.81 -10.23 12.26
N PHE B 69 3.79 -9.30 11.28
CA PHE B 69 4.18 -9.59 9.89
C PHE B 69 5.69 -9.52 9.71
N SER B 70 6.40 -8.98 10.72
CA SER B 70 7.86 -9.08 10.81
C SER B 70 8.23 -10.52 11.16
N ASP B 71 7.39 -11.15 12.00
CA ASP B 71 7.52 -12.57 12.38
C ASP B 71 7.14 -13.50 11.19
N LEU B 72 6.18 -13.04 10.33
CA LEU B 72 5.87 -13.71 9.03
C LEU B 72 7.08 -13.59 8.07
N THR B 73 7.64 -12.37 7.96
CA THR B 73 8.79 -12.08 7.08
C THR B 73 10.11 -12.57 7.68
N SER B 74 10.10 -12.99 8.96
CA SER B 74 11.23 -13.72 9.58
C SER B 74 11.32 -15.13 8.96
N GLN B 75 10.15 -15.73 8.62
CA GLN B 75 10.08 -17.01 7.88
C GLN B 75 10.51 -16.78 6.43
N LEU B 76 10.02 -15.67 5.88
CA LEU B 76 10.35 -15.15 4.53
C LEU B 76 11.64 -14.31 4.60
N HIS B 77 12.60 -14.74 5.47
CA HIS B 77 13.94 -14.14 5.56
C HIS B 77 14.58 -14.20 4.17
N ILE B 78 14.84 -13.01 3.63
CA ILE B 78 15.23 -12.87 2.24
C ILE B 78 16.74 -13.20 2.06
N THR B 79 16.98 -14.49 1.81
CA THR B 79 18.30 -15.09 1.56
C THR B 79 18.69 -14.99 0.07
N PRO B 80 20.01 -15.17 -0.30
CA PRO B 80 20.47 -15.13 -1.70
C PRO B 80 19.82 -16.25 -2.55
N GLY B 81 18.68 -15.94 -3.18
CA GLY B 81 17.98 -16.90 -4.03
C GLY B 81 16.64 -17.38 -3.48
N THR B 82 16.05 -16.66 -2.50
CA THR B 82 14.69 -16.96 -2.01
C THR B 82 13.66 -16.91 -3.16
N ALA B 83 12.96 -18.04 -3.37
CA ALA B 83 11.84 -18.13 -4.31
C ALA B 83 10.67 -17.28 -3.80
N TYR B 84 10.19 -16.37 -4.65
CA TYR B 84 9.03 -15.50 -4.36
C TYR B 84 7.74 -16.32 -4.15
N GLN B 85 7.76 -17.63 -4.52
CA GLN B 85 6.65 -18.60 -4.30
C GLN B 85 6.21 -18.69 -2.82
N SER B 86 7.14 -18.41 -1.89
CA SER B 86 6.86 -18.37 -0.44
C SER B 86 5.93 -17.18 -0.12
N PHE B 87 6.27 -16.00 -0.69
CA PHE B 87 5.43 -14.79 -0.62
C PHE B 87 4.09 -15.06 -1.31
N GLU B 88 4.13 -15.69 -2.51
CA GLU B 88 2.93 -16.04 -3.30
C GLU B 88 1.98 -16.97 -2.52
N GLN B 89 2.56 -17.77 -1.61
CA GLN B 89 1.82 -18.67 -0.71
C GLN B 89 1.06 -17.86 0.35
N VAL B 90 1.74 -16.83 0.90
CA VAL B 90 1.11 -15.90 1.86
C VAL B 90 0.02 -15.03 1.17
N VAL B 91 0.26 -14.65 -0.09
CA VAL B 91 -0.68 -13.85 -0.91
C VAL B 91 -1.90 -14.71 -1.31
N ASN B 92 -1.64 -16.01 -1.52
CA ASN B 92 -2.67 -17.04 -1.77
C ASN B 92 -3.65 -17.09 -0.60
N GLU B 93 -3.09 -17.25 0.62
CA GLU B 93 -3.87 -17.30 1.88
C GLU B 93 -4.68 -16.00 2.08
N LEU B 94 -4.04 -14.88 1.74
CA LEU B 94 -4.57 -13.52 1.89
C LEU B 94 -5.91 -13.36 1.14
N PHE B 95 -5.97 -13.93 -0.09
CA PHE B 95 -7.17 -13.91 -0.97
C PHE B 95 -8.32 -14.77 -0.43
N ARG B 96 -7.98 -15.85 0.29
CA ARG B 96 -8.93 -16.85 0.80
C ARG B 96 -9.62 -16.36 2.07
N ASP B 97 -8.90 -15.53 2.83
CA ASP B 97 -9.45 -14.86 4.01
C ASP B 97 -10.28 -13.64 3.60
N GLY B 98 -10.23 -13.26 2.30
CA GLY B 98 -10.99 -12.12 1.82
C GLY B 98 -10.40 -11.53 0.56
N VAL B 99 -11.21 -10.74 -0.16
CA VAL B 99 -10.80 -10.07 -1.41
C VAL B 99 -9.92 -8.83 -1.13
N ASN B 100 -9.74 -8.52 0.18
CA ASN B 100 -8.72 -7.61 0.67
C ASN B 100 -9.14 -6.17 0.37
N TRP B 101 -10.03 -5.68 1.22
CA TRP B 101 -10.45 -4.27 1.25
C TRP B 101 -9.48 -3.48 2.16
N GLY B 102 -9.15 -4.11 3.31
CA GLY B 102 -8.09 -3.61 4.20
C GLY B 102 -6.85 -4.50 4.16
N ARG B 103 -7.04 -5.80 3.82
CA ARG B 103 -5.92 -6.77 3.78
C ARG B 103 -5.03 -6.48 2.56
N ILE B 104 -5.54 -5.66 1.61
CA ILE B 104 -4.77 -5.21 0.44
C ILE B 104 -3.73 -4.12 0.81
N VAL B 105 -4.02 -3.22 1.77
CA VAL B 105 -2.96 -2.31 2.29
C VAL B 105 -2.01 -3.12 3.20
N ALA B 106 -2.55 -4.23 3.77
CA ALA B 106 -1.73 -5.21 4.51
C ALA B 106 -0.88 -6.04 3.52
N PHE B 107 -1.33 -6.19 2.27
CA PHE B 107 -0.54 -6.82 1.18
C PHE B 107 0.71 -5.97 0.91
N PHE B 108 0.48 -4.64 0.86
CA PHE B 108 1.56 -3.63 0.79
C PHE B 108 2.47 -3.67 2.06
N SER B 109 1.91 -4.08 3.22
CA SER B 109 2.69 -4.19 4.48
C SER B 109 3.68 -5.38 4.43
N PHE B 110 3.23 -6.55 3.88
CA PHE B 110 4.08 -7.76 3.74
C PHE B 110 5.25 -7.46 2.81
N GLY B 111 4.90 -7.03 1.58
CA GLY B 111 5.89 -6.70 0.55
C GLY B 111 6.77 -5.51 0.97
N GLY B 112 6.19 -4.63 1.82
CA GLY B 112 6.91 -3.48 2.36
C GLY B 112 7.98 -3.90 3.36
N ALA B 113 7.63 -4.89 4.21
CA ALA B 113 8.55 -5.42 5.24
C ALA B 113 9.65 -6.24 4.59
N LEU B 114 9.27 -6.94 3.50
CA LEU B 114 10.19 -7.68 2.63
C LEU B 114 11.20 -6.73 1.99
N CYS B 115 10.72 -5.58 1.48
CA CYS B 115 11.55 -4.59 0.75
C CYS B 115 12.49 -3.82 1.69
N VAL B 116 12.07 -3.61 2.96
CA VAL B 116 12.94 -3.06 4.01
C VAL B 116 14.12 -4.00 4.25
N GLU B 117 13.80 -5.30 4.40
CA GLU B 117 14.79 -6.33 4.71
C GLU B 117 15.67 -6.66 3.49
N SER B 118 15.11 -6.63 2.27
CA SER B 118 15.86 -6.99 1.06
C SER B 118 16.84 -5.88 0.66
N VAL B 119 16.49 -4.60 0.88
CA VAL B 119 17.50 -3.51 0.78
C VAL B 119 18.58 -3.70 1.85
N ASP B 120 18.14 -4.14 3.03
CA ASP B 120 19.03 -4.42 4.18
C ASP B 120 19.99 -5.59 3.86
N LYS B 121 19.65 -6.37 2.80
CA LYS B 121 20.43 -7.54 2.36
C LYS B 121 21.20 -7.21 1.06
N GLU B 122 21.04 -5.96 0.56
CA GLU B 122 21.62 -5.49 -0.72
C GLU B 122 21.07 -6.30 -1.92
N MET B 123 19.78 -6.62 -1.77
CA MET B 123 18.96 -7.34 -2.74
C MET B 123 17.85 -6.39 -3.22
N GLN B 124 18.24 -5.12 -3.39
CA GLN B 124 17.42 -4.05 -4.02
C GLN B 124 16.90 -4.44 -5.44
N VAL B 125 17.61 -5.37 -6.11
CA VAL B 125 17.15 -6.01 -7.33
C VAL B 125 15.92 -6.91 -7.06
N LEU B 126 15.93 -7.62 -5.90
CA LEU B 126 14.77 -8.41 -5.43
C LEU B 126 13.61 -7.47 -5.00
N VAL B 127 13.93 -6.25 -4.51
CA VAL B 127 12.90 -5.22 -4.14
C VAL B 127 12.06 -4.83 -5.37
N SER B 128 12.76 -4.54 -6.49
CA SER B 128 12.10 -4.18 -7.74
C SER B 128 11.32 -5.39 -8.31
N ARG B 129 11.80 -6.63 -8.03
CA ARG B 129 11.05 -7.86 -8.36
C ARG B 129 9.79 -8.03 -7.48
N ILE B 130 9.88 -7.68 -6.18
CA ILE B 130 8.74 -7.78 -5.22
C ILE B 130 7.64 -6.76 -5.61
N ALA B 131 8.09 -5.57 -6.04
CA ALA B 131 7.22 -4.49 -6.54
C ALA B 131 6.52 -4.93 -7.84
N ALA B 132 7.23 -5.75 -8.64
CA ALA B 132 6.70 -6.33 -9.88
C ALA B 132 5.61 -7.36 -9.58
N TRP B 133 5.89 -8.32 -8.66
CA TRP B 133 4.93 -9.40 -8.28
C TRP B 133 3.69 -8.82 -7.58
N MET B 134 3.90 -7.74 -6.78
CA MET B 134 2.82 -7.04 -6.09
C MET B 134 1.88 -6.40 -7.11
N ALA B 135 2.49 -5.67 -8.06
CA ALA B 135 1.77 -4.99 -9.15
C ALA B 135 1.00 -5.98 -10.04
N THR B 136 1.62 -7.16 -10.26
CA THR B 136 1.02 -8.28 -11.02
C THR B 136 -0.29 -8.72 -10.36
N TYR B 137 -0.20 -9.09 -9.07
CA TYR B 137 -1.35 -9.53 -8.26
C TYR B 137 -2.45 -8.45 -8.25
N LEU B 138 -2.02 -7.19 -8.06
CA LEU B 138 -2.94 -6.03 -7.99
C LEU B 138 -3.82 -5.96 -9.24
N ASN B 139 -3.20 -6.04 -10.43
CA ASN B 139 -3.95 -5.96 -11.70
C ASN B 139 -4.59 -7.32 -12.08
N ASP B 140 -4.21 -8.39 -11.36
CA ASP B 140 -4.65 -9.78 -11.67
C ASP B 140 -5.99 -10.12 -10.97
N HIS B 141 -6.02 -10.09 -9.61
CA HIS B 141 -7.18 -10.58 -8.83
C HIS B 141 -7.94 -9.42 -8.16
N LEU B 142 -7.21 -8.34 -7.86
CA LEU B 142 -7.72 -7.24 -7.00
C LEU B 142 -8.41 -6.16 -7.84
N GLU B 143 -7.76 -5.80 -8.96
CA GLU B 143 -8.02 -4.54 -9.70
C GLU B 143 -9.51 -4.27 -10.00
N PRO B 144 -10.32 -5.19 -10.62
CA PRO B 144 -11.78 -4.92 -10.85
C PRO B 144 -12.55 -4.76 -9.51
N TRP B 145 -12.19 -5.65 -8.57
CA TRP B 145 -12.91 -5.88 -7.31
C TRP B 145 -12.76 -4.68 -6.38
N ILE B 146 -11.61 -4.02 -6.48
CA ILE B 146 -11.34 -2.80 -5.74
C ILE B 146 -11.78 -1.56 -6.54
N GLN B 147 -11.52 -1.54 -7.88
CA GLN B 147 -11.72 -0.34 -8.75
C GLN B 147 -13.18 0.13 -8.76
N GLU B 148 -14.12 -0.78 -8.38
CA GLU B 148 -15.56 -0.45 -8.18
C GLU B 148 -15.77 0.84 -7.34
N ASN B 149 -14.94 1.06 -6.30
CA ASN B 149 -14.96 2.29 -5.48
C ASN B 149 -13.52 2.83 -5.33
N GLY B 150 -12.61 2.28 -6.18
CA GLY B 150 -11.18 2.56 -6.13
C GLY B 150 -10.43 1.56 -5.29
N GLY B 151 -11.15 0.96 -4.29
CA GLY B 151 -10.55 0.11 -3.25
C GLY B 151 -9.84 0.93 -2.20
N TRP B 152 -8.90 1.73 -2.68
CA TRP B 152 -8.07 2.60 -1.88
C TRP B 152 -8.63 4.03 -1.86
N ASP B 153 -9.47 4.35 -2.87
CA ASP B 153 -10.08 5.67 -3.01
C ASP B 153 -11.24 5.86 -2.01
N THR B 154 -11.63 4.75 -1.35
CA THR B 154 -12.58 4.75 -0.24
C THR B 154 -11.95 5.42 0.99
N PHE B 155 -10.67 5.04 1.24
CA PHE B 155 -9.85 5.62 2.32
C PHE B 155 -9.69 7.11 2.04
N VAL B 156 -9.49 7.43 0.76
CA VAL B 156 -9.32 8.81 0.28
C VAL B 156 -10.59 9.64 0.54
N GLU B 157 -11.78 9.07 0.28
CA GLU B 157 -13.06 9.77 0.51
C GLU B 157 -13.21 10.18 1.98
N LEU B 158 -12.90 9.24 2.89
CA LEU B 158 -13.05 9.46 4.34
C LEU B 158 -12.05 10.51 4.89
N TYR B 159 -10.83 10.58 4.31
CA TYR B 159 -9.72 11.41 4.88
C TYR B 159 -9.66 12.78 4.21
N GLY B 160 -10.00 12.81 2.91
CA GLY B 160 -10.12 14.06 2.13
C GLY B 160 -11.36 14.03 1.23
N ASN B 161 -12.10 15.15 1.17
CA ASN B 161 -13.34 15.28 0.37
C ASN B 161 -13.06 15.60 -1.11
N ASN B 162 -11.77 15.49 -1.53
CA ASN B 162 -11.28 15.95 -2.84
C ASN B 162 -11.55 17.47 -3.03
N ALA B 163 -11.67 18.17 -1.89
CA ALA B 163 -11.79 19.62 -1.83
C ALA B 163 -10.45 20.26 -2.24
N ALA B 164 -9.37 19.57 -1.83
CA ALA B 164 -8.00 19.92 -2.21
C ALA B 164 -7.74 19.59 -3.69
N ALA B 165 -8.52 18.65 -4.25
CA ALA B 165 -8.44 18.26 -5.68
C ALA B 165 -9.10 19.34 -6.56
N GLU B 166 -10.12 20.02 -6.00
CA GLU B 166 -10.74 21.20 -6.62
C GLU B 166 -9.77 22.39 -6.61
N SER B 167 -9.25 22.67 -5.42
CA SER B 167 -8.31 23.79 -5.19
C SER B 167 -6.92 23.51 -5.79
N ARG B 168 -6.68 22.25 -6.19
CA ARG B 168 -5.44 21.80 -6.85
C ARG B 168 -5.15 22.61 -8.14
N LYS B 169 -6.24 23.06 -8.80
CA LYS B 169 -6.15 23.94 -9.97
C LYS B 169 -5.54 25.30 -9.55
N GLY B 170 -6.35 26.09 -8.81
CA GLY B 170 -5.93 27.38 -8.23
C GLY B 170 -5.82 28.53 -9.24
N GLN B 171 -5.67 28.16 -10.51
CA GLN B 171 -5.20 29.01 -11.61
C GLN B 171 -6.33 29.80 -12.28
N GLU B 172 -7.54 29.74 -11.71
CA GLU B 172 -8.73 30.40 -12.26
C GLU B 172 -8.59 31.94 -12.19
N ARG B 173 -7.81 32.40 -11.20
CA ARG B 173 -7.58 33.82 -10.91
C ARG B 173 -6.68 34.48 -11.95
N LEU B 174 -5.93 33.66 -12.71
CA LEU B 174 -4.92 34.15 -13.67
C LEU B 174 -5.56 34.88 -14.86
N GLU B 175 -6.82 34.52 -15.17
CA GLU B 175 -7.60 35.10 -16.28
C GLU B 175 -8.09 36.52 -15.93
N ASP A 1 -11.58 15.15 10.21
CA ASP A 1 -12.69 16.10 10.50
C ASP A 1 -14.04 15.43 10.18
N GLY A 2 -14.56 14.67 11.16
CA GLY A 2 -15.86 14.02 11.05
C GLY A 2 -15.86 12.76 10.19
N GLY A 3 -17.06 12.23 9.92
CA GLY A 3 -17.24 11.00 9.14
C GLY A 3 -16.80 9.73 9.86
N THR A 4 -16.81 8.60 9.15
CA THR A 4 -16.33 7.32 9.66
C THR A 4 -14.78 7.26 9.57
N THR A 5 -14.13 7.58 10.69
CA THR A 5 -12.66 7.74 10.77
C THR A 5 -11.97 6.37 11.05
N PHE A 6 -10.62 6.39 11.31
CA PHE A 6 -9.79 5.18 11.54
C PHE A 6 -10.37 4.30 12.67
N GLU A 7 -10.82 5.01 13.72
CA GLU A 7 -11.38 4.41 14.95
C GLU A 7 -12.57 3.51 14.61
N HIS A 8 -13.41 4.00 13.69
CA HIS A 8 -14.60 3.27 13.21
C HIS A 8 -14.18 2.11 12.30
N LEU A 9 -13.35 2.46 11.29
CA LEU A 9 -12.97 1.56 10.20
C LEU A 9 -12.38 0.27 10.75
N TRP A 10 -11.25 0.42 11.46
CA TRP A 10 -10.41 -0.68 11.93
C TRP A 10 -11.03 -1.41 13.14
N SER A 11 -11.99 -0.76 13.83
CA SER A 11 -12.75 -1.41 14.92
C SER A 11 -13.60 -2.52 14.33
N SER A 12 -14.37 -2.17 13.29
CA SER A 12 -15.24 -3.10 12.58
C SER A 12 -14.43 -4.01 11.63
N LEU A 13 -13.27 -3.52 11.16
CA LEU A 13 -12.44 -4.19 10.11
C LEU A 13 -11.62 -5.34 10.70
N GLU A 14 -11.17 -5.16 11.95
CA GLU A 14 -10.24 -6.09 12.63
C GLU A 14 -10.72 -7.57 12.56
N PRO A 15 -12.02 -7.92 12.92
CA PRO A 15 -12.56 -9.28 12.72
C PRO A 15 -13.24 -9.48 11.34
N ASP A 16 -13.36 -8.40 10.52
CA ASP A 16 -14.14 -8.44 9.26
C ASP A 16 -13.19 -8.63 8.05
N MET B 5 -4.29 4.14 -15.98
CA MET B 5 -4.09 4.27 -14.51
C MET B 5 -3.20 3.15 -13.96
N SER B 6 -3.22 1.97 -14.64
CA SER B 6 -2.53 0.73 -14.18
C SER B 6 -1.03 0.95 -13.95
N GLN B 7 -0.41 1.81 -14.78
CA GLN B 7 1.01 2.17 -14.65
C GLN B 7 1.24 3.01 -13.38
N SER B 8 0.36 4.00 -13.14
CA SER B 8 0.42 4.84 -11.92
C SER B 8 0.05 4.04 -10.64
N ASN B 9 -0.72 2.96 -10.81
CA ASN B 9 -1.14 2.07 -9.70
C ASN B 9 0.03 1.19 -9.25
N ARG B 10 0.83 0.73 -10.22
CA ARG B 10 2.04 -0.07 -9.92
C ARG B 10 3.14 0.83 -9.36
N GLU B 11 3.12 2.13 -9.74
CA GLU B 11 4.01 3.17 -9.17
C GLU B 11 3.57 3.51 -7.75
N LEU B 12 2.27 3.38 -7.48
CA LEU B 12 1.70 3.53 -6.12
C LEU B 12 2.26 2.41 -5.20
N VAL B 13 2.38 1.18 -5.76
CA VAL B 13 3.07 0.05 -5.10
C VAL B 13 4.52 0.46 -4.74
N VAL B 14 5.25 0.92 -5.78
CA VAL B 14 6.67 1.32 -5.68
C VAL B 14 6.90 2.39 -4.62
N ASP B 15 6.00 3.40 -4.59
CA ASP B 15 6.03 4.50 -3.61
C ASP B 15 5.85 3.95 -2.21
N PHE B 16 4.91 2.99 -2.02
CA PHE B 16 4.58 2.47 -0.68
C PHE B 16 5.79 1.67 -0.14
N LEU B 17 6.40 0.86 -1.03
CA LEU B 17 7.62 0.08 -0.73
C LEU B 17 8.77 1.04 -0.36
N SER B 18 8.82 2.18 -1.08
CA SER B 18 9.87 3.21 -0.93
C SER B 18 9.75 3.95 0.43
N TYR B 19 8.48 4.17 0.86
CA TYR B 19 8.17 4.80 2.17
C TYR B 19 8.59 3.88 3.31
N LYS B 20 8.48 2.56 3.06
CA LYS B 20 8.99 1.54 3.97
C LYS B 20 10.53 1.50 3.94
N LEU B 21 11.14 1.64 2.74
CA LEU B 21 12.61 1.66 2.57
C LEU B 21 13.27 2.83 3.30
N SER B 22 12.46 3.86 3.59
CA SER B 22 12.84 5.01 4.41
C SER B 22 13.31 4.65 5.85
N GLN B 23 13.01 3.42 6.34
CA GLN B 23 13.60 2.87 7.59
C GLN B 23 15.15 2.82 7.52
N LYS B 24 15.67 2.75 6.28
CA LYS B 24 17.14 2.80 5.97
C LYS B 24 17.57 4.22 5.62
N GLY B 25 16.59 5.15 5.63
CA GLY B 25 16.77 6.49 5.08
C GLY B 25 16.90 6.48 3.56
N TYR B 26 16.33 5.43 2.93
CA TYR B 26 16.51 5.14 1.49
C TYR B 26 15.14 5.17 0.77
N SER B 27 15.18 5.42 -0.55
CA SER B 27 13.99 5.42 -1.41
C SER B 27 14.35 4.94 -2.83
N TRP B 28 13.33 4.46 -3.58
CA TRP B 28 13.44 4.18 -5.03
C TRP B 28 13.83 5.46 -5.81
N SER B 29 13.41 6.61 -5.28
CA SER B 29 13.66 7.93 -5.89
C SER B 29 15.16 8.30 -5.84
N GLN B 30 15.84 7.77 -4.80
CA GLN B 30 17.31 7.88 -4.66
C GLN B 30 18.00 7.07 -5.76
N PHE B 31 17.53 5.81 -5.92
CA PHE B 31 18.05 4.84 -6.90
C PHE B 31 17.88 5.37 -8.34
N SER B 32 16.68 5.86 -8.64
CA SER B 32 16.30 6.33 -9.97
C SER B 32 16.80 7.76 -10.27
N ASP B 33 17.17 8.49 -9.19
CA ASP B 33 17.67 9.89 -9.24
C ASP B 33 16.66 10.87 -9.88
N VAL B 34 15.38 10.46 -9.94
CA VAL B 34 14.32 11.18 -10.69
C VAL B 34 13.73 12.33 -9.88
N GLU B 35 13.81 12.22 -8.53
CA GLU B 35 13.27 13.21 -7.57
C GLU B 35 11.75 13.48 -7.76
N GLU B 36 11.06 12.61 -8.51
CA GLU B 36 9.69 12.83 -8.98
C GLU B 36 8.65 12.51 -7.88
N ASN B 37 9.12 11.94 -6.76
CA ASN B 37 8.29 11.70 -5.57
C ASN B 37 7.92 13.03 -4.86
N ARG B 38 8.70 14.07 -5.15
CA ARG B 38 8.53 15.42 -4.56
C ARG B 38 7.41 16.20 -5.25
N THR B 39 6.90 15.66 -6.37
CA THR B 39 5.81 16.28 -7.14
C THR B 39 4.50 16.44 -6.31
N GLU B 40 3.82 17.57 -6.54
CA GLU B 40 2.65 18.02 -5.78
C GLU B 40 1.33 17.36 -6.27
N ALA B 41 1.43 16.51 -7.32
CA ALA B 41 0.29 15.95 -8.07
C ALA B 41 -0.55 17.06 -8.74
N PRO B 42 -0.07 17.64 -9.89
CA PRO B 42 -0.83 18.63 -10.71
C PRO B 42 -1.88 17.93 -11.59
N GLU B 43 -1.71 16.61 -11.71
CA GLU B 43 -2.57 15.68 -12.45
C GLU B 43 -4.01 15.68 -11.90
N GLY B 44 -4.14 15.99 -10.61
CA GLY B 44 -5.43 16.09 -9.92
C GLY B 44 -6.08 14.74 -9.66
N THR B 45 -5.27 13.69 -9.79
CA THR B 45 -5.68 12.30 -9.52
C THR B 45 -5.91 12.04 -8.03
N GLU B 46 -5.26 12.89 -7.20
CA GLU B 46 -5.09 12.69 -5.75
C GLU B 46 -4.26 11.42 -5.49
N SER B 47 -3.27 11.18 -6.36
CA SER B 47 -2.34 10.03 -6.26
C SER B 47 -1.58 10.06 -4.93
N GLU B 48 -1.07 11.27 -4.60
CA GLU B 48 -0.33 11.51 -3.35
C GLU B 48 -1.27 11.42 -2.14
N ALA B 49 -2.56 11.78 -2.35
CA ALA B 49 -3.58 11.77 -1.29
C ALA B 49 -4.03 10.35 -0.97
N VAL B 50 -3.95 9.47 -2.00
CA VAL B 50 -4.15 8.02 -1.85
C VAL B 50 -3.07 7.46 -0.93
N LYS B 51 -1.81 7.83 -1.19
CA LYS B 51 -0.64 7.38 -0.42
C LYS B 51 -0.78 7.77 1.05
N GLN B 52 -1.01 9.08 1.28
CA GLN B 52 -1.32 9.64 2.62
C GLN B 52 -2.38 8.80 3.33
N ALA B 53 -3.44 8.46 2.58
CA ALA B 53 -4.62 7.77 3.13
C ALA B 53 -4.30 6.31 3.48
N LEU B 54 -3.38 5.68 2.70
CA LEU B 54 -2.98 4.27 2.92
C LEU B 54 -1.85 4.20 3.96
N ARG B 55 -1.12 5.31 4.15
CA ARG B 55 -0.04 5.41 5.14
C ARG B 55 -0.65 5.62 6.54
N GLU B 56 -1.68 6.49 6.64
CA GLU B 56 -2.33 6.82 7.92
C GLU B 56 -3.11 5.61 8.44
N ALA B 57 -3.90 5.00 7.53
CA ALA B 57 -4.67 3.78 7.83
C ALA B 57 -3.76 2.57 7.99
N GLY B 58 -2.59 2.61 7.30
CA GLY B 58 -1.62 1.55 7.41
C GLY B 58 -1.09 1.54 8.81
N ASP B 59 -0.39 2.63 9.18
CA ASP B 59 0.26 2.79 10.49
C ASP B 59 -0.71 2.62 11.67
N GLU B 60 -2.03 2.93 11.46
CA GLU B 60 -3.06 2.78 12.50
C GLU B 60 -3.22 1.30 12.92
N PHE B 61 -3.60 0.45 11.96
CA PHE B 61 -3.87 -0.99 12.20
C PHE B 61 -2.54 -1.77 12.32
N GLU B 62 -1.52 -1.25 11.62
CA GLU B 62 -0.26 -1.96 11.33
C GLU B 62 0.54 -2.25 12.60
N LEU B 63 0.68 -1.26 13.51
CA LEU B 63 1.59 -1.32 14.70
C LEU B 63 1.69 -2.74 15.36
N ARG B 64 0.53 -3.32 15.67
CA ARG B 64 0.42 -4.66 16.30
C ARG B 64 0.91 -5.72 15.30
N TYR B 65 0.35 -5.61 14.09
CA TYR B 65 0.56 -6.55 12.99
C TYR B 65 1.90 -6.30 12.26
N ARG B 66 2.65 -5.22 12.63
CA ARG B 66 3.98 -4.96 12.09
C ARG B 66 5.00 -5.72 12.92
N ARG B 67 4.74 -5.75 14.24
CA ARG B 67 5.44 -6.67 15.14
C ARG B 67 5.20 -8.13 14.67
N ALA B 68 3.94 -8.39 14.32
CA ALA B 68 3.48 -9.72 13.93
C ALA B 68 4.03 -10.09 12.56
N PHE B 69 4.13 -9.10 11.63
CA PHE B 69 4.70 -9.36 10.30
C PHE B 69 6.22 -9.31 10.35
N SER B 70 6.82 -8.75 11.41
CA SER B 70 8.26 -8.88 11.64
C SER B 70 8.59 -10.34 12.00
N ASP B 71 7.62 -11.02 12.65
CA ASP B 71 7.69 -12.48 12.90
C ASP B 71 7.38 -13.29 11.63
N LEU B 72 6.51 -12.77 10.73
CA LEU B 72 6.15 -13.44 9.46
C LEU B 72 7.31 -13.34 8.45
N THR B 73 7.88 -12.14 8.33
CA THR B 73 8.87 -11.82 7.28
C THR B 73 10.28 -12.30 7.68
N SER B 74 10.50 -12.58 8.98
CA SER B 74 11.72 -13.25 9.45
C SER B 74 11.66 -14.78 9.18
N GLN B 75 10.42 -15.32 8.98
CA GLN B 75 10.22 -16.70 8.46
C GLN B 75 10.67 -16.76 7.00
N LEU B 76 10.45 -15.63 6.30
CA LEU B 76 10.79 -15.46 4.87
C LEU B 76 12.27 -15.06 4.73
N HIS B 77 12.80 -14.36 5.80
CA HIS B 77 14.23 -13.92 5.96
C HIS B 77 14.94 -13.65 4.63
N ILE B 78 14.34 -12.72 3.86
CA ILE B 78 14.49 -12.60 2.39
C ILE B 78 15.95 -12.72 1.85
N THR B 79 16.43 -13.97 1.74
CA THR B 79 17.83 -14.27 1.41
C THR B 79 18.07 -14.17 -0.12
N PRO B 80 19.17 -13.49 -0.57
CA PRO B 80 19.51 -13.36 -2.01
C PRO B 80 19.59 -14.72 -2.74
N GLY B 81 18.60 -14.97 -3.62
CA GLY B 81 18.52 -16.19 -4.43
C GLY B 81 17.35 -17.09 -4.06
N THR B 82 16.52 -16.66 -3.10
CA THR B 82 15.31 -17.40 -2.70
C THR B 82 14.19 -17.24 -3.76
N ALA B 83 13.25 -18.19 -3.77
CA ALA B 83 12.15 -18.22 -4.73
C ALA B 83 10.97 -17.36 -4.25
N TYR B 84 10.15 -16.95 -5.22
CA TYR B 84 8.90 -16.22 -5.01
C TYR B 84 7.82 -17.05 -4.29
N GLN B 85 8.04 -18.38 -4.15
CA GLN B 85 7.12 -19.32 -3.45
C GLN B 85 6.73 -18.83 -2.03
N SER B 86 7.65 -18.10 -1.37
CA SER B 86 7.40 -17.43 -0.08
C SER B 86 6.26 -16.41 -0.22
N PHE B 87 6.39 -15.55 -1.24
CA PHE B 87 5.42 -14.48 -1.53
C PHE B 87 4.09 -15.10 -1.98
N GLU B 88 4.15 -16.19 -2.76
CA GLU B 88 2.98 -16.91 -3.26
C GLU B 88 2.14 -17.46 -2.10
N GLN B 89 2.84 -17.94 -1.06
CA GLN B 89 2.20 -18.39 0.19
C GLN B 89 1.42 -17.21 0.82
N VAL B 90 2.12 -16.08 1.02
CA VAL B 90 1.56 -14.87 1.69
C VAL B 90 0.39 -14.23 0.87
N VAL B 91 0.49 -14.30 -0.47
CA VAL B 91 -0.56 -13.82 -1.40
C VAL B 91 -1.80 -14.74 -1.27
N ASN B 92 -1.54 -16.05 -1.17
CA ASN B 92 -2.58 -17.08 -1.00
C ASN B 92 -3.31 -16.89 0.34
N GLU B 93 -2.56 -16.51 1.40
CA GLU B 93 -3.12 -16.24 2.73
C GLU B 93 -3.96 -14.96 2.70
N LEU B 94 -3.58 -13.99 1.83
CA LEU B 94 -4.31 -12.72 1.68
C LEU B 94 -5.70 -12.96 1.06
N PHE B 95 -5.75 -13.81 0.00
CA PHE B 95 -7.00 -14.18 -0.70
C PHE B 95 -7.97 -14.90 0.26
N ARG B 96 -7.40 -15.64 1.24
CA ARG B 96 -8.18 -16.33 2.28
C ARG B 96 -8.58 -15.36 3.40
N ASP B 97 -7.74 -14.36 3.64
CA ASP B 97 -7.95 -13.33 4.67
C ASP B 97 -8.83 -12.19 4.09
N GLY B 98 -9.38 -12.42 2.88
CA GLY B 98 -10.20 -11.42 2.20
C GLY B 98 -9.37 -10.35 1.52
N VAL B 99 -9.12 -10.57 0.23
CA VAL B 99 -8.25 -9.74 -0.62
C VAL B 99 -9.04 -8.51 -1.20
N ASN B 100 -9.67 -7.74 -0.31
CA ASN B 100 -10.61 -6.63 -0.70
C ASN B 100 -11.06 -5.79 0.51
N TRP B 101 -10.84 -6.31 1.74
CA TRP B 101 -11.22 -5.62 3.01
C TRP B 101 -10.40 -4.34 3.34
N GLY B 102 -9.41 -3.97 2.50
CA GLY B 102 -8.38 -3.00 2.91
C GLY B 102 -7.13 -3.73 3.39
N ARG B 103 -7.28 -5.03 3.64
CA ARG B 103 -6.18 -5.94 3.94
C ARG B 103 -5.22 -6.05 2.72
N ILE B 104 -5.66 -5.56 1.54
CA ILE B 104 -4.77 -5.29 0.39
C ILE B 104 -3.70 -4.24 0.77
N VAL B 105 -4.11 -3.14 1.47
CA VAL B 105 -3.15 -2.10 1.92
C VAL B 105 -2.27 -2.68 3.06
N ALA B 106 -2.83 -3.68 3.78
CA ALA B 106 -2.06 -4.48 4.77
C ALA B 106 -1.05 -5.42 4.05
N PHE B 107 -1.37 -5.79 2.79
CA PHE B 107 -0.45 -6.57 1.93
C PHE B 107 0.68 -5.68 1.39
N PHE B 108 0.38 -4.38 1.16
CA PHE B 108 1.41 -3.38 0.85
C PHE B 108 2.37 -3.23 2.05
N SER B 109 1.83 -3.39 3.27
CA SER B 109 2.61 -3.40 4.51
C SER B 109 3.52 -4.66 4.59
N PHE B 110 2.99 -5.85 4.17
CA PHE B 110 3.75 -7.13 4.17
C PHE B 110 4.92 -7.03 3.17
N GLY B 111 4.57 -6.76 1.89
CA GLY B 111 5.53 -6.64 0.80
C GLY B 111 6.49 -5.48 0.99
N GLY B 112 6.01 -4.45 1.73
CA GLY B 112 6.82 -3.30 2.08
C GLY B 112 7.94 -3.67 3.03
N ALA B 113 7.60 -4.48 4.05
CA ALA B 113 8.57 -4.98 5.05
C ALA B 113 9.64 -5.86 4.39
N LEU B 114 9.16 -6.70 3.47
CA LEU B 114 10.00 -7.56 2.60
C LEU B 114 11.01 -6.74 1.77
N CYS B 115 10.58 -5.55 1.30
CA CYS B 115 11.45 -4.62 0.55
C CYS B 115 12.53 -4.01 1.48
N VAL B 116 12.11 -3.58 2.70
CA VAL B 116 13.03 -3.02 3.73
C VAL B 116 14.13 -4.02 4.04
N GLU B 117 13.68 -5.25 4.28
CA GLU B 117 14.53 -6.40 4.52
C GLU B 117 15.39 -6.74 3.31
N SER B 118 14.90 -6.55 2.08
CA SER B 118 15.67 -6.91 0.86
C SER B 118 16.88 -5.97 0.68
N VAL B 119 16.77 -4.72 1.14
CA VAL B 119 17.93 -3.80 1.23
C VAL B 119 18.78 -4.10 2.48
N ASP B 120 18.11 -4.65 3.50
CA ASP B 120 18.76 -5.09 4.76
C ASP B 120 19.58 -6.38 4.52
N LYS B 121 19.12 -7.20 3.55
CA LYS B 121 19.77 -8.47 3.17
C LYS B 121 20.66 -8.20 1.92
N GLU B 122 20.78 -6.89 1.58
CA GLU B 122 21.79 -6.36 0.65
C GLU B 122 21.60 -6.86 -0.79
N MET B 123 20.33 -7.14 -1.15
CA MET B 123 20.00 -7.65 -2.49
C MET B 123 19.56 -6.50 -3.39
N GLN B 124 18.48 -5.81 -2.97
CA GLN B 124 17.78 -4.74 -3.75
C GLN B 124 17.02 -5.28 -5.00
N VAL B 125 17.62 -6.26 -5.70
CA VAL B 125 17.04 -6.94 -6.86
C VAL B 125 15.71 -7.62 -6.48
N LEU B 126 15.65 -8.14 -5.24
CA LEU B 126 14.44 -8.74 -4.68
C LEU B 126 13.38 -7.67 -4.32
N VAL B 127 13.79 -6.41 -3.99
CA VAL B 127 12.81 -5.26 -3.88
C VAL B 127 12.07 -5.11 -5.22
N SER B 128 12.87 -5.08 -6.30
CA SER B 128 12.38 -4.92 -7.68
C SER B 128 11.53 -6.14 -8.12
N ARG B 129 11.89 -7.34 -7.59
CA ARG B 129 11.23 -8.60 -7.96
C ARG B 129 9.86 -8.72 -7.25
N ILE B 130 9.80 -8.32 -5.96
CA ILE B 130 8.55 -8.25 -5.17
C ILE B 130 7.60 -7.24 -5.82
N ALA B 131 8.15 -6.07 -6.20
CA ALA B 131 7.44 -5.01 -6.91
C ALA B 131 6.84 -5.54 -8.23
N ALA B 132 7.62 -6.41 -8.91
CA ALA B 132 7.19 -7.06 -10.16
C ALA B 132 5.98 -7.98 -9.91
N TRP B 133 6.09 -8.89 -8.92
CA TRP B 133 5.01 -9.83 -8.55
C TRP B 133 3.72 -9.09 -8.13
N MET B 134 3.89 -8.00 -7.35
CA MET B 134 2.77 -7.20 -6.83
C MET B 134 2.10 -6.40 -7.95
N ALA B 135 2.88 -6.02 -8.98
CA ALA B 135 2.39 -5.27 -10.15
C ALA B 135 1.65 -6.19 -11.14
N THR B 136 2.21 -7.40 -11.33
CA THR B 136 1.64 -8.45 -12.21
C THR B 136 0.28 -8.88 -11.68
N TYR B 137 0.20 -9.03 -10.34
CA TYR B 137 -1.03 -9.42 -9.63
C TYR B 137 -1.96 -8.23 -9.47
N LEU B 138 -1.41 -7.00 -9.49
CA LEU B 138 -2.20 -5.78 -9.41
C LEU B 138 -3.17 -5.73 -10.58
N ASN B 139 -2.65 -5.67 -11.82
CA ASN B 139 -3.50 -5.58 -13.03
C ASN B 139 -4.38 -6.85 -13.19
N ASP B 140 -3.94 -7.97 -12.56
CA ASP B 140 -4.56 -9.30 -12.70
C ASP B 140 -5.86 -9.43 -11.88
N HIS B 141 -5.78 -9.33 -10.52
CA HIS B 141 -6.95 -9.51 -9.63
C HIS B 141 -7.12 -8.33 -8.67
N LEU B 142 -5.99 -7.75 -8.24
CA LEU B 142 -5.94 -6.84 -7.07
C LEU B 142 -6.58 -5.49 -7.41
N GLU B 143 -6.34 -5.03 -8.64
CA GLU B 143 -6.84 -3.77 -9.16
C GLU B 143 -8.37 -3.87 -9.43
N PRO B 144 -8.94 -4.98 -10.04
CA PRO B 144 -10.40 -5.31 -9.94
C PRO B 144 -10.99 -5.18 -8.50
N TRP B 145 -10.29 -5.79 -7.51
CA TRP B 145 -10.68 -5.72 -6.08
C TRP B 145 -10.67 -4.25 -5.57
N ILE B 146 -9.92 -3.39 -6.27
CA ILE B 146 -9.93 -1.93 -6.03
C ILE B 146 -11.05 -1.25 -6.88
N GLN B 147 -11.26 -1.73 -8.12
CA GLN B 147 -12.22 -1.14 -9.08
C GLN B 147 -13.68 -1.38 -8.66
N GLU B 148 -13.87 -2.16 -7.56
CA GLU B 148 -15.18 -2.27 -6.86
C GLU B 148 -15.87 -0.88 -6.67
N ASN B 149 -15.09 0.16 -6.25
CA ASN B 149 -15.59 1.56 -6.15
C ASN B 149 -14.42 2.54 -5.94
N GLY B 150 -13.19 2.05 -6.10
CA GLY B 150 -12.01 2.76 -5.64
C GLY B 150 -11.66 2.30 -4.23
N GLY B 151 -11.03 1.12 -4.16
CA GLY B 151 -10.67 0.48 -2.90
C GLY B 151 -9.59 1.23 -2.14
N TRP B 152 -8.86 2.12 -2.86
CA TRP B 152 -7.92 3.06 -2.26
C TRP B 152 -8.61 4.43 -2.09
N ASP B 153 -9.62 4.72 -2.95
CA ASP B 153 -10.32 6.04 -2.95
C ASP B 153 -11.28 6.18 -1.77
N THR B 154 -11.59 5.05 -1.10
CA THR B 154 -12.45 5.01 0.07
C THR B 154 -11.74 5.56 1.29
N PHE B 155 -10.42 5.27 1.40
CA PHE B 155 -9.57 5.83 2.44
C PHE B 155 -9.45 7.34 2.24
N VAL B 156 -9.39 7.74 0.96
CA VAL B 156 -9.29 9.16 0.56
C VAL B 156 -10.63 9.89 0.80
N GLU B 157 -11.71 9.12 0.65
CA GLU B 157 -13.08 9.58 0.85
C GLU B 157 -13.30 10.00 2.32
N LEU B 158 -12.84 9.16 3.26
CA LEU B 158 -13.09 9.35 4.70
C LEU B 158 -12.08 10.36 5.30
N TYR B 159 -10.78 10.15 5.01
CA TYR B 159 -9.67 10.88 5.67
C TYR B 159 -9.43 12.23 5.01
N GLY B 160 -9.73 12.30 3.71
CA GLY B 160 -9.68 13.56 2.96
C GLY B 160 -11.00 14.31 3.00
N ASN B 161 -11.77 14.14 4.12
CA ASN B 161 -13.12 14.73 4.34
C ASN B 161 -14.17 14.06 3.45
N ASN B 162 -14.09 14.38 2.15
CA ASN B 162 -14.95 13.88 1.09
C ASN B 162 -14.22 14.13 -0.24
N ALA B 163 -12.88 13.95 -0.17
CA ALA B 163 -11.94 14.32 -1.26
C ALA B 163 -12.30 13.63 -2.58
N ALA B 164 -12.68 12.34 -2.47
CA ALA B 164 -13.07 11.51 -3.61
C ALA B 164 -14.40 12.00 -4.22
N ALA B 165 -15.30 12.48 -3.34
CA ALA B 165 -16.63 12.99 -3.75
C ALA B 165 -16.52 14.34 -4.49
N GLU B 166 -15.48 15.10 -4.12
CA GLU B 166 -15.15 16.38 -4.73
C GLU B 166 -14.63 16.18 -6.15
N SER B 167 -13.58 15.36 -6.27
CA SER B 167 -12.88 15.10 -7.54
C SER B 167 -13.74 14.28 -8.53
N ARG B 168 -14.75 13.58 -7.97
CA ARG B 168 -15.76 12.83 -8.74
C ARG B 168 -16.53 13.73 -9.72
N LYS B 169 -16.74 15.01 -9.31
CA LYS B 169 -17.42 16.04 -10.14
C LYS B 169 -16.68 16.30 -11.47
N GLY B 170 -15.35 16.23 -11.40
CA GLY B 170 -14.50 16.31 -12.58
C GLY B 170 -14.07 17.70 -12.96
N GLN B 171 -14.48 18.73 -12.16
CA GLN B 171 -14.23 20.23 -12.33
C GLN B 171 -13.77 20.71 -13.76
N GLU B 172 -14.31 20.07 -14.81
CA GLU B 172 -13.98 20.33 -16.24
C GLU B 172 -12.44 20.28 -16.51
N ARG B 173 -11.75 19.52 -15.64
CA ARG B 173 -10.32 19.29 -15.70
C ARG B 173 -9.98 18.19 -16.73
N LEU B 174 -11.04 17.46 -17.15
CA LEU B 174 -10.94 16.36 -18.10
C LEU B 174 -10.72 16.90 -19.50
N GLU B 175 -9.45 17.19 -19.78
CA GLU B 175 -8.98 17.76 -21.06
C GLU B 175 -7.87 16.81 -21.59
N ASP A 1 -12.63 7.36 21.18
CA ASP A 1 -13.83 6.48 21.21
C ASP A 1 -14.74 6.77 20.00
N GLY A 2 -14.85 8.06 19.63
CA GLY A 2 -15.67 8.48 18.50
C GLY A 2 -15.33 9.91 18.08
N GLY A 3 -14.61 10.04 16.96
CA GLY A 3 -14.24 11.34 16.41
C GLY A 3 -13.35 11.20 15.19
N THR A 4 -12.23 10.48 15.36
CA THR A 4 -11.25 10.22 14.29
C THR A 4 -11.77 9.16 13.31
N THR A 5 -11.62 9.46 12.00
CA THR A 5 -12.02 8.56 10.90
C THR A 5 -11.00 7.45 10.64
N PHE A 6 -9.84 7.56 11.28
CA PHE A 6 -8.82 6.53 11.27
C PHE A 6 -9.17 5.42 12.27
N GLU A 7 -9.25 5.80 13.55
CA GLU A 7 -9.51 4.86 14.66
C GLU A 7 -10.85 4.17 14.48
N HIS A 8 -11.84 4.92 13.97
CA HIS A 8 -13.20 4.40 13.70
C HIS A 8 -13.17 3.30 12.63
N LEU A 9 -12.34 3.54 11.60
CA LEU A 9 -12.14 2.61 10.48
C LEU A 9 -11.70 1.23 11.02
N TRP A 10 -10.62 1.26 11.80
CA TRP A 10 -9.96 0.08 12.33
C TRP A 10 -10.68 -0.54 13.55
N SER A 11 -11.47 0.29 14.24
CA SER A 11 -12.26 -0.16 15.42
C SER A 11 -13.55 -0.85 14.99
N SER A 12 -14.06 -0.48 13.81
CA SER A 12 -15.24 -1.14 13.21
C SER A 12 -14.82 -2.42 12.47
N LEU A 13 -13.57 -2.43 11.98
CA LEU A 13 -12.98 -3.61 11.32
C LEU A 13 -12.58 -4.71 12.32
N GLU A 14 -12.06 -4.31 13.48
CA GLU A 14 -11.51 -5.22 14.49
C GLU A 14 -12.52 -6.32 14.99
N PRO A 15 -13.82 -6.00 15.34
CA PRO A 15 -14.82 -7.01 15.79
C PRO A 15 -15.45 -7.80 14.62
N ASP A 16 -15.03 -7.51 13.37
CA ASP A 16 -15.51 -8.25 12.20
C ASP A 16 -14.64 -9.50 11.96
N MET B 5 -4.16 2.36 -15.23
CA MET B 5 -4.44 1.03 -14.64
C MET B 5 -3.13 0.28 -14.40
N SER B 6 -2.43 -0.05 -15.50
CA SER B 6 -1.17 -0.83 -15.46
C SER B 6 -0.05 -0.04 -14.77
N GLN B 7 0.17 1.21 -15.25
CA GLN B 7 1.20 2.11 -14.68
C GLN B 7 0.74 2.58 -13.30
N SER B 8 -0.54 3.01 -13.21
CA SER B 8 -1.16 3.60 -12.01
C SER B 8 -0.98 2.70 -10.77
N ASN B 9 -1.35 1.41 -10.93
CA ASN B 9 -1.30 0.40 -9.84
C ASN B 9 0.15 0.14 -9.44
N ARG B 10 1.01 0.09 -10.47
CA ARG B 10 2.44 -0.15 -10.31
C ARG B 10 3.07 0.99 -9.48
N GLU B 11 2.78 2.25 -9.86
CA GLU B 11 3.37 3.45 -9.25
C GLU B 11 2.96 3.55 -7.77
N LEU B 12 1.74 3.07 -7.45
CA LEU B 12 1.27 2.95 -6.05
C LEU B 12 2.08 1.91 -5.26
N VAL B 13 2.44 0.77 -5.91
CA VAL B 13 3.33 -0.26 -5.32
C VAL B 13 4.74 0.31 -5.08
N VAL B 14 5.23 1.04 -6.10
CA VAL B 14 6.61 1.59 -6.12
C VAL B 14 6.76 2.60 -4.98
N ASP B 15 5.73 3.45 -4.87
CA ASP B 15 5.66 4.52 -3.87
C ASP B 15 5.58 3.93 -2.47
N PHE B 16 4.70 2.93 -2.29
CA PHE B 16 4.35 2.41 -0.95
C PHE B 16 5.58 1.71 -0.33
N LEU B 17 6.23 0.90 -1.17
CA LEU B 17 7.45 0.14 -0.81
C LEU B 17 8.62 1.11 -0.56
N SER B 18 8.74 2.15 -1.41
CA SER B 18 9.79 3.21 -1.29
C SER B 18 9.64 4.01 0.01
N TYR B 19 8.38 4.31 0.37
CA TYR B 19 8.03 5.05 1.59
C TYR B 19 8.17 4.16 2.84
N LYS B 20 8.15 2.83 2.62
CA LYS B 20 8.47 1.83 3.67
C LYS B 20 10.03 1.69 3.81
N LEU B 21 10.75 1.93 2.70
CA LEU B 21 12.23 1.89 2.63
C LEU B 21 12.86 3.23 3.08
N SER B 22 12.05 4.31 3.10
CA SER B 22 12.49 5.67 3.51
C SER B 22 12.82 5.76 5.01
N GLN B 23 12.37 4.76 5.79
CA GLN B 23 12.81 4.54 7.18
C GLN B 23 14.33 4.27 7.24
N LYS B 24 14.90 3.84 6.10
CA LYS B 24 16.36 3.63 5.92
C LYS B 24 17.00 4.85 5.24
N GLY B 25 16.14 5.80 4.84
CA GLY B 25 16.51 6.94 4.00
C GLY B 25 16.76 6.52 2.56
N TYR B 26 16.32 5.29 2.22
CA TYR B 26 16.57 4.64 0.95
C TYR B 26 15.27 4.62 0.09
N SER B 27 15.48 4.57 -1.22
CA SER B 27 14.42 4.49 -2.22
C SER B 27 14.95 3.69 -3.42
N TRP B 28 14.20 2.69 -3.90
CA TRP B 28 14.51 2.02 -5.18
C TRP B 28 13.89 2.82 -6.35
N SER B 29 13.06 3.83 -6.00
CA SER B 29 12.41 4.75 -6.93
C SER B 29 13.43 5.75 -7.52
N GLN B 30 14.64 5.80 -6.92
CA GLN B 30 15.76 6.62 -7.41
C GLN B 30 16.15 6.17 -8.84
N PHE B 31 16.38 4.85 -8.96
CA PHE B 31 16.83 4.20 -10.21
C PHE B 31 15.64 4.07 -11.16
N SER B 32 14.45 3.77 -10.56
CA SER B 32 13.20 3.61 -11.31
C SER B 32 12.75 4.96 -11.92
N ASP B 33 13.22 6.06 -11.30
CA ASP B 33 12.94 7.46 -11.69
C ASP B 33 11.44 7.70 -11.93
N VAL B 34 10.70 7.75 -10.82
CA VAL B 34 9.23 7.88 -10.81
C VAL B 34 8.80 9.07 -9.92
N GLU B 35 9.42 10.23 -10.20
CA GLU B 35 9.24 11.49 -9.41
C GLU B 35 7.82 12.10 -9.56
N GLU B 36 6.97 11.48 -10.40
CA GLU B 36 5.53 11.77 -10.48
C GLU B 36 4.84 11.51 -9.11
N ASN B 37 5.32 10.45 -8.43
CA ASN B 37 4.86 10.07 -7.10
C ASN B 37 5.68 10.80 -6.01
N ARG B 38 6.15 12.01 -6.34
CA ARG B 38 6.77 12.93 -5.37
C ARG B 38 6.35 14.38 -5.73
N THR B 39 5.44 14.52 -6.71
CA THR B 39 4.99 15.82 -7.22
C THR B 39 4.21 16.61 -6.15
N GLU B 40 4.24 17.93 -6.25
CA GLU B 40 3.53 18.86 -5.36
C GLU B 40 1.98 18.79 -5.54
N ALA B 41 1.52 17.96 -6.53
CA ALA B 41 0.13 17.78 -6.90
C ALA B 41 -0.47 19.09 -7.42
N PRO B 42 -0.30 19.41 -8.73
CA PRO B 42 -0.77 20.69 -9.32
C PRO B 42 -2.23 20.59 -9.81
N GLU B 43 -2.80 19.39 -9.64
CA GLU B 43 -4.08 19.00 -10.19
C GLU B 43 -4.83 18.13 -9.17
N GLY B 44 -6.17 18.09 -9.29
CA GLY B 44 -7.04 17.36 -8.37
C GLY B 44 -7.14 15.87 -8.64
N THR B 45 -6.06 15.28 -9.19
CA THR B 45 -5.92 13.84 -9.39
C THR B 45 -5.91 13.10 -8.04
N GLU B 46 -5.41 13.80 -7.00
CA GLU B 46 -5.23 13.27 -5.64
C GLU B 46 -4.34 12.01 -5.62
N SER B 47 -3.36 11.96 -6.54
CA SER B 47 -2.35 10.87 -6.62
C SER B 47 -1.55 10.79 -5.30
N GLU B 48 -1.29 11.98 -4.76
CA GLU B 48 -0.55 12.16 -3.51
C GLU B 48 -1.45 11.88 -2.29
N ALA B 49 -2.77 12.15 -2.41
CA ALA B 49 -3.72 12.02 -1.30
C ALA B 49 -4.07 10.55 -1.05
N VAL B 50 -4.24 9.79 -2.15
CA VAL B 50 -4.71 8.39 -2.08
C VAL B 50 -3.67 7.48 -1.42
N LYS B 51 -2.39 7.68 -1.77
CA LYS B 51 -1.30 6.83 -1.27
C LYS B 51 -1.06 7.13 0.22
N GLN B 52 -1.26 8.42 0.62
CA GLN B 52 -1.16 8.86 2.02
C GLN B 52 -2.38 8.39 2.82
N ALA B 53 -3.53 8.25 2.13
CA ALA B 53 -4.79 7.77 2.73
C ALA B 53 -4.66 6.27 3.07
N LEU B 54 -3.90 5.56 2.22
CA LEU B 54 -3.58 4.14 2.42
C LEU B 54 -2.40 3.99 3.40
N ARG B 55 -1.45 4.94 3.36
CA ARG B 55 -0.27 4.97 4.25
C ARG B 55 -0.67 5.10 5.72
N GLU B 56 -1.31 6.23 6.08
CA GLU B 56 -1.42 6.66 7.48
C GLU B 56 -2.37 5.72 8.23
N ALA B 57 -3.42 5.32 7.52
CA ALA B 57 -4.39 4.33 8.00
C ALA B 57 -3.74 2.94 8.11
N GLY B 58 -3.04 2.53 7.04
CA GLY B 58 -2.44 1.20 6.95
C GLY B 58 -1.32 0.99 7.95
N ASP B 59 -0.66 2.11 8.30
CA ASP B 59 0.43 2.16 9.29
C ASP B 59 -0.11 2.31 10.73
N GLU B 60 -1.34 2.90 10.88
CA GLU B 60 -1.91 3.12 12.22
C GLU B 60 -2.24 1.79 12.94
N PHE B 61 -3.17 0.98 12.34
CA PHE B 61 -3.58 -0.32 12.93
C PHE B 61 -2.42 -1.33 12.90
N GLU B 62 -1.48 -1.06 11.96
CA GLU B 62 -0.36 -1.95 11.62
C GLU B 62 0.36 -2.46 12.86
N LEU B 63 0.84 -1.52 13.72
CA LEU B 63 1.87 -1.76 14.80
C LEU B 63 1.86 -3.19 15.41
N ARG B 64 0.68 -3.64 15.87
CA ARG B 64 0.50 -4.99 16.48
C ARG B 64 0.79 -6.08 15.41
N TYR B 65 0.05 -5.96 14.31
CA TYR B 65 0.16 -6.80 13.12
C TYR B 65 1.53 -6.60 12.44
N ARG B 66 2.21 -5.44 12.67
CA ARG B 66 3.52 -5.13 12.07
C ARG B 66 4.55 -6.08 12.66
N ARG B 67 4.47 -6.26 13.99
CA ARG B 67 5.29 -7.22 14.73
C ARG B 67 5.01 -8.66 14.22
N ALA B 68 3.71 -8.97 14.01
CA ALA B 68 3.27 -10.30 13.53
C ALA B 68 3.77 -10.55 12.09
N PHE B 69 3.69 -9.49 11.25
CA PHE B 69 4.08 -9.55 9.84
C PHE B 69 5.60 -9.61 9.73
N SER B 70 6.29 -8.93 10.67
CA SER B 70 7.76 -8.92 10.77
C SER B 70 8.27 -10.32 11.11
N ASP B 71 7.47 -11.11 11.88
CA ASP B 71 7.80 -12.51 12.17
C ASP B 71 7.66 -13.37 10.90
N LEU B 72 6.57 -13.13 10.14
CA LEU B 72 6.24 -13.87 8.90
C LEU B 72 7.29 -13.57 7.79
N THR B 73 7.75 -12.32 7.73
CA THR B 73 8.72 -11.86 6.74
C THR B 73 10.16 -12.23 7.17
N SER B 74 10.36 -12.42 8.51
CA SER B 74 11.62 -12.96 9.08
C SER B 74 11.63 -14.51 9.06
N GLN B 75 10.43 -15.13 8.91
CA GLN B 75 10.31 -16.58 8.69
C GLN B 75 10.89 -16.93 7.32
N LEU B 76 10.50 -16.11 6.33
CA LEU B 76 11.14 -16.04 5.01
C LEU B 76 12.61 -15.68 5.20
N HIS B 77 12.85 -14.63 6.02
CA HIS B 77 14.19 -14.14 6.47
C HIS B 77 14.88 -13.31 5.37
N ILE B 78 14.68 -13.77 4.13
CA ILE B 78 15.30 -13.27 2.92
C ILE B 78 16.81 -13.62 2.91
N THR B 79 17.17 -14.57 2.04
CA THR B 79 18.56 -14.97 1.78
C THR B 79 18.93 -14.56 0.33
N PRO B 80 20.26 -14.37 -0.01
CA PRO B 80 20.70 -14.28 -1.42
C PRO B 80 20.18 -15.48 -2.24
N GLY B 81 19.11 -15.24 -3.03
CA GLY B 81 18.48 -16.27 -3.85
C GLY B 81 17.09 -16.69 -3.38
N THR B 82 16.43 -15.87 -2.53
CA THR B 82 15.06 -16.14 -2.02
C THR B 82 14.06 -16.41 -3.17
N ALA B 83 13.38 -17.57 -3.09
CA ALA B 83 12.30 -17.94 -4.02
C ALA B 83 11.11 -16.98 -3.86
N TYR B 84 10.54 -16.53 -4.99
CA TYR B 84 9.30 -15.72 -4.99
C TYR B 84 8.10 -16.58 -4.55
N GLN B 85 8.30 -17.92 -4.53
CA GLN B 85 7.32 -18.91 -4.05
C GLN B 85 6.97 -18.68 -2.57
N SER B 86 7.94 -18.11 -1.81
CA SER B 86 7.73 -17.70 -0.41
C SER B 86 6.66 -16.59 -0.33
N PHE B 87 6.79 -15.61 -1.25
CA PHE B 87 5.88 -14.47 -1.35
C PHE B 87 4.52 -14.94 -1.89
N GLU B 88 4.57 -15.91 -2.83
CA GLU B 88 3.37 -16.54 -3.43
C GLU B 88 2.53 -17.24 -2.33
N GLN B 89 3.22 -17.90 -1.39
CA GLN B 89 2.60 -18.59 -0.23
C GLN B 89 1.80 -17.57 0.61
N VAL B 90 2.52 -16.50 1.01
CA VAL B 90 1.98 -15.43 1.88
C VAL B 90 0.79 -14.68 1.23
N VAL B 91 0.97 -14.22 -0.01
CA VAL B 91 -0.05 -13.45 -0.72
C VAL B 91 -1.27 -14.31 -1.06
N ASN B 92 -1.05 -15.64 -1.21
CA ASN B 92 -2.14 -16.61 -1.41
C ASN B 92 -3.03 -16.67 -0.15
N GLU B 93 -2.40 -16.63 1.04
CA GLU B 93 -3.11 -16.60 2.33
C GLU B 93 -3.97 -15.31 2.46
N LEU B 94 -3.43 -14.19 1.94
CA LEU B 94 -4.13 -12.89 1.91
C LEU B 94 -5.39 -12.93 1.05
N PHE B 95 -5.23 -13.39 -0.21
CA PHE B 95 -6.31 -13.39 -1.23
C PHE B 95 -7.36 -14.47 -0.95
N ARG B 96 -6.99 -15.40 -0.06
CA ARG B 96 -7.86 -16.48 0.41
C ARG B 96 -8.83 -15.98 1.46
N ASP B 97 -8.27 -15.34 2.49
CA ASP B 97 -9.01 -15.02 3.72
C ASP B 97 -9.70 -13.65 3.58
N GLY B 98 -9.83 -13.20 2.31
CA GLY B 98 -10.58 -11.98 2.00
C GLY B 98 -9.77 -10.69 2.20
N VAL B 99 -9.33 -10.09 1.08
CA VAL B 99 -8.58 -8.80 1.08
C VAL B 99 -9.52 -7.57 1.12
N ASN B 100 -10.81 -7.84 1.16
CA ASN B 100 -11.87 -6.91 0.75
C ASN B 100 -12.03 -5.77 1.77
N TRP B 101 -11.73 -6.08 3.04
CA TRP B 101 -12.03 -5.18 4.17
C TRP B 101 -10.88 -4.19 4.48
N GLY B 102 -9.74 -4.33 3.77
CA GLY B 102 -8.54 -3.54 4.08
C GLY B 102 -7.26 -4.34 3.91
N ARG B 103 -7.38 -5.67 3.82
CA ARG B 103 -6.22 -6.59 3.74
C ARG B 103 -5.44 -6.40 2.41
N ILE B 104 -6.03 -5.65 1.44
CA ILE B 104 -5.28 -5.12 0.26
C ILE B 104 -4.15 -4.16 0.72
N VAL B 105 -4.44 -3.19 1.63
CA VAL B 105 -3.39 -2.27 2.14
C VAL B 105 -2.42 -3.03 3.07
N ALA B 106 -2.93 -4.11 3.70
CA ALA B 106 -2.10 -5.05 4.47
C ALA B 106 -1.19 -5.89 3.53
N PHE B 107 -1.65 -6.11 2.27
CA PHE B 107 -0.85 -6.79 1.22
C PHE B 107 0.37 -5.92 0.87
N PHE B 108 0.13 -4.60 0.70
CA PHE B 108 1.19 -3.61 0.47
C PHE B 108 2.16 -3.53 1.66
N SER B 109 1.62 -3.71 2.89
CA SER B 109 2.40 -3.71 4.14
C SER B 109 3.38 -4.91 4.18
N PHE B 110 2.92 -6.09 3.66
CA PHE B 110 3.76 -7.31 3.58
C PHE B 110 4.94 -7.09 2.63
N GLY B 111 4.62 -6.69 1.38
CA GLY B 111 5.63 -6.46 0.33
C GLY B 111 6.64 -5.38 0.71
N GLY B 112 6.17 -4.41 1.52
CA GLY B 112 7.00 -3.34 2.03
C GLY B 112 7.99 -3.85 3.08
N ALA B 113 7.49 -4.69 4.01
CA ALA B 113 8.30 -5.26 5.12
C ALA B 113 9.35 -6.24 4.57
N LEU B 114 8.94 -6.96 3.51
CA LEU B 114 9.80 -7.85 2.71
C LEU B 114 10.98 -7.08 2.15
N CYS B 115 10.67 -5.94 1.48
CA CYS B 115 11.66 -5.07 0.83
C CYS B 115 12.65 -4.45 1.84
N VAL B 116 12.13 -4.07 3.04
CA VAL B 116 12.95 -3.48 4.11
C VAL B 116 14.04 -4.46 4.58
N GLU B 117 13.62 -5.69 4.90
CA GLU B 117 14.54 -6.77 5.27
C GLU B 117 15.44 -7.15 4.09
N SER B 118 14.90 -7.14 2.86
CA SER B 118 15.67 -7.49 1.65
C SER B 118 16.85 -6.53 1.47
N VAL B 119 16.65 -5.22 1.73
CA VAL B 119 17.74 -4.23 1.68
C VAL B 119 18.79 -4.52 2.76
N ASP B 120 18.32 -4.94 3.95
CA ASP B 120 19.19 -5.39 5.06
C ASP B 120 20.04 -6.64 4.65
N LYS B 121 19.55 -7.42 3.65
CA LYS B 121 20.21 -8.67 3.22
C LYS B 121 20.98 -8.45 1.91
N GLU B 122 21.11 -7.15 1.48
CA GLU B 122 21.83 -6.74 0.25
C GLU B 122 21.08 -7.25 -1.00
N MET B 123 19.78 -7.50 -0.80
CA MET B 123 18.84 -8.06 -1.79
C MET B 123 17.92 -6.94 -2.27
N GLN B 124 18.49 -5.74 -2.40
CA GLN B 124 17.86 -4.58 -3.10
C GLN B 124 17.46 -4.96 -4.55
N VAL B 125 18.23 -5.88 -5.16
CA VAL B 125 17.90 -6.52 -6.44
C VAL B 125 16.56 -7.29 -6.33
N LEU B 126 16.39 -8.02 -5.21
CA LEU B 126 15.16 -8.76 -4.91
C LEU B 126 14.03 -7.79 -4.56
N VAL B 127 14.34 -6.57 -4.05
CA VAL B 127 13.32 -5.53 -3.77
C VAL B 127 12.60 -5.12 -5.06
N SER B 128 13.39 -4.80 -6.10
CA SER B 128 12.85 -4.44 -7.42
C SER B 128 12.10 -5.65 -8.05
N ARG B 129 12.51 -6.88 -7.70
CA ARG B 129 11.77 -8.12 -8.10
C ARG B 129 10.44 -8.29 -7.33
N ILE B 130 10.46 -8.04 -6.01
CA ILE B 130 9.28 -8.19 -5.12
C ILE B 130 8.18 -7.25 -5.59
N ALA B 131 8.60 -6.01 -5.91
CA ALA B 131 7.71 -4.95 -6.40
C ALA B 131 7.05 -5.32 -7.74
N ALA B 132 7.80 -6.03 -8.60
CA ALA B 132 7.29 -6.56 -9.87
C ALA B 132 6.17 -7.57 -9.60
N TRP B 133 6.45 -8.56 -8.72
CA TRP B 133 5.47 -9.59 -8.27
C TRP B 133 4.25 -8.94 -7.57
N MET B 134 4.49 -7.87 -6.78
CA MET B 134 3.44 -7.16 -6.00
C MET B 134 2.44 -6.51 -6.94
N ALA B 135 2.98 -5.88 -8.00
CA ALA B 135 2.19 -5.25 -9.07
C ALA B 135 1.41 -6.33 -9.87
N THR B 136 2.06 -7.50 -10.04
CA THR B 136 1.49 -8.65 -10.78
C THR B 136 0.27 -9.23 -10.03
N TYR B 137 0.41 -9.44 -8.69
CA TYR B 137 -0.65 -10.04 -7.86
C TYR B 137 -1.81 -9.06 -7.68
N LEU B 138 -1.46 -7.76 -7.71
CA LEU B 138 -2.40 -6.65 -7.67
C LEU B 138 -3.34 -6.68 -8.90
N ASN B 139 -2.77 -6.86 -10.11
CA ASN B 139 -3.58 -6.97 -11.35
C ASN B 139 -4.21 -8.37 -11.50
N ASP B 140 -3.58 -9.39 -10.90
CA ASP B 140 -3.95 -10.82 -11.10
C ASP B 140 -5.18 -11.20 -10.28
N HIS B 141 -5.36 -10.56 -9.11
CA HIS B 141 -6.47 -10.90 -8.17
C HIS B 141 -7.28 -9.66 -7.76
N LEU B 142 -6.58 -8.54 -7.50
CA LEU B 142 -7.13 -7.42 -6.71
C LEU B 142 -7.84 -6.37 -7.56
N GLU B 143 -7.63 -6.37 -8.90
CA GLU B 143 -8.28 -5.39 -9.82
C GLU B 143 -9.83 -5.29 -9.64
N PRO B 144 -10.61 -6.42 -9.48
CA PRO B 144 -12.04 -6.32 -9.07
C PRO B 144 -12.20 -5.47 -7.79
N TRP B 145 -11.53 -5.93 -6.72
CA TRP B 145 -11.79 -5.45 -5.34
C TRP B 145 -11.25 -4.02 -5.10
N ILE B 146 -10.24 -3.61 -5.86
CA ILE B 146 -9.64 -2.28 -5.72
C ILE B 146 -10.44 -1.27 -6.58
N GLN B 147 -10.79 -1.68 -7.83
CA GLN B 147 -11.51 -0.82 -8.79
C GLN B 147 -13.03 -0.89 -8.60
N GLU B 148 -13.47 -1.52 -7.50
CA GLU B 148 -14.79 -1.24 -6.89
C GLU B 148 -14.92 0.28 -6.58
N ASN B 149 -13.73 0.92 -6.42
CA ASN B 149 -13.55 2.35 -6.09
C ASN B 149 -13.90 2.60 -4.63
N GLY B 150 -13.73 1.54 -3.83
CA GLY B 150 -13.82 1.59 -2.38
C GLY B 150 -12.60 1.03 -1.69
N GLY B 151 -11.64 0.50 -2.49
CA GLY B 151 -10.39 -0.07 -1.96
C GLY B 151 -9.30 0.98 -1.73
N TRP B 152 -9.60 2.24 -2.11
CA TRP B 152 -8.62 3.34 -2.10
C TRP B 152 -9.32 4.70 -1.90
N ASP B 153 -10.45 4.88 -2.61
CA ASP B 153 -11.15 6.18 -2.73
C ASP B 153 -11.84 6.55 -1.42
N THR B 154 -12.25 5.53 -0.65
CA THR B 154 -13.00 5.69 0.59
C THR B 154 -12.09 6.17 1.72
N PHE B 155 -10.84 5.67 1.69
CA PHE B 155 -9.79 6.10 2.62
C PHE B 155 -9.53 7.60 2.37
N VAL B 156 -9.59 8.00 1.09
CA VAL B 156 -9.46 9.42 0.71
C VAL B 156 -10.67 10.20 1.26
N GLU B 157 -11.89 9.68 1.03
CA GLU B 157 -13.17 10.33 1.43
C GLU B 157 -13.18 10.75 2.92
N LEU B 158 -12.61 9.89 3.76
CA LEU B 158 -12.54 10.11 5.20
C LEU B 158 -11.46 11.16 5.58
N TYR B 159 -10.31 11.17 4.85
CA TYR B 159 -9.12 11.98 5.24
C TYR B 159 -8.93 13.18 4.26
N GLY B 160 -8.68 12.86 2.97
CA GLY B 160 -8.42 13.85 1.93
C GLY B 160 -9.72 14.36 1.30
N ASN B 161 -9.87 15.69 1.22
CA ASN B 161 -11.14 16.35 0.97
C ASN B 161 -12.06 16.06 2.14
N ASN B 162 -11.58 16.47 3.33
CA ASN B 162 -12.40 16.65 4.49
C ASN B 162 -13.16 17.95 4.24
N ALA B 163 -14.10 17.85 3.30
CA ALA B 163 -14.99 18.94 2.84
C ALA B 163 -15.70 19.65 4.01
N ALA B 164 -15.73 19.01 5.19
CA ALA B 164 -16.23 19.62 6.43
C ALA B 164 -15.25 20.69 6.90
N ALA B 165 -13.96 20.32 6.92
CA ALA B 165 -12.85 21.20 7.36
C ALA B 165 -12.52 22.28 6.31
N GLU B 166 -12.90 22.01 5.05
CA GLU B 166 -12.68 22.90 3.92
C GLU B 166 -13.78 23.96 3.82
N SER B 167 -15.04 23.52 4.04
CA SER B 167 -16.22 24.43 4.07
C SER B 167 -16.35 25.13 5.42
N ARG B 168 -15.56 24.65 6.42
CA ARG B 168 -15.42 25.28 7.75
C ARG B 168 -14.98 26.75 7.64
N LYS B 169 -14.19 27.04 6.57
CA LYS B 169 -13.75 28.39 6.25
C LYS B 169 -14.95 29.29 5.91
N GLY B 170 -14.96 30.48 6.53
CA GLY B 170 -16.07 31.44 6.41
C GLY B 170 -16.08 32.20 5.10
N GLN B 171 -15.06 31.93 4.24
CA GLN B 171 -14.91 32.57 2.93
C GLN B 171 -15.90 32.02 1.87
N GLU B 172 -16.61 30.93 2.22
CA GLU B 172 -17.53 30.24 1.28
C GLU B 172 -18.67 31.18 0.82
N ARG B 173 -19.06 32.09 1.71
CA ARG B 173 -20.18 33.00 1.51
C ARG B 173 -19.70 34.38 1.00
N LEU B 174 -18.38 34.62 1.05
CA LEU B 174 -17.78 35.89 0.66
C LEU B 174 -17.63 36.00 -0.88
N GLU B 175 -17.84 37.23 -1.38
CA GLU B 175 -17.72 37.55 -2.82
C GLU B 175 -16.50 38.49 -3.03
N ASP A 1 -7.00 14.63 19.28
CA ASP A 1 -7.07 13.91 17.99
C ASP A 1 -7.99 14.65 17.01
N GLY A 2 -7.83 14.36 15.71
CA GLY A 2 -8.73 14.85 14.67
C GLY A 2 -10.07 14.10 14.62
N GLY A 3 -10.14 12.96 15.35
CA GLY A 3 -11.38 12.19 15.50
C GLY A 3 -11.11 10.70 15.73
N THR A 4 -12.11 9.85 15.44
CA THR A 4 -11.97 8.40 15.47
C THR A 4 -11.26 7.93 14.19
N THR A 5 -11.86 8.31 13.04
CA THR A 5 -11.24 8.23 11.70
C THR A 5 -10.80 6.80 11.32
N PHE A 6 -9.61 6.44 11.76
CA PHE A 6 -8.96 5.17 11.40
C PHE A 6 -9.50 4.02 12.28
N GLU A 7 -9.86 4.37 13.53
CA GLU A 7 -10.41 3.43 14.52
C GLU A 7 -11.66 2.75 14.00
N HIS A 8 -12.61 3.56 13.51
CA HIS A 8 -13.90 3.11 12.97
C HIS A 8 -13.69 2.13 11.80
N LEU A 9 -12.79 2.56 10.88
CA LEU A 9 -12.45 1.82 9.67
C LEU A 9 -12.03 0.39 10.04
N TRP A 10 -10.93 0.29 10.78
CA TRP A 10 -10.29 -0.98 11.13
C TRP A 10 -11.05 -1.76 12.21
N SER A 11 -11.92 -1.08 12.95
CA SER A 11 -12.83 -1.76 13.90
C SER A 11 -13.78 -2.68 13.15
N SER A 12 -14.23 -2.20 11.99
CA SER A 12 -15.07 -2.96 11.05
C SER A 12 -14.23 -3.87 10.11
N LEU A 13 -13.08 -3.34 9.69
CA LEU A 13 -12.28 -3.88 8.56
C LEU A 13 -11.34 -5.03 8.96
N GLU A 14 -10.79 -4.96 10.18
CA GLU A 14 -9.85 -5.99 10.69
C GLU A 14 -10.55 -7.37 10.90
N PRO A 15 -11.80 -7.45 11.52
CA PRO A 15 -12.58 -8.73 11.60
C PRO A 15 -13.14 -9.20 10.22
N ASP A 16 -12.97 -8.39 9.15
CA ASP A 16 -13.43 -8.78 7.80
C ASP A 16 -12.50 -9.87 7.22
N MET B 5 -5.71 -2.26 -16.17
CA MET B 5 -4.39 -1.59 -16.18
C MET B 5 -4.55 -0.14 -15.73
N SER B 6 -4.61 0.02 -14.40
CA SER B 6 -4.68 1.32 -13.76
C SER B 6 -3.26 1.79 -13.45
N GLN B 7 -2.90 2.92 -14.06
CA GLN B 7 -1.70 3.70 -13.72
C GLN B 7 -1.60 3.94 -12.19
N SER B 8 -2.76 4.24 -11.55
CA SER B 8 -2.84 4.55 -10.10
C SER B 8 -2.45 3.36 -9.21
N ASN B 9 -2.53 2.12 -9.74
CA ASN B 9 -2.04 0.90 -9.04
C ASN B 9 -0.52 0.92 -8.96
N ARG B 10 0.10 1.35 -10.06
CA ARG B 10 1.56 1.50 -10.15
C ARG B 10 2.04 2.68 -9.27
N GLU B 11 1.36 3.85 -9.38
CA GLU B 11 1.70 5.08 -8.60
C GLU B 11 1.71 4.78 -7.11
N LEU B 12 0.67 4.04 -6.69
CA LEU B 12 0.50 3.54 -5.32
C LEU B 12 1.72 2.71 -4.89
N VAL B 13 1.97 1.58 -5.58
CA VAL B 13 3.07 0.64 -5.24
C VAL B 13 4.45 1.34 -5.18
N VAL B 14 4.80 2.04 -6.26
CA VAL B 14 6.15 2.59 -6.47
C VAL B 14 6.49 3.65 -5.41
N ASP B 15 5.55 4.61 -5.21
CA ASP B 15 5.76 5.74 -4.27
C ASP B 15 5.65 5.28 -2.80
N PHE B 16 4.77 4.29 -2.55
CA PHE B 16 4.47 3.80 -1.18
C PHE B 16 5.69 3.03 -0.63
N LEU B 17 6.20 2.12 -1.48
CA LEU B 17 7.35 1.27 -1.16
C LEU B 17 8.63 2.11 -1.01
N SER B 18 8.89 3.00 -1.99
CA SER B 18 10.13 3.82 -2.02
C SER B 18 10.23 4.74 -0.77
N TYR B 19 9.10 5.37 -0.40
CA TYR B 19 9.00 6.24 0.79
C TYR B 19 8.99 5.43 2.11
N LYS B 20 8.57 4.14 2.04
CA LYS B 20 8.68 3.21 3.20
C LYS B 20 10.15 2.76 3.38
N LEU B 21 10.91 2.67 2.28
CA LEU B 21 12.36 2.44 2.33
C LEU B 21 13.07 3.67 2.91
N SER B 22 12.53 4.85 2.62
CA SER B 22 13.07 6.15 3.10
C SER B 22 13.09 6.27 4.63
N GLN B 23 12.34 5.38 5.31
CA GLN B 23 12.30 5.33 6.78
C GLN B 23 13.67 4.90 7.36
N LYS B 24 14.51 4.27 6.53
CA LYS B 24 15.88 3.87 6.92
C LYS B 24 16.91 4.79 6.23
N GLY B 25 16.37 5.81 5.52
CA GLY B 25 17.17 6.78 4.78
C GLY B 25 17.67 6.25 3.43
N TYR B 26 16.84 5.42 2.78
CA TYR B 26 17.17 4.78 1.49
C TYR B 26 15.93 4.78 0.57
N SER B 27 16.11 4.55 -0.73
CA SER B 27 15.00 4.23 -1.66
C SER B 27 15.53 3.35 -2.79
N TRP B 28 14.73 2.36 -3.23
CA TRP B 28 15.12 1.49 -4.37
C TRP B 28 15.06 2.26 -5.71
N SER B 29 14.41 3.44 -5.69
CA SER B 29 14.35 4.35 -6.83
C SER B 29 15.47 5.41 -6.76
N GLN B 30 15.99 5.72 -5.56
CA GLN B 30 16.91 6.89 -5.36
C GLN B 30 18.25 6.74 -6.14
N PHE B 31 18.66 5.51 -6.47
CA PHE B 31 19.95 5.26 -7.15
C PHE B 31 19.82 5.21 -8.68
N SER B 32 18.58 5.21 -9.20
CA SER B 32 18.31 5.08 -10.65
C SER B 32 17.43 6.23 -11.17
N ASP B 33 16.32 6.46 -10.48
CA ASP B 33 15.30 7.47 -10.82
C ASP B 33 15.08 8.30 -9.56
N VAL B 34 16.11 9.08 -9.23
CA VAL B 34 16.14 9.90 -8.03
C VAL B 34 15.12 11.05 -8.11
N GLU B 35 14.75 11.39 -9.35
CA GLU B 35 13.87 12.50 -9.73
C GLU B 35 12.49 12.42 -9.03
N GLU B 36 12.03 11.17 -8.76
CA GLU B 36 10.80 10.90 -8.02
C GLU B 36 10.88 11.47 -6.59
N ASN B 37 11.93 11.02 -5.87
CA ASN B 37 12.12 11.30 -4.45
C ASN B 37 12.63 12.73 -4.20
N ARG B 38 13.07 13.41 -5.28
CA ARG B 38 13.50 14.83 -5.24
C ARG B 38 12.32 15.78 -5.50
N THR B 39 11.11 15.21 -5.67
CA THR B 39 9.88 15.99 -5.93
C THR B 39 8.76 15.51 -4.97
N GLU B 40 7.79 16.41 -4.69
CA GLU B 40 6.64 16.12 -3.79
C GLU B 40 5.57 15.23 -4.47
N ALA B 41 5.71 15.03 -5.80
CA ALA B 41 4.80 14.24 -6.62
C ALA B 41 5.55 13.86 -7.91
N PRO B 42 5.29 12.67 -8.53
CA PRO B 42 6.07 12.18 -9.67
C PRO B 42 5.46 12.63 -11.01
N GLU B 43 4.37 13.45 -10.91
CA GLU B 43 3.60 13.92 -12.05
C GLU B 43 2.57 14.98 -11.62
N GLY B 44 1.96 14.77 -10.44
CA GLY B 44 0.95 15.70 -9.90
C GLY B 44 -0.44 15.16 -10.11
N THR B 45 -0.53 13.83 -10.11
CA THR B 45 -1.69 13.06 -10.46
C THR B 45 -2.40 12.64 -9.18
N GLU B 46 -3.06 13.64 -8.58
CA GLU B 46 -3.85 13.60 -7.29
C GLU B 46 -4.54 12.25 -6.90
N SER B 47 -4.80 11.37 -7.88
CA SER B 47 -5.26 9.97 -7.64
C SER B 47 -4.22 9.18 -6.78
N GLU B 48 -2.97 9.64 -6.85
CA GLU B 48 -1.81 9.10 -6.13
C GLU B 48 -1.97 9.27 -4.61
N ALA B 49 -2.83 10.24 -4.17
CA ALA B 49 -3.08 10.54 -2.74
C ALA B 49 -3.55 9.33 -1.93
N VAL B 50 -4.00 8.28 -2.66
CA VAL B 50 -4.33 6.96 -2.10
C VAL B 50 -3.15 6.35 -1.31
N LYS B 51 -1.90 6.76 -1.65
CA LYS B 51 -0.69 6.31 -0.95
C LYS B 51 -0.68 6.81 0.51
N GLN B 52 -1.10 8.09 0.72
CA GLN B 52 -1.19 8.71 2.05
C GLN B 52 -2.40 8.17 2.80
N ALA B 53 -3.47 7.87 2.05
CA ALA B 53 -4.71 7.33 2.59
C ALA B 53 -4.49 5.90 3.15
N LEU B 54 -3.68 5.11 2.43
CA LEU B 54 -3.34 3.73 2.83
C LEU B 54 -2.14 3.75 3.80
N ARG B 55 -1.37 4.85 3.79
CA ARG B 55 -0.23 5.06 4.70
C ARG B 55 -0.72 5.32 6.14
N GLU B 56 -1.71 6.22 6.29
CA GLU B 56 -2.20 6.67 7.61
C GLU B 56 -3.09 5.57 8.22
N ALA B 57 -3.96 5.01 7.37
CA ALA B 57 -4.72 3.78 7.70
C ALA B 57 -3.75 2.62 7.97
N GLY B 58 -2.57 2.70 7.33
CA GLY B 58 -1.47 1.80 7.58
C GLY B 58 -1.03 1.91 9.01
N ASP B 59 -0.68 3.15 9.42
CA ASP B 59 -0.14 3.44 10.76
C ASP B 59 -1.06 2.96 11.89
N GLU B 60 -2.40 2.96 11.62
CA GLU B 60 -3.37 2.41 12.60
C GLU B 60 -3.12 0.90 12.87
N PHE B 61 -3.22 0.03 11.83
CA PHE B 61 -3.09 -1.44 12.02
C PHE B 61 -1.61 -1.86 12.22
N GLU B 62 -0.66 -1.00 11.78
CA GLU B 62 0.82 -1.23 11.85
C GLU B 62 1.37 -1.33 13.29
N LEU B 63 0.53 -1.22 14.31
CA LEU B 63 0.93 -1.57 15.69
C LEU B 63 0.71 -3.09 15.94
N ARG B 64 -0.58 -3.48 16.07
CA ARG B 64 -0.97 -4.85 16.43
C ARG B 64 -0.69 -5.84 15.30
N TYR B 65 -1.12 -5.47 14.10
CA TYR B 65 -0.91 -6.29 12.91
C TYR B 65 0.57 -6.31 12.50
N ARG B 66 1.38 -5.33 12.93
CA ARG B 66 2.85 -5.41 12.70
C ARG B 66 3.42 -6.58 13.52
N ARG B 67 2.96 -6.70 14.79
CA ARG B 67 3.33 -7.85 15.65
C ARG B 67 2.98 -9.21 14.99
N ALA B 68 1.73 -9.29 14.50
CA ALA B 68 1.21 -10.48 13.82
C ALA B 68 2.04 -10.80 12.57
N PHE B 69 2.25 -9.76 11.74
CA PHE B 69 2.88 -9.91 10.42
C PHE B 69 4.37 -10.23 10.55
N SER B 70 5.01 -9.67 11.59
CA SER B 70 6.44 -9.92 11.87
C SER B 70 6.63 -11.39 12.30
N ASP B 71 5.61 -11.94 12.99
CA ASP B 71 5.56 -13.36 13.36
C ASP B 71 5.44 -14.25 12.10
N LEU B 72 4.65 -13.79 11.10
CA LEU B 72 4.39 -14.57 9.85
C LEU B 72 5.63 -14.61 8.95
N THR B 73 6.25 -13.43 8.77
CA THR B 73 7.44 -13.23 7.93
C THR B 73 8.70 -13.82 8.57
N SER B 74 8.62 -14.20 9.87
CA SER B 74 9.67 -15.04 10.51
C SER B 74 9.94 -16.35 9.72
N GLN B 75 8.89 -16.84 9.01
CA GLN B 75 8.98 -18.05 8.15
C GLN B 75 9.59 -17.73 6.77
N LEU B 76 9.47 -16.46 6.37
CA LEU B 76 10.05 -15.91 5.13
C LEU B 76 11.53 -15.65 5.40
N HIS B 77 11.80 -14.62 6.25
CA HIS B 77 13.14 -14.32 6.78
C HIS B 77 14.18 -14.33 5.65
N ILE B 78 14.00 -13.37 4.75
CA ILE B 78 14.74 -13.31 3.49
C ILE B 78 16.24 -13.11 3.78
N THR B 79 17.04 -14.08 3.34
CA THR B 79 18.51 -14.03 3.42
C THR B 79 19.05 -13.66 2.02
N PRO B 80 20.34 -13.17 1.88
CA PRO B 80 20.98 -12.97 0.55
C PRO B 80 20.83 -14.20 -0.40
N GLY B 81 19.94 -14.07 -1.39
CA GLY B 81 19.73 -15.08 -2.43
C GLY B 81 18.39 -15.80 -2.32
N THR B 82 17.56 -15.43 -1.32
CA THR B 82 16.17 -15.90 -1.24
C THR B 82 15.39 -15.35 -2.45
N ALA B 83 14.63 -16.23 -3.12
CA ALA B 83 13.76 -15.85 -4.24
C ALA B 83 12.54 -15.07 -3.73
N TYR B 84 11.89 -14.35 -4.65
CA TYR B 84 10.63 -13.63 -4.38
C TYR B 84 9.48 -14.61 -4.02
N GLN B 85 9.71 -15.92 -4.23
CA GLN B 85 8.76 -17.00 -3.88
C GLN B 85 8.26 -16.92 -2.42
N SER B 86 9.08 -16.36 -1.51
CA SER B 86 8.70 -16.11 -0.10
C SER B 86 7.56 -15.07 -0.02
N PHE B 87 7.77 -13.94 -0.75
CA PHE B 87 6.78 -12.87 -0.93
C PHE B 87 5.49 -13.44 -1.58
N GLU B 88 5.66 -14.10 -2.74
CA GLU B 88 4.55 -14.67 -3.53
C GLU B 88 3.76 -15.73 -2.73
N GLN B 89 4.46 -16.42 -1.81
CA GLN B 89 3.86 -17.44 -0.92
C GLN B 89 2.87 -16.78 0.05
N VAL B 90 3.36 -15.74 0.79
CA VAL B 90 2.53 -15.08 1.82
C VAL B 90 1.36 -14.30 1.17
N VAL B 91 1.56 -13.79 -0.06
CA VAL B 91 0.51 -13.14 -0.86
C VAL B 91 -0.61 -14.15 -1.22
N ASN B 92 -0.18 -15.35 -1.64
CA ASN B 92 -1.08 -16.46 -2.03
C ASN B 92 -1.94 -16.89 -0.83
N GLU B 93 -1.30 -16.99 0.34
CA GLU B 93 -1.97 -17.42 1.58
C GLU B 93 -2.89 -16.31 2.14
N LEU B 94 -2.52 -15.06 1.86
CA LEU B 94 -3.24 -13.88 2.37
C LEU B 94 -4.63 -13.75 1.70
N PHE B 95 -4.67 -14.10 0.40
CA PHE B 95 -5.88 -14.02 -0.44
C PHE B 95 -6.44 -15.42 -0.73
N ARG B 96 -6.02 -16.42 0.07
CA ARG B 96 -6.47 -17.82 -0.08
C ARG B 96 -7.88 -18.00 0.48
N ASP B 97 -8.12 -17.39 1.66
CA ASP B 97 -9.42 -17.43 2.34
C ASP B 97 -10.44 -16.58 1.55
N GLY B 98 -9.91 -15.80 0.58
CA GLY B 98 -10.74 -14.92 -0.22
C GLY B 98 -10.12 -13.54 -0.28
N VAL B 99 -10.77 -12.66 -1.05
CA VAL B 99 -10.32 -11.28 -1.22
C VAL B 99 -10.87 -10.43 -0.06
N ASN B 100 -10.10 -9.40 0.30
CA ASN B 100 -10.20 -8.68 1.57
C ASN B 100 -9.37 -7.39 1.37
N TRP B 101 -10.05 -6.43 0.74
CA TRP B 101 -9.65 -5.01 0.49
C TRP B 101 -8.70 -4.38 1.56
N GLY B 102 -9.08 -4.46 2.84
CA GLY B 102 -8.24 -3.92 3.93
C GLY B 102 -6.96 -4.71 4.14
N ARG B 103 -7.04 -6.01 3.84
CA ARG B 103 -5.91 -6.94 3.93
C ARG B 103 -5.01 -6.82 2.67
N ILE B 104 -5.49 -6.11 1.63
CA ILE B 104 -4.65 -5.66 0.49
C ILE B 104 -3.74 -4.50 0.94
N VAL B 105 -4.26 -3.63 1.81
CA VAL B 105 -3.46 -2.57 2.49
C VAL B 105 -2.39 -3.27 3.38
N ALA B 106 -2.81 -4.38 4.00
CA ALA B 106 -1.93 -5.26 4.78
C ALA B 106 -0.89 -5.97 3.88
N PHE B 107 -1.27 -6.26 2.61
CA PHE B 107 -0.39 -6.83 1.58
C PHE B 107 0.77 -5.87 1.25
N PHE B 108 0.48 -4.55 1.25
CA PHE B 108 1.50 -3.50 1.12
C PHE B 108 2.42 -3.46 2.35
N SER B 109 1.83 -3.73 3.53
CA SER B 109 2.60 -3.82 4.79
C SER B 109 3.55 -5.06 4.81
N PHE B 110 3.11 -6.19 4.17
CA PHE B 110 3.94 -7.41 4.07
C PHE B 110 5.13 -7.16 3.15
N GLY B 111 4.84 -6.83 1.89
CA GLY B 111 5.85 -6.59 0.87
C GLY B 111 6.75 -5.41 1.20
N GLY B 112 6.23 -4.51 2.06
CA GLY B 112 6.98 -3.38 2.58
C GLY B 112 7.99 -3.80 3.63
N ALA B 113 7.56 -4.68 4.55
CA ALA B 113 8.45 -5.24 5.60
C ALA B 113 9.55 -6.11 4.97
N LEU B 114 9.15 -6.81 3.89
CA LEU B 114 10.01 -7.70 3.11
C LEU B 114 11.04 -6.91 2.29
N CYS B 115 10.62 -5.78 1.69
CA CYS B 115 11.52 -4.99 0.83
C CYS B 115 12.59 -4.30 1.66
N VAL B 116 12.21 -3.79 2.86
CA VAL B 116 13.15 -3.13 3.78
C VAL B 116 14.18 -4.17 4.30
N GLU B 117 13.68 -5.35 4.73
CA GLU B 117 14.54 -6.48 5.16
C GLU B 117 15.51 -6.88 4.04
N SER B 118 14.96 -7.17 2.84
CA SER B 118 15.73 -7.72 1.73
C SER B 118 16.74 -6.71 1.18
N VAL B 119 16.47 -5.40 1.34
CA VAL B 119 17.46 -4.34 1.03
C VAL B 119 18.66 -4.45 1.97
N ASP B 120 18.38 -4.69 3.24
CA ASP B 120 19.41 -4.95 4.28
C ASP B 120 20.13 -6.31 4.04
N LYS B 121 19.58 -7.12 3.11
CA LYS B 121 20.13 -8.44 2.74
C LYS B 121 20.81 -8.37 1.36
N GLU B 122 20.99 -7.12 0.86
CA GLU B 122 21.70 -6.81 -0.41
C GLU B 122 20.87 -7.25 -1.63
N MET B 123 19.59 -7.52 -1.38
CA MET B 123 18.62 -8.07 -2.35
C MET B 123 17.75 -6.92 -2.87
N GLN B 124 18.36 -5.74 -2.96
CA GLN B 124 17.77 -4.53 -3.60
C GLN B 124 17.37 -4.80 -5.07
N VAL B 125 18.10 -5.73 -5.72
CA VAL B 125 17.78 -6.23 -7.07
C VAL B 125 16.46 -7.03 -7.02
N LEU B 126 16.36 -7.90 -6.00
CA LEU B 126 15.13 -8.68 -5.70
C LEU B 126 13.94 -7.74 -5.44
N VAL B 127 14.21 -6.61 -4.74
CA VAL B 127 13.19 -5.58 -4.41
C VAL B 127 12.66 -4.89 -5.67
N SER B 128 13.57 -4.61 -6.62
CA SER B 128 13.21 -4.01 -7.92
C SER B 128 12.30 -4.96 -8.72
N ARG B 129 12.56 -6.27 -8.57
CA ARG B 129 11.73 -7.34 -9.16
C ARG B 129 10.37 -7.46 -8.42
N ILE B 130 10.41 -7.38 -7.07
CA ILE B 130 9.24 -7.54 -6.18
C ILE B 130 8.26 -6.36 -6.37
N ALA B 131 8.80 -5.17 -6.69
CA ALA B 131 8.01 -3.97 -6.99
C ALA B 131 7.19 -4.19 -8.27
N ALA B 132 7.82 -4.88 -9.25
CA ALA B 132 7.18 -5.26 -10.52
C ALA B 132 6.06 -6.28 -10.25
N TRP B 133 6.39 -7.37 -9.51
CA TRP B 133 5.41 -8.43 -9.13
C TRP B 133 4.22 -7.85 -8.35
N MET B 134 4.50 -6.95 -7.40
CA MET B 134 3.48 -6.35 -6.51
C MET B 134 2.48 -5.52 -7.32
N ALA B 135 3.03 -4.69 -8.22
CA ALA B 135 2.25 -3.82 -9.11
C ALA B 135 1.40 -4.64 -10.10
N THR B 136 1.98 -5.74 -10.61
CA THR B 136 1.33 -6.58 -11.62
C THR B 136 0.20 -7.43 -11.02
N TYR B 137 0.40 -7.97 -9.78
CA TYR B 137 -0.62 -8.80 -9.10
C TYR B 137 -1.79 -7.93 -8.64
N LEU B 138 -1.45 -6.69 -8.28
CA LEU B 138 -2.42 -5.67 -7.89
C LEU B 138 -3.37 -5.35 -9.06
N ASN B 139 -2.79 -5.08 -10.26
CA ASN B 139 -3.59 -4.78 -11.46
C ASN B 139 -4.12 -6.06 -12.14
N ASP B 140 -3.74 -7.24 -11.61
CA ASP B 140 -4.12 -8.53 -12.21
C ASP B 140 -5.55 -8.94 -11.77
N HIS B 141 -5.74 -9.16 -10.45
CA HIS B 141 -6.99 -9.75 -9.91
C HIS B 141 -7.55 -8.98 -8.69
N LEU B 142 -7.13 -7.72 -8.48
CA LEU B 142 -7.57 -6.92 -7.31
C LEU B 142 -8.23 -5.60 -7.76
N GLU B 143 -8.11 -5.28 -9.08
CA GLU B 143 -8.73 -4.07 -9.68
C GLU B 143 -10.27 -4.05 -9.52
N PRO B 144 -11.07 -5.11 -9.97
CA PRO B 144 -12.57 -5.06 -9.89
C PRO B 144 -13.08 -4.87 -8.45
N TRP B 145 -12.26 -5.37 -7.51
CA TRP B 145 -12.61 -5.48 -6.11
C TRP B 145 -12.54 -4.12 -5.43
N ILE B 146 -11.53 -3.33 -5.78
CA ILE B 146 -11.42 -1.93 -5.28
C ILE B 146 -12.08 -0.90 -6.23
N GLN B 147 -12.20 -1.23 -7.51
CA GLN B 147 -12.86 -0.35 -8.51
C GLN B 147 -14.38 -0.60 -8.56
N GLU B 148 -14.86 -1.52 -7.68
CA GLU B 148 -16.30 -1.74 -7.42
C GLU B 148 -17.05 -0.40 -7.25
N ASN B 149 -16.45 0.53 -6.47
CA ASN B 149 -17.01 1.86 -6.20
C ASN B 149 -16.01 2.75 -5.43
N GLY B 150 -14.72 2.31 -5.33
CA GLY B 150 -13.68 3.11 -4.73
C GLY B 150 -13.25 2.55 -3.40
N GLY B 151 -12.95 1.24 -3.36
CA GLY B 151 -12.34 0.58 -2.21
C GLY B 151 -10.96 1.12 -1.86
N TRP B 152 -10.26 1.65 -2.87
CA TRP B 152 -9.01 2.41 -2.68
C TRP B 152 -9.33 3.88 -2.34
N ASP B 153 -10.39 4.40 -2.98
CA ASP B 153 -10.72 5.86 -2.98
C ASP B 153 -11.50 6.27 -1.72
N THR B 154 -12.06 5.30 -1.00
CA THR B 154 -12.91 5.55 0.20
C THR B 154 -12.02 5.98 1.38
N PHE B 155 -10.77 5.47 1.42
CA PHE B 155 -9.74 5.92 2.38
C PHE B 155 -9.40 7.40 2.10
N VAL B 156 -9.34 7.74 0.81
CA VAL B 156 -9.06 9.10 0.33
C VAL B 156 -10.22 10.05 0.68
N GLU B 157 -11.46 9.52 0.63
CA GLU B 157 -12.67 10.26 1.03
C GLU B 157 -12.63 10.65 2.50
N LEU B 158 -12.10 9.74 3.34
CA LEU B 158 -12.00 9.98 4.79
C LEU B 158 -10.82 10.93 5.13
N TYR B 159 -9.59 10.59 4.69
CA TYR B 159 -8.34 11.20 5.23
C TYR B 159 -7.83 12.36 4.38
N GLY B 160 -8.24 12.37 3.10
CA GLY B 160 -7.79 13.40 2.14
C GLY B 160 -8.36 14.79 2.42
N ASN B 161 -8.48 15.61 1.37
CA ASN B 161 -8.97 17.00 1.47
C ASN B 161 -10.46 17.05 1.85
N ASN B 162 -11.16 15.90 1.62
CA ASN B 162 -12.61 15.75 1.88
C ASN B 162 -13.44 16.67 0.97
N ALA B 163 -12.83 17.07 -0.17
CA ALA B 163 -13.42 18.01 -1.14
C ALA B 163 -14.75 17.48 -1.69
N ALA B 164 -14.75 16.20 -2.10
CA ALA B 164 -15.94 15.55 -2.64
C ALA B 164 -17.02 15.38 -1.56
N ALA B 165 -16.56 15.20 -0.31
CA ALA B 165 -17.44 14.95 0.84
C ALA B 165 -18.24 16.20 1.22
N GLU B 166 -17.54 17.32 1.40
CA GLU B 166 -18.12 18.60 1.81
C GLU B 166 -18.88 19.29 0.67
N SER B 167 -18.50 18.97 -0.58
CA SER B 167 -19.20 19.47 -1.78
C SER B 167 -20.44 18.62 -2.10
N ARG B 168 -20.48 17.38 -1.58
CA ARG B 168 -21.66 16.51 -1.66
C ARG B 168 -22.75 16.98 -0.67
N LYS B 169 -22.32 17.63 0.43
CA LYS B 169 -23.22 18.12 1.49
C LYS B 169 -24.19 19.21 0.94
N GLY B 170 -23.71 20.46 0.88
CA GLY B 170 -24.49 21.60 0.36
C GLY B 170 -25.74 21.96 1.15
N GLN B 171 -25.96 21.29 2.30
CA GLN B 171 -27.21 21.41 3.07
C GLN B 171 -27.23 22.65 3.96
N GLU B 172 -26.04 23.25 4.20
CA GLU B 172 -25.89 24.47 5.02
C GLU B 172 -26.57 25.66 4.32
N ARG B 173 -26.75 25.51 3.00
CA ARG B 173 -27.52 26.43 2.17
C ARG B 173 -29.04 26.20 2.32
N LEU B 174 -29.49 25.71 3.50
CA LEU B 174 -30.91 25.61 3.83
C LEU B 174 -31.50 27.02 3.96
N GLU B 175 -32.22 27.46 2.92
CA GLU B 175 -32.84 28.78 2.86
C GLU B 175 -34.35 28.62 3.17
N ASP A 1 -24.85 8.95 15.24
CA ASP A 1 -24.24 7.97 14.31
C ASP A 1 -22.71 7.99 14.46
N GLY A 2 -22.11 6.79 14.51
CA GLY A 2 -20.66 6.65 14.55
C GLY A 2 -20.05 6.84 13.18
N GLY A 3 -19.54 8.07 12.91
CA GLY A 3 -18.88 8.39 11.65
C GLY A 3 -17.63 7.56 11.43
N THR A 4 -17.47 7.01 10.22
CA THR A 4 -16.36 6.15 9.85
C THR A 4 -15.03 6.94 9.76
N THR A 5 -14.43 7.15 10.93
CA THR A 5 -13.05 7.68 11.08
C THR A 5 -12.09 6.48 11.21
N PHE A 6 -10.80 6.71 11.49
CA PHE A 6 -9.77 5.64 11.61
C PHE A 6 -10.18 4.61 12.68
N GLU A 7 -10.63 5.15 13.81
CA GLU A 7 -11.02 4.37 15.00
C GLU A 7 -12.18 3.43 14.65
N HIS A 8 -13.26 4.04 14.14
CA HIS A 8 -14.51 3.34 13.80
C HIS A 8 -14.32 2.40 12.58
N LEU A 9 -13.38 2.78 11.70
CA LEU A 9 -13.09 2.05 10.45
C LEU A 9 -12.58 0.67 10.76
N TRP A 10 -11.42 0.62 11.44
CA TRP A 10 -10.69 -0.61 11.73
C TRP A 10 -11.35 -1.43 12.84
N SER A 11 -12.18 -0.77 13.66
CA SER A 11 -12.96 -1.43 14.72
C SER A 11 -14.11 -2.22 14.10
N SER A 12 -14.64 -1.69 13.00
CA SER A 12 -15.67 -2.35 12.19
C SER A 12 -15.06 -3.35 11.19
N LEU A 13 -13.86 -3.03 10.70
CA LEU A 13 -13.21 -3.72 9.56
C LEU A 13 -12.64 -5.05 10.01
N GLU A 14 -11.84 -4.99 11.08
CA GLU A 14 -11.01 -6.11 11.53
C GLU A 14 -11.84 -7.39 11.92
N PRO A 15 -13.01 -7.28 12.66
CA PRO A 15 -13.90 -8.44 12.92
C PRO A 15 -14.37 -9.22 11.66
N ASP A 16 -14.26 -8.61 10.45
CA ASP A 16 -14.66 -9.27 9.18
C ASP A 16 -13.71 -8.84 8.04
N MET B 5 -6.92 2.47 -11.52
CA MET B 5 -7.02 1.06 -11.89
C MET B 5 -5.63 0.49 -12.20
N SER B 6 -4.74 1.34 -12.75
CA SER B 6 -3.45 0.90 -13.31
C SER B 6 -2.33 1.90 -13.02
N GLN B 7 -2.69 3.16 -12.75
CA GLN B 7 -1.70 4.22 -12.43
C GLN B 7 -1.51 4.32 -10.91
N SER B 8 -2.61 4.61 -10.19
CA SER B 8 -2.56 5.00 -8.76
C SER B 8 -1.94 3.90 -7.91
N ASN B 9 -2.41 2.66 -8.15
CA ASN B 9 -2.04 1.46 -7.38
C ASN B 9 -0.61 1.01 -7.72
N ARG B 10 -0.20 1.25 -8.97
CA ARG B 10 1.17 0.95 -9.47
C ARG B 10 2.22 1.82 -8.73
N GLU B 11 2.06 3.14 -8.86
CA GLU B 11 2.98 4.13 -8.25
C GLU B 11 2.78 4.18 -6.72
N LEU B 12 1.66 3.62 -6.24
CA LEU B 12 1.40 3.39 -4.80
C LEU B 12 2.40 2.34 -4.26
N VAL B 13 2.56 1.22 -4.99
CA VAL B 13 3.57 0.18 -4.67
C VAL B 13 4.97 0.83 -4.60
N VAL B 14 5.32 1.55 -5.69
CA VAL B 14 6.63 2.21 -5.83
C VAL B 14 6.91 3.18 -4.66
N ASP B 15 5.87 3.96 -4.32
CA ASP B 15 5.90 4.99 -3.26
C ASP B 15 6.00 4.34 -1.87
N PHE B 16 5.29 3.20 -1.70
CA PHE B 16 5.13 2.54 -0.38
C PHE B 16 6.43 1.83 0.00
N LEU B 17 7.05 1.14 -0.99
CA LEU B 17 8.35 0.46 -0.81
C LEU B 17 9.44 1.51 -0.57
N SER B 18 9.36 2.63 -1.33
CA SER B 18 10.27 3.78 -1.18
C SER B 18 10.23 4.34 0.26
N TYR B 19 9.01 4.55 0.76
CA TYR B 19 8.76 5.11 2.11
C TYR B 19 9.17 4.13 3.22
N LYS B 20 8.99 2.83 2.96
CA LYS B 20 9.34 1.78 3.93
C LYS B 20 10.87 1.70 4.08
N LEU B 21 11.56 1.87 2.94
CA LEU B 21 13.02 1.95 2.86
C LEU B 21 13.55 3.29 3.39
N SER B 22 12.69 4.34 3.39
CA SER B 22 13.04 5.69 3.91
C SER B 22 13.15 5.70 5.44
N GLN B 23 12.60 4.66 6.08
CA GLN B 23 12.87 4.34 7.50
C GLN B 23 14.37 3.99 7.71
N LYS B 24 15.03 3.57 6.62
CA LYS B 24 16.49 3.30 6.57
C LYS B 24 17.21 4.52 5.96
N GLY B 25 16.45 5.59 5.68
CA GLY B 25 16.94 6.78 5.00
C GLY B 25 17.27 6.54 3.54
N TYR B 26 16.65 5.51 2.95
CA TYR B 26 16.96 5.03 1.58
C TYR B 26 15.67 4.88 0.73
N SER B 27 15.82 4.79 -0.61
CA SER B 27 14.72 4.40 -1.52
C SER B 27 15.33 3.69 -2.74
N TRP B 28 14.69 2.61 -3.23
CA TRP B 28 15.07 1.98 -4.52
C TRP B 28 14.66 2.90 -5.69
N SER B 29 13.68 3.77 -5.40
CA SER B 29 13.07 4.71 -6.36
C SER B 29 14.06 5.83 -6.75
N GLN B 30 15.16 5.99 -5.97
CA GLN B 30 16.22 7.02 -6.20
C GLN B 30 16.91 6.87 -7.58
N PHE B 31 16.70 5.71 -8.21
CA PHE B 31 17.19 5.39 -9.56
C PHE B 31 16.72 6.44 -10.59
N SER B 32 15.43 6.80 -10.50
CA SER B 32 14.81 7.84 -11.36
C SER B 32 14.34 9.01 -10.49
N ASP B 33 13.68 8.67 -9.38
CA ASP B 33 13.29 9.60 -8.26
C ASP B 33 12.09 10.52 -8.60
N VAL B 34 11.85 10.74 -9.90
CA VAL B 34 10.86 11.71 -10.40
C VAL B 34 9.45 11.09 -10.53
N GLU B 35 9.13 10.16 -9.62
CA GLU B 35 7.83 9.44 -9.62
C GLU B 35 6.66 10.41 -9.36
N GLU B 36 7.00 11.51 -8.66
CA GLU B 36 6.08 12.61 -8.35
C GLU B 36 5.77 13.43 -9.63
N ASN B 37 6.81 13.71 -10.43
CA ASN B 37 6.67 14.44 -11.71
C ASN B 37 6.13 13.52 -12.81
N ARG B 38 6.26 12.20 -12.58
CA ARG B 38 5.75 11.18 -13.49
C ARG B 38 4.31 10.79 -13.10
N THR B 39 3.85 11.31 -11.93
CA THR B 39 2.46 11.19 -11.52
C THR B 39 1.59 11.97 -12.50
N GLU B 40 1.02 11.24 -13.44
CA GLU B 40 -0.03 11.73 -14.30
C GLU B 40 -1.36 11.74 -13.53
N ALA B 41 -1.64 10.61 -12.85
CA ALA B 41 -2.95 10.29 -12.25
C ALA B 41 -4.13 10.66 -13.20
N PRO B 42 -4.18 10.01 -14.43
CA PRO B 42 -5.15 10.37 -15.49
C PRO B 42 -6.57 9.91 -15.12
N GLU B 43 -6.59 8.93 -14.21
CA GLU B 43 -7.79 8.26 -13.73
C GLU B 43 -8.57 9.13 -12.72
N GLY B 44 -7.99 10.28 -12.32
CA GLY B 44 -8.64 11.24 -11.43
C GLY B 44 -8.86 10.71 -10.02
N THR B 45 -8.06 9.70 -9.66
CA THR B 45 -8.08 9.06 -8.34
C THR B 45 -7.42 9.94 -7.28
N GLU B 46 -6.54 10.84 -7.77
CA GLU B 46 -5.57 11.58 -6.95
C GLU B 46 -4.70 10.59 -6.18
N SER B 47 -3.74 9.97 -6.90
CA SER B 47 -2.82 8.97 -6.35
C SER B 47 -2.09 9.46 -5.09
N GLU B 48 -1.77 10.75 -5.08
CA GLU B 48 -1.09 11.41 -3.94
C GLU B 48 -1.99 11.42 -2.68
N ALA B 49 -3.29 11.69 -2.89
CA ALA B 49 -4.31 11.64 -1.81
C ALA B 49 -4.52 10.19 -1.33
N VAL B 50 -4.45 9.25 -2.29
CA VAL B 50 -4.58 7.80 -2.05
C VAL B 50 -3.47 7.29 -1.10
N LYS B 51 -2.23 7.70 -1.38
CA LYS B 51 -1.05 7.28 -0.59
C LYS B 51 -1.16 7.76 0.84
N GLN B 52 -1.39 9.07 1.02
CA GLN B 52 -1.61 9.66 2.35
C GLN B 52 -2.79 8.97 3.07
N ALA B 53 -3.84 8.60 2.32
CA ALA B 53 -5.05 8.00 2.90
C ALA B 53 -4.77 6.56 3.36
N LEU B 54 -3.91 5.86 2.60
CA LEU B 54 -3.52 4.48 2.88
C LEU B 54 -2.33 4.42 3.86
N ARG B 55 -1.60 5.53 4.00
CA ARG B 55 -0.51 5.63 4.97
C ARG B 55 -1.06 5.93 6.38
N GLU B 56 -2.05 6.83 6.46
CA GLU B 56 -2.65 7.22 7.75
C GLU B 56 -3.42 6.02 8.34
N ALA B 57 -4.39 5.53 7.55
CA ALA B 57 -5.25 4.38 7.94
C ALA B 57 -4.44 3.09 8.03
N GLY B 58 -3.52 2.91 7.07
CA GLY B 58 -2.70 1.72 7.01
C GLY B 58 -1.78 1.60 8.19
N ASP B 59 -1.35 2.77 8.74
CA ASP B 59 -0.49 2.83 9.93
C ASP B 59 -1.29 2.52 11.22
N GLU B 60 -2.56 2.97 11.26
CA GLU B 60 -3.48 2.63 12.37
C GLU B 60 -3.70 1.11 12.45
N PHE B 61 -3.80 0.50 11.27
CA PHE B 61 -3.98 -0.95 11.08
C PHE B 61 -2.62 -1.70 11.22
N GLU B 62 -1.52 -0.94 11.03
CA GLU B 62 -0.18 -1.50 10.88
C GLU B 62 0.35 -2.12 12.17
N LEU B 63 0.26 -1.43 13.34
CA LEU B 63 0.97 -1.83 14.60
C LEU B 63 0.88 -3.37 14.89
N ARG B 64 -0.36 -3.89 14.83
CA ARG B 64 -0.64 -5.34 14.98
C ARG B 64 -0.04 -6.14 13.80
N TYR B 65 -0.28 -5.65 12.58
CA TYR B 65 0.26 -6.25 11.35
C TYR B 65 1.76 -5.94 11.14
N ARG B 66 2.36 -5.14 12.04
CA ARG B 66 3.77 -4.75 12.01
C ARG B 66 4.58 -5.82 12.70
N ARG B 67 4.18 -6.11 13.96
CA ARG B 67 4.73 -7.25 14.69
C ARG B 67 4.40 -8.57 13.94
N ALA B 68 3.25 -8.56 13.24
CA ALA B 68 2.75 -9.73 12.51
C ALA B 68 3.51 -9.91 11.19
N PHE B 69 3.83 -8.80 10.47
CA PHE B 69 4.54 -8.91 9.19
C PHE B 69 5.95 -9.41 9.45
N SER B 70 6.59 -8.87 10.50
CA SER B 70 7.95 -9.27 10.88
C SER B 70 7.96 -10.73 11.35
N ASP B 71 6.85 -11.18 11.95
CA ASP B 71 6.69 -12.59 12.37
C ASP B 71 6.63 -13.54 11.15
N LEU B 72 5.87 -13.13 10.11
CA LEU B 72 5.64 -13.95 8.90
C LEU B 72 6.87 -13.93 7.98
N THR B 73 7.51 -12.76 7.90
CA THR B 73 8.68 -12.53 7.06
C THR B 73 9.96 -13.07 7.72
N SER B 74 9.91 -13.42 9.03
CA SER B 74 10.97 -14.21 9.68
C SER B 74 11.05 -15.62 9.07
N GLN B 75 9.88 -16.17 8.63
CA GLN B 75 9.82 -17.45 7.90
C GLN B 75 10.46 -17.26 6.52
N LEU B 76 10.22 -16.09 5.95
CA LEU B 76 10.80 -15.67 4.67
C LEU B 76 12.23 -15.14 4.93
N HIS B 77 13.16 -16.08 5.21
CA HIS B 77 14.58 -15.78 5.46
C HIS B 77 15.27 -15.21 4.20
N ILE B 78 14.57 -15.28 3.04
CA ILE B 78 15.00 -14.69 1.77
C ILE B 78 16.38 -15.27 1.39
N THR B 79 16.35 -16.54 0.97
CA THR B 79 17.53 -17.29 0.53
C THR B 79 18.14 -16.61 -0.73
N PRO B 80 19.50 -16.64 -0.92
CA PRO B 80 20.13 -16.23 -2.19
C PRO B 80 19.49 -16.94 -3.42
N GLY B 81 18.52 -16.27 -4.05
CA GLY B 81 17.75 -16.85 -5.17
C GLY B 81 16.31 -17.21 -4.79
N THR B 82 15.78 -16.61 -3.70
CA THR B 82 14.41 -16.89 -3.18
C THR B 82 13.31 -16.66 -4.24
N ALA B 83 12.16 -17.32 -4.04
CA ALA B 83 11.12 -17.48 -5.07
C ALA B 83 9.79 -16.84 -4.62
N TYR B 84 8.89 -16.63 -5.62
CA TYR B 84 7.55 -16.08 -5.41
C TYR B 84 6.64 -17.00 -4.58
N GLN B 85 7.07 -18.27 -4.37
CA GLN B 85 6.36 -19.25 -3.51
C GLN B 85 6.24 -18.77 -2.05
N SER B 86 7.22 -17.98 -1.59
CA SER B 86 7.23 -17.37 -0.25
C SER B 86 6.13 -16.29 -0.15
N PHE B 87 6.00 -15.53 -1.24
CA PHE B 87 4.96 -14.49 -1.41
C PHE B 87 3.59 -15.16 -1.49
N GLU B 88 3.55 -16.29 -2.22
CA GLU B 88 2.34 -17.12 -2.38
C GLU B 88 1.88 -17.68 -1.03
N GLN B 89 2.85 -18.07 -0.18
CA GLN B 89 2.56 -18.57 1.18
C GLN B 89 1.79 -17.49 1.97
N VAL B 90 2.37 -16.29 2.01
CA VAL B 90 1.80 -15.16 2.77
C VAL B 90 0.44 -14.71 2.19
N VAL B 91 0.31 -14.60 0.86
CA VAL B 91 -0.93 -14.12 0.23
C VAL B 91 -2.06 -15.16 0.34
N ASN B 92 -1.72 -16.46 0.39
CA ASN B 92 -2.73 -17.52 0.60
C ASN B 92 -3.20 -17.55 2.07
N GLU B 93 -2.35 -17.04 3.00
CA GLU B 93 -2.77 -16.81 4.41
C GLU B 93 -3.58 -15.52 4.56
N LEU B 94 -3.24 -14.50 3.74
CA LEU B 94 -3.95 -13.22 3.72
C LEU B 94 -5.37 -13.41 3.15
N PHE B 95 -5.46 -14.17 2.05
CA PHE B 95 -6.74 -14.45 1.34
C PHE B 95 -7.71 -15.34 2.16
N ARG B 96 -7.34 -15.69 3.39
CA ARG B 96 -8.22 -16.42 4.31
C ARG B 96 -9.24 -15.47 4.97
N ASP B 97 -8.91 -14.16 5.03
CA ASP B 97 -9.85 -13.13 5.53
C ASP B 97 -10.95 -12.88 4.50
N GLY B 98 -10.75 -13.39 3.29
CA GLY B 98 -11.51 -12.97 2.11
C GLY B 98 -10.55 -12.40 1.11
N VAL B 99 -10.88 -11.28 0.44
CA VAL B 99 -9.89 -10.61 -0.43
C VAL B 99 -9.47 -9.24 0.15
N ASN B 100 -8.94 -9.30 1.40
CA ASN B 100 -7.94 -8.37 1.91
C ASN B 100 -8.46 -6.92 1.92
N TRP B 101 -9.68 -6.74 2.46
CA TRP B 101 -10.40 -5.44 2.42
C TRP B 101 -9.62 -4.33 3.17
N GLY B 102 -8.86 -4.72 4.19
CA GLY B 102 -7.83 -3.85 4.81
C GLY B 102 -6.43 -4.45 4.66
N ARG B 103 -6.39 -5.73 4.30
CA ARG B 103 -5.17 -6.54 4.35
C ARG B 103 -4.35 -6.41 3.02
N ILE B 104 -4.95 -5.79 1.96
CA ILE B 104 -4.19 -5.30 0.77
C ILE B 104 -3.23 -4.15 1.16
N VAL B 105 -3.70 -3.14 1.94
CA VAL B 105 -2.81 -2.05 2.41
C VAL B 105 -1.80 -2.62 3.42
N ALA B 106 -2.23 -3.67 4.16
CA ALA B 106 -1.30 -4.45 4.99
C ALA B 106 -0.29 -5.16 4.08
N PHE B 107 -0.75 -5.71 2.94
CA PHE B 107 0.11 -6.43 1.98
C PHE B 107 1.18 -5.51 1.36
N PHE B 108 0.87 -4.20 1.23
CA PHE B 108 1.86 -3.18 0.83
C PHE B 108 2.93 -3.01 1.92
N SER B 109 2.47 -3.04 3.18
CA SER B 109 3.35 -2.98 4.37
C SER B 109 4.20 -4.29 4.55
N PHE B 110 3.63 -5.45 4.14
CA PHE B 110 4.30 -6.76 4.22
C PHE B 110 5.38 -6.83 3.14
N GLY B 111 4.98 -6.48 1.90
CA GLY B 111 5.88 -6.40 0.74
C GLY B 111 6.93 -5.31 0.94
N GLY B 112 6.56 -4.30 1.74
CA GLY B 112 7.48 -3.24 2.14
C GLY B 112 8.55 -3.74 3.09
N ALA B 113 8.13 -4.62 4.02
CA ALA B 113 9.04 -5.26 5.00
C ALA B 113 10.03 -6.19 4.29
N LEU B 114 9.50 -6.88 3.28
CA LEU B 114 10.26 -7.73 2.35
C LEU B 114 11.34 -6.93 1.63
N CYS B 115 10.98 -5.73 1.13
CA CYS B 115 11.93 -4.82 0.44
C CYS B 115 13.00 -4.29 1.41
N VAL B 116 12.58 -3.94 2.63
CA VAL B 116 13.47 -3.46 3.71
C VAL B 116 14.54 -4.52 4.03
N GLU B 117 14.04 -5.73 4.30
CA GLU B 117 14.87 -6.87 4.68
C GLU B 117 15.71 -7.38 3.52
N SER B 118 15.24 -7.21 2.28
CA SER B 118 15.96 -7.65 1.09
C SER B 118 17.22 -6.78 0.89
N VAL B 119 17.10 -5.43 1.03
CA VAL B 119 18.28 -4.51 1.02
C VAL B 119 19.21 -4.82 2.21
N ASP B 120 18.59 -5.13 3.35
CA ASP B 120 19.27 -5.53 4.59
C ASP B 120 20.01 -6.89 4.41
N LYS B 121 19.57 -7.69 3.42
CA LYS B 121 20.17 -8.99 3.08
C LYS B 121 21.09 -8.86 1.84
N GLU B 122 21.33 -7.60 1.40
CA GLU B 122 22.28 -7.24 0.29
C GLU B 122 21.67 -7.64 -1.08
N MET B 123 20.36 -7.86 -1.07
CA MET B 123 19.58 -8.34 -2.21
C MET B 123 18.59 -7.24 -2.67
N GLN B 124 19.02 -5.97 -2.62
CA GLN B 124 18.31 -4.82 -3.26
C GLN B 124 17.86 -5.09 -4.74
N VAL B 125 18.57 -5.98 -5.46
CA VAL B 125 18.14 -6.43 -6.82
C VAL B 125 16.83 -7.26 -6.71
N LEU B 126 16.70 -8.05 -5.63
CA LEU B 126 15.47 -8.79 -5.31
C LEU B 126 14.33 -7.80 -4.98
N VAL B 127 14.63 -6.63 -4.36
CA VAL B 127 13.63 -5.53 -4.12
C VAL B 127 13.03 -5.08 -5.44
N SER B 128 13.90 -4.86 -6.42
CA SER B 128 13.50 -4.49 -7.79
C SER B 128 12.56 -5.58 -8.38
N ARG B 129 12.86 -6.86 -8.08
CA ARG B 129 12.03 -8.00 -8.52
C ARG B 129 10.74 -8.14 -7.66
N ILE B 130 10.78 -7.67 -6.40
CA ILE B 130 9.63 -7.70 -5.48
C ILE B 130 8.58 -6.70 -5.99
N ALA B 131 9.06 -5.54 -6.49
CA ALA B 131 8.21 -4.52 -7.13
C ALA B 131 7.45 -5.11 -8.34
N ALA B 132 8.10 -6.08 -9.02
CA ALA B 132 7.49 -6.85 -10.12
C ALA B 132 6.37 -7.75 -9.58
N TRP B 133 6.70 -8.63 -8.59
CA TRP B 133 5.73 -9.54 -7.95
C TRP B 133 4.53 -8.81 -7.32
N MET B 134 4.79 -7.63 -6.73
CA MET B 134 3.77 -6.80 -6.07
C MET B 134 2.80 -6.24 -7.11
N ALA B 135 3.37 -5.63 -8.15
CA ALA B 135 2.61 -4.97 -9.24
C ALA B 135 1.80 -5.98 -10.08
N THR B 136 2.42 -7.15 -10.32
CA THR B 136 1.82 -8.24 -11.10
C THR B 136 0.62 -8.83 -10.34
N TYR B 137 0.84 -9.15 -9.05
CA TYR B 137 -0.18 -9.81 -8.22
C TYR B 137 -1.32 -8.83 -7.90
N LEU B 138 -0.96 -7.54 -7.87
CA LEU B 138 -1.90 -6.44 -7.69
C LEU B 138 -2.90 -6.42 -8.85
N ASN B 139 -2.39 -6.28 -10.10
CA ASN B 139 -3.25 -6.22 -11.30
C ASN B 139 -3.87 -7.59 -11.62
N ASP B 140 -3.35 -8.65 -10.97
CA ASP B 140 -3.81 -10.04 -11.18
C ASP B 140 -5.09 -10.32 -10.37
N HIS B 141 -4.98 -10.27 -9.03
CA HIS B 141 -6.09 -10.67 -8.12
C HIS B 141 -6.68 -9.46 -7.39
N LEU B 142 -5.82 -8.52 -6.97
CA LEU B 142 -6.22 -7.43 -6.07
C LEU B 142 -6.86 -6.27 -6.83
N GLU B 143 -6.67 -6.21 -8.17
CA GLU B 143 -7.13 -5.10 -9.01
C GLU B 143 -8.66 -4.89 -8.93
N PRO B 144 -9.54 -5.94 -9.12
CA PRO B 144 -11.01 -5.75 -8.95
C PRO B 144 -11.38 -5.19 -7.56
N TRP B 145 -10.68 -5.72 -6.54
CA TRP B 145 -11.00 -5.52 -5.11
C TRP B 145 -10.38 -4.23 -4.54
N ILE B 146 -9.41 -3.67 -5.25
CA ILE B 146 -8.84 -2.35 -4.92
C ILE B 146 -9.61 -1.23 -5.70
N GLN B 147 -10.06 -1.57 -6.94
CA GLN B 147 -10.64 -0.63 -7.94
C GLN B 147 -12.16 -0.44 -7.75
N GLU B 148 -12.81 -1.37 -7.03
CA GLU B 148 -14.29 -1.37 -6.78
C GLU B 148 -14.81 -0.12 -6.01
N ASN B 149 -13.91 0.86 -5.75
CA ASN B 149 -14.21 2.20 -5.18
C ASN B 149 -14.24 2.14 -3.64
N GLY B 150 -13.39 1.26 -3.11
CA GLY B 150 -13.18 1.13 -1.68
C GLY B 150 -11.69 1.06 -1.33
N GLY B 151 -10.95 0.23 -2.08
CA GLY B 151 -9.58 -0.17 -1.73
C GLY B 151 -8.62 0.99 -1.51
N TRP B 152 -8.78 2.04 -2.34
CA TRP B 152 -8.11 3.33 -2.12
C TRP B 152 -9.14 4.44 -1.86
N ASP B 153 -10.25 4.36 -2.63
CA ASP B 153 -11.19 5.47 -2.83
C ASP B 153 -11.88 5.86 -1.54
N THR B 154 -12.28 4.84 -0.76
CA THR B 154 -13.15 5.07 0.41
C THR B 154 -12.35 5.75 1.53
N PHE B 155 -11.04 5.49 1.58
CA PHE B 155 -10.14 6.07 2.58
C PHE B 155 -9.98 7.56 2.27
N VAL B 156 -9.85 7.84 0.97
CA VAL B 156 -9.77 9.20 0.43
C VAL B 156 -11.08 9.97 0.68
N GLU B 157 -12.22 9.26 0.69
CA GLU B 157 -13.54 9.86 0.97
C GLU B 157 -13.65 10.28 2.44
N LEU B 158 -13.16 9.42 3.35
CA LEU B 158 -13.32 9.64 4.80
C LEU B 158 -12.34 10.73 5.31
N TYR B 159 -11.14 10.83 4.68
CA TYR B 159 -10.04 11.69 5.18
C TYR B 159 -9.88 12.94 4.28
N GLY B 160 -10.11 12.77 2.98
CA GLY B 160 -9.96 13.87 2.01
C GLY B 160 -11.17 14.78 2.00
N ASN B 161 -12.12 14.51 1.10
CA ASN B 161 -13.40 15.23 1.05
C ASN B 161 -14.43 14.31 1.71
N ASN B 162 -14.66 14.54 3.01
CA ASN B 162 -15.65 13.82 3.79
C ASN B 162 -17.01 14.26 3.27
N ALA B 163 -17.45 13.48 2.26
CA ALA B 163 -18.76 13.62 1.60
C ALA B 163 -19.92 13.84 2.59
N ALA B 164 -19.79 13.29 3.80
CA ALA B 164 -20.82 13.40 4.86
C ALA B 164 -20.81 14.81 5.47
N ALA B 165 -19.60 15.35 5.59
CA ALA B 165 -19.34 16.69 6.16
C ALA B 165 -19.78 17.80 5.20
N GLU B 166 -19.73 17.54 3.87
CA GLU B 166 -20.22 18.48 2.86
C GLU B 166 -21.76 18.37 2.71
N SER B 167 -22.31 17.17 2.96
CA SER B 167 -23.77 16.95 2.95
C SER B 167 -24.44 17.49 4.23
N ARG B 168 -23.61 17.69 5.27
CA ARG B 168 -23.99 18.36 6.54
C ARG B 168 -24.52 19.78 6.27
N LYS B 169 -23.90 20.45 5.28
CA LYS B 169 -24.26 21.82 4.86
C LYS B 169 -25.69 21.88 4.30
N GLY B 170 -26.39 22.99 4.59
CA GLY B 170 -27.76 23.24 4.13
C GLY B 170 -28.14 24.71 4.24
N GLN B 171 -27.19 25.59 3.89
CA GLN B 171 -27.37 27.06 3.98
C GLN B 171 -27.29 27.70 2.57
N GLU B 172 -26.43 27.10 1.73
CA GLU B 172 -26.20 27.54 0.32
C GLU B 172 -27.46 27.32 -0.53
N ARG B 173 -28.22 26.29 -0.13
CA ARG B 173 -29.44 25.86 -0.79
C ARG B 173 -30.56 26.90 -0.60
N LEU B 174 -30.33 27.83 0.36
CA LEU B 174 -31.27 28.90 0.70
C LEU B 174 -30.74 30.29 0.28
N GLU B 175 -29.56 30.35 -0.39
CA GLU B 175 -28.99 31.60 -0.93
C GLU B 175 -29.74 32.02 -2.21
N ASP A 1 -14.34 7.89 19.46
CA ASP A 1 -15.76 7.51 19.61
C ASP A 1 -16.63 8.44 18.77
N GLY A 2 -17.05 7.94 17.58
CA GLY A 2 -17.85 8.70 16.63
C GLY A 2 -17.02 9.71 15.84
N GLY A 3 -17.72 10.55 15.05
CA GLY A 3 -17.11 11.67 14.33
C GLY A 3 -16.23 11.25 13.15
N THR A 4 -14.99 10.82 13.48
CA THR A 4 -13.98 10.40 12.49
C THR A 4 -14.45 9.19 11.66
N THR A 5 -13.96 9.11 10.41
CA THR A 5 -14.37 8.06 9.45
C THR A 5 -13.55 6.80 9.59
N PHE A 6 -12.38 6.96 10.24
CA PHE A 6 -11.56 5.84 10.68
C PHE A 6 -12.38 4.95 11.66
N GLU A 7 -13.26 5.60 12.45
CA GLU A 7 -14.07 4.96 13.50
C GLU A 7 -14.93 3.83 12.93
N HIS A 8 -15.81 4.21 11.99
CA HIS A 8 -16.70 3.28 11.25
C HIS A 8 -15.87 2.22 10.51
N LEU A 9 -14.79 2.70 9.90
CA LEU A 9 -13.90 1.91 9.07
C LEU A 9 -13.37 0.69 9.83
N TRP A 10 -12.63 0.92 10.92
CA TRP A 10 -11.98 -0.16 11.68
C TRP A 10 -13.01 -1.04 12.43
N SER A 11 -14.19 -0.46 12.71
CA SER A 11 -15.27 -1.17 13.41
C SER A 11 -15.75 -2.36 12.57
N SER A 12 -15.92 -2.11 11.27
CA SER A 12 -16.29 -3.13 10.28
C SER A 12 -15.07 -3.94 9.78
N LEU A 13 -14.02 -3.21 9.40
CA LEU A 13 -12.89 -3.70 8.57
C LEU A 13 -11.88 -4.56 9.34
N GLU A 14 -11.61 -4.19 10.58
CA GLU A 14 -10.62 -4.89 11.42
C GLU A 14 -11.07 -6.36 11.70
N PRO A 15 -12.38 -6.63 12.04
CA PRO A 15 -12.93 -8.01 11.98
C PRO A 15 -12.98 -8.60 10.55
N ASP A 16 -13.35 -7.79 9.52
CA ASP A 16 -13.47 -8.28 8.13
C ASP A 16 -13.59 -7.08 7.14
N MET B 5 -6.10 -0.83 -13.55
CA MET B 5 -5.04 0.20 -13.68
C MET B 5 -3.67 -0.44 -13.85
N SER B 6 -3.46 -1.58 -13.15
CA SER B 6 -2.24 -2.43 -13.20
C SER B 6 -0.92 -1.65 -12.93
N GLN B 7 -0.45 -0.89 -13.93
CA GLN B 7 0.82 -0.14 -13.88
C GLN B 7 0.74 1.07 -12.91
N SER B 8 -0.47 1.64 -12.76
CA SER B 8 -0.71 2.75 -11.80
C SER B 8 -0.70 2.20 -10.36
N ASN B 9 -1.19 0.95 -10.23
CA ASN B 9 -1.19 0.20 -8.96
C ASN B 9 0.23 -0.27 -8.63
N ARG B 10 1.02 -0.48 -9.70
CA ARG B 10 2.45 -0.83 -9.61
C ARG B 10 3.22 0.35 -9.02
N GLU B 11 2.97 1.56 -9.58
CA GLU B 11 3.60 2.82 -9.12
C GLU B 11 3.24 3.10 -7.66
N LEU B 12 1.99 2.78 -7.28
CA LEU B 12 1.52 2.90 -5.88
C LEU B 12 2.30 1.93 -4.95
N VAL B 13 2.57 0.69 -5.45
CA VAL B 13 3.44 -0.29 -4.77
C VAL B 13 4.84 0.34 -4.55
N VAL B 14 5.40 0.91 -5.63
CA VAL B 14 6.75 1.50 -5.66
C VAL B 14 6.91 2.60 -4.59
N ASP B 15 5.90 3.50 -4.53
CA ASP B 15 5.88 4.59 -3.55
C ASP B 15 5.76 4.04 -2.12
N PHE B 16 4.98 2.96 -1.96
CA PHE B 16 4.74 2.37 -0.63
C PHE B 16 6.02 1.66 -0.12
N LEU B 17 6.71 0.96 -1.04
CA LEU B 17 7.97 0.23 -0.74
C LEU B 17 9.06 1.24 -0.32
N SER B 18 9.08 2.38 -1.02
CA SER B 18 10.09 3.42 -0.83
C SER B 18 9.87 4.16 0.50
N TYR B 19 8.59 4.31 0.92
CA TYR B 19 8.23 4.91 2.24
C TYR B 19 8.61 3.96 3.39
N LYS B 20 8.56 2.64 3.11
CA LYS B 20 9.07 1.60 4.02
C LYS B 20 10.59 1.70 4.14
N LEU B 21 11.25 1.90 2.99
CA LEU B 21 12.71 2.08 2.91
C LEU B 21 13.14 3.43 3.54
N SER B 22 12.20 4.39 3.64
CA SER B 22 12.44 5.69 4.31
C SER B 22 12.70 5.54 5.82
N GLN B 23 12.37 4.35 6.38
CA GLN B 23 12.64 4.01 7.78
C GLN B 23 14.16 4.06 8.07
N LYS B 24 14.97 3.88 7.01
CA LYS B 24 16.44 3.95 7.07
C LYS B 24 16.95 5.13 6.22
N GLY B 25 16.00 5.98 5.77
CA GLY B 25 16.28 7.19 5.00
C GLY B 25 16.68 6.90 3.56
N TYR B 26 16.11 5.82 3.00
CA TYR B 26 16.47 5.30 1.67
C TYR B 26 15.20 5.09 0.81
N SER B 27 15.38 4.96 -0.52
CA SER B 27 14.35 4.59 -1.47
C SER B 27 14.97 3.86 -2.66
N TRP B 28 14.23 2.96 -3.30
CA TRP B 28 14.65 2.32 -4.57
C TRP B 28 14.06 3.09 -5.76
N SER B 29 13.06 3.94 -5.49
CA SER B 29 12.34 4.72 -6.52
C SER B 29 13.16 5.96 -6.94
N GLN B 30 13.97 6.44 -6.00
CA GLN B 30 14.86 7.61 -6.20
C GLN B 30 16.04 7.28 -7.13
N PHE B 31 16.34 5.97 -7.28
CA PHE B 31 17.50 5.49 -8.06
C PHE B 31 17.41 5.95 -9.52
N SER B 32 16.23 5.70 -10.15
CA SER B 32 15.93 6.17 -11.53
C SER B 32 14.46 5.81 -11.94
N ASP B 33 13.60 5.47 -10.95
CA ASP B 33 12.21 5.02 -11.22
C ASP B 33 11.29 6.23 -11.35
N VAL B 34 11.00 6.87 -10.20
CA VAL B 34 10.14 8.07 -10.15
C VAL B 34 10.99 9.35 -10.35
N GLU B 35 12.22 9.34 -9.78
CA GLU B 35 13.16 10.49 -9.78
C GLU B 35 12.51 11.82 -9.31
N GLU B 36 11.45 11.66 -8.50
CA GLU B 36 10.60 12.73 -8.03
C GLU B 36 9.82 12.19 -6.81
N ASN B 37 10.58 11.69 -5.82
CA ASN B 37 10.05 11.22 -4.53
C ASN B 37 9.25 12.34 -3.85
N ARG B 38 7.96 12.06 -3.62
CA ARG B 38 6.98 13.03 -3.09
C ARG B 38 6.72 14.09 -4.16
N THR B 39 6.12 13.64 -5.28
CA THR B 39 5.64 14.51 -6.34
C THR B 39 4.55 15.46 -5.80
N GLU B 40 4.61 16.75 -6.19
CA GLU B 40 3.61 17.77 -5.80
C GLU B 40 2.17 17.32 -6.14
N ALA B 41 2.07 16.52 -7.23
CA ALA B 41 0.82 16.15 -7.91
C ALA B 41 -0.04 17.40 -8.24
N PRO B 42 0.51 18.36 -9.07
CA PRO B 42 -0.23 19.61 -9.48
C PRO B 42 -1.31 19.27 -10.52
N GLU B 43 -1.12 18.09 -11.14
CA GLU B 43 -2.05 17.39 -12.02
C GLU B 43 -3.43 17.18 -11.34
N GLY B 44 -3.42 17.18 -9.99
CA GLY B 44 -4.64 17.09 -9.19
C GLY B 44 -5.21 15.68 -9.18
N THR B 45 -4.30 14.72 -9.36
CA THR B 45 -4.63 13.28 -9.40
C THR B 45 -5.00 12.74 -8.02
N GLU B 46 -4.52 13.45 -6.97
CA GLU B 46 -4.66 13.03 -5.56
C GLU B 46 -4.04 11.66 -5.30
N SER B 47 -3.05 11.29 -6.14
CA SER B 47 -2.25 10.07 -5.98
C SER B 47 -1.43 10.14 -4.69
N GLU B 48 -1.11 11.40 -4.31
CA GLU B 48 -0.48 11.74 -3.04
C GLU B 48 -1.47 11.49 -1.86
N ALA B 49 -2.75 11.87 -2.06
CA ALA B 49 -3.79 11.78 -1.02
C ALA B 49 -4.19 10.31 -0.77
N VAL B 50 -3.98 9.47 -1.80
CA VAL B 50 -4.10 8.00 -1.68
C VAL B 50 -3.08 7.47 -0.66
N LYS B 51 -1.81 7.90 -0.79
CA LYS B 51 -0.72 7.52 0.13
C LYS B 51 -1.01 8.00 1.55
N GLN B 52 -1.39 9.29 1.70
CA GLN B 52 -1.74 9.90 3.01
C GLN B 52 -2.87 9.10 3.67
N ALA B 53 -3.77 8.57 2.83
CA ALA B 53 -4.92 7.78 3.27
C ALA B 53 -4.44 6.42 3.82
N LEU B 54 -3.51 5.78 3.08
CA LEU B 54 -2.98 4.44 3.43
C LEU B 54 -1.92 4.51 4.55
N ARG B 55 -1.32 5.71 4.74
CA ARG B 55 -0.28 5.95 5.78
C ARG B 55 -0.91 6.22 7.15
N GLU B 56 -2.04 6.96 7.18
CA GLU B 56 -2.83 7.17 8.41
C GLU B 56 -3.57 5.86 8.79
N ALA B 57 -4.05 5.16 7.74
CA ALA B 57 -4.60 3.81 7.88
C ALA B 57 -3.52 2.83 8.35
N GLY B 58 -2.26 3.10 7.95
CA GLY B 58 -1.12 2.35 8.45
C GLY B 58 -0.85 2.66 9.91
N ASP B 59 -1.02 3.94 10.28
CA ASP B 59 -0.75 4.42 11.63
C ASP B 59 -1.63 3.68 12.67
N GLU B 60 -2.90 3.40 12.33
CA GLU B 60 -3.79 2.61 13.21
C GLU B 60 -3.70 1.08 12.96
N PHE B 61 -4.01 0.67 11.72
CA PHE B 61 -4.25 -0.76 11.36
C PHE B 61 -2.95 -1.59 11.31
N GLU B 62 -1.89 -1.01 10.69
CA GLU B 62 -0.62 -1.71 10.44
C GLU B 62 0.01 -2.21 11.74
N LEU B 63 -0.18 -1.48 12.85
CA LEU B 63 0.47 -1.78 14.17
C LEU B 63 0.48 -3.30 14.51
N ARG B 64 -0.71 -3.93 14.37
CA ARG B 64 -0.90 -5.39 14.57
C ARG B 64 -0.04 -6.18 13.55
N TYR B 65 -0.24 -5.82 12.28
CA TYR B 65 0.41 -6.43 11.12
C TYR B 65 1.89 -6.00 11.00
N ARG B 66 2.33 -5.10 11.88
CA ARG B 66 3.70 -4.58 11.96
C ARG B 66 4.54 -5.54 12.79
N ARG B 67 3.99 -5.88 13.99
CA ARG B 67 4.55 -6.96 14.81
C ARG B 67 4.54 -8.27 13.97
N ALA B 68 3.47 -8.42 13.18
CA ALA B 68 3.22 -9.63 12.40
C ALA B 68 4.15 -9.70 11.18
N PHE B 69 4.43 -8.55 10.51
CA PHE B 69 5.29 -8.57 9.31
C PHE B 69 6.74 -8.86 9.71
N SER B 70 7.22 -8.25 10.80
CA SER B 70 8.58 -8.48 11.30
C SER B 70 8.75 -9.93 11.80
N ASP B 71 7.64 -10.53 12.26
CA ASP B 71 7.61 -11.93 12.71
C ASP B 71 7.60 -12.93 11.51
N LEU B 72 6.86 -12.59 10.44
CA LEU B 72 6.63 -13.50 9.27
C LEU B 72 7.77 -13.42 8.22
N THR B 73 8.22 -12.20 7.92
CA THR B 73 9.21 -11.94 6.85
C THR B 73 10.61 -12.40 7.25
N SER B 74 10.87 -12.48 8.58
CA SER B 74 12.10 -13.05 9.14
C SER B 74 12.16 -14.57 8.87
N GLN B 75 10.98 -15.21 8.85
CA GLN B 75 10.84 -16.66 8.56
C GLN B 75 11.09 -16.95 7.06
N LEU B 76 10.87 -15.93 6.24
CA LEU B 76 11.28 -15.91 4.83
C LEU B 76 12.80 -15.64 4.80
N HIS B 77 13.57 -16.71 5.07
CA HIS B 77 15.05 -16.70 5.07
C HIS B 77 15.50 -16.67 3.61
N ILE B 78 15.39 -15.47 3.01
CA ILE B 78 15.40 -15.30 1.57
C ILE B 78 16.84 -15.29 1.02
N THR B 79 17.03 -15.93 -0.13
CA THR B 79 18.31 -16.00 -0.84
C THR B 79 18.11 -15.51 -2.30
N PRO B 80 19.20 -15.11 -3.03
CA PRO B 80 19.14 -14.95 -4.49
C PRO B 80 18.75 -16.30 -5.13
N GLY B 81 17.64 -16.31 -5.89
CA GLY B 81 17.07 -17.53 -6.45
C GLY B 81 15.73 -17.90 -5.83
N THR B 82 15.31 -17.20 -4.76
CA THR B 82 13.98 -17.38 -4.16
C THR B 82 12.93 -16.68 -5.04
N ALA B 83 11.90 -17.45 -5.44
CA ALA B 83 10.90 -17.05 -6.42
C ALA B 83 9.73 -16.29 -5.79
N TYR B 84 8.72 -16.00 -6.62
CA TYR B 84 7.46 -15.37 -6.21
C TYR B 84 6.63 -16.30 -5.31
N GLN B 85 6.94 -17.62 -5.30
CA GLN B 85 6.11 -18.66 -4.67
C GLN B 85 6.08 -18.55 -3.12
N SER B 86 7.18 -18.08 -2.52
CA SER B 86 7.26 -17.82 -1.07
C SER B 86 6.34 -16.65 -0.69
N PHE B 87 6.36 -15.62 -1.55
CA PHE B 87 5.47 -14.45 -1.43
C PHE B 87 4.03 -14.88 -1.70
N GLU B 88 3.86 -15.79 -2.67
CA GLU B 88 2.55 -16.30 -3.12
C GLU B 88 1.90 -17.10 -1.99
N GLN B 89 2.74 -17.75 -1.17
CA GLN B 89 2.33 -18.47 0.04
C GLN B 89 1.74 -17.48 1.06
N VAL B 90 2.55 -16.46 1.42
CA VAL B 90 2.18 -15.52 2.51
C VAL B 90 1.02 -14.58 2.09
N VAL B 91 0.89 -14.30 0.78
CA VAL B 91 -0.23 -13.48 0.25
C VAL B 91 -1.47 -14.36 0.05
N ASN B 92 -1.28 -15.69 -0.10
CA ASN B 92 -2.40 -16.67 -0.10
C ASN B 92 -3.07 -16.60 1.29
N GLU B 93 -2.23 -16.46 2.33
CA GLU B 93 -2.69 -16.32 3.74
C GLU B 93 -3.47 -15.00 3.91
N LEU B 94 -2.94 -13.91 3.34
CA LEU B 94 -3.62 -12.59 3.34
C LEU B 94 -4.97 -12.66 2.59
N PHE B 95 -4.94 -13.28 1.40
CA PHE B 95 -6.09 -13.36 0.47
C PHE B 95 -6.98 -14.59 0.77
N ARG B 96 -6.78 -15.20 1.96
CA ARG B 96 -7.44 -16.46 2.33
C ARG B 96 -8.86 -16.24 2.79
N ASP B 97 -9.05 -15.24 3.68
CA ASP B 97 -10.37 -14.95 4.25
C ASP B 97 -11.28 -14.37 3.16
N GLY B 98 -10.64 -13.82 2.13
CA GLY B 98 -11.31 -12.93 1.19
C GLY B 98 -10.32 -12.05 0.49
N VAL B 99 -10.81 -10.96 -0.13
CA VAL B 99 -10.02 -10.15 -1.07
C VAL B 99 -9.48 -8.84 -0.42
N ASN B 100 -9.83 -8.59 0.87
CA ASN B 100 -9.13 -7.68 1.76
C ASN B 100 -9.39 -6.23 1.37
N TRP B 101 -10.37 -5.67 2.04
CA TRP B 101 -10.79 -4.27 1.88
C TRP B 101 -9.82 -3.32 2.60
N GLY B 102 -8.95 -3.90 3.48
CA GLY B 102 -7.91 -3.15 4.19
C GLY B 102 -6.66 -3.98 4.46
N ARG B 103 -6.79 -5.33 4.44
CA ARG B 103 -5.62 -6.22 4.60
C ARG B 103 -4.82 -6.27 3.28
N ILE B 104 -5.43 -5.75 2.19
CA ILE B 104 -4.72 -5.40 0.94
C ILE B 104 -3.69 -4.26 1.19
N VAL B 105 -4.04 -3.29 2.06
CA VAL B 105 -3.12 -2.20 2.48
C VAL B 105 -2.00 -2.81 3.36
N ALA B 106 -2.41 -3.82 4.16
CA ALA B 106 -1.48 -4.62 4.97
C ALA B 106 -0.59 -5.50 4.07
N PHE B 107 -1.12 -5.91 2.89
CA PHE B 107 -0.37 -6.65 1.86
C PHE B 107 0.77 -5.77 1.29
N PHE B 108 0.49 -4.46 1.13
CA PHE B 108 1.51 -3.46 0.79
C PHE B 108 2.55 -3.33 1.91
N SER B 109 2.09 -3.47 3.16
CA SER B 109 2.92 -3.37 4.35
C SER B 109 3.85 -4.61 4.54
N PHE B 110 3.34 -5.83 4.20
CA PHE B 110 4.14 -7.09 4.24
C PHE B 110 5.16 -7.07 3.10
N GLY B 111 4.69 -6.70 1.89
CA GLY B 111 5.54 -6.56 0.70
C GLY B 111 6.60 -5.49 0.88
N GLY B 112 6.24 -4.45 1.66
CA GLY B 112 7.15 -3.38 2.00
C GLY B 112 8.21 -3.83 2.98
N ALA B 113 7.81 -4.68 3.94
CA ALA B 113 8.71 -5.24 4.96
C ALA B 113 9.73 -6.18 4.31
N LEU B 114 9.24 -6.89 3.27
CA LEU B 114 10.05 -7.75 2.41
C LEU B 114 11.16 -6.93 1.73
N CYS B 115 10.75 -5.77 1.17
CA CYS B 115 11.68 -4.86 0.47
C CYS B 115 12.75 -4.27 1.40
N VAL B 116 12.35 -3.87 2.63
CA VAL B 116 13.29 -3.28 3.62
C VAL B 116 14.38 -4.30 4.00
N GLU B 117 13.92 -5.50 4.37
CA GLU B 117 14.77 -6.57 4.88
C GLU B 117 15.56 -7.26 3.75
N SER B 118 15.06 -7.23 2.50
CA SER B 118 15.78 -7.80 1.35
C SER B 118 16.90 -6.84 0.90
N VAL B 119 16.68 -5.51 1.04
CA VAL B 119 17.76 -4.51 0.87
C VAL B 119 18.83 -4.69 1.96
N ASP B 120 18.34 -5.05 3.17
CA ASP B 120 19.18 -5.35 4.35
C ASP B 120 19.97 -6.66 4.14
N LYS B 121 19.48 -7.49 3.18
CA LYS B 121 20.12 -8.76 2.78
C LYS B 121 20.93 -8.57 1.49
N GLU B 122 20.96 -7.29 0.98
CA GLU B 122 21.69 -6.89 -0.26
C GLU B 122 21.19 -7.67 -1.49
N MET B 123 19.89 -7.98 -1.43
CA MET B 123 19.13 -8.69 -2.47
C MET B 123 18.07 -7.74 -3.03
N GLN B 124 18.44 -6.45 -3.06
CA GLN B 124 17.71 -5.33 -3.73
C GLN B 124 17.09 -5.68 -5.12
N VAL B 125 17.77 -6.58 -5.88
CA VAL B 125 17.25 -7.10 -7.16
C VAL B 125 15.86 -7.75 -6.97
N LEU B 126 15.76 -8.56 -5.88
CA LEU B 126 14.53 -9.23 -5.47
C LEU B 126 13.43 -8.20 -5.12
N VAL B 127 13.79 -7.03 -4.52
CA VAL B 127 12.76 -6.00 -4.12
C VAL B 127 12.12 -5.35 -5.36
N SER B 128 12.94 -5.18 -6.43
CA SER B 128 12.46 -4.71 -7.73
C SER B 128 11.48 -5.72 -8.34
N ARG B 129 11.80 -7.03 -8.16
CA ARG B 129 10.94 -8.15 -8.58
C ARG B 129 9.66 -8.22 -7.72
N ILE B 130 9.75 -7.88 -6.42
CA ILE B 130 8.61 -7.91 -5.47
C ILE B 130 7.55 -6.89 -5.90
N ALA B 131 8.02 -5.71 -6.35
CA ALA B 131 7.13 -4.67 -6.90
C ALA B 131 6.36 -5.18 -8.13
N ALA B 132 7.07 -5.95 -8.97
CA ALA B 132 6.51 -6.54 -10.19
C ALA B 132 5.46 -7.62 -9.83
N TRP B 133 5.78 -8.50 -8.85
CA TRP B 133 4.86 -9.57 -8.39
C TRP B 133 3.60 -8.98 -7.77
N MET B 134 3.77 -8.00 -6.86
CA MET B 134 2.66 -7.33 -6.14
C MET B 134 1.69 -6.69 -7.14
N ALA B 135 2.26 -6.02 -8.15
CA ALA B 135 1.52 -5.38 -9.25
C ALA B 135 0.72 -6.40 -10.06
N THR B 136 1.40 -7.51 -10.42
CA THR B 136 0.84 -8.61 -11.22
C THR B 136 -0.33 -9.29 -10.47
N TYR B 137 -0.20 -9.39 -9.14
CA TYR B 137 -1.22 -9.98 -8.27
C TYR B 137 -2.39 -8.99 -8.09
N LEU B 138 -2.10 -7.67 -8.10
CA LEU B 138 -3.13 -6.62 -8.02
C LEU B 138 -4.07 -6.68 -9.22
N ASN B 139 -3.50 -6.77 -10.45
CA ASN B 139 -4.30 -6.88 -11.69
C ASN B 139 -4.85 -8.32 -11.91
N ASP B 140 -4.55 -9.23 -10.96
CA ASP B 140 -4.99 -10.63 -11.02
C ASP B 140 -6.41 -10.79 -10.45
N HIS B 141 -6.61 -10.46 -9.16
CA HIS B 141 -7.92 -10.69 -8.47
C HIS B 141 -8.39 -9.46 -7.69
N LEU B 142 -7.45 -8.58 -7.36
CA LEU B 142 -7.74 -7.37 -6.56
C LEU B 142 -8.32 -6.27 -7.47
N GLU B 143 -7.95 -6.35 -8.77
CA GLU B 143 -8.25 -5.33 -9.79
C GLU B 143 -9.76 -4.94 -9.89
N PRO B 144 -10.79 -5.90 -9.98
CA PRO B 144 -12.23 -5.51 -9.97
C PRO B 144 -12.64 -4.78 -8.68
N TRP B 145 -12.01 -5.23 -7.57
CA TRP B 145 -12.23 -4.68 -6.21
C TRP B 145 -11.55 -3.31 -6.06
N ILE B 146 -10.61 -3.03 -6.97
CA ILE B 146 -10.08 -1.68 -7.18
C ILE B 146 -11.04 -0.89 -8.09
N GLN B 147 -11.49 -1.51 -9.18
CA GLN B 147 -12.27 -0.83 -10.24
C GLN B 147 -13.76 -0.64 -9.86
N GLU B 148 -14.12 -1.01 -8.60
CA GLU B 148 -15.42 -0.67 -8.01
C GLU B 148 -15.71 0.87 -8.12
N ASN B 149 -14.70 1.71 -7.80
CA ASN B 149 -14.80 3.20 -7.94
C ASN B 149 -13.39 3.86 -7.86
N GLY B 150 -12.32 3.05 -7.88
CA GLY B 150 -10.97 3.54 -7.68
C GLY B 150 -10.22 2.65 -6.71
N GLY B 151 -10.97 2.08 -5.73
CA GLY B 151 -10.44 1.09 -4.77
C GLY B 151 -9.59 1.68 -3.65
N TRP B 152 -8.61 2.47 -4.06
CA TRP B 152 -7.74 3.24 -3.18
C TRP B 152 -8.35 4.63 -2.92
N ASP B 153 -9.24 5.05 -3.85
CA ASP B 153 -9.95 6.33 -3.75
C ASP B 153 -11.05 6.28 -2.68
N THR B 154 -11.34 5.07 -2.18
CA THR B 154 -12.35 4.79 -1.17
C THR B 154 -11.92 5.39 0.17
N PHE B 155 -10.65 5.12 0.56
CA PHE B 155 -10.06 5.64 1.81
C PHE B 155 -10.01 7.18 1.77
N VAL B 156 -9.90 7.71 0.55
CA VAL B 156 -9.85 9.16 0.30
C VAL B 156 -11.26 9.78 0.38
N GLU B 157 -12.29 8.98 -0.02
CA GLU B 157 -13.72 9.34 0.13
C GLU B 157 -14.08 9.49 1.61
N LEU B 158 -13.55 8.57 2.43
CA LEU B 158 -13.86 8.52 3.85
C LEU B 158 -13.14 9.68 4.56
N TYR B 159 -11.79 9.70 4.48
CA TYR B 159 -10.94 10.58 5.33
C TYR B 159 -11.00 12.02 4.80
N GLY B 160 -10.52 12.20 3.55
CA GLY B 160 -10.31 13.52 2.97
C GLY B 160 -11.60 14.25 2.62
N ASN B 161 -12.61 13.47 2.19
CA ASN B 161 -13.91 14.03 1.74
C ASN B 161 -14.98 13.97 2.86
N ASN B 162 -14.72 13.17 3.93
CA ASN B 162 -15.54 13.16 5.17
C ASN B 162 -16.95 12.55 4.91
N ALA B 163 -17.10 11.92 3.72
CA ALA B 163 -18.38 11.38 3.22
C ALA B 163 -18.97 10.33 4.17
N ALA B 164 -18.08 9.50 4.73
CA ALA B 164 -18.45 8.42 5.64
C ALA B 164 -18.97 8.95 6.98
N ALA B 165 -18.47 10.12 7.39
CA ALA B 165 -18.90 10.77 8.64
C ALA B 165 -20.31 11.35 8.49
N GLU B 166 -20.55 11.92 7.31
CA GLU B 166 -21.83 12.51 6.93
C GLU B 166 -22.92 11.44 6.77
N SER B 167 -22.52 10.27 6.27
CA SER B 167 -23.42 9.11 6.09
C SER B 167 -23.62 8.33 7.40
N ARG B 168 -22.65 8.48 8.32
CA ARG B 168 -22.71 7.92 9.70
C ARG B 168 -23.86 8.57 10.49
N LYS B 169 -24.10 9.86 10.20
CA LYS B 169 -25.14 10.66 10.88
C LYS B 169 -26.55 10.08 10.69
N GLY B 170 -26.75 9.42 9.55
CA GLY B 170 -28.06 8.90 9.15
C GLY B 170 -29.02 10.03 8.80
N GLN B 171 -28.46 11.10 8.20
CA GLN B 171 -29.22 12.30 7.77
C GLN B 171 -30.12 12.00 6.56
N GLU B 172 -29.84 10.87 5.88
CA GLU B 172 -30.56 10.39 4.70
C GLU B 172 -30.38 11.39 3.55
N ARG B 173 -29.22 11.31 2.88
CA ARG B 173 -28.84 12.15 1.75
C ARG B 173 -29.55 11.70 0.47
N LEU B 174 -29.82 10.37 0.43
CA LEU B 174 -30.33 9.65 -0.76
C LEU B 174 -29.31 9.73 -1.93
N GLU B 175 -29.72 9.35 -3.16
CA GLU B 175 -28.86 9.44 -4.36
C GLU B 175 -29.71 9.28 -5.64
N ASP A 1 -18.15 13.23 16.61
CA ASP A 1 -19.16 12.17 16.39
C ASP A 1 -19.00 11.54 14.99
N GLY A 2 -18.80 12.41 13.97
CA GLY A 2 -18.68 11.96 12.59
C GLY A 2 -17.23 11.97 12.11
N GLY A 3 -16.41 11.09 12.70
CA GLY A 3 -15.03 10.89 12.27
C GLY A 3 -14.97 10.00 11.04
N THR A 4 -14.33 10.49 9.97
CA THR A 4 -14.04 9.69 8.77
C THR A 4 -12.59 9.16 8.82
N THR A 5 -11.79 9.72 9.75
CA THR A 5 -10.34 9.48 9.86
C THR A 5 -9.96 8.04 10.28
N PHE A 6 -8.67 7.86 10.59
CA PHE A 6 -8.00 6.57 10.84
C PHE A 6 -8.67 5.80 11.98
N GLU A 7 -9.16 6.55 12.97
CA GLU A 7 -9.82 6.00 14.17
C GLU A 7 -11.05 5.20 13.75
N HIS A 8 -11.84 5.82 12.87
CA HIS A 8 -13.07 5.22 12.32
C HIS A 8 -12.76 4.02 11.43
N LEU A 9 -11.81 4.27 10.49
CA LEU A 9 -11.39 3.31 9.48
C LEU A 9 -10.99 2.00 10.14
N TRP A 10 -9.94 2.07 10.96
CA TRP A 10 -9.31 0.91 11.59
C TRP A 10 -10.15 0.31 12.71
N SER A 11 -11.13 1.07 13.25
CA SER A 11 -12.08 0.54 14.24
C SER A 11 -12.95 -0.54 13.59
N SER A 12 -13.46 -0.22 12.39
CA SER A 12 -14.29 -1.13 11.60
C SER A 12 -13.44 -2.15 10.79
N LEU A 13 -12.25 -1.70 10.37
CA LEU A 13 -11.37 -2.44 9.42
C LEU A 13 -10.51 -3.53 10.11
N GLU A 14 -10.18 -3.31 11.39
CA GLU A 14 -9.32 -4.23 12.16
C GLU A 14 -9.99 -5.64 12.31
N PRO A 15 -11.28 -5.76 12.81
CA PRO A 15 -11.94 -7.10 12.91
C PRO A 15 -12.32 -7.68 11.53
N ASP A 16 -12.19 -6.86 10.46
CA ASP A 16 -12.44 -7.29 9.08
C ASP A 16 -11.21 -8.07 8.55
N MET B 5 -5.30 -1.07 -16.06
CA MET B 5 -4.42 0.10 -16.29
C MET B 5 -3.07 -0.14 -15.61
N SER B 6 -3.12 -0.30 -14.27
CA SER B 6 -2.01 -0.76 -13.39
C SER B 6 -0.94 0.32 -13.12
N GLN B 7 -0.68 1.22 -14.11
CA GLN B 7 0.46 2.19 -14.10
C GLN B 7 0.52 3.03 -12.82
N SER B 8 -0.60 3.72 -12.51
CA SER B 8 -0.72 4.58 -11.30
C SER B 8 -0.65 3.73 -10.01
N ASN B 9 -1.18 2.49 -10.08
CA ASN B 9 -1.15 1.54 -8.95
C ASN B 9 0.27 0.96 -8.73
N ARG B 10 1.09 1.01 -9.79
CA ARG B 10 2.51 0.64 -9.71
C ARG B 10 3.25 1.76 -8.96
N GLU B 11 3.00 3.02 -9.38
CA GLU B 11 3.59 4.23 -8.74
C GLU B 11 3.17 4.32 -7.26
N LEU B 12 1.98 3.77 -6.97
CA LEU B 12 1.45 3.57 -5.61
C LEU B 12 2.40 2.68 -4.80
N VAL B 13 2.65 1.46 -5.34
CA VAL B 13 3.55 0.47 -4.70
C VAL B 13 4.98 1.02 -4.58
N VAL B 14 5.43 1.77 -5.61
CA VAL B 14 6.80 2.34 -5.68
C VAL B 14 7.01 3.35 -4.56
N ASP B 15 6.05 4.28 -4.45
CA ASP B 15 6.00 5.31 -3.39
C ASP B 15 6.11 4.65 -2.02
N PHE B 16 5.30 3.59 -1.84
CA PHE B 16 5.15 2.92 -0.55
C PHE B 16 6.46 2.22 -0.13
N LEU B 17 7.09 1.50 -1.09
CA LEU B 17 8.36 0.80 -0.87
C LEU B 17 9.48 1.80 -0.52
N SER B 18 9.47 2.96 -1.23
CA SER B 18 10.48 4.03 -1.05
C SER B 18 10.42 4.60 0.38
N TYR B 19 9.20 4.83 0.89
CA TYR B 19 8.97 5.40 2.25
C TYR B 19 9.36 4.39 3.35
N LYS B 20 9.15 3.09 3.08
CA LYS B 20 9.59 2.00 3.99
C LYS B 20 11.14 1.92 4.04
N LEU B 21 11.76 2.12 2.88
CA LEU B 21 13.22 2.14 2.69
C LEU B 21 13.83 3.41 3.30
N SER B 22 13.00 4.46 3.38
CA SER B 22 13.35 5.77 3.99
C SER B 22 13.59 5.67 5.52
N GLN B 23 13.20 4.54 6.15
CA GLN B 23 13.58 4.22 7.53
C GLN B 23 15.13 4.11 7.66
N LYS B 24 15.77 3.80 6.53
CA LYS B 24 17.26 3.75 6.40
C LYS B 24 17.78 5.10 5.88
N GLY B 25 16.83 5.95 5.46
CA GLY B 25 17.11 7.18 4.73
C GLY B 25 17.41 6.90 3.26
N TYR B 26 16.82 5.81 2.73
CA TYR B 26 17.14 5.29 1.40
C TYR B 26 15.86 5.26 0.52
N SER B 27 16.05 5.25 -0.80
CA SER B 27 14.98 5.05 -1.78
C SER B 27 15.55 4.32 -3.01
N TRP B 28 14.83 3.32 -3.52
CA TRP B 28 15.21 2.61 -4.76
C TRP B 28 14.85 3.47 -5.99
N SER B 29 13.99 4.49 -5.76
CA SER B 29 13.50 5.41 -6.80
C SER B 29 14.57 6.45 -7.18
N GLN B 30 15.70 6.48 -6.43
CA GLN B 30 16.86 7.33 -6.75
C GLN B 30 17.46 6.91 -8.10
N PHE B 31 17.73 5.58 -8.23
CA PHE B 31 18.36 4.97 -9.42
C PHE B 31 17.32 4.87 -10.54
N SER B 32 16.10 4.49 -10.11
CA SER B 32 14.94 4.39 -11.00
C SER B 32 14.49 5.78 -11.55
N ASP B 33 14.97 6.87 -10.90
CA ASP B 33 14.66 8.27 -11.27
C ASP B 33 13.14 8.55 -11.25
N VAL B 34 12.39 7.78 -10.43
CA VAL B 34 10.94 7.94 -10.28
C VAL B 34 10.60 8.56 -8.90
N GLU B 35 11.55 9.41 -8.43
CA GLU B 35 11.38 10.30 -7.22
C GLU B 35 10.15 11.22 -7.33
N GLU B 36 9.61 11.31 -8.57
CA GLU B 36 8.33 11.96 -8.90
C GLU B 36 7.15 11.43 -8.05
N ASN B 37 7.31 10.21 -7.46
CA ASN B 37 6.31 9.58 -6.59
C ASN B 37 6.01 10.40 -5.32
N ARG B 38 6.93 11.32 -4.96
CA ARG B 38 6.82 12.15 -3.75
C ARG B 38 5.76 13.26 -3.92
N THR B 39 5.50 13.61 -5.18
CA THR B 39 4.40 14.51 -5.57
C THR B 39 3.03 13.85 -5.25
N GLU B 40 1.97 14.67 -5.20
CA GLU B 40 0.58 14.20 -5.03
C GLU B 40 0.20 13.24 -6.17
N ALA B 41 0.60 13.63 -7.40
CA ALA B 41 0.41 12.88 -8.64
C ALA B 41 1.10 13.63 -9.79
N PRO B 42 1.82 12.93 -10.72
CA PRO B 42 2.38 13.54 -11.96
C PRO B 42 1.26 13.76 -12.99
N GLU B 43 0.17 12.98 -12.82
CA GLU B 43 -1.02 13.01 -13.65
C GLU B 43 -1.97 14.13 -13.18
N GLY B 44 -1.87 14.45 -11.88
CA GLY B 44 -2.65 15.51 -11.24
C GLY B 44 -4.13 15.22 -11.16
N THR B 45 -4.47 13.93 -11.14
CA THR B 45 -5.89 13.47 -11.12
C THR B 45 -6.40 13.24 -9.67
N GLU B 46 -5.45 13.12 -8.72
CA GLU B 46 -5.70 12.66 -7.32
C GLU B 46 -6.14 11.18 -7.26
N SER B 47 -6.08 10.47 -8.41
CA SER B 47 -6.39 9.04 -8.50
C SER B 47 -5.21 8.20 -8.02
N GLU B 48 -4.01 8.80 -8.09
CA GLU B 48 -2.76 8.20 -7.61
C GLU B 48 -2.60 8.45 -6.09
N ALA B 49 -3.32 9.48 -5.56
CA ALA B 49 -3.27 9.90 -4.13
C ALA B 49 -3.59 8.74 -3.15
N VAL B 50 -4.19 7.66 -3.69
CA VAL B 50 -4.44 6.39 -2.99
C VAL B 50 -3.20 5.92 -2.20
N LYS B 51 -2.00 6.09 -2.81
CA LYS B 51 -0.72 5.68 -2.21
C LYS B 51 -0.54 6.22 -0.77
N GLN B 52 -0.87 7.52 -0.56
CA GLN B 52 -0.69 8.20 0.73
C GLN B 52 -1.82 7.85 1.69
N ALA B 53 -3.03 7.63 1.13
CA ALA B 53 -4.21 7.21 1.89
C ALA B 53 -3.97 5.81 2.51
N LEU B 54 -3.19 4.99 1.79
CA LEU B 54 -2.78 3.65 2.23
C LEU B 54 -1.47 3.68 3.03
N ARG B 55 -0.60 4.65 2.72
CA ARG B 55 0.73 4.76 3.34
C ARG B 55 0.56 5.19 4.80
N GLU B 56 -0.11 6.33 5.02
CA GLU B 56 -0.34 6.90 6.37
C GLU B 56 -1.12 5.90 7.25
N ALA B 57 -2.14 5.27 6.64
CA ALA B 57 -3.03 4.32 7.34
C ALA B 57 -2.32 3.01 7.65
N GLY B 58 -1.56 2.50 6.66
CA GLY B 58 -0.87 1.23 6.77
C GLY B 58 0.22 1.29 7.81
N ASP B 59 0.99 2.41 7.76
CA ASP B 59 2.06 2.74 8.73
C ASP B 59 1.49 2.88 10.15
N GLU B 60 0.31 3.53 10.29
CA GLU B 60 -0.27 3.82 11.61
C GLU B 60 -0.76 2.54 12.31
N PHE B 61 -1.49 1.71 11.54
CA PHE B 61 -1.99 0.40 12.01
C PHE B 61 -0.82 -0.56 12.32
N GLU B 62 0.29 -0.37 11.57
CA GLU B 62 1.42 -1.31 11.48
C GLU B 62 2.04 -1.61 12.85
N LEU B 63 2.64 -0.60 13.50
CA LEU B 63 3.69 -0.75 14.57
C LEU B 63 3.62 -2.04 15.47
N ARG B 64 2.58 -2.18 16.34
CA ARG B 64 2.44 -3.38 17.23
C ARG B 64 2.15 -4.65 16.40
N TYR B 65 1.30 -4.46 15.39
CA TYR B 65 0.98 -5.52 14.43
C TYR B 65 2.17 -5.79 13.51
N ARG B 66 3.15 -4.85 13.44
CA ARG B 66 4.37 -5.01 12.62
C ARG B 66 5.32 -5.95 13.35
N ARG B 67 5.32 -5.88 14.68
CA ARG B 67 5.99 -6.87 15.54
C ARG B 67 5.39 -8.27 15.26
N ALA B 68 4.04 -8.31 15.15
CA ALA B 68 3.31 -9.55 14.79
C ALA B 68 3.63 -9.97 13.32
N PHE B 69 3.75 -8.96 12.43
CA PHE B 69 4.03 -9.17 11.01
C PHE B 69 5.45 -9.71 10.86
N SER B 70 6.34 -9.23 11.77
CA SER B 70 7.76 -9.63 11.83
C SER B 70 7.89 -11.09 12.24
N ASP B 71 6.97 -11.55 13.12
CA ASP B 71 6.84 -12.97 13.49
C ASP B 71 6.44 -13.83 12.27
N LEU B 72 5.61 -13.26 11.35
CA LEU B 72 5.15 -13.96 10.13
C LEU B 72 6.26 -14.02 9.05
N THR B 73 6.87 -12.85 8.79
CA THR B 73 7.94 -12.69 7.80
C THR B 73 9.27 -13.29 8.30
N SER B 74 9.34 -13.58 9.61
CA SER B 74 10.45 -14.34 10.22
C SER B 74 10.67 -15.68 9.48
N GLN B 75 9.58 -16.26 8.94
CA GLN B 75 9.61 -17.51 8.17
C GLN B 75 10.19 -17.27 6.76
N LEU B 76 9.78 -16.17 6.15
CA LEU B 76 10.24 -15.72 4.82
C LEU B 76 11.48 -14.85 5.06
N HIS B 77 12.58 -15.55 5.42
CA HIS B 77 13.84 -14.94 5.90
C HIS B 77 14.45 -13.96 4.89
N ILE B 78 14.14 -14.21 3.59
CA ILE B 78 14.73 -13.50 2.45
C ILE B 78 16.25 -13.81 2.39
N THR B 79 16.59 -14.85 1.61
CA THR B 79 17.98 -15.29 1.40
C THR B 79 18.51 -14.75 0.05
N PRO B 80 19.87 -14.70 -0.17
CA PRO B 80 20.43 -14.36 -1.49
C PRO B 80 20.09 -15.47 -2.52
N GLY B 81 19.13 -15.17 -3.41
CA GLY B 81 18.70 -16.13 -4.44
C GLY B 81 17.30 -16.68 -4.22
N THR B 82 16.61 -16.26 -3.13
CA THR B 82 15.24 -16.75 -2.83
C THR B 82 14.23 -16.23 -3.87
N ALA B 83 13.17 -16.99 -4.10
CA ALA B 83 12.15 -16.68 -5.11
C ALA B 83 10.91 -16.06 -4.46
N TYR B 84 9.95 -15.67 -5.32
CA TYR B 84 8.70 -15.03 -4.92
C TYR B 84 7.73 -16.03 -4.22
N GLN B 85 8.08 -17.36 -4.20
CA GLN B 85 7.34 -18.42 -3.46
C GLN B 85 6.92 -17.98 -2.03
N SER B 86 7.80 -17.21 -1.36
CA SER B 86 7.54 -16.65 -0.02
C SER B 86 6.28 -15.74 -0.04
N PHE B 87 6.24 -14.87 -1.07
CA PHE B 87 5.15 -13.90 -1.26
C PHE B 87 3.88 -14.65 -1.73
N GLU B 88 4.07 -15.73 -2.51
CA GLU B 88 2.98 -16.63 -2.97
C GLU B 88 2.28 -17.29 -1.78
N GLN B 89 3.09 -17.65 -0.77
CA GLN B 89 2.61 -18.20 0.50
C GLN B 89 1.69 -17.18 1.18
N VAL B 90 2.17 -15.92 1.28
CA VAL B 90 1.41 -14.81 1.89
C VAL B 90 0.11 -14.48 1.11
N VAL B 91 0.16 -14.62 -0.25
CA VAL B 91 -1.04 -14.48 -1.11
C VAL B 91 -2.05 -15.60 -0.78
N ASN B 92 -1.52 -16.82 -0.61
CA ASN B 92 -2.31 -18.04 -0.35
C ASN B 92 -3.04 -17.96 1.02
N GLU B 93 -2.41 -17.25 1.98
CA GLU B 93 -2.99 -17.05 3.34
C GLU B 93 -4.08 -15.97 3.32
N LEU B 94 -3.73 -14.75 2.87
CA LEU B 94 -4.62 -13.57 2.96
C LEU B 94 -5.81 -13.69 1.98
N PHE B 95 -5.51 -14.05 0.73
CA PHE B 95 -6.52 -14.16 -0.36
C PHE B 95 -7.35 -15.45 -0.24
N ARG B 96 -7.17 -16.18 0.86
CA ARG B 96 -8.06 -17.27 1.29
C ARG B 96 -9.29 -16.73 2.00
N ASP B 97 -9.09 -15.66 2.79
CA ASP B 97 -10.15 -15.03 3.58
C ASP B 97 -10.96 -14.05 2.73
N GLY B 98 -10.72 -14.10 1.39
CA GLY B 98 -11.46 -13.29 0.44
C GLY B 98 -10.52 -12.50 -0.45
N VAL B 99 -10.94 -11.30 -0.89
CA VAL B 99 -10.11 -10.44 -1.76
C VAL B 99 -9.53 -9.25 -0.95
N ASN B 100 -10.05 -9.08 0.30
CA ASN B 100 -9.38 -8.46 1.40
C ASN B 100 -9.30 -6.95 1.23
N TRP B 101 -10.44 -6.26 1.17
CA TRP B 101 -10.45 -4.79 0.96
C TRP B 101 -9.62 -3.98 2.04
N GLY B 102 -9.21 -4.68 3.13
CA GLY B 102 -8.26 -4.14 4.11
C GLY B 102 -7.04 -5.04 4.35
N ARG B 103 -7.17 -6.37 4.16
CA ARG B 103 -6.01 -7.27 4.37
C ARG B 103 -5.08 -7.24 3.13
N ILE B 104 -5.58 -6.65 2.00
CA ILE B 104 -4.78 -6.37 0.78
C ILE B 104 -3.87 -5.12 0.96
N VAL B 105 -4.35 -4.08 1.71
CA VAL B 105 -3.45 -2.95 2.08
C VAL B 105 -2.41 -3.45 3.11
N ALA B 106 -2.85 -4.43 3.92
CA ALA B 106 -1.97 -5.15 4.83
C ALA B 106 -1.03 -6.10 4.05
N PHE B 107 -1.49 -6.62 2.90
CA PHE B 107 -0.68 -7.49 2.03
C PHE B 107 0.58 -6.77 1.53
N PHE B 108 0.41 -5.60 0.92
CA PHE B 108 1.56 -4.84 0.41
C PHE B 108 2.28 -4.06 1.53
N SER B 109 1.64 -3.92 2.75
CA SER B 109 2.36 -3.44 3.95
C SER B 109 3.46 -4.46 4.35
N PHE B 110 3.14 -5.79 4.22
CA PHE B 110 4.13 -6.87 4.31
C PHE B 110 5.20 -6.64 3.25
N GLY B 111 4.75 -6.46 1.98
CA GLY B 111 5.64 -6.24 0.84
C GLY B 111 6.58 -5.05 1.03
N GLY B 112 6.10 -4.05 1.80
CA GLY B 112 6.90 -2.87 2.14
C GLY B 112 8.02 -3.25 3.10
N ALA B 113 7.65 -4.01 4.15
CA ALA B 113 8.59 -4.51 5.17
C ALA B 113 9.59 -5.51 4.55
N LEU B 114 9.11 -6.29 3.56
CA LEU B 114 9.90 -7.29 2.83
C LEU B 114 10.96 -6.63 1.95
N CYS B 115 10.60 -5.47 1.36
CA CYS B 115 11.54 -4.64 0.58
C CYS B 115 12.61 -4.03 1.51
N VAL B 116 12.23 -3.69 2.76
CA VAL B 116 13.19 -3.25 3.79
C VAL B 116 14.16 -4.40 4.14
N GLU B 117 13.59 -5.60 4.38
CA GLU B 117 14.36 -6.84 4.69
C GLU B 117 15.34 -7.18 3.57
N SER B 118 14.90 -6.98 2.31
CA SER B 118 15.69 -7.32 1.13
C SER B 118 16.85 -6.34 0.92
N VAL B 119 16.61 -5.02 1.09
CA VAL B 119 17.71 -4.01 1.02
C VAL B 119 18.68 -4.19 2.20
N ASP B 120 18.13 -4.61 3.34
CA ASP B 120 18.88 -4.92 4.57
C ASP B 120 19.72 -6.20 4.37
N LYS B 121 19.33 -7.01 3.37
CA LYS B 121 20.00 -8.27 3.02
C LYS B 121 20.95 -8.04 1.82
N GLU B 122 20.96 -6.77 1.31
CA GLU B 122 21.73 -6.33 0.12
C GLU B 122 21.22 -7.03 -1.16
N MET B 123 19.97 -7.48 -1.07
CA MET B 123 19.21 -8.12 -2.14
C MET B 123 18.11 -7.16 -2.62
N GLN B 124 18.49 -5.88 -2.74
CA GLN B 124 17.68 -4.81 -3.40
C GLN B 124 17.11 -5.23 -4.79
N VAL B 125 17.79 -6.18 -5.47
CA VAL B 125 17.31 -6.76 -6.76
C VAL B 125 15.95 -7.48 -6.55
N LEU B 126 15.76 -8.07 -5.35
CA LEU B 126 14.48 -8.67 -4.92
C LEU B 126 13.39 -7.59 -4.84
N VAL B 127 13.72 -6.35 -4.38
CA VAL B 127 12.69 -5.29 -4.19
C VAL B 127 12.19 -4.77 -5.55
N SER B 128 13.11 -4.69 -6.54
CA SER B 128 12.75 -4.33 -7.92
C SER B 128 11.92 -5.46 -8.57
N ARG B 129 12.16 -6.72 -8.12
CA ARG B 129 11.34 -7.87 -8.49
C ARG B 129 9.95 -7.83 -7.80
N ILE B 130 9.91 -7.44 -6.49
CA ILE B 130 8.66 -7.45 -5.66
C ILE B 130 7.62 -6.53 -6.29
N ALA B 131 8.09 -5.37 -6.78
CA ALA B 131 7.26 -4.40 -7.50
C ALA B 131 6.62 -5.05 -8.75
N ALA B 132 7.43 -5.83 -9.50
CA ALA B 132 7.00 -6.49 -10.75
C ALA B 132 5.98 -7.61 -10.48
N TRP B 133 6.30 -8.52 -9.52
CA TRP B 133 5.43 -9.66 -9.17
C TRP B 133 4.06 -9.17 -8.66
N MET B 134 4.08 -8.19 -7.75
CA MET B 134 2.85 -7.65 -7.15
C MET B 134 2.04 -6.84 -8.17
N ALA B 135 2.74 -6.22 -9.15
CA ALA B 135 2.09 -5.43 -10.22
C ALA B 135 1.34 -6.33 -11.22
N THR B 136 1.87 -7.53 -11.46
CA THR B 136 1.24 -8.51 -12.38
C THR B 136 -0.06 -9.06 -11.77
N TYR B 137 -0.05 -9.31 -10.44
CA TYR B 137 -1.25 -9.74 -9.70
C TYR B 137 -2.21 -8.56 -9.49
N LEU B 138 -1.63 -7.34 -9.45
CA LEU B 138 -2.37 -6.09 -9.25
C LEU B 138 -3.37 -5.88 -10.39
N ASN B 139 -2.90 -6.00 -11.65
CA ASN B 139 -3.78 -5.86 -12.84
C ASN B 139 -4.63 -7.13 -13.07
N ASP B 140 -4.23 -8.24 -12.43
CA ASP B 140 -4.82 -9.58 -12.66
C ASP B 140 -6.23 -9.70 -12.07
N HIS B 141 -6.36 -9.64 -10.73
CA HIS B 141 -7.67 -9.87 -10.04
C HIS B 141 -7.86 -8.90 -8.87
N LEU B 142 -6.92 -7.96 -8.68
CA LEU B 142 -6.88 -7.07 -7.50
C LEU B 142 -7.48 -5.70 -7.87
N GLU B 143 -7.02 -5.18 -9.02
CA GLU B 143 -7.40 -3.85 -9.54
C GLU B 143 -8.93 -3.68 -9.73
N PRO B 144 -9.71 -4.70 -10.28
CA PRO B 144 -11.20 -4.62 -10.31
C PRO B 144 -11.81 -4.36 -8.92
N TRP B 145 -11.31 -5.11 -7.93
CA TRP B 145 -11.83 -5.10 -6.54
C TRP B 145 -11.38 -3.86 -5.77
N ILE B 146 -10.35 -3.18 -6.30
CA ILE B 146 -9.94 -1.86 -5.79
C ILE B 146 -10.78 -0.74 -6.43
N GLN B 147 -10.92 -0.81 -7.77
CA GLN B 147 -11.54 0.26 -8.59
C GLN B 147 -13.07 0.13 -8.65
N GLU B 148 -13.64 -0.83 -7.89
CA GLU B 148 -15.08 -0.86 -7.56
C GLU B 148 -15.47 0.34 -6.64
N ASN B 149 -14.45 1.14 -6.22
CA ASN B 149 -14.58 2.35 -5.36
C ASN B 149 -14.82 1.99 -3.89
N GLY B 150 -14.64 0.69 -3.59
CA GLY B 150 -14.73 0.18 -2.22
C GLY B 150 -13.41 -0.42 -1.74
N GLY B 151 -12.47 -0.65 -2.67
CA GLY B 151 -11.17 -1.24 -2.35
C GLY B 151 -10.25 -0.29 -1.60
N TRP B 152 -9.48 0.55 -2.34
CA TRP B 152 -8.51 1.49 -1.75
C TRP B 152 -8.94 2.95 -1.97
N ASP B 153 -9.89 3.16 -2.89
CA ASP B 153 -10.39 4.50 -3.28
C ASP B 153 -11.16 5.17 -2.12
N THR B 154 -11.70 4.34 -1.23
CA THR B 154 -12.54 4.78 -0.12
C THR B 154 -11.71 5.44 1.00
N PHE B 155 -10.42 5.01 1.13
CA PHE B 155 -9.45 5.62 2.08
C PHE B 155 -9.23 7.08 1.66
N VAL B 156 -9.18 7.28 0.33
CA VAL B 156 -8.99 8.58 -0.32
C VAL B 156 -10.19 9.51 -0.08
N GLU B 157 -11.41 8.91 -0.10
CA GLU B 157 -12.65 9.65 0.21
C GLU B 157 -12.62 10.19 1.66
N LEU B 158 -12.13 9.35 2.60
CA LEU B 158 -12.12 9.68 4.03
C LEU B 158 -11.06 10.74 4.38
N TYR B 159 -9.88 10.63 3.74
CA TYR B 159 -8.68 11.45 4.07
C TYR B 159 -8.65 12.71 3.22
N GLY B 160 -8.86 12.52 1.92
CA GLY B 160 -8.86 13.61 0.95
C GLY B 160 -10.02 14.57 1.14
N ASN B 161 -9.86 15.79 0.62
CA ASN B 161 -10.84 16.90 0.74
C ASN B 161 -12.17 16.59 0.01
N ASN B 162 -12.13 15.62 -0.94
CA ASN B 162 -13.30 15.17 -1.76
C ASN B 162 -13.73 16.28 -2.76
N ALA B 163 -12.86 17.31 -2.89
CA ALA B 163 -13.07 18.50 -3.71
C ALA B 163 -13.07 18.14 -5.21
N ALA B 164 -12.37 17.04 -5.55
CA ALA B 164 -12.31 16.49 -6.91
C ALA B 164 -13.64 15.85 -7.29
N ALA B 165 -14.24 15.12 -6.33
CA ALA B 165 -15.56 14.46 -6.51
C ALA B 165 -16.65 15.50 -6.75
N GLU B 166 -16.52 16.62 -6.04
CA GLU B 166 -17.41 17.76 -6.18
C GLU B 166 -17.20 18.49 -7.53
N SER B 167 -15.94 18.60 -7.99
CA SER B 167 -15.62 19.31 -9.26
C SER B 167 -16.14 18.54 -10.49
N ARG B 168 -16.25 17.20 -10.35
CA ARG B 168 -16.82 16.31 -11.38
C ARG B 168 -18.32 16.62 -11.61
N LYS B 169 -18.97 17.02 -10.53
CA LYS B 169 -20.40 17.36 -10.49
C LYS B 169 -20.63 18.71 -11.19
N GLY B 170 -19.79 19.69 -10.82
CA GLY B 170 -19.91 21.08 -11.30
C GLY B 170 -21.17 21.74 -10.76
N GLN B 171 -21.64 21.22 -9.58
CA GLN B 171 -22.90 21.62 -8.92
C GLN B 171 -24.15 21.39 -9.81
N GLU B 172 -23.95 20.84 -11.05
CA GLU B 172 -24.99 20.79 -12.12
C GLU B 172 -25.48 22.23 -12.48
N ARG B 173 -24.66 23.23 -12.09
CA ARG B 173 -25.03 24.64 -12.00
C ARG B 173 -26.42 24.88 -11.35
N LEU B 174 -26.80 23.92 -10.46
CA LEU B 174 -28.06 23.86 -9.70
C LEU B 174 -29.30 24.12 -10.57
N GLU B 175 -29.67 25.41 -10.74
CA GLU B 175 -30.87 25.86 -11.46
C GLU B 175 -30.49 27.00 -12.43
N ASP A 1 -6.68 10.29 25.45
CA ASP A 1 -6.57 10.73 24.03
C ASP A 1 -7.47 9.87 23.14
N GLY A 2 -7.44 10.15 21.83
CA GLY A 2 -8.20 9.37 20.85
C GLY A 2 -7.56 9.45 19.47
N GLY A 3 -8.35 9.11 18.44
CA GLY A 3 -7.88 9.16 17.05
C GLY A 3 -9.06 9.12 16.10
N THR A 4 -9.51 10.33 15.70
CA THR A 4 -10.66 10.49 14.80
C THR A 4 -10.44 9.69 13.50
N THR A 5 -11.44 8.87 13.14
CA THR A 5 -11.36 7.87 12.07
C THR A 5 -10.51 6.67 12.49
N PHE A 6 -9.23 6.92 12.66
CA PHE A 6 -8.16 5.90 12.61
C PHE A 6 -8.29 4.84 13.71
N GLU A 7 -8.50 5.32 14.93
CA GLU A 7 -8.56 4.48 16.14
C GLU A 7 -9.76 3.53 16.06
N HIS A 8 -10.94 4.12 15.81
CA HIS A 8 -12.22 3.36 15.69
C HIS A 8 -12.21 2.36 14.52
N LEU A 9 -11.79 2.89 13.35
CA LEU A 9 -11.77 2.16 12.07
C LEU A 9 -11.01 0.85 12.20
N TRP A 10 -9.74 0.99 12.56
CA TRP A 10 -8.78 -0.11 12.60
C TRP A 10 -8.97 -1.02 13.82
N SER A 11 -9.67 -0.51 14.83
CA SER A 11 -10.03 -1.30 16.02
C SER A 11 -11.05 -2.38 15.65
N SER A 12 -12.07 -1.97 14.89
CA SER A 12 -13.14 -2.84 14.40
C SER A 12 -12.70 -3.68 13.19
N LEU A 13 -11.80 -3.07 12.38
CA LEU A 13 -11.31 -3.65 11.12
C LEU A 13 -10.17 -4.69 11.36
N GLU A 14 -9.54 -4.61 12.55
CA GLU A 14 -8.46 -5.53 12.96
C GLU A 14 -8.93 -7.02 12.85
N PRO A 15 -9.99 -7.51 13.59
CA PRO A 15 -10.41 -8.91 13.51
C PRO A 15 -11.38 -9.17 12.32
N ASP A 16 -11.81 -8.09 11.64
CA ASP A 16 -12.79 -8.16 10.55
C ASP A 16 -12.07 -8.47 9.23
N MET B 5 -3.43 -0.95 -15.60
CA MET B 5 -2.49 0.08 -15.12
C MET B 5 -1.25 -0.60 -14.51
N SER B 6 -0.59 -1.47 -15.30
CA SER B 6 0.51 -2.33 -14.81
C SER B 6 1.71 -1.50 -14.30
N GLN B 7 2.10 -0.48 -15.09
CA GLN B 7 3.25 0.40 -14.78
C GLN B 7 2.90 1.41 -13.68
N SER B 8 1.67 1.95 -13.72
CA SER B 8 1.20 2.97 -12.77
C SER B 8 1.11 2.35 -11.35
N ASN B 9 0.56 1.13 -11.27
CA ASN B 9 0.39 0.37 -10.01
C ASN B 9 1.75 -0.07 -9.46
N ARG B 10 2.66 -0.35 -10.39
CA ARG B 10 4.07 -0.71 -10.08
C ARG B 10 4.76 0.44 -9.34
N GLU B 11 4.55 1.66 -9.85
CA GLU B 11 5.15 2.90 -9.31
C GLU B 11 4.44 3.32 -8.01
N LEU B 12 3.16 2.91 -7.84
CA LEU B 12 2.45 3.07 -6.56
C LEU B 12 3.09 2.18 -5.48
N VAL B 13 3.45 0.94 -5.88
CA VAL B 13 4.19 -0.01 -5.01
C VAL B 13 5.55 0.59 -4.63
N VAL B 14 6.19 1.31 -5.59
CA VAL B 14 7.46 2.02 -5.35
C VAL B 14 7.30 3.10 -4.27
N ASP B 15 6.20 3.90 -4.36
CA ASP B 15 5.87 4.94 -3.35
C ASP B 15 5.79 4.32 -1.96
N PHE B 16 5.10 3.17 -1.88
CA PHE B 16 4.77 2.48 -0.62
C PHE B 16 6.05 1.98 0.06
N LEU B 17 6.83 1.26 -0.74
CA LEU B 17 8.10 0.63 -0.34
C LEU B 17 9.11 1.70 0.08
N SER B 18 9.08 2.85 -0.63
CA SER B 18 9.94 4.00 -0.34
C SER B 18 9.58 4.65 1.00
N TYR B 19 8.25 4.71 1.32
CA TYR B 19 7.75 5.21 2.63
C TYR B 19 8.33 4.36 3.78
N LYS B 20 8.40 3.03 3.55
CA LYS B 20 8.95 2.08 4.52
C LYS B 20 10.48 2.22 4.64
N LEU B 21 11.16 2.34 3.50
CA LEU B 21 12.63 2.49 3.43
C LEU B 21 13.10 3.83 4.06
N SER B 22 12.16 4.82 4.15
CA SER B 22 12.40 6.14 4.76
C SER B 22 12.74 6.06 6.26
N GLN B 23 12.48 4.91 6.90
CA GLN B 23 12.85 4.67 8.31
C GLN B 23 14.37 4.75 8.52
N LYS B 24 15.12 4.56 7.41
CA LYS B 24 16.59 4.64 7.38
C LYS B 24 17.03 5.94 6.69
N GLY B 25 16.05 6.61 6.10
CA GLY B 25 16.25 7.84 5.31
C GLY B 25 16.65 7.52 3.88
N TYR B 26 16.03 6.46 3.32
CA TYR B 26 16.39 5.91 2.00
C TYR B 26 15.10 5.62 1.18
N SER B 27 15.22 5.67 -0.15
CA SER B 27 14.14 5.28 -1.08
C SER B 27 14.73 4.72 -2.39
N TRP B 28 13.83 4.22 -3.27
CA TRP B 28 14.19 3.75 -4.64
C TRP B 28 14.80 4.88 -5.48
N SER B 29 14.37 6.12 -5.16
CA SER B 29 14.75 7.36 -5.86
C SER B 29 16.26 7.60 -5.80
N GLN B 30 16.89 7.08 -4.73
CA GLN B 30 18.35 7.09 -4.56
C GLN B 30 19.09 6.45 -5.75
N PHE B 31 18.55 5.31 -6.24
CA PHE B 31 19.14 4.55 -7.36
C PHE B 31 18.71 5.14 -8.73
N SER B 32 17.39 5.32 -8.92
CA SER B 32 16.80 5.66 -10.24
C SER B 32 16.74 7.17 -10.47
N ASP B 33 16.10 7.86 -9.50
CA ASP B 33 15.87 9.34 -9.48
C ASP B 33 14.69 9.78 -10.39
N VAL B 34 14.59 9.12 -11.54
CA VAL B 34 13.65 9.47 -12.61
C VAL B 34 12.20 9.04 -12.33
N GLU B 35 12.02 8.24 -11.27
CA GLU B 35 10.70 7.80 -10.78
C GLU B 35 9.82 8.99 -10.33
N GLU B 36 10.48 10.14 -10.07
CA GLU B 36 9.81 11.40 -9.71
C GLU B 36 8.94 11.87 -10.92
N ASN B 37 9.63 12.22 -12.04
CA ASN B 37 8.99 12.72 -13.27
C ASN B 37 8.30 11.59 -14.08
N ARG B 38 8.47 10.33 -13.64
CA ARG B 38 7.72 9.17 -14.18
C ARG B 38 6.23 9.26 -13.81
N THR B 39 5.95 9.96 -12.71
CA THR B 39 4.58 10.29 -12.29
C THR B 39 3.95 11.31 -13.25
N GLU B 40 4.81 12.22 -13.75
CA GLU B 40 4.47 13.38 -14.61
C GLU B 40 3.89 14.58 -13.79
N ALA B 41 3.29 14.27 -12.63
CA ALA B 41 2.52 15.23 -11.80
C ALA B 41 1.47 15.99 -12.64
N PRO B 42 0.51 15.28 -13.31
CA PRO B 42 -0.50 15.91 -14.18
C PRO B 42 -1.73 16.40 -13.38
N GLU B 43 -2.00 15.72 -12.24
CA GLU B 43 -3.08 16.03 -11.34
C GLU B 43 -2.63 15.80 -9.91
N GLY B 44 -2.63 14.52 -9.52
CA GLY B 44 -2.55 14.09 -8.14
C GLY B 44 -3.74 14.58 -7.31
N THR B 45 -4.84 14.97 -8.01
CA THR B 45 -6.02 15.62 -7.41
C THR B 45 -6.64 14.74 -6.31
N GLU B 46 -6.80 13.47 -6.65
CA GLU B 46 -7.22 12.40 -5.72
C GLU B 46 -6.38 11.12 -5.92
N SER B 47 -5.48 11.14 -6.95
CA SER B 47 -4.56 10.03 -7.22
C SER B 47 -3.51 9.93 -6.11
N GLU B 48 -3.05 11.10 -5.61
CA GLU B 48 -2.14 11.15 -4.48
C GLU B 48 -2.93 10.81 -3.21
N ALA B 49 -4.20 11.26 -3.14
CA ALA B 49 -5.05 11.09 -1.95
C ALA B 49 -5.32 9.60 -1.65
N VAL B 50 -5.23 8.75 -2.69
CA VAL B 50 -5.27 7.28 -2.53
C VAL B 50 -4.03 6.79 -1.76
N LYS B 51 -2.82 7.03 -2.32
CA LYS B 51 -1.57 6.49 -1.76
C LYS B 51 -1.27 7.11 -0.38
N GLN B 52 -1.71 8.37 -0.18
CA GLN B 52 -1.55 9.10 1.09
C GLN B 52 -2.55 8.58 2.13
N ALA B 53 -3.77 8.24 1.69
CA ALA B 53 -4.79 7.63 2.57
C ALA B 53 -4.31 6.24 3.03
N LEU B 54 -3.64 5.52 2.13
CA LEU B 54 -3.08 4.19 2.41
C LEU B 54 -1.76 4.32 3.20
N ARG B 55 -1.08 5.47 3.07
CA ARG B 55 0.15 5.80 3.81
C ARG B 55 -0.18 6.07 5.28
N GLU B 56 -1.23 6.89 5.53
CA GLU B 56 -1.63 7.29 6.89
C GLU B 56 -2.32 6.11 7.60
N ALA B 57 -3.19 5.40 6.85
CA ALA B 57 -3.90 4.20 7.35
C ALA B 57 -2.92 3.07 7.56
N GLY B 58 -1.99 2.93 6.61
CA GLY B 58 -0.96 1.92 6.65
C GLY B 58 -0.08 2.11 7.85
N ASP B 59 0.41 3.34 8.02
CA ASP B 59 1.33 3.69 9.11
C ASP B 59 0.63 3.60 10.49
N GLU B 60 -0.69 3.90 10.52
CA GLU B 60 -1.47 3.87 11.75
C GLU B 60 -1.59 2.42 12.27
N PHE B 61 -2.26 1.56 11.47
CA PHE B 61 -2.66 0.22 11.91
C PHE B 61 -1.43 -0.72 12.00
N GLU B 62 -0.40 -0.40 11.18
CA GLU B 62 0.74 -1.30 10.96
C GLU B 62 1.44 -1.62 12.26
N LEU B 63 1.74 -0.62 13.11
CA LEU B 63 2.57 -0.78 14.37
C LEU B 63 2.41 -2.18 15.07
N ARG B 64 1.15 -2.53 15.36
CA ARG B 64 0.75 -3.80 15.99
C ARG B 64 1.01 -4.97 15.01
N TYR B 65 0.47 -4.81 13.80
CA TYR B 65 0.69 -5.72 12.69
C TYR B 65 2.19 -5.76 12.27
N ARG B 66 3.01 -4.76 12.67
CA ARG B 66 4.40 -4.58 12.18
C ARG B 66 5.30 -5.50 12.94
N ARG B 67 5.10 -5.56 14.29
CA ARG B 67 5.77 -6.59 15.09
C ARG B 67 5.28 -7.99 14.63
N ALA B 68 3.97 -8.09 14.26
CA ALA B 68 3.39 -9.34 13.75
C ALA B 68 3.96 -9.66 12.35
N PHE B 69 4.28 -8.62 11.56
CA PHE B 69 4.82 -8.79 10.20
C PHE B 69 6.33 -8.96 10.26
N SER B 70 6.92 -8.69 11.44
CA SER B 70 8.32 -9.02 11.72
C SER B 70 8.42 -10.53 12.02
N ASP B 71 7.30 -11.11 12.54
CA ASP B 71 7.12 -12.57 12.61
C ASP B 71 6.93 -13.17 11.20
N LEU B 72 6.10 -12.48 10.38
CA LEU B 72 5.80 -12.93 9.00
C LEU B 72 7.02 -12.83 8.06
N THR B 73 7.82 -11.77 8.20
CA THR B 73 9.04 -11.56 7.41
C THR B 73 10.22 -12.34 8.02
N SER B 74 10.04 -12.82 9.28
CA SER B 74 10.95 -13.83 9.87
C SER B 74 10.71 -15.19 9.19
N GLN B 75 9.42 -15.50 8.85
CA GLN B 75 9.06 -16.72 8.07
C GLN B 75 9.58 -16.58 6.62
N LEU B 76 9.35 -15.38 6.10
CA LEU B 76 9.83 -14.93 4.76
C LEU B 76 11.21 -14.33 4.91
N HIS B 77 12.07 -15.05 5.68
CA HIS B 77 13.48 -14.67 5.91
C HIS B 77 14.20 -14.62 4.55
N ILE B 78 14.22 -13.40 4.00
CA ILE B 78 14.78 -13.10 2.69
C ILE B 78 16.25 -13.55 2.62
N THR B 79 16.45 -14.74 2.04
CA THR B 79 17.76 -15.37 1.82
C THR B 79 18.26 -14.97 0.41
N PRO B 80 19.63 -14.84 0.21
CA PRO B 80 20.23 -14.50 -1.11
C PRO B 80 19.62 -15.29 -2.30
N GLY B 81 18.88 -14.59 -3.17
CA GLY B 81 18.38 -15.14 -4.42
C GLY B 81 17.07 -15.93 -4.32
N THR B 82 16.32 -15.76 -3.20
CA THR B 82 15.04 -16.48 -3.01
C THR B 82 13.94 -16.01 -4.01
N ALA B 83 12.94 -16.88 -4.22
CA ALA B 83 11.93 -16.74 -5.27
C ALA B 83 10.58 -16.24 -4.71
N TYR B 84 9.57 -16.17 -5.60
CA TYR B 84 8.23 -15.67 -5.26
C TYR B 84 7.42 -16.68 -4.40
N GLN B 85 7.88 -17.95 -4.36
CA GLN B 85 7.19 -19.10 -3.69
C GLN B 85 6.65 -18.80 -2.27
N SER B 86 7.45 -18.10 -1.46
CA SER B 86 7.08 -17.73 -0.09
C SER B 86 5.91 -16.72 -0.11
N PHE B 87 5.97 -15.80 -1.10
CA PHE B 87 4.97 -14.75 -1.30
C PHE B 87 3.71 -15.32 -1.97
N GLU B 88 3.86 -16.40 -2.78
CA GLU B 88 2.73 -17.10 -3.42
C GLU B 88 1.87 -17.74 -2.34
N GLN B 89 2.55 -18.36 -1.36
CA GLN B 89 1.92 -18.92 -0.15
C GLN B 89 1.07 -17.83 0.54
N VAL B 90 1.73 -16.71 0.89
CA VAL B 90 1.12 -15.60 1.64
C VAL B 90 -0.09 -14.96 0.90
N VAL B 91 0.05 -14.72 -0.42
CA VAL B 91 -1.03 -14.06 -1.20
C VAL B 91 -2.26 -14.97 -1.28
N ASN B 92 -2.06 -16.31 -1.38
CA ASN B 92 -3.17 -17.29 -1.42
C ASN B 92 -3.85 -17.42 -0.04
N GLU B 93 -3.09 -17.19 1.06
CA GLU B 93 -3.64 -17.18 2.43
C GLU B 93 -4.49 -15.92 2.65
N LEU B 94 -4.03 -14.78 2.09
CA LEU B 94 -4.76 -13.50 2.17
C LEU B 94 -6.05 -13.56 1.33
N PHE B 95 -5.93 -14.00 0.07
CA PHE B 95 -7.05 -14.04 -0.90
C PHE B 95 -8.07 -15.16 -0.55
N ARG B 96 -7.73 -15.99 0.46
CA ARG B 96 -8.64 -16.98 1.06
C ARG B 96 -9.66 -16.29 1.97
N ASP B 97 -9.22 -15.19 2.61
CA ASP B 97 -10.06 -14.33 3.46
C ASP B 97 -11.19 -13.69 2.64
N GLY B 98 -10.97 -13.65 1.32
CA GLY B 98 -11.80 -12.89 0.41
C GLY B 98 -10.95 -11.97 -0.42
N VAL B 99 -11.36 -10.69 -0.57
CA VAL B 99 -10.64 -9.71 -1.39
C VAL B 99 -9.95 -8.64 -0.53
N ASN B 100 -9.97 -8.81 0.83
CA ASN B 100 -9.02 -8.15 1.73
C ASN B 100 -9.25 -6.64 1.75
N TRP B 101 -10.48 -6.28 2.07
CA TRP B 101 -10.94 -4.91 2.34
C TRP B 101 -9.95 -4.11 3.25
N GLY B 102 -9.31 -4.81 4.22
CA GLY B 102 -8.24 -4.24 5.04
C GLY B 102 -6.87 -4.84 4.71
N ARG B 103 -6.84 -6.14 4.37
CA ARG B 103 -5.59 -6.91 4.24
C ARG B 103 -4.86 -6.67 2.89
N ILE B 104 -5.50 -6.00 1.91
CA ILE B 104 -4.77 -5.39 0.74
C ILE B 104 -3.81 -4.26 1.22
N VAL B 105 -4.27 -3.41 2.17
CA VAL B 105 -3.39 -2.36 2.74
C VAL B 105 -2.34 -3.03 3.65
N ALA B 106 -2.71 -4.20 4.23
CA ALA B 106 -1.76 -5.05 4.98
C ALA B 106 -0.78 -5.73 4.01
N PHE B 107 -1.24 -5.97 2.76
CA PHE B 107 -0.44 -6.62 1.70
C PHE B 107 0.68 -5.69 1.22
N PHE B 108 0.43 -4.36 1.15
CA PHE B 108 1.50 -3.39 0.82
C PHE B 108 2.45 -3.28 2.02
N SER B 109 1.88 -3.38 3.25
CA SER B 109 2.67 -3.40 4.49
C SER B 109 3.59 -4.65 4.56
N PHE B 110 3.13 -5.80 3.98
CA PHE B 110 3.96 -7.02 3.82
C PHE B 110 5.12 -6.71 2.89
N GLY B 111 4.79 -6.33 1.64
CA GLY B 111 5.77 -6.08 0.58
C GLY B 111 6.76 -4.97 0.93
N GLY B 112 6.31 -4.04 1.78
CA GLY B 112 7.12 -2.92 2.22
C GLY B 112 8.13 -3.35 3.27
N ALA B 113 7.66 -4.15 4.25
CA ALA B 113 8.52 -4.71 5.33
C ALA B 113 9.58 -5.63 4.73
N LEU B 114 9.12 -6.49 3.81
CA LEU B 114 9.94 -7.37 2.95
C LEU B 114 11.06 -6.59 2.25
N CYS B 115 10.71 -5.44 1.64
CA CYS B 115 11.68 -4.63 0.88
C CYS B 115 12.68 -3.87 1.75
N VAL B 116 12.28 -3.56 3.01
CA VAL B 116 13.22 -2.99 4.01
C VAL B 116 14.26 -4.05 4.39
N GLU B 117 13.76 -5.26 4.70
CA GLU B 117 14.57 -6.46 4.93
C GLU B 117 15.53 -6.70 3.75
N SER B 118 14.97 -6.72 2.53
CA SER B 118 15.69 -7.16 1.34
C SER B 118 16.83 -6.22 0.97
N VAL B 119 16.59 -4.89 0.91
CA VAL B 119 17.68 -3.91 0.63
C VAL B 119 18.76 -3.98 1.72
N ASP B 120 18.33 -4.15 2.98
CA ASP B 120 19.26 -4.29 4.13
C ASP B 120 20.06 -5.62 4.06
N LYS B 121 19.62 -6.54 3.19
CA LYS B 121 20.27 -7.84 2.95
C LYS B 121 20.89 -7.90 1.54
N GLU B 122 21.06 -6.71 0.88
CA GLU B 122 21.73 -6.57 -0.45
C GLU B 122 20.88 -7.18 -1.58
N MET B 123 19.62 -7.45 -1.25
CA MET B 123 18.62 -8.06 -2.13
C MET B 123 17.64 -6.99 -2.64
N GLN B 124 18.15 -5.78 -2.92
CA GLN B 124 17.42 -4.74 -3.70
C GLN B 124 17.01 -5.26 -5.12
N VAL B 125 17.76 -6.26 -5.62
CA VAL B 125 17.40 -7.00 -6.85
C VAL B 125 16.05 -7.72 -6.62
N LEU B 126 15.91 -8.28 -5.41
CA LEU B 126 14.70 -8.97 -4.96
C LEU B 126 13.57 -7.97 -4.61
N VAL B 127 13.87 -6.67 -4.32
CA VAL B 127 12.78 -5.67 -4.04
C VAL B 127 12.11 -5.24 -5.34
N SER B 128 12.91 -5.12 -6.43
CA SER B 128 12.38 -4.84 -7.77
C SER B 128 11.65 -6.08 -8.32
N ARG B 129 12.09 -7.27 -7.88
CA ARG B 129 11.44 -8.56 -8.17
C ARG B 129 10.06 -8.65 -7.44
N ILE B 130 10.03 -8.30 -6.13
CA ILE B 130 8.80 -8.33 -5.30
C ILE B 130 7.79 -7.33 -5.86
N ALA B 131 8.27 -6.10 -6.13
CA ALA B 131 7.45 -5.00 -6.68
C ALA B 131 6.90 -5.34 -8.07
N ALA B 132 7.65 -6.19 -8.82
CA ALA B 132 7.22 -6.69 -10.12
C ALA B 132 5.98 -7.59 -9.96
N TRP B 133 6.10 -8.64 -9.11
CA TRP B 133 5.00 -9.59 -8.86
C TRP B 133 3.82 -8.95 -8.11
N MET B 134 4.08 -7.94 -7.27
CA MET B 134 3.01 -7.20 -6.55
C MET B 134 2.18 -6.41 -7.56
N ALA B 135 2.89 -5.71 -8.46
CA ALA B 135 2.29 -4.92 -9.55
C ALA B 135 1.50 -5.81 -10.50
N THR B 136 2.10 -6.97 -10.82
CA THR B 136 1.52 -7.98 -11.71
C THR B 136 0.20 -8.50 -11.13
N TYR B 137 0.22 -8.84 -9.82
CA TYR B 137 -0.96 -9.31 -9.06
C TYR B 137 -2.04 -8.22 -9.00
N LEU B 138 -1.62 -6.94 -8.90
CA LEU B 138 -2.58 -5.81 -8.91
C LEU B 138 -3.34 -5.81 -10.24
N ASN B 139 -2.65 -5.65 -11.39
CA ASN B 139 -3.33 -5.61 -12.72
C ASN B 139 -3.94 -6.97 -13.11
N ASP B 140 -3.57 -8.04 -12.36
CA ASP B 140 -4.07 -9.41 -12.59
C ASP B 140 -5.52 -9.56 -12.12
N HIS B 141 -5.76 -9.37 -10.82
CA HIS B 141 -7.02 -9.75 -10.16
C HIS B 141 -7.58 -8.63 -9.29
N LEU B 142 -6.69 -7.84 -8.69
CA LEU B 142 -7.02 -6.91 -7.60
C LEU B 142 -7.48 -5.55 -8.16
N GLU B 143 -6.93 -5.20 -9.33
CA GLU B 143 -7.10 -3.88 -9.97
C GLU B 143 -8.59 -3.56 -10.27
N PRO B 144 -9.42 -4.50 -10.89
CA PRO B 144 -10.89 -4.27 -11.02
C PRO B 144 -11.55 -3.97 -9.67
N TRP B 145 -11.30 -4.87 -8.70
CA TRP B 145 -11.97 -4.89 -7.38
C TRP B 145 -11.57 -3.69 -6.50
N ILE B 146 -10.39 -3.12 -6.74
CA ILE B 146 -9.89 -1.95 -5.98
C ILE B 146 -10.31 -0.62 -6.70
N GLN B 147 -10.31 -0.65 -8.05
CA GLN B 147 -10.59 0.53 -8.94
C GLN B 147 -12.11 0.70 -9.20
N GLU B 148 -12.92 -0.16 -8.56
CA GLU B 148 -14.40 -0.01 -8.44
C GLU B 148 -14.86 1.43 -8.08
N ASN B 149 -13.93 2.19 -7.46
CA ASN B 149 -14.16 3.54 -6.90
C ASN B 149 -14.86 3.41 -5.55
N GLY B 150 -14.49 2.30 -4.86
CA GLY B 150 -14.91 2.01 -3.51
C GLY B 150 -14.04 0.92 -2.89
N GLY B 151 -12.77 0.85 -3.34
CA GLY B 151 -11.79 -0.11 -2.81
C GLY B 151 -10.79 0.58 -1.89
N TRP B 152 -9.73 1.17 -2.49
CA TRP B 152 -8.76 2.02 -1.76
C TRP B 152 -9.36 3.43 -1.51
N ASP B 153 -10.47 3.70 -2.23
CA ASP B 153 -11.16 5.00 -2.28
C ASP B 153 -11.93 5.28 -0.98
N THR B 154 -12.21 4.21 -0.21
CA THR B 154 -12.93 4.28 1.06
C THR B 154 -12.07 4.98 2.12
N PHE B 155 -10.74 4.72 2.05
CA PHE B 155 -9.77 5.34 2.94
C PHE B 155 -9.62 6.82 2.56
N VAL B 156 -9.97 7.13 1.31
CA VAL B 156 -9.96 8.51 0.78
C VAL B 156 -11.28 9.25 1.15
N GLU B 157 -12.36 8.47 1.37
CA GLU B 157 -13.64 9.01 1.88
C GLU B 157 -13.48 9.50 3.32
N LEU B 158 -12.63 8.79 4.10
CA LEU B 158 -12.39 9.13 5.52
C LEU B 158 -11.18 10.10 5.71
N TYR B 159 -10.06 9.83 5.00
CA TYR B 159 -8.74 10.56 5.20
C TYR B 159 -8.62 11.76 4.27
N GLY B 160 -9.51 11.82 3.27
CA GLY B 160 -9.50 12.90 2.28
C GLY B 160 -9.83 14.27 2.86
N ASN B 161 -9.94 15.27 1.96
CA ASN B 161 -10.28 16.66 2.34
C ASN B 161 -11.66 16.71 3.00
N ASN B 162 -12.59 15.94 2.40
CA ASN B 162 -13.99 15.81 2.82
C ASN B 162 -14.76 17.15 2.75
N ALA B 163 -14.15 18.17 2.12
CA ALA B 163 -14.76 19.51 1.96
C ALA B 163 -15.89 19.42 0.93
N ALA B 164 -15.59 18.76 -0.19
CA ALA B 164 -16.58 18.49 -1.25
C ALA B 164 -17.64 17.52 -0.74
N ALA B 165 -17.24 16.59 0.14
CA ALA B 165 -18.14 15.61 0.77
C ALA B 165 -19.18 16.30 1.67
N GLU B 166 -18.73 17.38 2.35
CA GLU B 166 -19.57 18.24 3.16
C GLU B 166 -20.54 19.05 2.29
N SER B 167 -20.05 19.47 1.11
CA SER B 167 -20.85 20.25 0.15
C SER B 167 -21.74 19.34 -0.73
N ARG B 168 -21.53 18.00 -0.65
CA ARG B 168 -22.35 17.00 -1.37
C ARG B 168 -23.60 16.58 -0.56
N LYS B 169 -23.76 17.12 0.67
CA LYS B 169 -24.94 16.84 1.50
C LYS B 169 -26.19 17.45 0.87
N GLY B 170 -26.23 18.79 0.86
CA GLY B 170 -27.26 19.58 0.18
C GLY B 170 -28.58 19.66 0.92
N GLN B 171 -28.81 18.70 1.83
CA GLN B 171 -30.08 18.52 2.55
C GLN B 171 -30.14 19.41 3.82
N GLU B 172 -29.05 20.17 4.09
CA GLU B 172 -28.94 21.02 5.29
C GLU B 172 -29.89 22.23 5.20
N ARG B 173 -30.24 22.57 3.95
CA ARG B 173 -31.13 23.69 3.62
C ARG B 173 -32.61 23.36 3.93
N LEU B 174 -32.88 22.14 4.48
CA LEU B 174 -34.26 21.70 4.82
C LEU B 174 -35.00 22.78 5.64
N GLU B 175 -36.16 23.21 5.13
CA GLU B 175 -37.00 24.23 5.78
C GLU B 175 -38.25 23.53 6.34
N ASP A 1 -2.03 13.52 16.37
CA ASP A 1 -3.44 13.24 16.71
C ASP A 1 -3.94 12.03 15.88
N GLY A 2 -4.67 11.11 16.55
CA GLY A 2 -5.27 9.94 15.89
C GLY A 2 -6.46 10.33 15.03
N GLY A 3 -7.61 10.65 15.68
CA GLY A 3 -8.83 11.09 14.98
C GLY A 3 -9.75 9.91 14.65
N THR A 4 -11.07 10.12 14.81
CA THR A 4 -12.10 9.09 14.61
C THR A 4 -12.12 8.51 13.17
N THR A 5 -11.49 9.19 12.20
CA THR A 5 -11.26 8.66 10.85
C THR A 5 -10.54 7.31 10.91
N PHE A 6 -9.49 7.30 11.70
CA PHE A 6 -8.59 6.16 11.89
C PHE A 6 -9.19 5.18 12.90
N GLU A 7 -9.67 5.76 14.01
CA GLU A 7 -10.19 5.04 15.17
C GLU A 7 -11.45 4.24 14.82
N HIS A 8 -12.23 4.75 13.85
CA HIS A 8 -13.39 4.04 13.30
C HIS A 8 -12.95 3.02 12.25
N LEU A 9 -12.01 3.47 11.37
CA LEU A 9 -11.55 2.70 10.20
C LEU A 9 -11.18 1.27 10.57
N TRP A 10 -10.21 1.14 11.47
CA TRP A 10 -9.68 -0.15 11.90
C TRP A 10 -10.57 -0.81 12.96
N SER A 11 -11.48 -0.04 13.58
CA SER A 11 -12.46 -0.59 14.55
C SER A 11 -13.50 -1.47 13.85
N SER A 12 -13.92 -1.03 12.67
CA SER A 12 -14.86 -1.77 11.80
C SER A 12 -14.12 -2.83 10.96
N LEU A 13 -12.94 -2.46 10.47
CA LEU A 13 -12.19 -3.22 9.44
C LEU A 13 -11.41 -4.41 10.02
N GLU A 14 -11.00 -4.31 11.30
CA GLU A 14 -10.22 -5.37 11.97
C GLU A 14 -11.09 -6.64 12.26
N PRO A 15 -12.34 -6.52 12.84
CA PRO A 15 -13.26 -7.68 12.95
C PRO A 15 -14.05 -7.97 11.65
N ASP A 16 -13.77 -7.20 10.54
CA ASP A 16 -14.43 -7.40 9.24
C ASP A 16 -13.86 -8.66 8.53
N MET B 5 -3.45 4.38 -17.85
CA MET B 5 -4.04 3.02 -17.79
C MET B 5 -3.01 2.02 -17.19
N SER B 6 -3.24 1.65 -15.90
CA SER B 6 -2.53 0.58 -15.12
C SER B 6 -1.04 0.86 -14.77
N GLN B 7 -0.37 1.79 -15.49
CA GLN B 7 1.04 2.16 -15.20
C GLN B 7 1.11 2.97 -13.90
N SER B 8 0.08 3.82 -13.66
CA SER B 8 -0.03 4.65 -12.45
C SER B 8 -0.25 3.79 -11.20
N ASN B 9 -0.82 2.58 -11.40
CA ASN B 9 -0.98 1.57 -10.33
C ASN B 9 0.40 1.09 -9.86
N ARG B 10 1.32 0.94 -10.83
CA ARG B 10 2.70 0.50 -10.57
C ARG B 10 3.47 1.62 -9.87
N GLU B 11 3.34 2.87 -10.40
CA GLU B 11 4.05 4.06 -9.87
C GLU B 11 3.62 4.35 -8.42
N LEU B 12 2.35 3.95 -8.12
CA LEU B 12 1.80 3.95 -6.76
C LEU B 12 2.60 2.96 -5.89
N VAL B 13 2.71 1.69 -6.37
CA VAL B 13 3.47 0.61 -5.68
C VAL B 13 4.96 0.99 -5.46
N VAL B 14 5.55 1.74 -6.43
CA VAL B 14 6.94 2.20 -6.36
C VAL B 14 7.13 3.14 -5.18
N ASP B 15 6.34 4.23 -5.19
CA ASP B 15 6.39 5.31 -4.20
C ASP B 15 6.06 4.78 -2.79
N PHE B 16 5.16 3.78 -2.76
CA PHE B 16 4.56 3.26 -1.52
C PHE B 16 5.56 2.32 -0.79
N LEU B 17 6.22 1.43 -1.55
CA LEU B 17 7.27 0.55 -1.00
C LEU B 17 8.56 1.36 -0.72
N SER B 18 8.70 2.51 -1.39
CA SER B 18 9.84 3.42 -1.16
C SER B 18 9.63 4.19 0.15
N TYR B 19 8.36 4.54 0.43
CA TYR B 19 7.93 5.12 1.72
C TYR B 19 8.16 4.11 2.87
N LYS B 20 7.94 2.83 2.55
CA LYS B 20 8.16 1.71 3.48
C LYS B 20 9.65 1.60 3.84
N LEU B 21 10.52 1.84 2.84
CA LEU B 21 12.00 1.87 3.00
C LEU B 21 12.49 3.18 3.65
N SER B 22 11.65 4.24 3.60
CA SER B 22 11.90 5.54 4.24
C SER B 22 11.90 5.43 5.78
N GLN B 23 11.43 4.27 6.29
CA GLN B 23 11.54 3.87 7.71
C GLN B 23 13.01 3.96 8.17
N LYS B 24 13.93 3.74 7.22
CA LYS B 24 15.39 3.74 7.44
C LYS B 24 16.03 5.03 6.88
N GLY B 25 15.19 5.79 6.14
CA GLY B 25 15.63 7.03 5.46
C GLY B 25 16.18 6.74 4.08
N TYR B 26 15.57 5.76 3.39
CA TYR B 26 16.01 5.28 2.08
C TYR B 26 14.79 5.15 1.13
N SER B 27 15.05 5.11 -0.19
CA SER B 27 14.02 4.91 -1.22
C SER B 27 14.63 4.15 -2.41
N TRP B 28 13.89 3.15 -2.95
CA TRP B 28 14.33 2.42 -4.17
C TRP B 28 13.89 3.17 -5.44
N SER B 29 13.21 4.33 -5.25
CA SER B 29 12.82 5.24 -6.34
C SER B 29 14.05 5.90 -6.99
N GLN B 30 15.22 5.72 -6.35
CA GLN B 30 16.53 6.08 -6.92
C GLN B 30 16.80 5.30 -8.22
N PHE B 31 16.41 4.01 -8.21
CA PHE B 31 16.48 3.13 -9.39
C PHE B 31 15.52 3.62 -10.48
N SER B 32 14.27 3.89 -10.08
CA SER B 32 13.18 4.24 -10.99
C SER B 32 13.28 5.69 -11.52
N ASP B 33 14.09 6.52 -10.84
CA ASP B 33 14.32 7.95 -11.18
C ASP B 33 12.98 8.73 -11.30
N VAL B 34 12.02 8.43 -10.41
CA VAL B 34 10.66 9.02 -10.44
C VAL B 34 10.64 10.51 -10.03
N GLU B 35 11.82 11.06 -9.65
CA GLU B 35 12.01 12.48 -9.26
C GLU B 35 11.17 12.84 -8.02
N GLU B 36 10.90 11.80 -7.19
CA GLU B 36 9.96 11.86 -6.06
C GLU B 36 8.55 12.17 -6.60
N ASN B 37 7.72 11.13 -6.71
CA ASN B 37 6.34 11.23 -7.15
C ASN B 37 5.43 11.84 -6.03
N ARG B 38 5.75 13.09 -5.65
CA ARG B 38 4.94 13.91 -4.73
C ARG B 38 3.89 14.71 -5.52
N THR B 39 3.90 14.51 -6.86
CA THR B 39 2.96 15.14 -7.80
C THR B 39 1.51 14.85 -7.41
N GLU B 40 0.69 15.92 -7.44
CA GLU B 40 -0.73 15.92 -6.97
C GLU B 40 -1.58 14.83 -7.66
N ALA B 41 -1.13 14.39 -8.87
CA ALA B 41 -1.87 13.50 -9.75
C ALA B 41 -3.21 14.16 -10.14
N PRO B 42 -3.13 15.31 -10.90
CA PRO B 42 -4.27 16.24 -11.13
C PRO B 42 -5.09 15.84 -12.37
N GLU B 43 -4.91 14.58 -12.76
CA GLU B 43 -5.55 13.96 -13.93
C GLU B 43 -6.95 13.41 -13.56
N GLY B 44 -7.44 13.78 -12.35
CA GLY B 44 -8.64 13.20 -11.75
C GLY B 44 -8.38 11.78 -11.24
N THR B 45 -7.09 11.39 -11.24
CA THR B 45 -6.64 10.06 -10.84
C THR B 45 -6.38 10.06 -9.34
N GLU B 46 -5.65 11.08 -8.90
CA GLU B 46 -5.32 11.36 -7.50
C GLU B 46 -4.68 10.13 -6.82
N SER B 47 -3.72 9.50 -7.51
CA SER B 47 -2.93 8.39 -6.96
C SER B 47 -2.08 8.86 -5.77
N GLU B 48 -1.79 10.18 -5.73
CA GLU B 48 -1.09 10.84 -4.62
C GLU B 48 -2.03 10.92 -3.41
N ALA B 49 -3.31 11.28 -3.66
CA ALA B 49 -4.35 11.33 -2.61
C ALA B 49 -4.57 9.94 -2.02
N VAL B 50 -4.39 8.91 -2.89
CA VAL B 50 -4.39 7.50 -2.51
C VAL B 50 -3.21 7.19 -1.56
N LYS B 51 -2.00 7.73 -1.87
CA LYS B 51 -0.78 7.48 -1.06
C LYS B 51 -0.98 7.89 0.39
N GLN B 52 -1.16 9.20 0.63
CA GLN B 52 -1.39 9.74 2.01
C GLN B 52 -2.54 9.02 2.73
N ALA B 53 -3.53 8.57 1.95
CA ALA B 53 -4.71 7.87 2.47
C ALA B 53 -4.35 6.44 2.94
N LEU B 54 -3.46 5.76 2.18
CA LEU B 54 -3.03 4.39 2.49
C LEU B 54 -1.82 4.39 3.46
N ARG B 55 -1.06 5.52 3.48
CA ARG B 55 0.15 5.67 4.28
C ARG B 55 -0.22 5.79 5.75
N GLU B 56 -1.10 6.77 6.03
CA GLU B 56 -1.55 7.05 7.39
C GLU B 56 -2.44 5.90 7.92
N ALA B 57 -3.14 5.21 7.00
CA ALA B 57 -3.96 4.03 7.34
C ALA B 57 -3.09 2.85 7.73
N GLY B 58 -2.06 2.57 6.90
CA GLY B 58 -1.14 1.49 7.13
C GLY B 58 -0.38 1.71 8.42
N ASP B 59 0.08 2.97 8.58
CA ASP B 59 0.81 3.45 9.76
C ASP B 59 -0.02 3.28 11.06
N GLU B 60 -1.35 3.51 10.99
CA GLU B 60 -2.25 3.33 12.14
C GLU B 60 -2.42 1.82 12.48
N PHE B 61 -2.49 0.99 11.42
CA PHE B 61 -2.69 -0.47 11.57
C PHE B 61 -1.40 -1.19 12.02
N GLU B 62 -0.23 -0.69 11.55
CA GLU B 62 1.04 -1.45 11.56
C GLU B 62 1.46 -1.90 12.96
N LEU B 63 1.83 -0.94 13.83
CA LEU B 63 2.69 -1.16 15.04
C LEU B 63 2.62 -2.59 15.66
N ARG B 64 1.43 -2.93 16.20
CA ARG B 64 1.15 -4.21 16.87
C ARG B 64 1.31 -5.38 15.88
N TYR B 65 0.58 -5.25 14.76
CA TYR B 65 0.50 -6.26 13.70
C TYR B 65 1.78 -6.31 12.87
N ARG B 66 2.64 -5.28 12.98
CA ARG B 66 3.89 -5.16 12.23
C ARG B 66 4.93 -6.03 12.87
N ARG B 67 5.04 -5.91 14.19
CA ARG B 67 5.92 -6.78 14.98
C ARG B 67 5.42 -8.24 14.83
N ALA B 68 4.09 -8.41 14.79
CA ALA B 68 3.45 -9.74 14.68
C ALA B 68 3.71 -10.35 13.29
N PHE B 69 3.64 -9.52 12.23
CA PHE B 69 3.87 -10.02 10.87
C PHE B 69 5.36 -10.13 10.59
N SER B 70 6.23 -9.47 11.39
CA SER B 70 7.69 -9.67 11.26
C SER B 70 8.06 -11.02 11.90
N ASP B 71 7.22 -11.48 12.87
CA ASP B 71 7.30 -12.87 13.38
C ASP B 71 6.84 -13.87 12.29
N LEU B 72 5.87 -13.44 11.44
CA LEU B 72 5.41 -14.25 10.29
C LEU B 72 6.46 -14.26 9.14
N THR B 73 7.10 -13.11 8.90
CA THR B 73 8.02 -12.90 7.77
C THR B 73 9.42 -13.50 8.03
N SER B 74 9.68 -13.95 9.26
CA SER B 74 10.86 -14.80 9.55
C SER B 74 10.81 -16.12 8.72
N GLN B 75 9.57 -16.64 8.54
CA GLN B 75 9.28 -17.82 7.67
C GLN B 75 9.57 -17.48 6.18
N LEU B 76 9.45 -16.19 5.89
CA LEU B 76 9.72 -15.57 4.58
C LEU B 76 11.14 -14.96 4.62
N HIS B 77 12.09 -15.71 5.25
CA HIS B 77 13.51 -15.35 5.34
C HIS B 77 14.04 -15.02 3.94
N ILE B 78 14.05 -13.71 3.64
CA ILE B 78 14.26 -13.20 2.29
C ILE B 78 15.78 -13.27 1.92
N THR B 79 16.16 -14.46 1.45
CA THR B 79 17.53 -14.77 1.06
C THR B 79 17.85 -14.19 -0.34
N PRO B 80 19.16 -13.97 -0.69
CA PRO B 80 19.58 -13.65 -2.07
C PRO B 80 19.15 -14.77 -3.06
N GLY B 81 18.02 -14.54 -3.76
CA GLY B 81 17.52 -15.48 -4.78
C GLY B 81 16.25 -16.20 -4.36
N THR B 82 15.53 -15.66 -3.34
CA THR B 82 14.23 -16.21 -2.91
C THR B 82 13.18 -16.10 -4.05
N ALA B 83 12.50 -17.23 -4.31
CA ALA B 83 11.38 -17.29 -5.28
C ALA B 83 10.16 -16.54 -4.72
N TYR B 84 9.40 -15.88 -5.62
CA TYR B 84 8.19 -15.13 -5.23
C TYR B 84 7.10 -16.07 -4.67
N GLN B 85 7.25 -17.40 -4.95
CA GLN B 85 6.31 -18.46 -4.54
C GLN B 85 6.10 -18.52 -3.01
N SER B 86 7.11 -18.06 -2.23
CA SER B 86 7.00 -17.96 -0.76
C SER B 86 5.91 -16.95 -0.38
N PHE B 87 6.05 -15.73 -0.94
CA PHE B 87 5.12 -14.62 -0.71
C PHE B 87 3.76 -14.88 -1.42
N GLU B 88 3.80 -15.74 -2.47
CA GLU B 88 2.61 -16.18 -3.23
C GLU B 88 1.80 -17.21 -2.41
N GLN B 89 2.50 -17.97 -1.56
CA GLN B 89 1.85 -18.85 -0.56
C GLN B 89 1.11 -17.98 0.48
N VAL B 90 1.79 -16.90 0.91
CA VAL B 90 1.21 -15.89 1.84
C VAL B 90 -0.01 -15.18 1.21
N VAL B 91 0.02 -15.00 -0.13
CA VAL B 91 -1.14 -14.54 -0.90
C VAL B 91 -2.33 -15.49 -0.69
N ASN B 92 -2.09 -16.80 -0.91
CA ASN B 92 -3.12 -17.87 -0.78
C ASN B 92 -3.81 -17.84 0.60
N GLU B 93 -3.00 -17.58 1.65
CA GLU B 93 -3.51 -17.51 3.03
C GLU B 93 -4.40 -16.26 3.22
N LEU B 94 -3.78 -15.07 3.05
CA LEU B 94 -4.39 -13.76 3.39
C LEU B 94 -5.66 -13.47 2.54
N PHE B 95 -5.63 -13.90 1.27
CA PHE B 95 -6.72 -13.67 0.29
C PHE B 95 -7.89 -14.64 0.51
N ARG B 96 -7.68 -15.77 1.22
CA ARG B 96 -8.79 -16.66 1.60
C ARG B 96 -9.48 -16.15 2.87
N ASP B 97 -8.67 -15.53 3.76
CA ASP B 97 -9.15 -14.97 5.03
C ASP B 97 -9.84 -13.62 4.81
N GLY B 98 -9.80 -13.14 3.56
CA GLY B 98 -10.40 -11.85 3.22
C GLY B 98 -10.01 -11.39 1.83
N VAL B 99 -10.87 -10.59 1.17
CA VAL B 99 -10.62 -10.07 -0.19
C VAL B 99 -9.72 -8.81 -0.14
N ASN B 100 -9.41 -8.37 1.09
CA ASN B 100 -8.30 -7.48 1.41
C ASN B 100 -8.63 -6.03 1.07
N TRP B 101 -9.85 -5.59 1.36
CA TRP B 101 -10.24 -4.17 1.16
C TRP B 101 -9.38 -3.22 2.03
N GLY B 102 -8.91 -3.74 3.18
CA GLY B 102 -7.90 -3.06 4.01
C GLY B 102 -6.67 -3.94 4.25
N ARG B 103 -6.83 -5.26 4.04
CA ARG B 103 -5.75 -6.24 4.28
C ARG B 103 -4.74 -6.24 3.11
N ILE B 104 -5.10 -5.57 1.98
CA ILE B 104 -4.18 -5.37 0.84
C ILE B 104 -3.20 -4.21 1.13
N VAL B 105 -3.62 -3.30 2.04
CA VAL B 105 -2.72 -2.31 2.65
C VAL B 105 -1.82 -3.06 3.67
N ALA B 106 -2.41 -4.00 4.42
CA ALA B 106 -1.63 -4.90 5.31
C ALA B 106 -0.63 -5.75 4.48
N PHE B 107 -1.05 -6.09 3.25
CA PHE B 107 -0.30 -6.92 2.29
C PHE B 107 0.88 -6.15 1.67
N PHE B 108 0.72 -4.81 1.50
CA PHE B 108 1.85 -3.95 1.05
C PHE B 108 2.89 -3.97 2.17
N SER B 109 2.37 -3.99 3.43
CA SER B 109 3.18 -3.95 4.63
C SER B 109 3.91 -5.30 4.90
N PHE B 110 3.32 -6.43 4.41
CA PHE B 110 3.96 -7.78 4.44
C PHE B 110 5.15 -7.78 3.47
N GLY B 111 4.85 -7.53 2.17
CA GLY B 111 5.87 -7.50 1.11
C GLY B 111 6.86 -6.37 1.27
N GLY B 112 6.40 -5.31 1.95
CA GLY B 112 7.22 -4.15 2.26
C GLY B 112 8.10 -4.39 3.47
N ALA B 113 7.67 -5.30 4.37
CA ALA B 113 8.52 -5.78 5.48
C ALA B 113 9.69 -6.57 4.91
N LEU B 114 9.35 -7.39 3.91
CA LEU B 114 10.30 -8.17 3.10
C LEU B 114 11.24 -7.26 2.31
N CYS B 115 10.72 -6.09 1.87
CA CYS B 115 11.53 -5.07 1.17
C CYS B 115 12.57 -4.45 2.12
N VAL B 116 12.12 -4.06 3.34
CA VAL B 116 12.99 -3.48 4.39
C VAL B 116 14.10 -4.47 4.78
N GLU B 117 13.68 -5.74 4.95
CA GLU B 117 14.58 -6.86 5.24
C GLU B 117 15.58 -7.10 4.11
N SER B 118 15.10 -7.15 2.85
CA SER B 118 15.95 -7.50 1.70
C SER B 118 16.96 -6.39 1.39
N VAL B 119 16.61 -5.12 1.68
CA VAL B 119 17.58 -4.00 1.62
C VAL B 119 18.69 -4.20 2.65
N ASP B 120 18.27 -4.63 3.84
CA ASP B 120 19.17 -4.99 4.95
C ASP B 120 19.93 -6.32 4.64
N LYS B 121 19.42 -7.08 3.65
CA LYS B 121 19.94 -8.41 3.24
C LYS B 121 20.55 -8.33 1.83
N GLU B 122 20.87 -7.07 1.38
CA GLU B 122 21.73 -6.79 0.21
C GLU B 122 21.05 -7.23 -1.10
N MET B 123 19.74 -7.00 -1.13
CA MET B 123 18.82 -7.43 -2.20
C MET B 123 17.77 -6.33 -2.41
N GLN B 124 18.24 -5.09 -2.36
CA GLN B 124 17.53 -3.87 -2.85
C GLN B 124 17.00 -4.05 -4.31
N VAL B 125 17.76 -4.81 -5.12
CA VAL B 125 17.39 -5.17 -6.50
C VAL B 125 16.17 -6.13 -6.49
N LEU B 126 16.16 -7.05 -5.51
CA LEU B 126 15.05 -7.99 -5.27
C LEU B 126 13.80 -7.25 -4.75
N VAL B 127 13.99 -6.07 -4.10
CA VAL B 127 12.86 -5.16 -3.73
C VAL B 127 12.16 -4.64 -5.01
N SER B 128 12.99 -4.15 -5.96
CA SER B 128 12.52 -3.70 -7.28
C SER B 128 11.74 -4.84 -8.00
N ARG B 129 12.17 -6.10 -7.74
CA ARG B 129 11.51 -7.31 -8.27
C ARG B 129 10.19 -7.62 -7.53
N ILE B 130 10.16 -7.44 -6.18
CA ILE B 130 8.94 -7.68 -5.33
C ILE B 130 7.83 -6.69 -5.74
N ALA B 131 8.25 -5.44 -6.02
CA ALA B 131 7.37 -4.37 -6.48
C ALA B 131 6.79 -4.68 -7.86
N ALA B 132 7.62 -5.30 -8.71
CA ALA B 132 7.22 -5.75 -10.05
C ALA B 132 6.13 -6.83 -9.94
N TRP B 133 6.34 -7.81 -9.03
CA TRP B 133 5.34 -8.87 -8.75
C TRP B 133 4.02 -8.26 -8.23
N MET B 134 4.13 -7.30 -7.30
CA MET B 134 2.96 -6.66 -6.65
C MET B 134 2.16 -5.84 -7.68
N ALA B 135 2.88 -5.22 -8.63
CA ALA B 135 2.30 -4.37 -9.68
C ALA B 135 1.58 -5.20 -10.75
N THR B 136 2.25 -6.29 -11.20
CA THR B 136 1.72 -7.19 -12.23
C THR B 136 0.54 -8.03 -11.69
N TYR B 137 0.55 -8.26 -10.37
CA TYR B 137 -0.52 -8.98 -9.66
C TYR B 137 -1.70 -8.02 -9.38
N LEU B 138 -1.37 -6.72 -9.23
CA LEU B 138 -2.34 -5.65 -9.04
C LEU B 138 -3.26 -5.54 -10.27
N ASN B 139 -2.66 -5.56 -11.48
CA ASN B 139 -3.42 -5.51 -12.75
C ASN B 139 -3.93 -6.91 -13.18
N ASP B 140 -3.67 -7.95 -12.36
CA ASP B 140 -4.01 -9.35 -12.67
C ASP B 140 -5.42 -9.70 -12.17
N HIS B 141 -5.63 -9.67 -10.83
CA HIS B 141 -6.91 -10.11 -10.20
C HIS B 141 -7.37 -9.10 -9.14
N LEU B 142 -6.53 -8.09 -8.87
CA LEU B 142 -6.72 -7.16 -7.75
C LEU B 142 -7.51 -5.93 -8.19
N GLU B 143 -7.44 -5.62 -9.51
CA GLU B 143 -8.21 -4.53 -10.16
C GLU B 143 -9.70 -4.50 -9.74
N PRO B 144 -10.51 -5.65 -9.82
CA PRO B 144 -11.90 -5.65 -9.31
C PRO B 144 -11.99 -5.21 -7.84
N TRP B 145 -11.02 -5.72 -7.05
CA TRP B 145 -11.07 -5.72 -5.59
C TRP B 145 -10.73 -4.35 -5.01
N ILE B 146 -9.82 -3.61 -5.67
CA ILE B 146 -9.48 -2.24 -5.24
C ILE B 146 -10.36 -1.17 -5.92
N GLN B 147 -10.63 -1.32 -7.24
CA GLN B 147 -11.29 -0.30 -8.10
C GLN B 147 -12.83 -0.29 -7.89
N GLU B 148 -13.37 -1.33 -7.21
CA GLU B 148 -14.78 -1.36 -6.76
C GLU B 148 -15.10 -0.27 -5.69
N ASN B 149 -14.06 0.53 -5.28
CA ASN B 149 -14.14 1.57 -4.23
C ASN B 149 -14.06 0.93 -2.83
N GLY B 150 -13.58 -0.32 -2.81
CA GLY B 150 -13.34 -1.07 -1.58
C GLY B 150 -11.88 -0.99 -1.15
N GLY B 151 -10.98 -0.89 -2.14
CA GLY B 151 -9.55 -0.78 -1.89
C GLY B 151 -9.13 0.64 -1.57
N TRP B 152 -8.56 1.35 -2.56
CA TRP B 152 -7.84 2.61 -2.32
C TRP B 152 -8.80 3.78 -2.04
N ASP B 153 -9.92 3.79 -2.79
CA ASP B 153 -10.83 4.94 -2.90
C ASP B 153 -11.48 5.26 -1.56
N THR B 154 -11.74 4.21 -0.75
CA THR B 154 -12.48 4.34 0.50
C THR B 154 -11.65 5.05 1.57
N PHE B 155 -10.31 4.88 1.52
CA PHE B 155 -9.39 5.59 2.42
C PHE B 155 -9.32 7.05 1.99
N VAL B 156 -9.37 7.28 0.67
CA VAL B 156 -9.38 8.64 0.08
C VAL B 156 -10.71 9.39 0.39
N GLU B 157 -11.78 8.61 0.67
CA GLU B 157 -13.07 9.17 1.12
C GLU B 157 -13.00 9.62 2.59
N LEU B 158 -12.43 8.76 3.45
CA LEU B 158 -12.38 9.01 4.90
C LEU B 158 -11.29 10.04 5.26
N TYR B 159 -10.19 10.02 4.51
CA TYR B 159 -9.01 10.90 4.74
C TYR B 159 -9.17 12.19 3.94
N GLY B 160 -9.86 12.07 2.80
CA GLY B 160 -10.32 13.24 2.04
C GLY B 160 -11.33 14.06 2.81
N ASN B 161 -12.25 13.34 3.53
CA ASN B 161 -13.30 13.94 4.40
C ASN B 161 -14.31 14.81 3.62
N ASN B 162 -14.27 14.71 2.26
CA ASN B 162 -14.97 15.62 1.32
C ASN B 162 -14.38 17.07 1.38
N ALA B 163 -13.38 17.29 2.29
CA ALA B 163 -12.73 18.60 2.50
C ALA B 163 -11.95 19.01 1.24
N ALA B 164 -11.39 17.98 0.55
CA ALA B 164 -10.67 18.13 -0.72
C ALA B 164 -11.59 18.63 -1.83
N ALA B 165 -12.82 18.10 -1.81
CA ALA B 165 -13.87 18.41 -2.81
C ALA B 165 -14.36 19.87 -2.66
N GLU B 166 -14.39 20.34 -1.41
CA GLU B 166 -14.73 21.72 -1.07
C GLU B 166 -13.67 22.69 -1.58
N SER B 167 -12.40 22.38 -1.25
CA SER B 167 -11.23 23.20 -1.62
C SER B 167 -11.03 23.27 -3.14
N ARG B 168 -11.49 22.20 -3.80
CA ARG B 168 -11.43 22.04 -5.26
C ARG B 168 -12.45 22.97 -5.96
N LYS B 169 -13.64 23.11 -5.35
CA LYS B 169 -14.76 23.86 -5.95
C LYS B 169 -14.69 25.35 -5.61
N GLY B 170 -14.58 26.16 -6.67
CA GLY B 170 -14.55 27.62 -6.57
C GLY B 170 -15.88 28.26 -6.96
N GLN B 171 -16.81 27.44 -7.49
CA GLN B 171 -18.12 27.93 -7.97
C GLN B 171 -19.04 28.35 -6.81
N GLU B 172 -18.72 27.89 -5.58
CA GLU B 172 -19.57 28.11 -4.39
C GLU B 172 -19.36 29.52 -3.82
N ARG B 173 -18.19 30.10 -4.09
CA ARG B 173 -17.83 31.45 -3.66
C ARG B 173 -18.78 32.48 -4.27
N LEU B 174 -19.40 32.07 -5.38
CA LEU B 174 -20.29 32.89 -6.19
C LEU B 174 -21.69 33.00 -5.52
N GLU B 175 -22.35 34.16 -5.72
CA GLU B 175 -23.71 34.42 -5.23
C GLU B 175 -24.74 33.67 -6.12
N ASP A 1 -17.77 14.66 18.13
CA ASP A 1 -16.54 14.01 18.65
C ASP A 1 -15.60 13.63 17.50
N GLY A 2 -16.11 12.82 16.55
CA GLY A 2 -15.27 12.26 15.48
C GLY A 2 -14.72 10.90 15.88
N GLY A 3 -13.56 10.53 15.31
CA GLY A 3 -12.99 9.18 15.50
C GLY A 3 -13.63 8.15 14.56
N THR A 4 -14.50 8.64 13.65
CA THR A 4 -15.25 7.81 12.69
C THR A 4 -14.32 7.20 11.61
N THR A 5 -13.11 7.78 11.46
CA THR A 5 -12.05 7.21 10.63
C THR A 5 -11.43 5.98 11.30
N PHE A 6 -10.31 6.18 11.99
CA PHE A 6 -9.39 5.09 12.35
C PHE A 6 -9.93 4.24 13.49
N GLU A 7 -10.48 4.94 14.50
CA GLU A 7 -10.96 4.34 15.77
C GLU A 7 -12.15 3.42 15.51
N HIS A 8 -12.93 3.77 14.49
CA HIS A 8 -14.02 2.93 13.99
C HIS A 8 -13.47 1.83 13.09
N LEU A 9 -12.77 2.27 12.03
CA LEU A 9 -12.40 1.46 10.84
C LEU A 9 -11.72 0.16 11.23
N TRP A 10 -10.58 0.28 11.90
CA TRP A 10 -9.68 -0.85 12.20
C TRP A 10 -10.27 -1.77 13.28
N SER A 11 -11.03 -1.15 14.20
CA SER A 11 -11.67 -1.85 15.31
C SER A 11 -12.81 -2.75 14.82
N SER A 12 -13.53 -2.27 13.80
CA SER A 12 -14.62 -3.02 13.13
C SER A 12 -14.07 -3.94 12.02
N LEU A 13 -12.85 -3.64 11.55
CA LEU A 13 -12.24 -4.33 10.40
C LEU A 13 -11.70 -5.72 10.79
N GLU A 14 -11.04 -5.77 11.94
CA GLU A 14 -10.34 -6.98 12.38
C GLU A 14 -11.32 -8.16 12.72
N PRO A 15 -12.49 -7.93 13.41
CA PRO A 15 -13.51 -9.01 13.58
C PRO A 15 -14.15 -9.48 12.25
N ASP A 16 -13.88 -8.78 11.11
CA ASP A 16 -14.36 -9.23 9.78
C ASP A 16 -13.39 -10.31 9.24
N MET B 5 -5.48 3.98 -13.82
CA MET B 5 -5.44 2.65 -14.46
C MET B 5 -4.25 1.86 -13.90
N SER B 6 -4.02 0.65 -14.45
CA SER B 6 -3.04 -0.32 -13.92
C SER B 6 -1.60 0.24 -13.88
N GLN B 7 -1.31 1.25 -14.70
CA GLN B 7 -0.03 1.98 -14.69
C GLN B 7 0.17 2.72 -13.35
N SER B 8 -0.89 3.46 -12.92
CA SER B 8 -0.90 4.22 -11.65
C SER B 8 -0.73 3.28 -10.44
N ASN B 9 -1.20 2.05 -10.61
CA ASN B 9 -1.10 0.97 -9.61
C ASN B 9 0.37 0.64 -9.34
N ARG B 10 1.11 0.44 -10.44
CA ARG B 10 2.56 0.11 -10.43
C ARG B 10 3.33 1.18 -9.68
N GLU B 11 3.05 2.46 -10.07
CA GLU B 11 3.70 3.65 -9.50
C GLU B 11 3.43 3.74 -8.00
N LEU B 12 2.16 3.48 -7.62
CA LEU B 12 1.69 3.57 -6.23
C LEU B 12 2.33 2.48 -5.35
N VAL B 13 2.59 1.28 -5.92
CA VAL B 13 3.30 0.19 -5.23
C VAL B 13 4.75 0.64 -4.95
N VAL B 14 5.40 1.22 -5.98
CA VAL B 14 6.77 1.76 -5.89
C VAL B 14 6.88 2.83 -4.79
N ASP B 15 5.86 3.73 -4.76
CA ASP B 15 5.76 4.78 -3.75
C ASP B 15 5.56 4.15 -2.37
N PHE B 16 4.70 3.13 -2.25
CA PHE B 16 4.32 2.57 -0.94
C PHE B 16 5.56 1.95 -0.28
N LEU B 17 6.27 1.13 -1.07
CA LEU B 17 7.48 0.42 -0.64
C LEU B 17 8.58 1.43 -0.21
N SER B 18 8.78 2.49 -1.05
CA SER B 18 9.83 3.50 -0.83
C SER B 18 9.52 4.39 0.40
N TYR B 19 8.23 4.74 0.60
CA TYR B 19 7.76 5.58 1.74
C TYR B 19 7.92 4.82 3.07
N LYS B 20 7.79 3.49 3.03
CA LYS B 20 7.99 2.63 4.20
C LYS B 20 9.50 2.35 4.44
N LEU B 21 10.28 2.34 3.34
CA LEU B 21 11.75 2.28 3.39
C LEU B 21 12.33 3.60 3.97
N SER B 22 11.53 4.70 3.86
CA SER B 22 11.91 6.06 4.35
C SER B 22 12.01 6.14 5.87
N GLN B 23 11.38 5.18 6.55
CA GLN B 23 11.50 4.99 8.00
C GLN B 23 12.94 4.58 8.38
N LYS B 24 13.70 4.11 7.38
CA LYS B 24 15.14 3.76 7.49
C LYS B 24 15.99 4.89 6.85
N GLY B 25 15.30 6.01 6.52
CA GLY B 25 15.92 7.18 5.86
C GLY B 25 16.23 6.94 4.40
N TYR B 26 15.65 5.87 3.82
CA TYR B 26 16.02 5.37 2.50
C TYR B 26 14.79 5.32 1.56
N SER B 27 15.02 5.36 0.25
CA SER B 27 13.99 5.13 -0.78
C SER B 27 14.66 4.58 -2.04
N TRP B 28 13.83 4.15 -3.01
CA TRP B 28 14.31 3.75 -4.36
C TRP B 28 15.05 4.94 -5.03
N SER B 29 14.58 6.16 -4.74
CA SER B 29 15.12 7.40 -5.32
C SER B 29 16.49 7.74 -4.74
N GLN B 30 16.75 7.30 -3.49
CA GLN B 30 18.08 7.42 -2.84
C GLN B 30 19.14 6.60 -3.59
N PHE B 31 18.74 5.42 -4.06
CA PHE B 31 19.59 4.51 -4.84
C PHE B 31 20.01 5.18 -6.17
N SER B 32 19.03 5.78 -6.88
CA SER B 32 19.24 6.40 -8.21
C SER B 32 19.83 7.84 -8.13
N ASP B 33 19.56 8.53 -7.00
CA ASP B 33 19.92 9.96 -6.77
C ASP B 33 19.39 10.86 -7.90
N VAL B 34 18.07 11.16 -7.89
CA VAL B 34 17.42 11.98 -8.94
C VAL B 34 16.71 13.21 -8.32
N GLU B 35 15.37 13.20 -8.24
CA GLU B 35 14.58 14.34 -7.72
C GLU B 35 13.58 13.88 -6.65
N GLU B 36 13.56 12.55 -6.41
CA GLU B 36 12.87 11.92 -5.27
C GLU B 36 11.34 11.85 -5.46
N ASN B 37 10.85 10.64 -5.82
CA ASN B 37 9.42 10.29 -5.91
C ASN B 37 8.76 10.23 -4.51
N ARG B 38 9.63 10.03 -3.51
CA ARG B 38 9.28 9.91 -2.08
C ARG B 38 8.64 11.20 -1.51
N THR B 39 8.83 12.31 -2.23
CA THR B 39 8.18 13.59 -1.97
C THR B 39 6.64 13.41 -1.91
N GLU B 40 5.99 14.22 -1.04
CA GLU B 40 4.52 14.20 -0.86
C GLU B 40 3.78 14.47 -2.19
N ALA B 41 4.44 15.28 -3.05
CA ALA B 41 3.91 15.72 -4.35
C ALA B 41 2.55 16.42 -4.18
N PRO B 42 2.54 17.68 -3.65
CA PRO B 42 1.30 18.50 -3.50
C PRO B 42 1.08 19.45 -4.70
N GLU B 43 1.80 19.14 -5.81
CA GLU B 43 1.92 19.99 -7.01
C GLU B 43 0.52 20.29 -7.60
N GLY B 44 -0.07 19.18 -8.00
CA GLY B 44 -1.40 19.10 -8.59
C GLY B 44 -1.65 17.66 -8.97
N THR B 45 -1.04 16.77 -8.15
CA THR B 45 -0.86 15.36 -8.44
C THR B 45 -1.77 14.57 -7.50
N GLU B 46 -3.06 14.58 -7.82
CA GLU B 46 -4.19 13.99 -7.02
C GLU B 46 -3.92 12.61 -6.36
N SER B 47 -3.00 11.83 -6.97
CA SER B 47 -2.54 10.52 -6.47
C SER B 47 -1.92 10.62 -5.05
N GLU B 48 -1.45 11.83 -4.70
CA GLU B 48 -0.90 12.20 -3.38
C GLU B 48 -1.88 11.85 -2.24
N ALA B 49 -3.18 12.13 -2.47
CA ALA B 49 -4.24 11.92 -1.48
C ALA B 49 -4.43 10.43 -1.21
N VAL B 50 -4.10 9.61 -2.23
CA VAL B 50 -4.09 8.14 -2.12
C VAL B 50 -2.90 7.66 -1.28
N LYS B 51 -1.69 8.19 -1.56
CA LYS B 51 -0.44 7.76 -0.89
C LYS B 51 -0.48 8.05 0.60
N GLN B 52 -0.82 9.31 0.91
CA GLN B 52 -1.03 9.79 2.28
C GLN B 52 -2.14 8.95 2.96
N ALA B 53 -3.19 8.57 2.19
CA ALA B 53 -4.32 7.79 2.73
C ALA B 53 -3.89 6.35 3.03
N LEU B 54 -2.98 5.80 2.19
CA LEU B 54 -2.53 4.40 2.32
C LEU B 54 -1.36 4.27 3.31
N ARG B 55 -0.54 5.33 3.45
CA ARG B 55 0.58 5.33 4.36
C ARG B 55 0.02 5.41 5.78
N GLU B 56 -0.85 6.43 6.01
CA GLU B 56 -1.48 6.64 7.33
C GLU B 56 -2.31 5.44 7.74
N ALA B 57 -2.98 4.81 6.75
CA ALA B 57 -3.76 3.58 6.96
C ALA B 57 -2.87 2.44 7.42
N GLY B 58 -1.88 2.10 6.58
CA GLY B 58 -1.00 0.96 6.81
C GLY B 58 -0.22 1.10 8.09
N ASP B 59 0.12 2.37 8.41
CA ASP B 59 0.94 2.74 9.57
C ASP B 59 0.06 2.87 10.84
N GLU B 60 -1.28 3.12 10.69
CA GLU B 60 -2.19 3.36 11.83
C GLU B 60 -2.32 2.12 12.73
N PHE B 61 -2.84 1.02 12.15
CA PHE B 61 -3.03 -0.27 12.85
C PHE B 61 -1.68 -0.98 13.10
N GLU B 62 -0.64 -0.53 12.34
CA GLU B 62 0.61 -1.26 12.08
C GLU B 62 1.21 -1.92 13.32
N LEU B 63 1.58 -1.13 14.36
CA LEU B 63 2.37 -1.57 15.57
C LEU B 63 2.12 -3.05 16.00
N ARG B 64 0.84 -3.38 16.26
CA ARG B 64 0.42 -4.74 16.62
C ARG B 64 0.72 -5.73 15.48
N TYR B 65 0.21 -5.38 14.29
CA TYR B 65 0.30 -6.21 13.10
C TYR B 65 1.68 -6.09 12.42
N ARG B 66 2.57 -5.24 12.98
CA ARG B 66 3.97 -5.12 12.52
C ARG B 66 4.75 -6.22 13.22
N ARG B 67 4.41 -6.44 14.51
CA ARG B 67 4.93 -7.58 15.28
C ARG B 67 4.49 -8.87 14.56
N ALA B 68 3.23 -8.84 14.06
CA ALA B 68 2.61 -9.99 13.41
C ALA B 68 3.27 -10.25 12.05
N PHE B 69 3.40 -9.18 11.21
CA PHE B 69 3.92 -9.36 9.85
C PHE B 69 5.43 -9.63 9.86
N SER B 70 6.15 -9.05 10.84
CA SER B 70 7.61 -9.25 10.96
C SER B 70 7.90 -10.70 11.34
N ASP B 71 7.01 -11.29 12.17
CA ASP B 71 7.04 -12.72 12.52
C ASP B 71 6.88 -13.59 11.24
N LEU B 72 5.94 -13.19 10.36
CA LEU B 72 5.69 -13.86 9.07
C LEU B 72 6.84 -13.65 8.07
N THR B 73 7.45 -12.46 8.08
CA THR B 73 8.54 -12.10 7.17
C THR B 73 9.88 -12.66 7.66
N SER B 74 9.94 -13.09 8.95
CA SER B 74 11.08 -13.85 9.50
C SER B 74 11.16 -15.23 8.83
N GLN B 75 9.98 -15.82 8.56
CA GLN B 75 9.83 -17.09 7.82
C GLN B 75 10.35 -16.93 6.39
N LEU B 76 10.01 -15.78 5.79
CA LEU B 76 10.45 -15.35 4.46
C LEU B 76 11.88 -14.80 4.55
N HIS B 77 12.83 -15.74 4.78
CA HIS B 77 14.25 -15.44 4.83
C HIS B 77 14.70 -15.00 3.44
N ILE B 78 14.57 -13.69 3.17
CA ILE B 78 14.86 -13.10 1.86
C ILE B 78 16.35 -13.31 1.52
N THR B 79 16.60 -14.31 0.68
CA THR B 79 17.92 -14.73 0.24
C THR B 79 17.93 -14.73 -1.32
N PRO B 80 19.13 -14.72 -1.98
CA PRO B 80 19.24 -15.05 -3.43
C PRO B 80 18.51 -16.39 -3.75
N GLY B 81 17.35 -16.29 -4.43
CA GLY B 81 16.57 -17.46 -4.84
C GLY B 81 15.22 -17.58 -4.13
N THR B 82 14.90 -16.65 -3.20
CA THR B 82 13.58 -16.61 -2.53
C THR B 82 12.48 -16.22 -3.53
N ALA B 83 11.56 -17.16 -3.76
CA ALA B 83 10.48 -17.03 -4.76
C ALA B 83 9.34 -16.16 -4.22
N TYR B 84 8.62 -15.52 -5.16
CA TYR B 84 7.41 -14.75 -4.88
C TYR B 84 6.24 -15.68 -4.51
N GLN B 85 6.37 -16.98 -4.85
CA GLN B 85 5.39 -18.02 -4.48
C GLN B 85 5.26 -18.19 -2.94
N SER B 86 6.34 -17.83 -2.20
CA SER B 86 6.33 -17.76 -0.73
C SER B 86 5.41 -16.61 -0.24
N PHE B 87 5.50 -15.49 -0.98
CA PHE B 87 4.68 -14.29 -0.74
C PHE B 87 3.21 -14.65 -1.02
N GLU B 88 2.96 -15.30 -2.18
CA GLU B 88 1.62 -15.74 -2.60
C GLU B 88 0.97 -16.65 -1.56
N GLN B 89 1.80 -17.50 -0.92
CA GLN B 89 1.37 -18.37 0.18
C GLN B 89 0.75 -17.54 1.32
N VAL B 90 1.55 -16.57 1.87
CA VAL B 90 1.09 -15.74 3.01
C VAL B 90 -0.07 -14.78 2.60
N VAL B 91 -0.09 -14.36 1.31
CA VAL B 91 -1.15 -13.48 0.77
C VAL B 91 -2.49 -14.25 0.66
N ASN B 92 -2.43 -15.51 0.21
CA ASN B 92 -3.63 -16.37 0.10
C ASN B 92 -4.20 -16.66 1.49
N GLU B 93 -3.31 -16.77 2.50
CA GLU B 93 -3.70 -16.96 3.91
C GLU B 93 -4.33 -15.67 4.49
N LEU B 94 -3.89 -14.49 3.99
CA LEU B 94 -4.55 -13.19 4.28
C LEU B 94 -5.97 -13.19 3.68
N PHE B 95 -6.05 -13.59 2.38
CA PHE B 95 -7.30 -13.65 1.58
C PHE B 95 -8.20 -14.84 1.98
N ARG B 96 -7.76 -15.62 2.96
CA ARG B 96 -8.55 -16.68 3.59
C ARG B 96 -9.53 -16.11 4.60
N ASP B 97 -9.03 -15.14 5.40
CA ASP B 97 -9.79 -14.54 6.52
C ASP B 97 -10.62 -13.36 6.02
N GLY B 98 -10.88 -13.36 4.70
CA GLY B 98 -11.68 -12.32 4.03
C GLY B 98 -10.97 -11.82 2.79
N VAL B 99 -11.49 -10.79 2.10
CA VAL B 99 -10.78 -10.20 0.91
C VAL B 99 -10.24 -8.79 1.26
N ASN B 100 -9.92 -8.61 2.54
CA ASN B 100 -8.84 -7.75 2.98
C ASN B 100 -9.13 -6.26 2.70
N TRP B 101 -10.30 -5.81 3.20
CA TRP B 101 -10.75 -4.41 3.09
C TRP B 101 -9.69 -3.42 3.66
N GLY B 102 -8.96 -3.89 4.68
CA GLY B 102 -7.80 -3.19 5.23
C GLY B 102 -6.53 -4.03 5.21
N ARG B 103 -6.66 -5.36 5.03
CA ARG B 103 -5.50 -6.27 5.04
C ARG B 103 -4.78 -6.30 3.66
N ILE B 104 -5.42 -5.75 2.59
CA ILE B 104 -4.71 -5.46 1.30
C ILE B 104 -3.64 -4.36 1.49
N VAL B 105 -3.98 -3.25 2.18
CA VAL B 105 -2.98 -2.19 2.47
C VAL B 105 -1.95 -2.72 3.49
N ALA B 106 -2.41 -3.65 4.36
CA ALA B 106 -1.52 -4.44 5.24
C ALA B 106 -0.57 -5.32 4.41
N PHE B 107 -1.09 -5.92 3.29
CA PHE B 107 -0.28 -6.76 2.36
C PHE B 107 0.88 -5.94 1.77
N PHE B 108 0.61 -4.68 1.40
CA PHE B 108 1.64 -3.76 0.91
C PHE B 108 2.66 -3.42 2.03
N SER B 109 2.18 -3.42 3.29
CA SER B 109 3.04 -3.22 4.47
C SER B 109 3.86 -4.52 4.82
N PHE B 110 3.33 -5.72 4.43
CA PHE B 110 4.07 -7.02 4.51
C PHE B 110 5.24 -6.93 3.54
N GLY B 111 4.91 -6.59 2.27
CA GLY B 111 5.87 -6.45 1.19
C GLY B 111 6.84 -5.30 1.40
N GLY B 112 6.41 -4.31 2.20
CA GLY B 112 7.24 -3.16 2.56
C GLY B 112 8.26 -3.55 3.63
N ALA B 113 7.86 -4.49 4.52
CA ALA B 113 8.77 -5.09 5.52
C ALA B 113 9.76 -6.02 4.83
N LEU B 114 9.27 -6.68 3.75
CA LEU B 114 10.07 -7.54 2.86
C LEU B 114 11.05 -6.70 2.02
N CYS B 115 10.66 -5.45 1.72
CA CYS B 115 11.52 -4.48 1.01
C CYS B 115 12.65 -4.02 1.91
N VAL B 116 12.31 -3.66 3.18
CA VAL B 116 13.30 -3.28 4.20
C VAL B 116 14.30 -4.41 4.42
N GLU B 117 13.75 -5.63 4.60
CA GLU B 117 14.51 -6.87 4.79
C GLU B 117 15.49 -7.10 3.63
N SER B 118 15.00 -6.89 2.39
CA SER B 118 15.75 -7.15 1.16
C SER B 118 16.93 -6.17 0.99
N VAL B 119 16.70 -4.87 1.27
CA VAL B 119 17.76 -3.82 1.21
C VAL B 119 18.79 -4.05 2.32
N ASP B 120 18.28 -4.43 3.49
CA ASP B 120 19.08 -4.74 4.68
C ASP B 120 19.92 -6.02 4.45
N LYS B 121 19.46 -6.86 3.50
CA LYS B 121 20.07 -8.16 3.20
C LYS B 121 21.11 -8.05 2.07
N GLU B 122 21.20 -6.83 1.45
CA GLU B 122 22.05 -6.58 0.27
C GLU B 122 21.49 -7.42 -0.89
N MET B 123 20.16 -7.38 -1.00
CA MET B 123 19.41 -8.20 -1.96
C MET B 123 18.23 -7.39 -2.53
N GLN B 124 18.39 -6.04 -2.50
CA GLN B 124 17.36 -5.06 -2.95
C GLN B 124 16.92 -5.20 -4.44
N VAL B 125 17.62 -6.06 -5.20
CA VAL B 125 17.20 -6.47 -6.56
C VAL B 125 15.80 -7.15 -6.48
N LEU B 126 15.58 -7.89 -5.37
CA LEU B 126 14.30 -8.49 -5.02
C LEU B 126 13.22 -7.42 -4.76
N VAL B 127 13.56 -6.25 -4.12
CA VAL B 127 12.59 -5.13 -3.92
C VAL B 127 12.04 -4.64 -5.28
N SER B 128 13.00 -4.42 -6.20
CA SER B 128 12.75 -4.03 -7.59
C SER B 128 11.79 -5.03 -8.27
N ARG B 129 11.97 -6.31 -7.96
CA ARG B 129 11.10 -7.39 -8.45
C ARG B 129 9.77 -7.47 -7.68
N ILE B 130 9.74 -7.09 -6.38
CA ILE B 130 8.52 -7.19 -5.52
C ILE B 130 7.42 -6.30 -6.09
N ALA B 131 7.80 -5.06 -6.50
CA ALA B 131 6.86 -4.12 -7.13
C ALA B 131 6.32 -4.67 -8.48
N ALA B 132 7.22 -5.33 -9.24
CA ALA B 132 6.90 -5.95 -10.54
C ALA B 132 5.88 -7.09 -10.38
N TRP B 133 6.16 -8.00 -9.42
CA TRP B 133 5.30 -9.14 -9.11
C TRP B 133 3.95 -8.68 -8.52
N MET B 134 3.97 -7.59 -7.71
CA MET B 134 2.74 -7.03 -7.10
C MET B 134 1.81 -6.48 -8.17
N ALA B 135 2.40 -5.88 -9.22
CA ALA B 135 1.66 -5.33 -10.37
C ALA B 135 0.95 -6.45 -11.16
N THR B 136 1.73 -7.51 -11.47
CA THR B 136 1.25 -8.67 -12.24
C THR B 136 0.27 -9.54 -11.40
N TYR B 137 0.42 -9.50 -10.07
CA TYR B 137 -0.44 -10.23 -9.13
C TYR B 137 -1.77 -9.47 -8.95
N LEU B 138 -1.66 -8.12 -9.02
CA LEU B 138 -2.80 -7.20 -8.89
C LEU B 138 -3.79 -7.48 -10.03
N ASN B 139 -3.30 -7.44 -11.29
CA ASN B 139 -4.15 -7.68 -12.49
C ASN B 139 -4.51 -9.15 -12.67
N ASP B 140 -4.03 -10.02 -11.76
CA ASP B 140 -4.34 -11.45 -11.78
C ASP B 140 -5.55 -11.77 -10.86
N HIS B 141 -5.67 -11.10 -9.68
CA HIS B 141 -6.77 -11.40 -8.72
C HIS B 141 -7.47 -10.12 -8.22
N LEU B 142 -6.67 -9.08 -7.90
CA LEU B 142 -7.11 -7.98 -7.01
C LEU B 142 -7.81 -6.85 -7.77
N GLU B 143 -7.50 -6.67 -9.06
CA GLU B 143 -8.06 -5.55 -9.88
C GLU B 143 -9.62 -5.47 -9.89
N PRO B 144 -10.39 -6.62 -9.88
CA PRO B 144 -11.81 -6.59 -9.49
C PRO B 144 -12.04 -5.82 -8.18
N TRP B 145 -11.34 -6.28 -7.12
CA TRP B 145 -11.54 -5.83 -5.72
C TRP B 145 -11.03 -4.39 -5.50
N ILE B 146 -10.08 -3.98 -6.34
CA ILE B 146 -9.51 -2.64 -6.27
C ILE B 146 -10.34 -1.69 -7.17
N GLN B 147 -10.28 -1.91 -8.49
CA GLN B 147 -10.82 -0.95 -9.48
C GLN B 147 -12.36 -0.94 -9.55
N GLU B 148 -13.04 -1.74 -8.69
CA GLU B 148 -14.49 -1.63 -8.50
C GLU B 148 -14.90 -0.22 -8.02
N ASN B 149 -14.05 0.41 -7.16
CA ASN B 149 -14.35 1.72 -6.54
C ASN B 149 -13.07 2.55 -6.35
N GLY B 150 -11.95 2.05 -6.92
CA GLY B 150 -10.63 2.67 -6.80
C GLY B 150 -9.75 1.82 -5.89
N GLY B 151 -10.41 1.14 -4.91
CA GLY B 151 -9.76 0.26 -3.93
C GLY B 151 -9.14 1.03 -2.77
N TRP B 152 -8.25 1.92 -3.16
CA TRP B 152 -7.54 2.85 -2.27
C TRP B 152 -8.33 4.16 -2.13
N ASP B 153 -9.26 4.39 -3.09
CA ASP B 153 -10.06 5.62 -3.17
C ASP B 153 -10.99 5.73 -1.95
N THR B 154 -11.29 4.56 -1.37
CA THR B 154 -12.13 4.40 -0.19
C THR B 154 -11.43 4.99 1.05
N PHE B 155 -10.10 4.78 1.14
CA PHE B 155 -9.27 5.36 2.22
C PHE B 155 -9.18 6.86 2.05
N VAL B 156 -9.27 7.32 0.79
CA VAL B 156 -9.25 8.75 0.46
C VAL B 156 -10.61 9.41 0.81
N GLU B 157 -11.70 8.64 0.65
CA GLU B 157 -13.06 9.08 1.04
C GLU B 157 -13.16 9.29 2.56
N LEU B 158 -12.55 8.37 3.32
CA LEU B 158 -12.62 8.39 4.79
C LEU B 158 -11.64 9.44 5.37
N TYR B 159 -10.37 9.39 4.92
CA TYR B 159 -9.25 10.16 5.52
C TYR B 159 -9.26 11.60 4.99
N GLY B 160 -9.19 11.70 3.65
CA GLY B 160 -9.20 12.99 2.96
C GLY B 160 -10.54 13.71 3.11
N ASN B 161 -10.50 15.04 3.13
CA ASN B 161 -11.70 15.90 3.30
C ASN B 161 -12.53 15.98 2.01
N ASN B 162 -12.03 15.34 0.93
CA ASN B 162 -12.67 15.32 -0.41
C ASN B 162 -12.69 16.71 -1.06
N ALA B 163 -11.83 17.63 -0.55
CA ALA B 163 -11.72 19.02 -1.04
C ALA B 163 -11.28 19.03 -2.51
N ALA B 164 -10.29 18.19 -2.83
CA ALA B 164 -9.74 18.05 -4.18
C ALA B 164 -10.73 17.31 -5.11
N ALA B 165 -11.65 16.55 -4.51
CA ALA B 165 -12.73 15.85 -5.25
C ALA B 165 -13.85 16.82 -5.62
N GLU B 166 -14.05 17.82 -4.75
CA GLU B 166 -15.08 18.84 -4.89
C GLU B 166 -14.59 20.05 -5.70
N SER B 167 -13.26 20.14 -5.91
CA SER B 167 -12.67 21.10 -6.86
C SER B 167 -12.69 20.49 -8.27
N ARG B 168 -12.30 19.20 -8.32
CA ARG B 168 -12.38 18.37 -9.53
C ARG B 168 -13.78 17.74 -9.60
N LYS B 169 -14.78 18.63 -9.79
CA LYS B 169 -16.21 18.28 -9.69
C LYS B 169 -16.62 17.14 -10.64
N GLY B 170 -15.97 17.13 -11.81
CA GLY B 170 -16.16 16.06 -12.80
C GLY B 170 -17.54 16.07 -13.47
N GLN B 171 -18.30 17.18 -13.31
CA GLN B 171 -19.65 17.34 -13.91
C GLN B 171 -19.59 17.81 -15.40
N GLU B 172 -18.43 17.58 -16.04
CA GLU B 172 -18.19 17.84 -17.48
C GLU B 172 -18.22 19.36 -17.80
N ARG B 173 -17.96 20.15 -16.75
CA ARG B 173 -17.80 21.61 -16.83
C ARG B 173 -16.43 21.96 -17.44
N LEU B 174 -15.50 20.98 -17.43
CA LEU B 174 -14.16 21.12 -18.00
C LEU B 174 -14.27 21.19 -19.53
N GLU B 175 -14.20 22.41 -20.07
CA GLU B 175 -14.31 22.68 -21.52
C GLU B 175 -12.89 22.74 -22.14
N ASP A 1 -15.70 7.89 20.06
CA ASP A 1 -16.64 7.59 18.95
C ASP A 1 -16.69 8.78 17.97
N GLY A 2 -16.48 8.49 16.67
CA GLY A 2 -16.54 9.49 15.59
C GLY A 2 -15.37 10.49 15.61
N GLY A 3 -14.29 10.16 16.37
CA GLY A 3 -13.09 11.00 16.45
C GLY A 3 -12.38 11.11 15.12
N THR A 4 -12.17 9.95 14.49
CA THR A 4 -11.62 9.85 13.14
C THR A 4 -11.99 8.49 12.51
N THR A 5 -12.05 8.47 11.17
CA THR A 5 -12.46 7.28 10.40
C THR A 5 -11.35 6.23 10.32
N PHE A 6 -10.14 6.62 10.73
CA PHE A 6 -9.01 5.69 10.90
C PHE A 6 -9.32 4.68 12.01
N GLU A 7 -9.57 5.24 13.20
CA GLU A 7 -9.79 4.50 14.46
C GLU A 7 -10.86 3.42 14.25
N HIS A 8 -12.01 3.88 13.76
CA HIS A 8 -13.20 3.05 13.57
C HIS A 8 -12.97 1.94 12.53
N LEU A 9 -12.29 2.29 11.43
CA LEU A 9 -12.00 1.35 10.33
C LEU A 9 -11.28 0.11 10.86
N TRP A 10 -10.16 0.38 11.53
CA TRP A 10 -9.23 -0.63 12.00
C TRP A 10 -9.76 -1.39 13.23
N SER A 11 -10.53 -0.72 14.08
CA SER A 11 -11.10 -1.33 15.29
C SER A 11 -12.30 -2.23 14.94
N SER A 12 -12.88 -2.00 13.76
CA SER A 12 -13.91 -2.88 13.18
C SER A 12 -13.28 -4.07 12.42
N LEU A 13 -12.13 -3.80 11.78
CA LEU A 13 -11.43 -4.76 10.89
C LEU A 13 -10.59 -5.80 11.66
N GLU A 14 -9.96 -5.36 12.74
CA GLU A 14 -9.08 -6.20 13.58
C GLU A 14 -9.82 -7.44 14.18
N PRO A 15 -11.10 -7.30 14.74
CA PRO A 15 -11.93 -8.48 15.15
C PRO A 15 -12.12 -9.56 14.04
N ASP A 16 -12.07 -9.13 12.77
CA ASP A 16 -12.29 -10.02 11.61
C ASP A 16 -11.14 -11.04 11.47
N MET B 5 -4.98 3.07 -13.06
CA MET B 5 -4.94 1.63 -13.40
C MET B 5 -3.50 1.11 -13.14
N SER B 6 -3.00 0.13 -13.95
CA SER B 6 -1.73 -0.59 -13.71
C SER B 6 -0.50 0.34 -13.59
N GLN B 7 -0.49 1.47 -14.36
CA GLN B 7 0.60 2.47 -14.30
C GLN B 7 0.70 3.05 -12.89
N SER B 8 -0.46 3.55 -12.41
CA SER B 8 -0.60 4.17 -11.09
C SER B 8 -0.35 3.12 -9.97
N ASN B 9 -0.69 1.84 -10.26
CA ASN B 9 -0.51 0.71 -9.31
C ASN B 9 0.97 0.39 -9.15
N ARG B 10 1.73 0.58 -10.23
CA ARG B 10 3.20 0.48 -10.23
C ARG B 10 3.78 1.57 -9.34
N GLU B 11 3.21 2.80 -9.49
CA GLU B 11 3.65 3.96 -8.72
C GLU B 11 3.31 3.78 -7.22
N LEU B 12 2.19 3.09 -6.92
CA LEU B 12 1.78 2.79 -5.52
C LEU B 12 2.76 1.82 -4.84
N VAL B 13 3.16 0.78 -5.59
CA VAL B 13 4.12 -0.24 -5.13
C VAL B 13 5.48 0.40 -4.83
N VAL B 14 6.01 1.20 -5.78
CA VAL B 14 7.37 1.76 -5.65
C VAL B 14 7.40 2.81 -4.53
N ASP B 15 6.35 3.67 -4.49
CA ASP B 15 6.22 4.76 -3.51
C ASP B 15 6.11 4.21 -2.07
N PHE B 16 5.26 3.19 -1.88
CA PHE B 16 4.96 2.63 -0.54
C PHE B 16 6.22 1.92 0.02
N LEU B 17 6.81 1.07 -0.85
CA LEU B 17 8.03 0.30 -0.52
C LEU B 17 9.21 1.24 -0.21
N SER B 18 9.36 2.30 -1.00
CA SER B 18 10.47 3.27 -0.84
C SER B 18 10.32 4.11 0.44
N TYR B 19 9.06 4.40 0.86
CA TYR B 19 8.79 5.11 2.15
C TYR B 19 9.06 4.18 3.36
N LYS B 20 8.93 2.86 3.13
CA LYS B 20 9.38 1.83 4.10
C LYS B 20 10.93 1.78 4.15
N LEU B 21 11.57 1.90 2.97
CA LEU B 21 13.04 1.96 2.82
C LEU B 21 13.61 3.27 3.40
N SER B 22 12.75 4.30 3.49
CA SER B 22 13.10 5.63 4.04
C SER B 22 13.37 5.56 5.55
N GLN B 23 12.91 4.48 6.20
CA GLN B 23 13.22 4.18 7.62
C GLN B 23 14.73 3.83 7.77
N LYS B 24 15.36 3.49 6.64
CA LYS B 24 16.83 3.24 6.52
C LYS B 24 17.53 4.51 6.02
N GLY B 25 16.70 5.48 5.56
CA GLY B 25 17.16 6.70 4.90
C GLY B 25 17.58 6.44 3.46
N TYR B 26 16.81 5.59 2.77
CA TYR B 26 17.12 5.08 1.42
C TYR B 26 15.80 4.89 0.60
N SER B 27 15.92 4.81 -0.73
CA SER B 27 14.81 4.42 -1.63
C SER B 27 15.36 3.71 -2.87
N TRP B 28 14.66 2.66 -3.37
CA TRP B 28 15.02 2.03 -4.68
C TRP B 28 14.48 2.90 -5.84
N SER B 29 13.72 3.95 -5.48
CA SER B 29 13.20 4.96 -6.39
C SER B 29 14.31 5.92 -6.90
N GLN B 30 15.48 5.88 -6.25
CA GLN B 30 16.63 6.74 -6.57
C GLN B 30 17.30 6.33 -7.90
N PHE B 31 17.28 5.01 -8.18
CA PHE B 31 17.88 4.42 -9.42
C PHE B 31 16.82 4.47 -10.53
N SER B 32 15.60 4.04 -10.15
CA SER B 32 14.44 4.01 -11.07
C SER B 32 13.89 5.42 -11.38
N ASP B 33 14.40 6.45 -10.65
CA ASP B 33 14.13 7.91 -10.87
C ASP B 33 12.63 8.29 -10.96
N VAL B 34 11.75 7.43 -10.38
CA VAL B 34 10.27 7.64 -10.42
C VAL B 34 9.82 8.78 -9.49
N GLU B 35 10.79 9.38 -8.80
CA GLU B 35 10.61 10.55 -7.92
C GLU B 35 10.08 11.79 -8.67
N GLU B 36 10.14 11.75 -10.01
CA GLU B 36 9.57 12.77 -10.88
C GLU B 36 8.02 12.70 -10.89
N ASN B 37 7.49 11.46 -10.85
CA ASN B 37 6.06 11.16 -10.88
C ASN B 37 5.58 10.73 -9.48
N ARG B 38 6.39 11.05 -8.45
CA ARG B 38 6.13 10.73 -7.02
C ARG B 38 4.94 11.55 -6.48
N THR B 39 4.61 12.63 -7.20
CA THR B 39 3.57 13.59 -6.81
C THR B 39 2.53 13.76 -7.93
N GLU B 40 1.27 13.89 -7.51
CA GLU B 40 0.11 14.03 -8.39
C GLU B 40 -0.15 15.49 -8.79
N ALA B 41 0.75 16.39 -8.36
CA ALA B 41 0.65 17.84 -8.54
C ALA B 41 0.58 18.31 -10.04
N PRO B 42 1.43 17.81 -11.01
CA PRO B 42 1.56 18.45 -12.33
C PRO B 42 0.60 17.85 -13.37
N GLU B 43 -0.31 16.94 -12.93
CA GLU B 43 -1.16 16.18 -13.85
C GLU B 43 -2.56 15.90 -13.25
N GLY B 44 -2.64 15.87 -11.92
CA GLY B 44 -3.90 15.70 -11.22
C GLY B 44 -4.37 14.26 -11.24
N THR B 45 -3.42 13.34 -10.99
CA THR B 45 -3.66 11.90 -10.98
C THR B 45 -4.19 11.47 -9.60
N GLU B 46 -5.33 12.07 -9.24
CA GLU B 46 -6.06 11.89 -7.95
C GLU B 46 -6.43 10.42 -7.61
N SER B 47 -6.37 9.52 -8.59
CA SER B 47 -6.61 8.08 -8.38
C SER B 47 -5.48 7.44 -7.56
N GLU B 48 -4.32 8.10 -7.62
CA GLU B 48 -3.10 7.70 -6.91
C GLU B 48 -3.11 8.22 -5.45
N ALA B 49 -4.00 9.21 -5.13
CA ALA B 49 -4.13 9.83 -3.77
C ALA B 49 -4.45 8.80 -2.69
N VAL B 50 -4.90 7.64 -3.14
CA VAL B 50 -5.15 6.48 -2.30
C VAL B 50 -3.92 6.09 -1.44
N LYS B 51 -2.70 6.40 -1.93
CA LYS B 51 -1.45 6.08 -1.21
C LYS B 51 -1.27 6.97 0.03
N GLN B 52 -1.87 8.17 0.03
CA GLN B 52 -1.91 9.06 1.20
C GLN B 52 -2.82 8.46 2.26
N ALA B 53 -3.97 7.95 1.80
CA ALA B 53 -4.95 7.28 2.64
C ALA B 53 -4.35 6.00 3.27
N LEU B 54 -3.51 5.32 2.48
CA LEU B 54 -2.81 4.08 2.88
C LEU B 54 -1.50 4.39 3.63
N ARG B 55 -0.98 5.64 3.50
CA ARG B 55 0.11 6.16 4.37
C ARG B 55 -0.43 6.24 5.79
N GLU B 56 -1.50 7.03 5.96
CA GLU B 56 -1.98 7.45 7.27
C GLU B 56 -2.55 6.25 8.03
N ALA B 57 -3.54 5.60 7.40
CA ALA B 57 -4.23 4.47 7.98
C ALA B 57 -3.33 3.24 8.02
N GLY B 58 -2.60 3.03 6.92
CA GLY B 58 -1.80 1.84 6.72
C GLY B 58 -0.58 1.78 7.60
N ASP B 59 -0.10 2.96 8.03
CA ASP B 59 0.97 3.05 9.03
C ASP B 59 0.40 2.98 10.47
N GLU B 60 -0.81 3.55 10.68
CA GLU B 60 -1.37 3.69 12.04
C GLU B 60 -1.76 2.33 12.68
N PHE B 61 -2.45 1.44 11.92
CA PHE B 61 -2.91 0.12 12.47
C PHE B 61 -1.74 -0.82 12.74
N GLU B 62 -0.58 -0.53 12.10
CA GLU B 62 0.60 -1.40 12.08
C GLU B 62 0.94 -2.01 13.45
N LEU B 63 1.33 -1.15 14.40
CA LEU B 63 2.25 -1.50 15.52
C LEU B 63 2.28 -3.01 15.90
N ARG B 64 1.17 -3.55 16.43
CA ARG B 64 1.08 -4.95 16.90
C ARG B 64 1.01 -5.92 15.68
N TYR B 65 0.17 -5.57 14.71
CA TYR B 65 0.03 -6.32 13.44
C TYR B 65 1.30 -6.24 12.59
N ARG B 66 2.12 -5.19 12.76
CA ARG B 66 3.40 -5.04 12.06
C ARG B 66 4.40 -6.01 12.67
N ARG B 67 4.31 -6.23 14.00
CA ARG B 67 5.11 -7.27 14.68
C ARG B 67 4.74 -8.65 14.06
N ALA B 68 3.43 -8.85 13.78
CA ALA B 68 2.93 -10.10 13.20
C ALA B 68 3.40 -10.25 11.74
N PHE B 69 3.30 -9.15 10.96
CA PHE B 69 3.62 -9.15 9.52
C PHE B 69 5.12 -9.36 9.32
N SER B 70 5.92 -8.69 10.17
CA SER B 70 7.38 -8.80 10.16
C SER B 70 7.84 -10.17 10.64
N ASP B 71 7.03 -10.82 11.51
CA ASP B 71 7.30 -12.18 12.01
C ASP B 71 7.13 -13.23 10.88
N LEU B 72 6.18 -12.95 9.96
CA LEU B 72 6.00 -13.74 8.73
C LEU B 72 7.17 -13.46 7.76
N THR B 73 7.54 -12.19 7.58
CA THR B 73 8.52 -11.77 6.58
C THR B 73 9.98 -12.07 7.02
N SER B 74 10.19 -12.30 8.33
CA SER B 74 11.48 -12.78 8.87
C SER B 74 11.57 -14.32 8.76
N GLN B 75 10.39 -14.98 8.73
CA GLN B 75 10.29 -16.42 8.40
C GLN B 75 10.74 -16.64 6.95
N LEU B 76 10.45 -15.64 6.10
CA LEU B 76 10.97 -15.55 4.74
C LEU B 76 12.37 -14.94 4.87
N HIS B 77 13.36 -15.81 5.15
CA HIS B 77 14.73 -15.39 5.48
C HIS B 77 15.41 -14.64 4.34
N ILE B 78 14.85 -14.80 3.12
CA ILE B 78 15.29 -14.08 1.91
C ILE B 78 16.75 -14.46 1.58
N THR B 79 16.91 -15.48 0.75
CA THR B 79 18.23 -16.01 0.34
C THR B 79 18.43 -15.82 -1.18
N PRO B 80 19.70 -15.89 -1.70
CA PRO B 80 19.93 -15.90 -3.15
C PRO B 80 19.33 -17.17 -3.77
N GLY B 81 18.37 -16.99 -4.68
CA GLY B 81 17.67 -18.10 -5.33
C GLY B 81 16.18 -18.15 -4.99
N THR B 82 15.80 -17.80 -3.74
CA THR B 82 14.38 -17.77 -3.33
C THR B 82 13.68 -16.56 -3.96
N ALA B 83 12.72 -16.85 -4.88
CA ALA B 83 11.97 -15.84 -5.64
C ALA B 83 10.72 -15.39 -4.87
N TYR B 84 9.83 -14.67 -5.58
CA TYR B 84 8.59 -14.09 -5.05
C TYR B 84 7.62 -15.14 -4.43
N GLN B 85 7.86 -16.46 -4.65
CA GLN B 85 6.98 -17.57 -4.17
C GLN B 85 6.68 -17.51 -2.65
N SER B 86 7.61 -16.96 -1.85
CA SER B 86 7.42 -16.76 -0.39
C SER B 86 6.29 -15.73 -0.15
N PHE B 87 6.44 -14.58 -0.84
CA PHE B 87 5.48 -13.47 -0.84
C PHE B 87 4.11 -13.94 -1.38
N GLU B 88 4.15 -14.74 -2.46
CA GLU B 88 2.95 -15.23 -3.19
C GLU B 88 2.12 -16.16 -2.29
N GLN B 89 2.82 -17.00 -1.49
CA GLN B 89 2.21 -17.89 -0.48
C GLN B 89 1.40 -17.06 0.54
N VAL B 90 2.08 -16.06 1.15
CA VAL B 90 1.49 -15.19 2.18
C VAL B 90 0.27 -14.40 1.63
N VAL B 91 0.45 -13.80 0.44
CA VAL B 91 -0.59 -13.01 -0.25
C VAL B 91 -1.83 -13.86 -0.53
N ASN B 92 -1.59 -15.12 -0.95
CA ASN B 92 -2.65 -16.11 -1.23
C ASN B 92 -3.47 -16.38 0.05
N GLU B 93 -2.80 -16.41 1.21
CA GLU B 93 -3.45 -16.61 2.51
C GLU B 93 -4.32 -15.40 2.90
N LEU B 94 -3.92 -14.18 2.47
CA LEU B 94 -4.70 -12.92 2.66
C LEU B 94 -6.06 -12.96 1.92
N PHE B 95 -6.10 -13.68 0.79
CA PHE B 95 -7.32 -13.84 -0.03
C PHE B 95 -8.49 -14.46 0.78
N ARG B 96 -8.18 -15.33 1.77
CA ARG B 96 -9.22 -15.96 2.62
C ARG B 96 -9.78 -14.93 3.61
N ASP B 97 -8.91 -13.96 3.96
CA ASP B 97 -9.25 -12.86 4.86
C ASP B 97 -10.00 -11.76 4.09
N GLY B 98 -10.21 -11.98 2.78
CA GLY B 98 -10.97 -11.07 1.93
C GLY B 98 -10.20 -9.79 1.60
N VAL B 99 -9.46 -9.82 0.48
CA VAL B 99 -8.57 -8.73 0.04
C VAL B 99 -9.34 -7.52 -0.55
N ASN B 100 -10.07 -6.80 0.33
CA ASN B 100 -10.87 -5.64 -0.08
C ASN B 100 -11.20 -4.75 1.13
N TRP B 101 -11.43 -5.36 2.32
CA TRP B 101 -11.77 -4.59 3.55
C TRP B 101 -10.54 -3.89 4.19
N GLY B 102 -9.33 -4.25 3.72
CA GLY B 102 -8.09 -3.74 4.34
C GLY B 102 -6.90 -4.66 4.13
N ARG B 103 -7.16 -5.91 3.71
CA ARG B 103 -6.11 -6.95 3.55
C ARG B 103 -5.11 -6.59 2.43
N ILE B 104 -5.55 -5.74 1.47
CA ILE B 104 -4.65 -5.16 0.45
C ILE B 104 -3.66 -4.15 1.08
N VAL B 105 -4.12 -3.42 2.10
CA VAL B 105 -3.26 -2.47 2.85
C VAL B 105 -2.16 -3.27 3.60
N ALA B 106 -2.59 -4.46 4.10
CA ALA B 106 -1.71 -5.44 4.76
C ALA B 106 -0.73 -6.06 3.74
N PHE B 107 -1.21 -6.25 2.49
CA PHE B 107 -0.39 -6.75 1.35
C PHE B 107 0.81 -5.81 1.10
N PHE B 108 0.52 -4.49 1.11
CA PHE B 108 1.55 -3.42 0.96
C PHE B 108 2.55 -3.45 2.14
N SER B 109 2.04 -3.74 3.35
CA SER B 109 2.86 -3.86 4.56
C SER B 109 3.84 -5.06 4.48
N PHE B 110 3.38 -6.20 3.91
CA PHE B 110 4.21 -7.42 3.77
C PHE B 110 5.37 -7.16 2.81
N GLY B 111 5.01 -6.68 1.59
CA GLY B 111 5.99 -6.33 0.56
C GLY B 111 6.89 -5.17 0.96
N GLY B 112 6.38 -4.35 1.91
CA GLY B 112 7.12 -3.24 2.48
C GLY B 112 8.21 -3.75 3.42
N ALA B 113 7.84 -4.72 4.26
CA ALA B 113 8.75 -5.34 5.23
C ALA B 113 9.82 -6.18 4.51
N LEU B 114 9.40 -6.77 3.38
CA LEU B 114 10.25 -7.62 2.54
C LEU B 114 11.32 -6.81 1.82
N CYS B 115 10.94 -5.64 1.26
CA CYS B 115 11.89 -4.78 0.53
C CYS B 115 12.94 -4.20 1.50
N VAL B 116 12.49 -3.77 2.69
CA VAL B 116 13.37 -3.27 3.76
C VAL B 116 14.43 -4.33 4.14
N GLU B 117 13.95 -5.56 4.38
CA GLU B 117 14.80 -6.71 4.73
C GLU B 117 15.72 -7.11 3.57
N SER B 118 15.21 -7.07 2.33
CA SER B 118 15.96 -7.54 1.15
C SER B 118 17.17 -6.63 0.88
N VAL B 119 17.00 -5.30 1.07
CA VAL B 119 18.12 -4.33 1.01
C VAL B 119 19.07 -4.51 2.21
N ASP B 120 18.48 -4.78 3.37
CA ASP B 120 19.22 -5.01 4.64
C ASP B 120 20.09 -6.29 4.52
N LYS B 121 19.60 -7.24 3.72
CA LYS B 121 20.24 -8.54 3.50
C LYS B 121 21.12 -8.48 2.23
N GLU B 122 21.25 -7.24 1.66
CA GLU B 122 22.21 -6.92 0.57
C GLU B 122 21.87 -7.71 -0.71
N MET B 123 20.57 -7.95 -0.88
CA MET B 123 19.99 -8.68 -2.02
C MET B 123 18.76 -7.91 -2.52
N GLN B 124 18.89 -6.57 -2.50
CA GLN B 124 17.95 -5.61 -3.13
C GLN B 124 17.56 -5.93 -4.62
N VAL B 125 18.30 -6.85 -5.26
CA VAL B 125 17.91 -7.45 -6.56
C VAL B 125 16.48 -8.07 -6.44
N LEU B 126 16.21 -8.71 -5.30
CA LEU B 126 14.90 -9.29 -4.96
C LEU B 126 13.85 -8.18 -4.70
N VAL B 127 14.26 -6.98 -4.23
CA VAL B 127 13.33 -5.81 -4.09
C VAL B 127 12.73 -5.46 -5.45
N SER B 128 13.61 -5.20 -6.43
CA SER B 128 13.18 -4.82 -7.79
C SER B 128 12.34 -5.94 -8.45
N ARG B 129 12.74 -7.22 -8.25
CA ARG B 129 12.00 -8.38 -8.80
C ARG B 129 10.58 -8.46 -8.20
N ILE B 130 10.52 -8.56 -6.86
CA ILE B 130 9.25 -8.65 -6.08
C ILE B 130 8.33 -7.46 -6.40
N ALA B 131 8.92 -6.27 -6.64
CA ALA B 131 8.16 -5.02 -6.94
C ALA B 131 7.49 -5.08 -8.33
N ALA B 132 8.18 -5.72 -9.31
CA ALA B 132 7.63 -5.93 -10.67
C ALA B 132 6.40 -6.86 -10.59
N TRP B 133 6.61 -8.03 -9.95
CA TRP B 133 5.55 -9.02 -9.72
C TRP B 133 4.43 -8.45 -8.84
N MET B 134 4.78 -7.55 -7.91
CA MET B 134 3.83 -6.96 -6.94
C MET B 134 2.85 -6.06 -7.66
N ALA B 135 3.38 -5.17 -8.52
CA ALA B 135 2.61 -4.19 -9.30
C ALA B 135 1.62 -4.89 -10.25
N THR B 136 2.15 -5.92 -10.94
CA THR B 136 1.40 -6.72 -11.91
C THR B 136 0.29 -7.53 -11.22
N TYR B 137 0.62 -8.13 -10.06
CA TYR B 137 -0.30 -9.02 -9.31
C TYR B 137 -1.37 -8.17 -8.59
N LEU B 138 -0.95 -6.93 -8.24
CA LEU B 138 -1.76 -5.92 -7.58
C LEU B 138 -2.97 -5.56 -8.43
N ASN B 139 -2.71 -5.10 -9.68
CA ASN B 139 -3.81 -4.78 -10.59
C ASN B 139 -4.53 -6.06 -11.00
N ASP B 140 -3.78 -7.06 -11.48
CA ASP B 140 -4.33 -8.23 -12.24
C ASP B 140 -5.39 -9.01 -11.44
N HIS B 141 -5.16 -9.16 -10.14
CA HIS B 141 -5.99 -10.01 -9.26
C HIS B 141 -6.92 -9.21 -8.35
N LEU B 142 -6.56 -7.93 -8.09
CA LEU B 142 -7.36 -7.07 -7.19
C LEU B 142 -8.16 -6.04 -8.01
N GLU B 143 -8.10 -6.15 -9.35
CA GLU B 143 -8.95 -5.36 -10.29
C GLU B 143 -10.47 -5.47 -9.95
N PRO B 144 -11.06 -6.68 -9.60
CA PRO B 144 -12.46 -6.74 -9.08
C PRO B 144 -12.65 -5.92 -7.78
N TRP B 145 -11.71 -6.12 -6.84
CA TRP B 145 -11.78 -5.58 -5.47
C TRP B 145 -11.53 -4.06 -5.44
N ILE B 146 -10.89 -3.52 -6.50
CA ILE B 146 -10.72 -2.07 -6.68
C ILE B 146 -11.85 -1.48 -7.54
N GLN B 147 -12.18 -2.14 -8.66
CA GLN B 147 -13.11 -1.58 -9.69
C GLN B 147 -14.56 -1.49 -9.16
N GLU B 148 -14.85 -2.26 -8.07
CA GLU B 148 -16.15 -2.26 -7.37
C GLU B 148 -16.71 -0.82 -7.15
N ASN B 149 -15.86 0.09 -6.63
CA ASN B 149 -16.24 1.50 -6.37
C ASN B 149 -15.00 2.31 -5.94
N GLY B 150 -13.81 1.80 -6.28
CA GLY B 150 -12.56 2.33 -5.76
C GLY B 150 -12.27 1.73 -4.42
N GLY B 151 -11.82 0.45 -4.42
CA GLY B 151 -11.50 -0.30 -3.18
C GLY B 151 -10.42 0.36 -2.35
N TRP B 152 -9.61 1.23 -2.98
CA TRP B 152 -8.65 2.10 -2.28
C TRP B 152 -9.21 3.52 -2.10
N ASP B 153 -10.11 3.93 -3.03
CA ASP B 153 -10.67 5.31 -3.06
C ASP B 153 -11.70 5.51 -1.93
N THR B 154 -12.11 4.39 -1.31
CA THR B 154 -13.01 4.38 -0.16
C THR B 154 -12.34 4.95 1.08
N PHE B 155 -11.06 4.57 1.27
CA PHE B 155 -10.22 5.12 2.34
C PHE B 155 -10.13 6.66 2.17
N VAL B 156 -10.01 7.09 0.91
CA VAL B 156 -9.89 8.52 0.54
C VAL B 156 -11.21 9.27 0.78
N GLU B 157 -12.33 8.56 0.56
CA GLU B 157 -13.67 9.06 0.81
C GLU B 157 -13.90 9.30 2.33
N LEU B 158 -13.45 8.34 3.15
CA LEU B 158 -13.68 8.36 4.60
C LEU B 158 -12.80 9.43 5.28
N TYR B 159 -11.54 9.54 4.83
CA TYR B 159 -10.52 10.41 5.49
C TYR B 159 -10.65 11.83 4.95
N GLY B 160 -10.67 11.93 3.62
CA GLY B 160 -10.73 13.22 2.95
C GLY B 160 -9.34 13.80 2.80
N ASN B 161 -8.68 13.49 1.67
CA ASN B 161 -7.38 14.07 1.32
C ASN B 161 -7.53 15.56 0.96
N ASN B 162 -8.77 15.93 0.53
CA ASN B 162 -9.16 17.29 0.07
C ASN B 162 -8.60 17.58 -1.34
N ALA B 163 -7.86 16.61 -1.92
CA ALA B 163 -7.32 16.69 -3.29
C ALA B 163 -8.47 16.84 -4.30
N ALA B 164 -9.56 16.09 -4.04
CA ALA B 164 -10.78 16.08 -4.85
C ALA B 164 -11.54 17.41 -4.75
N ALA B 165 -11.54 17.98 -3.54
CA ALA B 165 -12.29 19.22 -3.23
C ALA B 165 -11.64 20.45 -3.87
N GLU B 166 -10.30 20.52 -3.78
CA GLU B 166 -9.50 21.61 -4.32
C GLU B 166 -9.36 21.52 -5.85
N SER B 167 -9.49 20.30 -6.38
CA SER B 167 -9.47 20.06 -7.85
C SER B 167 -10.78 20.50 -8.50
N ARG B 168 -11.88 19.96 -7.96
CA ARG B 168 -13.23 20.13 -8.51
C ARG B 168 -13.74 21.57 -8.31
N LYS B 169 -13.42 22.16 -7.13
CA LYS B 169 -13.79 23.54 -6.76
C LYS B 169 -15.31 23.81 -6.96
N GLY B 170 -15.65 25.09 -7.20
CA GLY B 170 -16.97 25.46 -7.73
C GLY B 170 -16.84 25.91 -9.19
N GLN B 171 -16.06 25.15 -9.99
CA GLN B 171 -15.80 25.48 -11.42
C GLN B 171 -16.66 24.62 -12.39
N GLU B 172 -17.37 23.61 -11.85
CA GLU B 172 -18.12 22.62 -12.69
C GLU B 172 -19.39 23.24 -13.26
N ARG B 173 -19.91 24.22 -12.52
CA ARG B 173 -20.97 25.13 -12.98
C ARG B 173 -20.53 25.97 -14.21
N LEU B 174 -19.20 25.93 -14.51
CA LEU B 174 -18.53 26.74 -15.56
C LEU B 174 -18.59 28.24 -15.24
N GLU B 175 -18.00 29.05 -16.14
CA GLU B 175 -18.02 30.52 -16.03
C GLU B 175 -19.47 31.03 -16.13
N ASP A 1 -18.13 10.56 5.21
CA ASP A 1 -17.76 11.69 6.12
C ASP A 1 -16.73 11.23 7.15
N GLY A 2 -16.31 12.17 8.03
CA GLY A 2 -15.32 11.90 9.09
C GLY A 2 -15.85 11.02 10.22
N GLY A 3 -17.13 10.61 10.12
CA GLY A 3 -17.68 9.55 10.96
C GLY A 3 -17.00 8.23 10.68
N THR A 4 -16.66 7.99 9.41
CA THR A 4 -15.87 6.85 8.98
C THR A 4 -14.37 7.17 9.06
N THR A 5 -13.92 7.52 10.28
CA THR A 5 -12.49 7.72 10.59
C THR A 5 -11.77 6.36 10.70
N PHE A 6 -10.48 6.39 11.09
CA PHE A 6 -9.59 5.22 11.08
C PHE A 6 -10.10 4.14 12.05
N GLU A 7 -10.34 4.54 13.29
CA GLU A 7 -10.83 3.66 14.37
C GLU A 7 -12.17 3.00 14.00
N HIS A 8 -13.00 3.78 13.29
CA HIS A 8 -14.34 3.33 12.85
C HIS A 8 -14.20 2.32 11.69
N LEU A 9 -13.26 2.61 10.78
CA LEU A 9 -13.00 1.79 9.60
C LEU A 9 -12.50 0.41 10.01
N TRP A 10 -11.47 0.42 10.86
CA TRP A 10 -10.73 -0.76 11.27
C TRP A 10 -11.44 -1.57 12.34
N SER A 11 -12.44 -0.98 13.01
CA SER A 11 -13.35 -1.74 13.89
C SER A 11 -14.37 -2.51 13.04
N SER A 12 -14.74 -1.92 11.89
CA SER A 12 -15.57 -2.58 10.86
C SER A 12 -14.77 -3.65 10.11
N LEU A 13 -13.49 -3.34 9.86
CA LEU A 13 -12.56 -4.21 9.11
C LEU A 13 -11.92 -5.29 9.97
N GLU A 14 -11.99 -5.12 11.31
CA GLU A 14 -11.45 -6.10 12.25
C GLU A 14 -12.14 -7.50 12.10
N PRO A 15 -13.52 -7.61 11.96
CA PRO A 15 -14.17 -8.87 11.52
C PRO A 15 -14.28 -8.99 9.98
N ASP A 16 -13.79 -7.96 9.24
CA ASP A 16 -13.77 -7.85 7.76
C ASP A 16 -15.05 -8.42 7.06
N MET B 5 -6.78 3.85 -12.80
CA MET B 5 -6.85 2.39 -12.58
C MET B 5 -5.45 1.84 -12.22
N SER B 6 -5.14 0.58 -12.62
CA SER B 6 -4.01 -0.20 -12.10
C SER B 6 -2.61 0.42 -12.37
N GLN B 7 -2.48 1.35 -13.36
CA GLN B 7 -1.21 2.08 -13.58
C GLN B 7 -0.92 3.03 -12.41
N SER B 8 -1.98 3.70 -11.92
CA SER B 8 -1.89 4.65 -10.80
C SER B 8 -1.76 3.91 -9.46
N ASN B 9 -2.25 2.66 -9.43
CA ASN B 9 -2.08 1.77 -8.27
C ASN B 9 -0.71 1.12 -8.29
N ARG B 10 -0.10 1.03 -9.48
CA ARG B 10 1.30 0.61 -9.64
C ARG B 10 2.22 1.72 -9.09
N GLU B 11 1.87 3.01 -9.40
CA GLU B 11 2.54 4.18 -8.80
C GLU B 11 2.49 4.05 -7.26
N LEU B 12 1.27 3.83 -6.75
CA LEU B 12 0.97 3.66 -5.34
C LEU B 12 1.86 2.57 -4.66
N VAL B 13 1.96 1.38 -5.30
CA VAL B 13 2.73 0.24 -4.77
C VAL B 13 4.24 0.56 -4.68
N VAL B 14 4.82 0.96 -5.83
CA VAL B 14 6.27 1.13 -5.98
C VAL B 14 6.78 2.32 -5.11
N ASP B 15 5.94 3.37 -5.02
CA ASP B 15 6.17 4.50 -4.12
C ASP B 15 6.05 4.08 -2.64
N PHE B 16 5.07 3.20 -2.32
CA PHE B 16 4.78 2.80 -0.92
C PHE B 16 6.01 2.09 -0.33
N LEU B 17 6.49 1.12 -1.12
CA LEU B 17 7.71 0.35 -0.83
C LEU B 17 8.90 1.32 -0.70
N SER B 18 8.98 2.31 -1.62
CA SER B 18 10.08 3.30 -1.65
C SER B 18 10.14 4.15 -0.36
N TYR B 19 8.94 4.51 0.19
CA TYR B 19 8.85 5.33 1.42
C TYR B 19 9.29 4.52 2.64
N LYS B 20 8.99 3.22 2.61
CA LYS B 20 9.39 2.29 3.67
C LYS B 20 10.91 1.98 3.55
N LEU B 21 11.46 2.10 2.32
CA LEU B 21 12.91 2.05 2.06
C LEU B 21 13.61 3.34 2.54
N SER B 22 12.86 4.46 2.52
CA SER B 22 13.35 5.79 2.93
C SER B 22 13.59 5.88 4.44
N GLN B 23 13.03 4.93 5.22
CA GLN B 23 13.39 4.76 6.64
C GLN B 23 14.89 4.40 6.80
N LYS B 24 15.50 3.90 5.71
CA LYS B 24 16.96 3.64 5.63
C LYS B 24 17.67 4.84 4.99
N GLY B 25 16.89 5.87 4.65
CA GLY B 25 17.37 7.01 3.85
C GLY B 25 17.60 6.62 2.40
N TYR B 26 17.02 5.48 1.99
CA TYR B 26 17.28 4.85 0.70
C TYR B 26 16.03 4.92 -0.21
N SER B 27 16.27 4.95 -1.53
CA SER B 27 15.24 4.73 -2.54
C SER B 27 15.88 4.07 -3.78
N TRP B 28 15.09 3.25 -4.51
CA TRP B 28 15.49 2.71 -5.85
C TRP B 28 15.73 3.86 -6.85
N SER B 29 15.21 5.04 -6.49
CA SER B 29 15.31 6.29 -7.24
C SER B 29 16.77 6.71 -7.42
N GLN B 30 17.61 6.40 -6.41
CA GLN B 30 19.04 6.74 -6.39
C GLN B 30 19.83 5.89 -7.41
N PHE B 31 19.23 4.77 -7.85
CA PHE B 31 19.81 3.86 -8.83
C PHE B 31 19.33 4.22 -10.25
N SER B 32 18.01 4.39 -10.40
CA SER B 32 17.35 4.54 -11.71
C SER B 32 17.30 6.00 -12.17
N ASP B 33 16.73 6.85 -11.28
CA ASP B 33 16.49 8.30 -11.52
C ASP B 33 15.44 8.56 -12.63
N VAL B 34 14.82 7.49 -13.14
CA VAL B 34 13.78 7.57 -14.20
C VAL B 34 12.40 7.29 -13.56
N GLU B 35 12.26 7.78 -12.31
CA GLU B 35 11.04 7.65 -11.49
C GLU B 35 9.83 8.23 -12.24
N GLU B 36 10.08 9.35 -12.92
CA GLU B 36 9.08 10.14 -13.63
C GLU B 36 8.57 9.41 -14.90
N ASN B 37 9.37 8.44 -15.38
CA ASN B 37 9.02 7.56 -16.50
C ASN B 37 8.18 6.38 -15.99
N ARG B 38 8.25 6.15 -14.67
CA ARG B 38 7.52 5.06 -13.97
C ARG B 38 6.32 5.66 -13.21
N THR B 39 6.14 6.97 -13.33
CA THR B 39 5.12 7.74 -12.61
C THR B 39 4.38 8.63 -13.61
N GLU B 40 3.04 8.49 -13.68
CA GLU B 40 2.19 9.35 -14.50
C GLU B 40 2.33 10.81 -14.09
N ALA B 41 2.43 11.02 -12.75
CA ALA B 41 2.57 12.34 -12.12
C ALA B 41 1.55 13.36 -12.69
N PRO B 42 0.23 13.03 -12.73
CA PRO B 42 -0.77 13.82 -13.48
C PRO B 42 -1.31 14.99 -12.62
N GLU B 43 -0.77 15.09 -11.40
CA GLU B 43 -1.16 16.10 -10.42
C GLU B 43 -0.11 16.13 -9.30
N GLY B 44 0.20 14.93 -8.77
CA GLY B 44 1.07 14.77 -7.60
C GLY B 44 0.57 15.51 -6.36
N THR B 45 -0.76 15.71 -6.30
CA THR B 45 -1.41 16.53 -5.25
C THR B 45 -2.22 15.65 -4.29
N GLU B 46 -3.33 15.09 -4.78
CA GLU B 46 -4.21 14.19 -4.02
C GLU B 46 -4.06 12.74 -4.50
N SER B 47 -3.23 12.53 -5.54
CA SER B 47 -2.80 11.19 -5.97
C SER B 47 -1.86 10.57 -4.93
N GLU B 48 -1.06 11.44 -4.30
CA GLU B 48 -0.15 11.06 -3.21
C GLU B 48 -0.88 11.03 -1.87
N ALA B 49 -2.07 11.68 -1.80
CA ALA B 49 -2.96 11.61 -0.61
C ALA B 49 -3.50 10.19 -0.40
N VAL B 50 -3.47 9.37 -1.49
CA VAL B 50 -3.78 7.93 -1.43
C VAL B 50 -2.75 7.19 -0.56
N LYS B 51 -1.49 7.57 -0.75
CA LYS B 51 -0.36 6.97 -0.03
C LYS B 51 -0.43 7.35 1.43
N GLN B 52 -0.63 8.66 1.70
CA GLN B 52 -0.90 9.19 3.04
C GLN B 52 -2.10 8.45 3.68
N ALA B 53 -3.14 8.19 2.87
CA ALA B 53 -4.37 7.55 3.34
C ALA B 53 -4.08 6.12 3.81
N LEU B 54 -3.25 5.40 3.02
CA LEU B 54 -2.90 4.01 3.31
C LEU B 54 -1.78 3.91 4.38
N ARG B 55 -1.03 5.00 4.55
CA ARG B 55 0.01 5.10 5.60
C ARG B 55 -0.63 5.18 6.98
N GLU B 56 -1.55 6.16 7.16
CA GLU B 56 -2.09 6.47 8.49
C GLU B 56 -3.03 5.34 8.91
N ALA B 57 -3.86 4.91 7.95
CA ALA B 57 -4.78 3.79 8.12
C ALA B 57 -4.05 2.49 8.37
N GLY B 58 -2.92 2.29 7.66
CA GLY B 58 -2.11 1.09 7.81
C GLY B 58 -1.64 0.97 9.23
N ASP B 59 -1.03 2.06 9.72
CA ASP B 59 -0.48 2.17 11.07
C ASP B 59 -1.54 1.93 12.17
N GLU B 60 -2.78 2.43 11.92
CA GLU B 60 -3.89 2.33 12.88
C GLU B 60 -4.34 0.87 13.12
N PHE B 61 -4.40 0.05 12.06
CA PHE B 61 -4.75 -1.37 12.18
C PHE B 61 -3.52 -2.21 12.55
N GLU B 62 -2.32 -1.76 12.07
CA GLU B 62 -1.08 -2.54 12.15
C GLU B 62 -0.67 -2.82 13.59
N LEU B 63 -0.42 -1.79 14.40
CA LEU B 63 0.48 -1.85 15.63
C LEU B 63 0.65 -3.27 16.27
N ARG B 64 -0.47 -3.90 16.68
CA ARG B 64 -0.48 -5.29 17.20
C ARG B 64 0.04 -6.29 16.14
N TYR B 65 -0.66 -6.28 15.00
CA TYR B 65 -0.33 -7.07 13.82
C TYR B 65 0.94 -6.54 13.11
N ARG B 66 1.49 -5.36 13.55
CA ARG B 66 2.74 -4.82 12.99
C ARG B 66 3.91 -5.60 13.54
N ARG B 67 3.98 -5.70 14.88
CA ARG B 67 5.03 -6.50 15.54
C ARG B 67 4.85 -7.99 15.15
N ALA B 68 3.58 -8.42 14.97
CA ALA B 68 3.24 -9.81 14.66
C ALA B 68 3.67 -10.15 13.23
N PHE B 69 3.35 -9.28 12.24
CA PHE B 69 3.65 -9.56 10.84
C PHE B 69 5.14 -9.41 10.57
N SER B 70 5.80 -8.51 11.31
CA SER B 70 7.25 -8.31 11.20
C SER B 70 7.97 -9.57 11.71
N ASP B 71 7.36 -10.29 12.68
CA ASP B 71 7.86 -11.60 13.14
C ASP B 71 7.71 -12.64 12.01
N LEU B 72 6.54 -12.61 11.31
CA LEU B 72 6.26 -13.48 10.14
C LEU B 72 7.28 -13.24 9.03
N THR B 73 7.62 -11.96 8.78
CA THR B 73 8.59 -11.56 7.75
C THR B 73 10.03 -11.79 8.24
N SER B 74 10.21 -11.98 9.56
CA SER B 74 11.49 -12.44 10.14
C SER B 74 11.68 -13.97 9.90
N GLN B 75 10.56 -14.70 9.69
CA GLN B 75 10.61 -16.14 9.35
C GLN B 75 11.05 -16.29 7.89
N LEU B 76 10.26 -15.67 6.99
CA LEU B 76 10.52 -15.58 5.54
C LEU B 76 11.29 -14.28 5.24
N HIS B 77 12.48 -14.19 5.89
CA HIS B 77 13.33 -12.98 5.95
C HIS B 77 14.15 -12.74 4.67
N ILE B 78 13.89 -13.53 3.62
CA ILE B 78 14.63 -13.52 2.35
C ILE B 78 16.06 -14.15 2.57
N THR B 79 16.21 -15.37 2.05
CA THR B 79 17.48 -16.13 2.01
C THR B 79 18.17 -15.90 0.63
N PRO B 80 19.53 -16.06 0.51
CA PRO B 80 20.24 -15.97 -0.80
C PRO B 80 19.59 -16.86 -1.89
N GLY B 81 18.85 -16.20 -2.81
CA GLY B 81 18.26 -16.86 -3.98
C GLY B 81 16.77 -17.16 -3.85
N THR B 82 16.07 -16.52 -2.88
CA THR B 82 14.62 -16.77 -2.61
C THR B 82 13.76 -16.52 -3.88
N ALA B 83 13.12 -17.59 -4.37
CA ALA B 83 12.07 -17.50 -5.38
C ALA B 83 10.83 -16.84 -4.79
N TYR B 84 10.04 -16.17 -5.64
CA TYR B 84 8.83 -15.44 -5.24
C TYR B 84 7.75 -16.36 -4.62
N GLN B 85 7.93 -17.70 -4.77
CA GLN B 85 6.99 -18.72 -4.30
C GLN B 85 6.65 -18.60 -2.78
N SER B 86 7.58 -18.03 -1.98
CA SER B 86 7.36 -17.81 -0.54
C SER B 86 6.40 -16.62 -0.33
N PHE B 87 6.61 -15.55 -1.12
CA PHE B 87 5.72 -14.38 -1.17
C PHE B 87 4.33 -14.79 -1.71
N GLU B 88 4.34 -15.72 -2.69
CA GLU B 88 3.14 -16.26 -3.34
C GLU B 88 2.36 -17.17 -2.38
N GLN B 89 3.10 -17.88 -1.51
CA GLN B 89 2.53 -18.67 -0.41
C GLN B 89 1.66 -17.76 0.48
N VAL B 90 2.26 -16.61 0.86
CA VAL B 90 1.57 -15.58 1.66
C VAL B 90 0.33 -15.03 0.91
N VAL B 91 0.45 -14.85 -0.42
CA VAL B 91 -0.68 -14.43 -1.29
C VAL B 91 -1.85 -15.43 -1.19
N ASN B 92 -1.52 -16.73 -1.30
CA ASN B 92 -2.50 -17.83 -1.31
C ASN B 92 -3.27 -17.91 0.00
N GLU B 93 -2.55 -17.71 1.13
CA GLU B 93 -3.14 -17.81 2.49
C GLU B 93 -4.04 -16.60 2.77
N LEU B 94 -3.53 -15.41 2.40
CA LEU B 94 -4.19 -14.12 2.65
C LEU B 94 -5.50 -14.02 1.84
N PHE B 95 -5.40 -14.43 0.55
CA PHE B 95 -6.52 -14.36 -0.42
C PHE B 95 -7.56 -15.48 -0.19
N ARG B 96 -7.28 -16.38 0.78
CA ARG B 96 -8.25 -17.40 1.22
C ARG B 96 -9.25 -16.78 2.19
N ASP B 97 -8.79 -15.81 2.98
CA ASP B 97 -9.60 -15.14 4.00
C ASP B 97 -10.48 -14.05 3.37
N GLY B 98 -10.51 -14.04 2.02
CA GLY B 98 -11.28 -13.06 1.27
C GLY B 98 -10.39 -12.34 0.29
N VAL B 99 -10.89 -11.25 -0.32
CA VAL B 99 -10.09 -10.45 -1.27
C VAL B 99 -9.52 -9.19 -0.57
N ASN B 100 -9.69 -9.14 0.78
CA ASN B 100 -8.84 -8.40 1.70
C ASN B 100 -9.07 -6.89 1.63
N TRP B 101 -10.26 -6.46 2.05
CA TRP B 101 -10.68 -5.04 1.97
C TRP B 101 -9.73 -4.12 2.77
N GLY B 102 -9.11 -4.69 3.82
CA GLY B 102 -8.03 -4.01 4.57
C GLY B 102 -6.68 -4.73 4.44
N ARG B 103 -6.72 -6.05 4.27
CA ARG B 103 -5.49 -6.87 4.21
C ARG B 103 -4.77 -6.71 2.84
N ILE B 104 -5.41 -6.06 1.84
CA ILE B 104 -4.70 -5.52 0.65
C ILE B 104 -3.63 -4.46 1.04
N VAL B 105 -3.97 -3.47 1.91
CA VAL B 105 -2.95 -2.48 2.37
C VAL B 105 -1.92 -3.18 3.29
N ALA B 106 -2.39 -4.24 3.97
CA ALA B 106 -1.50 -5.11 4.75
C ALA B 106 -0.60 -5.94 3.82
N PHE B 107 -1.11 -6.31 2.63
CA PHE B 107 -0.35 -7.06 1.61
C PHE B 107 0.87 -6.23 1.16
N PHE B 108 0.64 -4.92 1.02
CA PHE B 108 1.68 -3.95 0.68
C PHE B 108 2.66 -3.76 1.85
N SER B 109 2.16 -3.86 3.10
CA SER B 109 2.99 -3.72 4.30
C SER B 109 3.95 -4.93 4.45
N PHE B 110 3.45 -6.16 4.14
CA PHE B 110 4.21 -7.41 4.22
C PHE B 110 5.38 -7.38 3.22
N GLY B 111 5.03 -7.25 1.93
CA GLY B 111 6.02 -7.24 0.85
C GLY B 111 6.93 -6.02 0.90
N GLY B 112 6.39 -4.93 1.44
CA GLY B 112 7.17 -3.71 1.67
C GLY B 112 8.23 -3.90 2.75
N ALA B 113 7.88 -4.69 3.78
CA ALA B 113 8.79 -5.02 4.89
C ALA B 113 9.93 -5.92 4.39
N LEU B 114 9.52 -6.90 3.58
CA LEU B 114 10.43 -7.82 2.86
C LEU B 114 11.43 -7.06 1.99
N CYS B 115 10.96 -5.99 1.31
CA CYS B 115 11.80 -5.16 0.44
C CYS B 115 12.84 -4.35 1.25
N VAL B 116 12.43 -3.85 2.43
CA VAL B 116 13.34 -3.14 3.37
C VAL B 116 14.46 -4.09 3.84
N GLU B 117 14.04 -5.32 4.19
CA GLU B 117 14.95 -6.40 4.59
C GLU B 117 15.88 -6.78 3.42
N SER B 118 15.32 -6.82 2.19
CA SER B 118 16.06 -7.19 0.98
C SER B 118 17.24 -6.23 0.76
N VAL B 119 17.01 -4.91 0.80
CA VAL B 119 18.07 -3.89 0.66
C VAL B 119 19.14 -4.03 1.76
N ASP B 120 18.65 -4.27 2.98
CA ASP B 120 19.50 -4.46 4.16
C ASP B 120 20.38 -5.73 4.03
N LYS B 121 19.97 -6.63 3.11
CA LYS B 121 20.64 -7.93 2.88
C LYS B 121 21.26 -8.00 1.48
N GLU B 122 21.45 -6.79 0.85
CA GLU B 122 22.19 -6.61 -0.44
C GLU B 122 21.39 -7.14 -1.64
N MET B 123 20.10 -7.37 -1.41
CA MET B 123 19.16 -7.95 -2.37
C MET B 123 18.12 -6.88 -2.81
N GLN B 124 18.61 -5.65 -3.07
CA GLN B 124 17.80 -4.57 -3.73
C GLN B 124 17.06 -5.08 -5.02
N VAL B 125 17.66 -6.10 -5.65
CA VAL B 125 17.08 -6.80 -6.82
C VAL B 125 15.75 -7.51 -6.43
N LEU B 126 15.72 -8.10 -5.22
CA LEU B 126 14.50 -8.70 -4.64
C LEU B 126 13.41 -7.65 -4.35
N VAL B 127 13.79 -6.36 -4.17
CA VAL B 127 12.81 -5.25 -4.08
C VAL B 127 12.11 -5.09 -5.42
N SER B 128 12.92 -4.95 -6.49
CA SER B 128 12.41 -4.79 -7.86
C SER B 128 11.61 -6.04 -8.33
N ARG B 129 11.93 -7.20 -7.74
CA ARG B 129 11.29 -8.48 -8.08
C ARG B 129 9.92 -8.60 -7.38
N ILE B 130 9.93 -8.51 -6.02
CA ILE B 130 8.72 -8.63 -5.18
C ILE B 130 7.70 -7.50 -5.49
N ALA B 131 8.21 -6.31 -5.90
CA ALA B 131 7.36 -5.17 -6.32
C ALA B 131 6.62 -5.48 -7.62
N ALA B 132 7.32 -6.17 -8.54
CA ALA B 132 6.74 -6.59 -9.83
C ALA B 132 5.62 -7.62 -9.60
N TRP B 133 5.94 -8.68 -8.82
CA TRP B 133 4.95 -9.70 -8.41
C TRP B 133 3.78 -9.10 -7.61
N MET B 134 4.05 -8.13 -6.73
CA MET B 134 3.00 -7.46 -5.92
C MET B 134 2.01 -6.73 -6.83
N ALA B 135 2.57 -6.07 -7.84
CA ALA B 135 1.82 -5.35 -8.88
C ALA B 135 1.09 -6.34 -9.82
N THR B 136 1.64 -7.56 -9.95
CA THR B 136 1.03 -8.65 -10.74
C THR B 136 -0.25 -9.15 -10.05
N TYR B 137 -0.15 -9.50 -8.74
CA TYR B 137 -1.28 -10.07 -7.96
C TYR B 137 -2.36 -9.00 -7.77
N LEU B 138 -1.91 -7.73 -7.79
CA LEU B 138 -2.77 -6.56 -7.83
C LEU B 138 -3.65 -6.59 -9.11
N ASN B 139 -3.00 -6.61 -10.31
CA ASN B 139 -3.74 -6.57 -11.59
C ASN B 139 -4.35 -7.95 -11.97
N ASP B 140 -4.02 -8.99 -11.20
CA ASP B 140 -4.47 -10.38 -11.47
C ASP B 140 -5.78 -10.69 -10.72
N HIS B 141 -5.77 -10.50 -9.38
CA HIS B 141 -6.90 -10.87 -8.52
C HIS B 141 -7.64 -9.62 -8.00
N LEU B 142 -6.86 -8.64 -7.55
CA LEU B 142 -7.38 -7.48 -6.80
C LEU B 142 -7.94 -6.41 -7.74
N GLU B 143 -7.59 -6.52 -9.06
CA GLU B 143 -7.88 -5.49 -10.07
C GLU B 143 -9.38 -5.08 -10.15
N PRO B 144 -10.39 -6.01 -10.21
CA PRO B 144 -11.83 -5.62 -10.14
C PRO B 144 -12.16 -4.86 -8.83
N TRP B 145 -11.57 -5.35 -7.74
CA TRP B 145 -11.79 -4.86 -6.37
C TRP B 145 -11.07 -3.52 -6.13
N ILE B 146 -10.12 -3.20 -7.02
CA ILE B 146 -9.50 -1.88 -7.11
C ILE B 146 -10.31 -0.95 -8.08
N GLN B 147 -10.80 -1.53 -9.19
CA GLN B 147 -11.51 -0.79 -10.27
C GLN B 147 -13.00 -0.61 -9.94
N GLU B 148 -13.44 -1.10 -8.76
CA GLU B 148 -14.83 -0.96 -8.29
C GLU B 148 -15.35 0.50 -8.33
N ASN B 149 -14.51 1.47 -7.87
CA ASN B 149 -14.78 2.93 -8.01
C ASN B 149 -13.63 3.75 -7.41
N GLY B 150 -12.46 3.11 -7.21
CA GLY B 150 -11.31 3.76 -6.61
C GLY B 150 -10.86 2.99 -5.39
N GLY B 151 -10.17 1.85 -5.62
CA GLY B 151 -9.60 1.00 -4.56
C GLY B 151 -8.28 1.57 -4.07
N TRP B 152 -8.35 2.87 -3.76
CA TRP B 152 -7.25 3.75 -3.49
C TRP B 152 -7.86 5.11 -3.10
N ASP B 153 -8.94 5.49 -3.83
CA ASP B 153 -9.58 6.82 -3.71
C ASP B 153 -10.60 6.87 -2.56
N THR B 154 -11.15 5.71 -2.18
CA THR B 154 -12.22 5.62 -1.17
C THR B 154 -11.68 5.89 0.25
N PHE B 155 -10.42 5.50 0.47
CA PHE B 155 -9.70 5.80 1.71
C PHE B 155 -9.46 7.32 1.80
N VAL B 156 -9.26 7.94 0.63
CA VAL B 156 -9.03 9.39 0.49
C VAL B 156 -10.35 10.16 0.58
N GLU B 157 -11.45 9.45 0.26
CA GLU B 157 -12.82 9.95 0.42
C GLU B 157 -13.05 10.23 1.93
N LEU B 158 -12.71 9.21 2.76
CA LEU B 158 -12.95 9.24 4.22
C LEU B 158 -12.05 10.25 4.95
N TYR B 159 -10.73 10.24 4.62
CA TYR B 159 -9.71 11.02 5.40
C TYR B 159 -9.51 12.41 4.79
N GLY B 160 -9.81 12.52 3.49
CA GLY B 160 -9.77 13.78 2.77
C GLY B 160 -10.73 14.81 3.37
N ASN B 161 -10.32 16.08 3.35
CA ASN B 161 -11.01 17.17 4.07
C ASN B 161 -12.16 17.79 3.25
N ASN B 162 -12.72 16.99 2.30
CA ASN B 162 -13.87 17.37 1.46
C ASN B 162 -13.53 18.59 0.58
N ALA B 163 -12.22 18.83 0.35
CA ALA B 163 -11.70 20.00 -0.34
C ALA B 163 -12.33 20.14 -1.74
N ALA B 164 -12.24 19.05 -2.52
CA ALA B 164 -12.78 18.99 -3.89
C ALA B 164 -14.30 18.85 -3.89
N ALA B 165 -14.85 18.23 -2.83
CA ALA B 165 -16.30 17.97 -2.71
C ALA B 165 -17.09 19.28 -2.51
N GLU B 166 -16.46 20.22 -1.80
CA GLU B 166 -17.04 21.53 -1.48
C GLU B 166 -16.77 22.54 -2.60
N SER B 167 -15.54 22.49 -3.17
CA SER B 167 -15.13 23.38 -4.27
C SER B 167 -15.89 23.02 -5.57
N ARG B 168 -16.44 21.79 -5.60
CA ARG B 168 -17.35 21.30 -6.65
C ARG B 168 -18.60 22.19 -6.80
N LYS B 169 -19.04 22.77 -5.67
CA LYS B 169 -20.31 23.51 -5.61
C LYS B 169 -20.17 24.96 -6.09
N GLY B 170 -20.93 25.28 -7.13
CA GLY B 170 -20.99 26.62 -7.71
C GLY B 170 -22.28 27.34 -7.34
N GLN B 171 -23.21 26.59 -6.71
CA GLN B 171 -24.54 27.09 -6.27
C GLN B 171 -24.42 28.22 -5.23
N GLU B 172 -23.38 28.12 -4.40
CA GLU B 172 -23.09 29.09 -3.33
C GLU B 172 -22.41 30.34 -3.91
N ARG B 173 -21.60 30.11 -4.95
CA ARG B 173 -20.89 31.14 -5.69
C ARG B 173 -21.87 31.97 -6.54
N LEU B 174 -23.04 31.39 -6.85
CA LEU B 174 -24.13 32.09 -7.56
C LEU B 174 -24.62 33.30 -6.75
N GLU B 175 -24.86 34.42 -7.45
CA GLU B 175 -25.35 35.67 -6.85
C GLU B 175 -26.88 35.76 -7.01
N ASP A 1 -13.35 14.12 13.40
CA ASP A 1 -14.41 15.09 13.06
C ASP A 1 -15.45 14.44 12.15
N GLY A 2 -14.96 13.68 11.15
CA GLY A 2 -15.82 13.00 10.20
C GLY A 2 -16.63 11.87 10.84
N GLY A 3 -17.96 11.85 10.57
CA GLY A 3 -18.85 10.79 11.06
C GLY A 3 -18.47 9.41 10.53
N THR A 4 -17.80 9.39 9.37
CA THR A 4 -17.18 8.19 8.81
C THR A 4 -15.67 8.48 8.54
N THR A 5 -14.81 7.90 9.38
CA THR A 5 -13.34 8.09 9.35
C THR A 5 -12.67 6.76 9.68
N PHE A 6 -11.43 6.83 10.21
CA PHE A 6 -10.73 5.69 10.82
C PHE A 6 -11.66 4.96 11.80
N GLU A 7 -12.32 5.76 12.65
CA GLU A 7 -13.18 5.27 13.75
C GLU A 7 -14.27 4.31 13.23
N HIS A 8 -14.84 4.66 12.08
CA HIS A 8 -15.88 3.85 11.40
C HIS A 8 -15.25 2.66 10.66
N LEU A 9 -14.11 2.95 10.02
CA LEU A 9 -13.40 2.00 9.15
C LEU A 9 -13.01 0.73 9.89
N TRP A 10 -12.24 0.92 10.97
CA TRP A 10 -11.67 -0.16 11.77
C TRP A 10 -12.72 -0.84 12.64
N SER A 11 -13.79 -0.13 12.99
CA SER A 11 -14.87 -0.72 13.80
C SER A 11 -15.69 -1.70 12.95
N SER A 12 -15.72 -1.46 11.63
CA SER A 12 -16.33 -2.38 10.66
C SER A 12 -15.36 -3.52 10.27
N LEU A 13 -14.14 -3.13 9.93
CA LEU A 13 -13.13 -3.98 9.26
C LEU A 13 -12.35 -4.90 10.23
N GLU A 14 -11.91 -4.32 11.34
CA GLU A 14 -11.03 -5.01 12.31
C GLU A 14 -11.71 -6.24 13.01
N PRO A 15 -13.03 -6.19 13.45
CA PRO A 15 -13.69 -7.37 14.06
C PRO A 15 -13.99 -8.51 13.03
N ASP A 16 -13.69 -8.26 11.75
CA ASP A 16 -13.79 -9.29 10.69
C ASP A 16 -12.63 -10.30 10.87
N MET B 5 -4.96 3.71 -13.76
CA MET B 5 -4.79 2.33 -13.27
C MET B 5 -3.47 1.72 -13.82
N SER B 6 -3.05 0.61 -13.21
CA SER B 6 -1.92 -0.23 -13.66
C SER B 6 -0.54 0.46 -13.50
N GLN B 7 -0.26 1.43 -14.38
CA GLN B 7 1.01 2.16 -14.45
C GLN B 7 1.28 2.90 -13.12
N SER B 8 0.29 3.72 -12.71
CA SER B 8 0.36 4.52 -11.47
C SER B 8 0.14 3.66 -10.21
N ASN B 9 -0.42 2.45 -10.39
CA ASN B 9 -0.61 1.48 -9.31
C ASN B 9 0.73 0.83 -8.94
N ARG B 10 1.56 0.62 -9.98
CA ARG B 10 2.92 0.08 -9.82
C ARG B 10 3.84 1.14 -9.18
N GLU B 11 3.70 2.40 -9.63
CA GLU B 11 4.43 3.55 -9.05
C GLU B 11 4.02 3.75 -7.58
N LEU B 12 2.73 3.50 -7.29
CA LEU B 12 2.16 3.56 -5.94
C LEU B 12 2.84 2.52 -5.03
N VAL B 13 3.07 1.30 -5.58
CA VAL B 13 3.80 0.22 -4.89
C VAL B 13 5.21 0.71 -4.48
N VAL B 14 5.99 1.17 -5.48
CA VAL B 14 7.42 1.56 -5.30
C VAL B 14 7.57 2.68 -4.26
N ASP B 15 6.68 3.67 -4.33
CA ASP B 15 6.71 4.85 -3.45
C ASP B 15 6.25 4.48 -2.02
N PHE B 16 5.39 3.46 -1.93
CA PHE B 16 4.92 2.93 -0.63
C PHE B 16 6.01 2.05 0.02
N LEU B 17 6.81 1.37 -0.84
CA LEU B 17 7.98 0.58 -0.39
C LEU B 17 9.02 1.54 0.20
N SER B 18 9.18 2.70 -0.45
CA SER B 18 10.02 3.81 0.00
C SER B 18 9.61 4.30 1.40
N TYR B 19 8.31 4.49 1.59
CA TYR B 19 7.72 4.96 2.86
C TYR B 19 7.82 3.88 3.96
N LYS B 20 7.90 2.62 3.53
CA LYS B 20 8.12 1.46 4.42
C LYS B 20 9.63 1.35 4.79
N LEU B 21 10.48 1.78 3.85
CA LEU B 21 11.95 1.86 4.02
C LEU B 21 12.36 3.07 4.86
N SER B 22 11.44 4.05 5.01
CA SER B 22 11.67 5.27 5.81
C SER B 22 11.95 4.99 7.30
N GLN B 23 11.59 3.80 7.77
CA GLN B 23 11.97 3.29 9.11
C GLN B 23 13.49 3.04 9.22
N LYS B 24 14.17 3.00 8.06
CA LYS B 24 15.64 2.93 7.94
C LYS B 24 16.21 4.33 7.63
N GLY B 25 15.31 5.32 7.54
CA GLY B 25 15.64 6.67 7.11
C GLY B 25 16.01 6.72 5.64
N TYR B 26 15.44 5.78 4.85
CA TYR B 26 15.82 5.57 3.44
C TYR B 26 14.57 5.43 2.55
N SER B 27 14.67 5.81 1.26
CA SER B 27 13.57 5.62 0.29
C SER B 27 14.13 5.47 -1.15
N TRP B 28 13.32 4.87 -2.05
CA TRP B 28 13.62 4.83 -3.50
C TRP B 28 13.38 6.20 -4.14
N SER B 29 12.58 7.04 -3.46
CA SER B 29 12.21 8.38 -3.93
C SER B 29 13.42 9.34 -4.00
N GLN B 30 14.54 8.91 -3.38
CA GLN B 30 15.79 9.66 -3.30
C GLN B 30 16.59 9.63 -4.63
N PHE B 31 16.28 8.67 -5.53
CA PHE B 31 16.92 8.61 -6.87
C PHE B 31 16.20 9.54 -7.89
N SER B 32 15.08 10.14 -7.45
CA SER B 32 14.19 10.93 -8.33
C SER B 32 14.27 12.38 -7.89
N ASP B 33 14.14 12.54 -6.58
CA ASP B 33 14.32 13.78 -5.84
C ASP B 33 14.86 13.42 -4.44
N VAL B 34 14.06 13.61 -3.39
CA VAL B 34 14.44 13.37 -1.97
C VAL B 34 13.14 13.27 -1.12
N GLU B 35 12.08 12.69 -1.72
CA GLU B 35 10.70 12.63 -1.15
C GLU B 35 10.04 14.03 -1.10
N GLU B 36 10.69 15.05 -1.74
CA GLU B 36 10.17 16.42 -1.82
C GLU B 36 8.88 16.46 -2.67
N ASN B 37 8.70 15.41 -3.51
CA ASN B 37 7.54 15.20 -4.34
C ASN B 37 6.31 14.90 -3.44
N ARG B 38 5.65 15.98 -3.01
CA ARG B 38 4.35 15.93 -2.31
C ARG B 38 3.25 16.17 -3.34
N THR B 39 3.58 17.10 -4.27
CA THR B 39 2.84 17.40 -5.49
C THR B 39 1.44 18.02 -5.22
N GLU B 40 1.00 18.88 -6.14
CA GLU B 40 -0.31 19.57 -6.08
C GLU B 40 -1.48 18.62 -6.47
N ALA B 41 -1.13 17.39 -6.90
CA ALA B 41 -2.04 16.42 -7.54
C ALA B 41 -2.74 17.06 -8.78
N PRO B 42 -1.94 17.66 -9.74
CA PRO B 42 -2.50 18.46 -10.86
C PRO B 42 -3.04 17.56 -11.98
N GLU B 43 -2.58 16.29 -11.98
CA GLU B 43 -3.10 15.24 -12.86
C GLU B 43 -4.53 14.85 -12.48
N GLY B 44 -4.94 15.24 -11.25
CA GLY B 44 -6.30 15.09 -10.76
C GLY B 44 -6.62 13.67 -10.37
N THR B 45 -5.57 12.85 -10.28
CA THR B 45 -5.63 11.47 -9.84
C THR B 45 -5.67 11.41 -8.31
N GLU B 46 -5.00 12.42 -7.69
CA GLU B 46 -4.78 12.52 -6.25
C GLU B 46 -4.15 11.26 -5.68
N SER B 47 -3.27 10.62 -6.49
CA SER B 47 -2.48 9.42 -6.11
C SER B 47 -1.55 9.77 -4.95
N GLU B 48 -1.21 11.06 -4.86
CA GLU B 48 -0.44 11.64 -3.76
C GLU B 48 -1.26 11.62 -2.46
N ALA B 49 -2.55 11.96 -2.57
CA ALA B 49 -3.49 11.96 -1.42
C ALA B 49 -3.87 10.52 -1.04
N VAL B 50 -3.78 9.60 -2.03
CA VAL B 50 -4.07 8.16 -1.84
C VAL B 50 -3.00 7.50 -0.96
N LYS B 51 -1.72 7.68 -1.34
CA LYS B 51 -0.59 7.03 -0.60
C LYS B 51 -0.51 7.56 0.83
N GLN B 52 -0.91 8.84 1.02
CA GLN B 52 -1.00 9.47 2.34
C GLN B 52 -2.13 8.84 3.15
N ALA B 53 -3.29 8.66 2.53
CA ALA B 53 -4.47 8.05 3.19
C ALA B 53 -4.21 6.57 3.53
N LEU B 54 -3.36 5.93 2.72
CA LEU B 54 -2.93 4.52 2.93
C LEU B 54 -1.76 4.44 3.91
N ARG B 55 -1.03 5.55 4.09
CA ARG B 55 0.00 5.67 5.13
C ARG B 55 -0.63 5.86 6.51
N GLU B 56 -1.66 6.71 6.60
CA GLU B 56 -2.34 7.00 7.89
C GLU B 56 -3.17 5.79 8.33
N ALA B 57 -3.92 5.22 7.37
CA ALA B 57 -4.69 3.99 7.59
C ALA B 57 -3.77 2.79 7.79
N GLY B 58 -2.68 2.77 7.01
CA GLY B 58 -1.73 1.67 7.02
C GLY B 58 -0.86 1.70 8.26
N ASP B 59 -0.71 2.89 8.88
CA ASP B 59 0.02 3.05 10.15
C ASP B 59 -0.88 2.74 11.37
N GLU B 60 -2.20 2.99 11.24
CA GLU B 60 -3.17 2.58 12.29
C GLU B 60 -3.21 1.04 12.34
N PHE B 61 -3.58 0.46 11.18
CA PHE B 61 -3.70 -0.99 10.97
C PHE B 61 -2.32 -1.69 11.09
N GLU B 62 -1.24 -0.87 11.01
CA GLU B 62 0.15 -1.32 11.13
C GLU B 62 0.36 -2.16 12.39
N LEU B 63 0.20 -1.57 13.60
CA LEU B 63 0.58 -2.18 14.93
C LEU B 63 0.40 -3.73 15.00
N ARG B 64 -0.76 -4.18 14.54
CA ARG B 64 -1.17 -5.60 14.51
C ARG B 64 -0.34 -6.36 13.45
N TYR B 65 -0.37 -5.83 12.22
CA TYR B 65 0.38 -6.36 11.08
C TYR B 65 1.86 -5.88 11.09
N ARG B 66 2.24 -5.15 12.16
CA ARG B 66 3.60 -4.68 12.40
C ARG B 66 4.37 -5.78 13.08
N ARG B 67 3.82 -6.24 14.21
CA ARG B 67 4.34 -7.42 14.90
C ARG B 67 4.16 -8.68 14.01
N ALA B 68 3.09 -8.65 13.17
CA ALA B 68 2.79 -9.77 12.25
C ALA B 68 3.81 -9.81 11.12
N PHE B 69 4.19 -8.61 10.55
CA PHE B 69 5.19 -8.60 9.47
C PHE B 69 6.55 -9.02 10.02
N SER B 70 6.82 -8.64 11.28
CA SER B 70 8.09 -8.99 11.94
C SER B 70 8.21 -10.51 12.14
N ASP B 71 7.07 -11.16 12.41
CA ASP B 71 6.99 -12.62 12.55
C ASP B 71 7.15 -13.29 11.17
N LEU B 72 6.28 -12.89 10.22
CA LEU B 72 6.28 -13.40 8.84
C LEU B 72 7.66 -13.27 8.19
N THR B 73 8.20 -12.04 8.08
CA THR B 73 9.46 -11.77 7.37
C THR B 73 10.68 -12.42 8.07
N SER B 74 10.52 -12.87 9.33
CA SER B 74 11.51 -13.75 10.00
C SER B 74 11.38 -15.20 9.48
N GLN B 75 10.13 -15.69 9.42
CA GLN B 75 9.78 -17.02 8.86
C GLN B 75 10.14 -17.11 7.37
N LEU B 76 10.12 -15.94 6.72
CA LEU B 76 10.56 -15.75 5.35
C LEU B 76 11.99 -15.25 5.43
N HIS B 77 12.90 -16.15 5.85
CA HIS B 77 14.34 -15.89 5.89
C HIS B 77 14.81 -15.58 4.47
N ILE B 78 14.77 -14.26 4.14
CA ILE B 78 15.17 -13.75 2.84
C ILE B 78 16.69 -13.97 2.68
N THR B 79 17.02 -15.14 2.11
CA THR B 79 18.39 -15.48 1.73
C THR B 79 18.72 -14.77 0.40
N PRO B 80 19.98 -14.33 0.20
CA PRO B 80 20.46 -13.86 -1.14
C PRO B 80 20.09 -14.87 -2.26
N GLY B 81 18.97 -14.59 -2.97
CA GLY B 81 18.48 -15.44 -4.05
C GLY B 81 17.16 -16.15 -3.72
N THR B 82 16.40 -15.66 -2.70
CA THR B 82 15.08 -16.21 -2.33
C THR B 82 14.13 -16.19 -3.54
N ALA B 83 13.55 -17.35 -3.87
CA ALA B 83 12.54 -17.50 -4.92
C ALA B 83 11.20 -16.88 -4.46
N TYR B 84 10.44 -16.32 -5.42
CA TYR B 84 9.22 -15.55 -5.13
C TYR B 84 8.09 -16.42 -4.55
N GLN B 85 8.24 -17.76 -4.63
CA GLN B 85 7.24 -18.72 -4.09
C GLN B 85 6.91 -18.47 -2.59
N SER B 86 7.85 -17.85 -1.86
CA SER B 86 7.65 -17.44 -0.46
C SER B 86 6.59 -16.30 -0.40
N PHE B 87 6.82 -15.29 -1.26
CA PHE B 87 5.90 -14.16 -1.46
C PHE B 87 4.53 -14.66 -2.01
N GLU B 88 4.59 -15.67 -2.90
CA GLU B 88 3.42 -16.27 -3.56
C GLU B 88 2.57 -17.03 -2.53
N GLN B 89 3.23 -17.66 -1.54
CA GLN B 89 2.54 -18.31 -0.41
C GLN B 89 1.76 -17.27 0.39
N VAL B 90 2.42 -16.14 0.70
CA VAL B 90 1.81 -15.04 1.47
C VAL B 90 0.60 -14.43 0.72
N VAL B 91 0.70 -14.24 -0.61
CA VAL B 91 -0.41 -13.67 -1.42
C VAL B 91 -1.58 -14.67 -1.48
N ASN B 92 -1.24 -15.97 -1.43
CA ASN B 92 -2.24 -17.06 -1.45
C ASN B 92 -3.05 -17.03 -0.15
N GLU B 93 -2.36 -16.92 1.01
CA GLU B 93 -2.99 -17.00 2.34
C GLU B 93 -3.92 -15.80 2.60
N LEU B 94 -3.43 -14.59 2.28
CA LEU B 94 -4.17 -13.31 2.46
C LEU B 94 -5.46 -13.30 1.61
N PHE B 95 -5.34 -13.72 0.35
CA PHE B 95 -6.43 -13.63 -0.66
C PHE B 95 -7.06 -15.01 -0.93
N ARG B 96 -6.91 -15.93 0.04
CA ARG B 96 -7.54 -17.26 0.06
C ARG B 96 -8.99 -17.13 0.48
N ASP B 97 -9.18 -16.33 1.53
CA ASP B 97 -10.47 -16.11 2.17
C ASP B 97 -11.28 -15.07 1.38
N GLY B 98 -10.74 -14.66 0.21
CA GLY B 98 -11.38 -13.71 -0.69
C GLY B 98 -10.60 -12.43 -0.77
N VAL B 99 -11.23 -11.37 -1.25
CA VAL B 99 -10.58 -10.05 -1.38
C VAL B 99 -10.91 -9.21 -0.13
N ASN B 100 -9.94 -8.38 0.29
CA ASN B 100 -9.86 -7.84 1.66
C ASN B 100 -9.15 -6.48 1.59
N TRP B 101 -9.91 -5.45 1.22
CA TRP B 101 -9.39 -4.11 0.83
C TRP B 101 -8.45 -3.45 1.87
N GLY B 102 -8.74 -3.64 3.17
CA GLY B 102 -7.86 -3.16 4.24
C GLY B 102 -6.60 -4.03 4.41
N ARG B 103 -6.76 -5.32 4.15
CA ARG B 103 -5.65 -6.28 4.25
C ARG B 103 -4.81 -6.32 2.96
N ILE B 104 -5.32 -5.66 1.89
CA ILE B 104 -4.52 -5.33 0.70
C ILE B 104 -3.41 -4.32 1.07
N VAL B 105 -3.74 -3.25 1.83
CA VAL B 105 -2.69 -2.30 2.29
C VAL B 105 -1.81 -2.96 3.38
N ALA B 106 -2.39 -3.96 4.09
CA ALA B 106 -1.60 -4.85 4.99
C ALA B 106 -0.67 -5.77 4.17
N PHE B 107 -1.10 -6.12 2.95
CA PHE B 107 -0.28 -6.89 1.98
C PHE B 107 0.88 -6.01 1.46
N PHE B 108 0.63 -4.71 1.30
CA PHE B 108 1.69 -3.71 1.00
C PHE B 108 2.64 -3.55 2.20
N SER B 109 2.14 -3.83 3.41
CA SER B 109 2.97 -3.87 4.64
C SER B 109 3.86 -5.13 4.70
N PHE B 110 3.32 -6.31 4.30
CA PHE B 110 4.07 -7.58 4.29
C PHE B 110 5.14 -7.56 3.19
N GLY B 111 4.68 -7.39 1.93
CA GLY B 111 5.55 -7.29 0.75
C GLY B 111 6.48 -6.09 0.84
N GLY B 112 6.05 -5.07 1.60
CA GLY B 112 6.85 -3.88 1.86
C GLY B 112 7.99 -4.18 2.82
N ALA B 113 7.67 -4.92 3.89
CA ALA B 113 8.65 -5.30 4.94
C ALA B 113 9.70 -6.28 4.39
N LEU B 114 9.22 -7.14 3.50
CA LEU B 114 10.04 -8.01 2.66
C LEU B 114 11.06 -7.18 1.86
N CYS B 115 10.55 -6.15 1.16
CA CYS B 115 11.38 -5.20 0.38
C CYS B 115 12.36 -4.41 1.28
N VAL B 116 11.95 -4.15 2.54
CA VAL B 116 12.78 -3.44 3.53
C VAL B 116 14.02 -4.28 3.89
N GLU B 117 13.79 -5.54 4.32
CA GLU B 117 14.87 -6.44 4.70
C GLU B 117 15.62 -6.96 3.45
N SER B 118 14.98 -6.85 2.28
CA SER B 118 15.60 -7.19 0.99
C SER B 118 16.72 -6.18 0.69
N VAL B 119 16.46 -4.88 0.96
CA VAL B 119 17.50 -3.81 0.86
C VAL B 119 18.59 -4.03 1.93
N ASP B 120 18.15 -4.47 3.12
CA ASP B 120 19.05 -4.81 4.24
C ASP B 120 19.94 -6.03 3.88
N LYS B 121 19.51 -6.83 2.90
CA LYS B 121 20.27 -8.03 2.45
C LYS B 121 21.07 -7.70 1.19
N GLU B 122 21.03 -6.40 0.75
CA GLU B 122 21.67 -5.92 -0.49
C GLU B 122 21.15 -6.74 -1.70
N MET B 123 19.85 -7.06 -1.58
CA MET B 123 19.07 -7.79 -2.58
C MET B 123 17.89 -6.93 -2.99
N GLN B 124 18.17 -5.63 -3.11
CA GLN B 124 17.29 -4.62 -3.76
C GLN B 124 16.72 -5.10 -5.12
N VAL B 125 17.48 -5.97 -5.81
CA VAL B 125 17.04 -6.67 -7.04
C VAL B 125 15.72 -7.44 -6.74
N LEU B 126 15.67 -8.10 -5.56
CA LEU B 126 14.47 -8.80 -5.07
C LEU B 126 13.34 -7.81 -4.69
N VAL B 127 13.67 -6.53 -4.35
CA VAL B 127 12.62 -5.48 -4.15
C VAL B 127 11.85 -5.26 -5.45
N SER B 128 12.60 -4.99 -6.53
CA SER B 128 12.02 -4.75 -7.87
C SER B 128 11.28 -5.99 -8.37
N ARG B 129 11.73 -7.18 -7.95
CA ARG B 129 11.02 -8.46 -8.23
C ARG B 129 9.67 -8.50 -7.49
N ILE B 130 9.69 -8.26 -6.16
CA ILE B 130 8.48 -8.28 -5.30
C ILE B 130 7.44 -7.26 -5.80
N ALA B 131 7.93 -6.09 -6.28
CA ALA B 131 7.09 -5.03 -6.85
C ALA B 131 6.49 -5.46 -8.20
N ALA B 132 7.25 -6.29 -8.96
CA ALA B 132 6.82 -6.83 -10.26
C ALA B 132 5.72 -7.90 -10.07
N TRP B 133 6.00 -8.94 -9.25
CA TRP B 133 5.01 -9.98 -8.90
C TRP B 133 3.78 -9.39 -8.17
N MET B 134 3.98 -8.30 -7.41
CA MET B 134 2.88 -7.56 -6.73
C MET B 134 1.98 -6.91 -7.77
N ALA B 135 2.62 -6.22 -8.74
CA ALA B 135 1.95 -5.51 -9.83
C ALA B 135 1.25 -6.50 -10.79
N THR B 136 1.86 -7.68 -10.96
CA THR B 136 1.37 -8.76 -11.82
C THR B 136 0.11 -9.38 -11.23
N TYR B 137 0.13 -9.61 -9.91
CA TYR B 137 -1.00 -10.17 -9.17
C TYR B 137 -2.10 -9.09 -8.98
N LEU B 138 -1.67 -7.82 -8.95
CA LEU B 138 -2.55 -6.65 -8.81
C LEU B 138 -3.55 -6.57 -9.97
N ASN B 139 -3.01 -6.51 -11.22
CA ASN B 139 -3.86 -6.44 -12.44
C ASN B 139 -4.67 -7.74 -12.64
N ASP B 140 -4.19 -8.83 -12.02
CA ASP B 140 -4.77 -10.16 -12.14
C ASP B 140 -6.18 -10.22 -11.51
N HIS B 141 -6.30 -10.02 -10.17
CA HIS B 141 -7.61 -10.17 -9.46
C HIS B 141 -7.83 -9.11 -8.36
N LEU B 142 -7.07 -7.98 -8.38
CA LEU B 142 -7.17 -6.94 -7.32
C LEU B 142 -7.71 -5.61 -7.88
N GLU B 143 -7.14 -5.18 -9.03
CA GLU B 143 -7.49 -3.88 -9.67
C GLU B 143 -9.01 -3.72 -9.98
N PRO B 144 -9.77 -4.79 -10.46
CA PRO B 144 -11.26 -4.71 -10.54
C PRO B 144 -11.94 -4.33 -9.20
N TRP B 145 -11.47 -4.98 -8.12
CA TRP B 145 -11.97 -4.79 -6.75
C TRP B 145 -11.47 -3.47 -6.13
N ILE B 146 -10.43 -2.89 -6.71
CA ILE B 146 -9.96 -1.54 -6.33
C ILE B 146 -10.68 -0.46 -7.18
N GLN B 147 -11.07 -0.81 -8.41
CA GLN B 147 -11.75 0.13 -9.33
C GLN B 147 -13.28 0.17 -9.08
N GLU B 148 -13.80 -0.85 -8.36
CA GLU B 148 -15.25 -1.04 -8.08
C GLU B 148 -16.00 0.25 -7.66
N ASN B 149 -15.36 1.07 -6.80
CA ASN B 149 -15.93 2.36 -6.37
C ASN B 149 -14.79 3.30 -5.95
N GLY B 150 -13.55 2.93 -6.34
CA GLY B 150 -12.38 3.63 -5.93
C GLY B 150 -11.99 3.25 -4.51
N GLY B 151 -11.48 2.02 -4.37
CA GLY B 151 -10.82 1.57 -3.15
C GLY B 151 -9.59 2.41 -2.79
N TRP B 152 -9.06 3.17 -3.77
CA TRP B 152 -8.04 4.17 -3.54
C TRP B 152 -8.67 5.52 -3.12
N ASP B 153 -9.92 5.76 -3.57
CA ASP B 153 -10.67 7.00 -3.26
C ASP B 153 -11.25 6.96 -1.84
N THR B 154 -11.58 5.76 -1.34
CA THR B 154 -12.40 5.56 -0.14
C THR B 154 -11.74 6.13 1.11
N PHE B 155 -10.48 5.74 1.36
CA PHE B 155 -9.69 6.22 2.51
C PHE B 155 -9.53 7.74 2.42
N VAL B 156 -9.47 8.25 1.18
CA VAL B 156 -9.29 9.67 0.88
C VAL B 156 -10.59 10.47 1.13
N GLU B 157 -11.75 9.79 1.02
CA GLU B 157 -13.06 10.38 1.30
C GLU B 157 -13.31 10.50 2.81
N LEU B 158 -12.86 9.47 3.55
CA LEU B 158 -13.04 9.39 5.01
C LEU B 158 -12.14 10.42 5.72
N TYR B 159 -10.88 10.53 5.23
CA TYR B 159 -9.82 11.34 5.88
C TYR B 159 -9.74 12.73 5.23
N GLY B 160 -10.16 12.80 3.97
CA GLY B 160 -10.32 14.07 3.26
C GLY B 160 -11.56 14.83 3.73
N ASN B 161 -12.47 15.13 2.80
CA ASN B 161 -13.65 15.97 3.09
C ASN B 161 -14.81 15.65 2.11
N ASN B 162 -14.82 14.40 1.59
CA ASN B 162 -15.80 13.94 0.56
C ASN B 162 -15.73 14.87 -0.67
N ALA B 163 -14.50 15.35 -0.95
CA ALA B 163 -14.22 16.32 -2.02
C ALA B 163 -14.47 15.70 -3.39
N ALA B 164 -14.06 14.43 -3.52
CA ALA B 164 -14.27 13.66 -4.74
C ALA B 164 -15.70 13.08 -4.79
N ALA B 165 -16.48 13.19 -3.70
CA ALA B 165 -17.93 12.86 -3.74
C ALA B 165 -18.71 14.00 -4.39
N GLU B 166 -18.30 15.23 -4.07
CA GLU B 166 -18.87 16.46 -4.61
C GLU B 166 -18.50 16.64 -6.09
N SER B 167 -17.26 16.32 -6.41
CA SER B 167 -16.73 16.44 -7.78
C SER B 167 -17.25 15.29 -8.65
N ARG B 168 -17.01 14.05 -8.20
CA ARG B 168 -17.42 12.83 -8.91
C ARG B 168 -18.91 12.56 -8.61
N LYS B 169 -19.76 13.24 -9.38
CA LYS B 169 -21.21 13.10 -9.31
C LYS B 169 -21.69 11.81 -10.00
N GLY B 170 -22.78 11.24 -9.47
CA GLY B 170 -23.39 10.02 -10.03
C GLY B 170 -24.88 10.18 -10.31
N GLN B 171 -25.52 11.14 -9.60
CA GLN B 171 -26.98 11.35 -9.65
C GLN B 171 -27.43 11.99 -10.96
N GLU B 172 -26.45 12.52 -11.71
CA GLU B 172 -26.65 13.08 -13.06
C GLU B 172 -27.16 11.99 -14.01
N ARG B 173 -26.65 10.77 -13.81
CA ARG B 173 -26.91 9.63 -14.66
C ARG B 173 -28.19 8.89 -14.25
N LEU B 174 -29.07 9.60 -13.50
CA LEU B 174 -30.42 9.11 -13.18
C LEU B 174 -31.42 9.56 -14.26
N GLU B 175 -32.56 8.86 -14.36
CA GLU B 175 -33.56 9.07 -15.43
C GLU B 175 -34.50 10.26 -15.06
N ASP A 1 -18.19 16.46 12.87
CA ASP A 1 -19.29 15.92 13.71
C ASP A 1 -19.02 14.46 14.06
N GLY A 2 -18.95 13.61 13.01
CA GLY A 2 -18.70 12.19 13.16
C GLY A 2 -18.29 11.56 11.84
N GLY A 3 -19.27 10.99 11.11
CA GLY A 3 -19.03 10.30 9.85
C GLY A 3 -18.19 9.04 10.02
N THR A 4 -17.52 8.61 8.95
CA THR A 4 -16.56 7.53 8.99
C THR A 4 -15.14 8.13 9.12
N THR A 5 -14.66 8.25 10.36
CA THR A 5 -13.26 8.57 10.67
C THR A 5 -12.44 7.27 10.73
N PHE A 6 -11.20 7.33 11.26
CA PHE A 6 -10.36 6.14 11.50
C PHE A 6 -11.08 5.18 12.47
N GLU A 7 -11.77 5.79 13.45
CA GLU A 7 -12.51 5.12 14.53
C GLU A 7 -13.59 4.18 13.98
N HIS A 8 -14.41 4.69 13.07
CA HIS A 8 -15.49 3.91 12.43
C HIS A 8 -14.90 2.94 11.39
N LEU A 9 -13.93 3.45 10.61
CA LEU A 9 -13.34 2.74 9.46
C LEU A 9 -12.86 1.36 9.87
N TRP A 10 -11.86 1.35 10.77
CA TRP A 10 -11.16 0.15 11.17
C TRP A 10 -11.99 -0.75 12.08
N SER A 11 -13.07 -0.21 12.66
CA SER A 11 -14.02 -1.02 13.44
C SER A 11 -14.76 -2.00 12.51
N SER A 12 -15.24 -1.47 11.39
CA SER A 12 -15.91 -2.25 10.34
C SER A 12 -14.91 -2.96 9.40
N LEU A 13 -13.70 -2.39 9.29
CA LEU A 13 -12.67 -2.83 8.31
C LEU A 13 -11.87 -4.03 8.83
N GLU A 14 -11.61 -4.03 10.15
CA GLU A 14 -10.75 -5.03 10.82
C GLU A 14 -11.18 -6.51 10.56
N PRO A 15 -12.51 -6.86 10.53
CA PRO A 15 -12.94 -8.21 10.07
C PRO A 15 -12.30 -8.68 8.73
N ASP A 16 -12.06 -7.75 7.76
CA ASP A 16 -11.68 -8.14 6.39
C ASP A 16 -10.85 -7.02 5.65
N MET B 5 -5.22 4.24 -15.41
CA MET B 5 -5.71 3.71 -14.12
C MET B 5 -4.64 2.77 -13.48
N SER B 6 -4.27 1.69 -14.23
CA SER B 6 -3.28 0.69 -13.78
C SER B 6 -1.91 1.32 -13.45
N GLN B 7 -1.59 2.42 -14.16
CA GLN B 7 -0.37 3.22 -13.96
C GLN B 7 -0.27 3.66 -12.48
N SER B 8 -1.30 4.36 -12.01
CA SER B 8 -1.41 4.91 -10.65
C SER B 8 -1.35 3.82 -9.56
N ASN B 9 -1.93 2.64 -9.88
CA ASN B 9 -1.93 1.46 -8.99
C ASN B 9 -0.52 0.90 -8.75
N ARG B 10 0.23 0.78 -9.84
CA ARG B 10 1.60 0.24 -9.83
C ARG B 10 2.58 1.24 -9.20
N GLU B 11 2.31 2.53 -9.40
CA GLU B 11 3.08 3.63 -8.81
C GLU B 11 2.80 3.74 -7.31
N LEU B 12 1.56 3.38 -6.91
CA LEU B 12 1.16 3.25 -5.50
C LEU B 12 2.04 2.19 -4.80
N VAL B 13 2.21 1.01 -5.45
CA VAL B 13 3.09 -0.07 -4.92
C VAL B 13 4.53 0.46 -4.70
N VAL B 14 5.13 0.98 -5.79
CA VAL B 14 6.53 1.48 -5.82
C VAL B 14 6.80 2.53 -4.73
N ASP B 15 5.88 3.50 -4.63
CA ASP B 15 6.00 4.65 -3.73
C ASP B 15 5.78 4.23 -2.28
N PHE B 16 4.99 3.15 -2.07
CA PHE B 16 4.68 2.64 -0.72
C PHE B 16 5.88 1.83 -0.18
N LEU B 17 6.57 1.13 -1.10
CA LEU B 17 7.82 0.42 -0.78
C LEU B 17 8.92 1.45 -0.43
N SER B 18 8.85 2.61 -1.11
CA SER B 18 9.74 3.76 -0.85
C SER B 18 9.45 4.37 0.54
N TYR B 19 8.15 4.39 0.93
CA TYR B 19 7.71 4.84 2.27
C TYR B 19 8.22 3.92 3.39
N LYS B 20 8.39 2.63 3.08
CA LYS B 20 8.98 1.66 4.02
C LYS B 20 10.49 1.92 4.18
N LEU B 21 11.18 2.09 3.05
CA LEU B 21 12.63 2.30 2.99
C LEU B 21 13.06 3.70 3.52
N SER B 22 12.11 4.65 3.54
CA SER B 22 12.34 6.03 4.01
C SER B 22 12.55 6.12 5.52
N GLN B 23 12.17 5.05 6.25
CA GLN B 23 12.50 4.90 7.69
C GLN B 23 14.03 4.96 7.87
N LYS B 24 14.76 4.56 6.81
CA LYS B 24 16.23 4.47 6.83
C LYS B 24 16.83 5.71 6.12
N GLY B 25 15.94 6.45 5.44
CA GLY B 25 16.31 7.61 4.63
C GLY B 25 16.80 7.18 3.26
N TYR B 26 16.15 6.15 2.71
CA TYR B 26 16.54 5.51 1.45
C TYR B 26 15.28 5.21 0.60
N SER B 27 15.48 4.93 -0.70
CA SER B 27 14.43 4.44 -1.61
C SER B 27 15.08 3.53 -2.68
N TRP B 28 14.39 2.44 -3.07
CA TRP B 28 14.86 1.55 -4.16
C TRP B 28 14.62 2.24 -5.52
N SER B 29 13.70 3.22 -5.51
CA SER B 29 13.26 3.98 -6.68
C SER B 29 14.37 4.92 -7.19
N GLN B 30 15.39 5.15 -6.34
CA GLN B 30 16.58 5.95 -6.69
C GLN B 30 17.44 5.22 -7.75
N PHE B 31 17.43 3.87 -7.70
CA PHE B 31 18.19 3.01 -8.62
C PHE B 31 17.63 3.10 -10.06
N SER B 32 16.30 2.98 -10.19
CA SER B 32 15.60 3.06 -11.50
C SER B 32 15.31 4.51 -11.91
N ASP B 33 15.47 5.44 -10.94
CA ASP B 33 15.25 6.90 -11.09
C ASP B 33 13.77 7.24 -11.48
N VAL B 34 12.88 6.21 -11.40
CA VAL B 34 11.44 6.25 -11.79
C VAL B 34 11.10 7.06 -13.08
N GLU B 35 12.06 7.13 -14.04
CA GLU B 35 11.86 7.82 -15.34
C GLU B 35 10.79 7.11 -16.20
N GLU B 36 10.61 5.81 -15.91
CA GLU B 36 9.64 4.93 -16.58
C GLU B 36 8.21 5.47 -16.44
N ASN B 37 7.76 5.54 -15.16
CA ASN B 37 6.41 5.96 -14.80
C ASN B 37 6.27 7.49 -14.81
N ARG B 38 7.41 8.21 -14.78
CA ARG B 38 7.46 9.68 -14.79
C ARG B 38 6.98 10.19 -16.15
N THR B 39 7.65 9.68 -17.20
CA THR B 39 7.36 9.98 -18.60
C THR B 39 7.56 11.48 -18.91
N GLU B 40 6.52 12.28 -18.67
CA GLU B 40 6.53 13.72 -18.92
C GLU B 40 5.71 14.47 -17.85
N ALA B 41 5.05 13.71 -16.93
CA ALA B 41 4.23 14.25 -15.84
C ALA B 41 3.09 15.14 -16.40
N PRO B 42 1.94 14.52 -16.85
CA PRO B 42 0.86 15.25 -17.53
C PRO B 42 -0.01 16.02 -16.52
N GLU B 43 0.13 15.63 -15.25
CA GLU B 43 -0.68 16.13 -14.15
C GLU B 43 0.06 15.95 -12.81
N GLY B 44 -0.46 16.65 -11.78
CA GLY B 44 0.00 16.50 -10.40
C GLY B 44 -0.50 15.21 -9.78
N THR B 45 -1.42 14.54 -10.51
CA THR B 45 -1.98 13.22 -10.21
C THR B 45 -2.58 13.15 -8.79
N GLU B 46 -3.81 13.66 -8.68
CA GLU B 46 -4.61 13.66 -7.44
C GLU B 46 -5.01 12.24 -7.00
N SER B 47 -4.87 11.27 -7.92
CA SER B 47 -5.13 9.85 -7.63
C SER B 47 -4.09 9.28 -6.67
N GLU B 48 -2.86 9.84 -6.70
CA GLU B 48 -1.74 9.40 -5.85
C GLU B 48 -1.99 9.74 -4.36
N ALA B 49 -2.95 10.65 -4.09
CA ALA B 49 -3.39 10.98 -2.70
C ALA B 49 -3.80 9.71 -1.90
N VAL B 50 -4.05 8.61 -2.63
CA VAL B 50 -4.31 7.28 -2.09
C VAL B 50 -3.18 6.80 -1.16
N LYS B 51 -1.90 7.00 -1.55
CA LYS B 51 -0.74 6.51 -0.78
C LYS B 51 -0.65 7.25 0.57
N GLN B 52 -1.08 8.53 0.57
CA GLN B 52 -1.15 9.35 1.78
C GLN B 52 -2.23 8.80 2.71
N ALA B 53 -3.37 8.45 2.11
CA ALA B 53 -4.53 7.90 2.84
C ALA B 53 -4.21 6.51 3.40
N LEU B 54 -3.35 5.78 2.69
CA LEU B 54 -2.88 4.44 3.07
C LEU B 54 -1.69 4.52 4.03
N ARG B 55 -1.03 5.69 4.10
CA ARG B 55 -0.01 5.98 5.12
C ARG B 55 -0.66 6.35 6.46
N GLU B 56 -1.75 7.14 6.43
CA GLU B 56 -2.51 7.50 7.63
C GLU B 56 -3.21 6.24 8.20
N ALA B 57 -3.93 5.54 7.31
CA ALA B 57 -4.57 4.25 7.62
C ALA B 57 -3.51 3.16 7.89
N GLY B 58 -2.28 3.38 7.38
CA GLY B 58 -1.15 2.52 7.65
C GLY B 58 -0.76 2.61 9.09
N ASP B 59 -0.46 3.84 9.55
CA ASP B 59 -0.05 4.11 10.93
C ASP B 59 -1.06 3.57 11.96
N GLU B 60 -2.36 3.60 11.60
CA GLU B 60 -3.42 3.05 12.45
C GLU B 60 -3.35 1.52 12.55
N PHE B 61 -3.38 0.85 11.39
CA PHE B 61 -3.57 -0.62 11.28
C PHE B 61 -2.26 -1.43 11.44
N GLU B 62 -1.09 -0.76 11.24
CA GLU B 62 0.23 -1.44 11.18
C GLU B 62 0.66 -2.01 12.53
N LEU B 63 0.91 -1.14 13.55
CA LEU B 63 1.68 -1.50 14.80
C LEU B 63 1.57 -2.99 15.27
N ARG B 64 0.34 -3.51 15.40
CA ARG B 64 0.09 -4.93 15.77
C ARG B 64 0.37 -5.90 14.58
N TYR B 65 -0.09 -5.53 13.37
CA TYR B 65 0.26 -6.24 12.12
C TYR B 65 1.72 -5.99 11.70
N ARG B 66 2.43 -5.07 12.39
CA ARG B 66 3.85 -4.75 12.13
C ARG B 66 4.73 -5.76 12.82
N ARG B 67 4.52 -5.94 14.13
CA ARG B 67 5.17 -7.01 14.89
C ARG B 67 4.76 -8.38 14.31
N ALA B 68 3.50 -8.46 13.81
CA ALA B 68 2.93 -9.70 13.27
C ALA B 68 3.57 -10.02 11.92
N PHE B 69 3.75 -8.98 11.05
CA PHE B 69 4.40 -9.19 9.75
C PHE B 69 5.88 -9.47 9.91
N SER B 70 6.46 -8.99 11.02
CA SER B 70 7.84 -9.28 11.40
C SER B 70 8.01 -10.81 11.61
N ASP B 71 7.03 -11.44 12.31
CA ASP B 71 7.00 -12.91 12.49
C ASP B 71 6.83 -13.63 11.13
N LEU B 72 5.99 -13.08 10.24
CA LEU B 72 5.70 -13.67 8.90
C LEU B 72 6.93 -13.61 7.98
N THR B 73 7.61 -12.46 7.98
CA THR B 73 8.76 -12.19 7.11
C THR B 73 10.06 -12.79 7.68
N SER B 74 10.04 -13.20 8.97
CA SER B 74 11.12 -14.00 9.58
C SER B 74 11.06 -15.45 9.09
N GLN B 75 9.83 -15.94 8.79
CA GLN B 75 9.62 -17.27 8.16
C GLN B 75 10.23 -17.27 6.75
N LEU B 76 10.13 -16.10 6.12
CA LEU B 76 10.73 -15.79 4.81
C LEU B 76 12.19 -15.34 5.04
N HIS B 77 13.06 -16.32 5.39
CA HIS B 77 14.51 -16.10 5.58
C HIS B 77 15.11 -15.70 4.21
N ILE B 78 15.08 -14.39 3.93
CA ILE B 78 15.51 -13.81 2.66
C ILE B 78 17.03 -14.08 2.45
N THR B 79 17.31 -15.07 1.60
CA THR B 79 18.67 -15.56 1.32
C THR B 79 19.03 -15.23 -0.16
N PRO B 80 20.34 -15.09 -0.56
CA PRO B 80 20.69 -14.81 -1.97
C PRO B 80 20.30 -15.99 -2.89
N GLY B 81 19.40 -15.73 -3.84
CA GLY B 81 18.91 -16.75 -4.78
C GLY B 81 17.52 -17.25 -4.43
N THR B 82 16.86 -16.59 -3.45
CA THR B 82 15.49 -16.96 -3.03
C THR B 82 14.46 -16.54 -4.10
N ALA B 83 13.28 -17.20 -4.08
CA ALA B 83 12.19 -16.95 -5.02
C ALA B 83 11.07 -16.16 -4.35
N TYR B 84 10.30 -15.39 -5.14
CA TYR B 84 9.13 -14.63 -4.66
C TYR B 84 7.97 -15.59 -4.32
N GLN B 85 8.13 -16.87 -4.74
CA GLN B 85 7.18 -17.98 -4.47
C GLN B 85 6.85 -18.12 -2.95
N SER B 86 7.77 -17.66 -2.10
CA SER B 86 7.58 -17.61 -0.64
C SER B 86 6.51 -16.56 -0.26
N PHE B 87 6.58 -15.38 -0.89
CA PHE B 87 5.58 -14.31 -0.73
C PHE B 87 4.26 -14.68 -1.44
N GLU B 88 4.37 -15.43 -2.55
CA GLU B 88 3.22 -15.96 -3.32
C GLU B 88 2.41 -16.93 -2.43
N GLN B 89 3.15 -17.68 -1.57
CA GLN B 89 2.57 -18.55 -0.55
C GLN B 89 1.76 -17.71 0.47
N VAL B 90 2.40 -16.62 0.95
CA VAL B 90 1.79 -15.70 1.94
C VAL B 90 0.50 -15.04 1.39
N VAL B 91 0.51 -14.64 0.09
CA VAL B 91 -0.67 -13.99 -0.53
C VAL B 91 -1.78 -15.03 -0.83
N ASN B 92 -1.38 -16.30 -1.02
CA ASN B 92 -2.34 -17.44 -1.15
C ASN B 92 -3.11 -17.61 0.18
N GLU B 93 -2.37 -17.47 1.30
CA GLU B 93 -2.91 -17.62 2.66
C GLU B 93 -3.72 -16.38 3.09
N LEU B 94 -3.29 -15.21 2.61
CA LEU B 94 -3.92 -13.92 2.94
C LEU B 94 -5.27 -13.79 2.22
N PHE B 95 -5.23 -13.99 0.88
CA PHE B 95 -6.41 -13.91 0.00
C PHE B 95 -7.23 -15.21 0.03
N ARG B 96 -6.92 -16.09 1.00
CA ARG B 96 -7.77 -17.24 1.36
C ARG B 96 -8.89 -16.82 2.30
N ASP B 97 -8.60 -15.82 3.15
CA ASP B 97 -9.57 -15.27 4.11
C ASP B 97 -10.55 -14.31 3.41
N GLY B 98 -10.38 -14.15 2.09
CA GLY B 98 -11.21 -13.25 1.30
C GLY B 98 -10.37 -12.41 0.36
N VAL B 99 -10.79 -11.17 0.08
CA VAL B 99 -10.01 -10.28 -0.83
C VAL B 99 -9.33 -9.13 -0.05
N ASN B 100 -9.75 -8.92 1.22
CA ASN B 100 -8.94 -8.26 2.24
C ASN B 100 -8.88 -6.76 1.99
N TRP B 101 -9.96 -6.07 2.26
CA TRP B 101 -10.08 -4.62 2.01
C TRP B 101 -9.16 -3.79 2.94
N GLY B 102 -8.74 -4.38 4.06
CA GLY B 102 -7.74 -3.77 4.96
C GLY B 102 -6.45 -4.57 5.00
N ARG B 103 -6.52 -5.86 4.67
CA ARG B 103 -5.34 -6.71 4.66
C ARG B 103 -4.63 -6.67 3.29
N ILE B 104 -5.25 -6.03 2.26
CA ILE B 104 -4.50 -5.46 1.09
C ILE B 104 -3.53 -4.36 1.56
N VAL B 105 -3.94 -3.55 2.57
CA VAL B 105 -3.05 -2.57 3.22
C VAL B 105 -1.92 -3.33 3.95
N ALA B 106 -2.28 -4.47 4.57
CA ALA B 106 -1.29 -5.40 5.16
C ALA B 106 -0.44 -6.08 4.05
N PHE B 107 -1.05 -6.34 2.87
CA PHE B 107 -0.40 -7.03 1.72
C PHE B 107 0.85 -6.27 1.23
N PHE B 108 0.71 -4.97 0.94
CA PHE B 108 1.88 -4.17 0.50
C PHE B 108 2.76 -3.71 1.67
N SER B 109 2.23 -3.79 2.91
CA SER B 109 3.07 -3.70 4.13
C SER B 109 3.92 -4.98 4.36
N PHE B 110 3.45 -6.15 3.84
CA PHE B 110 4.20 -7.43 3.91
C PHE B 110 5.34 -7.36 2.90
N GLY B 111 4.98 -7.08 1.62
CA GLY B 111 5.95 -6.90 0.55
C GLY B 111 6.90 -5.74 0.82
N GLY B 112 6.39 -4.74 1.56
CA GLY B 112 7.18 -3.58 1.98
C GLY B 112 8.18 -3.93 3.08
N ALA B 113 7.78 -4.86 3.97
CA ALA B 113 8.66 -5.37 5.03
C ALA B 113 9.79 -6.19 4.42
N LEU B 114 9.42 -6.96 3.39
CA LEU B 114 10.33 -7.75 2.55
C LEU B 114 11.29 -6.87 1.75
N CYS B 115 10.82 -5.68 1.33
CA CYS B 115 11.66 -4.71 0.62
C CYS B 115 12.76 -4.18 1.55
N VAL B 116 12.37 -3.76 2.77
CA VAL B 116 13.33 -3.31 3.80
C VAL B 116 14.28 -4.46 4.19
N GLU B 117 13.71 -5.66 4.30
CA GLU B 117 14.43 -6.88 4.71
C GLU B 117 15.47 -7.31 3.66
N SER B 118 15.11 -7.13 2.38
CA SER B 118 15.99 -7.46 1.24
C SER B 118 17.17 -6.48 1.20
N VAL B 119 16.88 -5.20 1.48
CA VAL B 119 17.92 -4.14 1.57
C VAL B 119 18.78 -4.34 2.84
N ASP B 120 18.16 -4.89 3.89
CA ASP B 120 18.84 -5.21 5.18
C ASP B 120 19.80 -6.38 4.99
N LYS B 121 19.43 -7.28 4.04
CA LYS B 121 20.21 -8.47 3.69
C LYS B 121 21.12 -8.15 2.49
N GLU B 122 21.09 -6.87 2.02
CA GLU B 122 22.02 -6.33 1.01
C GLU B 122 21.86 -7.06 -0.35
N MET B 123 20.58 -7.27 -0.74
CA MET B 123 20.21 -7.71 -2.10
C MET B 123 19.74 -6.50 -2.90
N GLN B 124 18.57 -5.95 -2.51
CA GLN B 124 17.82 -4.89 -3.26
C GLN B 124 17.26 -5.37 -4.63
N VAL B 125 17.94 -6.34 -5.29
CA VAL B 125 17.49 -6.96 -6.53
C VAL B 125 16.17 -7.74 -6.33
N LEU B 126 15.99 -8.29 -5.11
CA LEU B 126 14.75 -8.96 -4.72
C LEU B 126 13.61 -7.94 -4.57
N VAL B 127 13.93 -6.71 -4.09
CA VAL B 127 12.93 -5.60 -4.02
C VAL B 127 12.37 -5.28 -5.42
N SER B 128 13.30 -5.24 -6.40
CA SER B 128 12.97 -5.02 -7.82
C SER B 128 11.99 -6.12 -8.33
N ARG B 129 12.27 -7.39 -7.93
CA ARG B 129 11.40 -8.53 -8.26
C ARG B 129 10.00 -8.35 -7.64
N ILE B 130 9.97 -8.24 -6.29
CA ILE B 130 8.74 -8.21 -5.46
C ILE B 130 7.77 -7.13 -5.98
N ALA B 131 8.31 -5.92 -6.20
CA ALA B 131 7.57 -4.75 -6.71
C ALA B 131 6.83 -5.04 -8.03
N ALA B 132 7.56 -5.72 -8.95
CA ALA B 132 7.05 -6.09 -10.28
C ALA B 132 5.87 -7.07 -10.19
N TRP B 133 6.07 -8.17 -9.43
CA TRP B 133 5.04 -9.21 -9.24
C TRP B 133 3.81 -8.70 -8.47
N MET B 134 4.03 -7.81 -7.49
CA MET B 134 2.94 -7.23 -6.65
C MET B 134 2.07 -6.28 -7.48
N ALA B 135 2.73 -5.51 -8.34
CA ALA B 135 2.08 -4.58 -9.26
C ALA B 135 1.21 -5.32 -10.28
N THR B 136 1.77 -6.45 -10.78
CA THR B 136 1.11 -7.35 -11.74
C THR B 136 -0.08 -8.08 -11.08
N TYR B 137 0.11 -8.49 -9.82
CA TYR B 137 -0.88 -9.26 -9.04
C TYR B 137 -2.03 -8.34 -8.62
N LEU B 138 -1.69 -7.06 -8.39
CA LEU B 138 -2.63 -5.99 -8.10
C LEU B 138 -3.61 -5.80 -9.25
N ASN B 139 -3.08 -5.61 -10.48
CA ASN B 139 -3.93 -5.42 -11.68
C ASN B 139 -4.49 -6.77 -12.22
N ASP B 140 -4.15 -7.89 -11.54
CA ASP B 140 -4.59 -9.24 -11.94
C ASP B 140 -5.92 -9.62 -11.27
N HIS B 141 -5.93 -9.68 -9.92
CA HIS B 141 -7.12 -10.15 -9.16
C HIS B 141 -7.77 -8.99 -8.37
N LEU B 142 -6.97 -7.99 -8.00
CA LEU B 142 -7.39 -6.92 -7.09
C LEU B 142 -7.95 -5.73 -7.87
N GLU B 143 -7.58 -5.68 -9.17
CA GLU B 143 -8.00 -4.61 -10.12
C GLU B 143 -9.53 -4.29 -10.05
N PRO B 144 -10.47 -5.33 -10.13
CA PRO B 144 -11.91 -5.06 -9.97
C PRO B 144 -12.23 -4.49 -8.58
N TRP B 145 -11.61 -5.07 -7.53
CA TRP B 145 -11.96 -4.78 -6.12
C TRP B 145 -11.42 -3.40 -5.66
N ILE B 146 -10.39 -2.90 -6.35
CA ILE B 146 -9.80 -1.59 -6.07
C ILE B 146 -10.52 -0.48 -6.86
N GLN B 147 -10.56 -0.65 -8.19
CA GLN B 147 -11.04 0.38 -9.14
C GLN B 147 -12.56 0.31 -9.38
N GLU B 148 -13.28 -0.61 -8.71
CA GLU B 148 -14.75 -0.77 -8.81
C GLU B 148 -15.50 0.59 -8.70
N ASN B 149 -15.22 1.29 -7.58
CA ASN B 149 -15.87 2.57 -7.20
C ASN B 149 -15.47 2.98 -5.77
N GLY B 150 -14.47 2.30 -5.16
CA GLY B 150 -14.11 2.59 -3.77
C GLY B 150 -13.41 1.43 -3.11
N GLY B 151 -12.28 1.02 -3.68
CA GLY B 151 -11.34 0.11 -3.01
C GLY B 151 -10.20 0.91 -2.42
N TRP B 152 -9.62 1.76 -3.28
CA TRP B 152 -8.58 2.73 -2.89
C TRP B 152 -9.21 4.06 -2.42
N ASP B 153 -10.38 4.35 -3.01
CA ASP B 153 -11.02 5.68 -3.01
C ASP B 153 -11.74 6.00 -1.67
N THR B 154 -11.93 4.98 -0.82
CA THR B 154 -12.64 5.11 0.45
C THR B 154 -11.76 5.78 1.51
N PHE B 155 -10.52 5.28 1.63
CA PHE B 155 -9.51 5.83 2.53
C PHE B 155 -9.25 7.31 2.18
N VAL B 156 -9.35 7.61 0.87
CA VAL B 156 -9.16 8.97 0.33
C VAL B 156 -10.39 9.85 0.64
N GLU B 157 -11.59 9.25 0.49
CA GLU B 157 -12.90 9.90 0.75
C GLU B 157 -12.93 10.58 2.13
N LEU B 158 -12.49 9.81 3.15
CA LEU B 158 -12.54 10.26 4.54
C LEU B 158 -11.43 11.30 4.82
N TYR B 159 -10.18 10.87 4.57
CA TYR B 159 -8.97 11.57 5.04
C TYR B 159 -8.74 12.85 4.26
N GLY B 160 -8.87 12.73 2.94
CA GLY B 160 -8.77 13.86 2.04
C GLY B 160 -10.18 14.23 1.63
N ASN B 161 -10.82 15.08 2.48
CA ASN B 161 -12.27 15.32 2.49
C ASN B 161 -12.79 15.58 1.09
N ASN B 162 -13.61 14.65 0.61
CA ASN B 162 -14.31 14.76 -0.66
C ASN B 162 -15.52 15.68 -0.42
N ALA B 163 -15.16 16.95 -0.24
CA ALA B 163 -16.10 18.08 -0.18
C ALA B 163 -17.03 18.11 -1.41
N ALA B 164 -16.57 17.50 -2.52
CA ALA B 164 -17.36 17.35 -3.74
C ALA B 164 -18.50 16.34 -3.53
N ALA B 165 -18.22 15.29 -2.73
CA ALA B 165 -19.21 14.25 -2.38
C ALA B 165 -20.27 14.82 -1.43
N GLU B 166 -19.83 15.76 -0.59
CA GLU B 166 -20.71 16.55 0.27
C GLU B 166 -21.58 17.52 -0.57
N SER B 167 -20.97 18.03 -1.65
CA SER B 167 -21.61 19.00 -2.57
C SER B 167 -22.63 18.31 -3.50
N ARG B 168 -22.49 16.98 -3.66
CA ARG B 168 -23.46 16.15 -4.40
C ARG B 168 -24.83 16.19 -3.72
N LYS B 169 -24.81 16.35 -2.39
CA LYS B 169 -26.03 16.35 -1.59
C LYS B 169 -26.75 17.70 -1.68
N GLY B 170 -28.05 17.61 -1.97
CA GLY B 170 -28.94 18.77 -2.10
C GLY B 170 -30.26 18.56 -1.38
N GLN B 171 -30.35 17.41 -0.64
CA GLN B 171 -31.52 17.10 0.21
C GLN B 171 -31.75 18.17 1.28
N GLU B 172 -30.62 18.80 1.70
CA GLU B 172 -30.56 19.87 2.70
C GLU B 172 -31.44 21.05 2.30
N ARG B 173 -31.40 21.40 1.01
CA ARG B 173 -32.07 22.57 0.45
C ARG B 173 -33.58 22.32 0.21
N LEU B 174 -34.07 21.12 0.64
CA LEU B 174 -35.52 20.73 0.55
C LEU B 174 -36.04 20.73 -0.91
N GLU B 175 -37.38 20.77 -1.09
CA GLU B 175 -37.99 20.91 -2.43
C GLU B 175 -38.03 22.41 -2.86
N ASP A 1 -11.37 14.78 14.23
CA ASP A 1 -12.85 14.70 14.23
C ASP A 1 -13.34 14.05 12.93
N GLY A 2 -14.50 13.37 13.00
CA GLY A 2 -15.13 12.77 11.83
C GLY A 2 -16.23 11.80 12.19
N GLY A 3 -17.07 11.46 11.19
CA GLY A 3 -18.09 10.42 11.33
C GLY A 3 -17.47 9.03 11.48
N THR A 4 -16.48 8.74 10.61
CA THR A 4 -15.62 7.56 10.73
C THR A 4 -14.20 7.90 10.24
N THR A 5 -13.26 7.97 11.20
CA THR A 5 -11.83 8.13 10.91
C THR A 5 -11.14 6.76 11.05
N PHE A 6 -9.79 6.78 11.15
CA PHE A 6 -8.95 5.57 11.27
C PHE A 6 -9.40 4.71 12.47
N GLU A 7 -9.75 5.41 13.56
CA GLU A 7 -10.10 4.83 14.87
C GLU A 7 -11.30 3.87 14.75
N HIS A 8 -12.39 4.37 14.14
CA HIS A 8 -13.64 3.58 13.98
C HIS A 8 -13.49 2.55 12.85
N LEU A 9 -12.77 2.96 11.80
CA LEU A 9 -12.56 2.14 10.59
C LEU A 9 -12.01 0.77 10.97
N TRP A 10 -10.84 0.80 11.61
CA TRP A 10 -10.07 -0.37 11.98
C TRP A 10 -10.65 -1.07 13.21
N SER A 11 -11.38 -0.33 14.05
CA SER A 11 -12.07 -0.92 15.24
C SER A 11 -13.15 -1.92 14.78
N SER A 12 -13.76 -1.60 13.62
CA SER A 12 -14.74 -2.45 12.94
C SER A 12 -14.05 -3.52 12.06
N LEU A 13 -13.02 -3.07 11.33
CA LEU A 13 -12.44 -3.81 10.19
C LEU A 13 -11.42 -4.90 10.61
N GLU A 14 -10.61 -4.60 11.64
CA GLU A 14 -9.57 -5.54 12.15
C GLU A 14 -10.20 -6.86 12.69
N PRO A 15 -11.30 -6.83 13.55
CA PRO A 15 -12.05 -8.06 13.97
C PRO A 15 -12.62 -8.89 12.79
N ASP A 16 -12.72 -8.28 11.60
CA ASP A 16 -13.22 -8.98 10.41
C ASP A 16 -12.01 -9.52 9.61
N MET B 5 -6.01 4.12 -13.39
CA MET B 5 -5.00 3.36 -12.61
C MET B 5 -4.06 2.54 -13.51
N SER B 6 -4.12 2.78 -14.85
CA SER B 6 -3.35 2.01 -15.85
C SER B 6 -1.83 2.00 -15.54
N GLN B 7 -1.29 3.18 -15.20
CA GLN B 7 0.09 3.31 -14.68
C GLN B 7 0.08 3.38 -13.13
N SER B 8 -0.97 4.02 -12.56
CA SER B 8 -1.05 4.38 -11.13
C SER B 8 -1.05 3.17 -10.17
N ASN B 9 -1.31 1.94 -10.68
CA ASN B 9 -1.20 0.71 -9.86
C ASN B 9 0.27 0.46 -9.52
N ARG B 10 1.10 0.53 -10.57
CA ARG B 10 2.56 0.38 -10.49
C ARG B 10 3.16 1.50 -9.62
N GLU B 11 2.70 2.75 -9.85
CA GLU B 11 3.20 3.92 -9.11
C GLU B 11 2.90 3.79 -7.62
N LEU B 12 1.67 3.33 -7.31
CA LEU B 12 1.20 3.15 -5.93
C LEU B 12 2.11 2.19 -5.16
N VAL B 13 2.25 0.95 -5.69
CA VAL B 13 2.96 -0.13 -4.99
C VAL B 13 4.46 0.20 -4.78
N VAL B 14 5.13 0.68 -5.85
CA VAL B 14 6.61 0.87 -5.83
C VAL B 14 6.98 2.04 -4.91
N ASP B 15 6.16 3.11 -4.99
CA ASP B 15 6.33 4.29 -4.14
C ASP B 15 5.97 3.97 -2.67
N PHE B 16 5.05 3.02 -2.45
CA PHE B 16 4.63 2.61 -1.09
C PHE B 16 5.81 1.88 -0.41
N LEU B 17 6.52 1.05 -1.21
CA LEU B 17 7.72 0.32 -0.76
C LEU B 17 8.83 1.34 -0.43
N SER B 18 8.94 2.38 -1.30
CA SER B 18 9.93 3.47 -1.19
C SER B 18 9.74 4.26 0.13
N TYR B 19 8.46 4.59 0.40
CA TYR B 19 8.01 5.31 1.59
C TYR B 19 8.25 4.47 2.86
N LYS B 20 8.16 3.14 2.74
CA LYS B 20 8.37 2.23 3.87
C LYS B 20 9.88 1.89 4.03
N LEU B 21 10.68 2.09 2.97
CA LEU B 21 12.15 2.00 3.00
C LEU B 21 12.74 3.20 3.76
N SER B 22 11.99 4.32 3.72
CA SER B 22 12.31 5.59 4.40
C SER B 22 12.60 5.47 5.92
N GLN B 23 12.30 4.31 6.54
CA GLN B 23 12.70 4.01 7.94
C GLN B 23 14.21 4.28 8.16
N LYS B 24 14.98 4.00 7.10
CA LYS B 24 16.46 4.13 7.10
C LYS B 24 16.89 5.45 6.44
N GLY B 25 15.89 6.21 5.99
CA GLY B 25 16.10 7.44 5.20
C GLY B 25 16.44 7.11 3.76
N TYR B 26 15.95 5.95 3.30
CA TYR B 26 16.27 5.39 1.98
C TYR B 26 14.97 5.26 1.17
N SER B 27 15.08 5.39 -0.15
CA SER B 27 13.92 5.30 -1.06
C SER B 27 14.36 4.79 -2.45
N TRP B 28 13.37 4.44 -3.29
CA TRP B 28 13.59 4.25 -4.75
C TRP B 28 13.81 5.63 -5.43
N SER B 29 13.42 6.69 -4.70
CA SER B 29 13.59 8.08 -5.12
C SER B 29 15.07 8.49 -5.07
N GLN B 30 15.87 7.79 -4.23
CA GLN B 30 17.34 7.95 -4.17
C GLN B 30 17.97 7.55 -5.52
N PHE B 31 17.47 6.42 -6.06
CA PHE B 31 17.93 5.83 -7.32
C PHE B 31 17.53 6.73 -8.53
N SER B 32 16.26 7.16 -8.53
CA SER B 32 15.68 7.95 -9.64
C SER B 32 15.91 9.47 -9.44
N ASP B 33 16.56 9.87 -8.32
CA ASP B 33 16.92 11.29 -7.99
C ASP B 33 15.67 12.18 -7.72
N VAL B 34 14.46 11.57 -7.74
CA VAL B 34 13.16 12.28 -7.63
C VAL B 34 12.65 12.23 -6.18
N GLU B 35 13.52 12.64 -5.25
CA GLU B 35 13.24 12.68 -3.80
C GLU B 35 12.19 13.77 -3.45
N GLU B 36 11.76 14.54 -4.46
CA GLU B 36 10.70 15.55 -4.35
C GLU B 36 9.29 14.93 -4.36
N ASN B 37 9.20 13.60 -4.55
CA ASN B 37 7.94 12.85 -4.38
C ASN B 37 7.53 12.80 -2.89
N ARG B 38 8.51 13.11 -2.01
CA ARG B 38 8.36 13.18 -0.53
C ARG B 38 7.35 14.28 -0.14
N THR B 39 7.12 15.21 -1.09
CA THR B 39 6.06 16.22 -1.03
C THR B 39 4.67 15.54 -1.13
N GLU B 40 3.64 16.23 -0.62
CA GLU B 40 2.22 15.81 -0.72
C GLU B 40 1.80 15.54 -2.19
N ALA B 41 2.38 16.34 -3.11
CA ALA B 41 2.18 16.25 -4.54
C ALA B 41 3.19 17.20 -5.20
N PRO B 42 4.01 16.75 -6.19
CA PRO B 42 5.00 17.59 -6.88
C PRO B 42 4.45 18.21 -8.18
N GLU B 43 3.12 18.05 -8.40
CA GLU B 43 2.47 18.40 -9.66
C GLU B 43 0.97 18.76 -9.48
N GLY B 44 0.36 18.33 -8.36
CA GLY B 44 -1.08 18.47 -8.14
C GLY B 44 -1.80 17.21 -8.56
N THR B 45 -1.05 16.10 -8.45
CA THR B 45 -1.44 14.77 -8.86
C THR B 45 -2.19 14.08 -7.72
N GLU B 46 -3.45 14.47 -7.63
CA GLU B 46 -4.49 13.91 -6.72
C GLU B 46 -4.47 12.36 -6.59
N SER B 47 -4.01 11.69 -7.66
CA SER B 47 -3.91 10.21 -7.73
C SER B 47 -2.94 9.65 -6.66
N GLU B 48 -2.02 10.50 -6.20
CA GLU B 48 -1.02 10.15 -5.15
C GLU B 48 -1.58 10.27 -3.72
N ALA B 49 -2.74 10.96 -3.56
CA ALA B 49 -3.40 11.11 -2.24
C ALA B 49 -3.81 9.75 -1.63
N VAL B 50 -3.93 8.70 -2.49
CA VAL B 50 -4.24 7.33 -2.06
C VAL B 50 -3.11 6.73 -1.19
N LYS B 51 -1.84 7.00 -1.57
CA LYS B 51 -0.67 6.38 -0.93
C LYS B 51 -0.60 6.87 0.50
N GLN B 52 -0.67 8.21 0.63
CA GLN B 52 -0.82 8.92 1.92
C GLN B 52 -1.93 8.30 2.78
N ALA B 53 -3.10 8.07 2.15
CA ALA B 53 -4.29 7.54 2.82
C ALA B 53 -4.07 6.07 3.26
N LEU B 54 -3.27 5.32 2.46
CA LEU B 54 -2.96 3.90 2.74
C LEU B 54 -1.78 3.79 3.73
N ARG B 55 -0.97 4.86 3.82
CA ARG B 55 0.13 4.94 4.79
C ARG B 55 -0.38 5.32 6.17
N GLU B 56 -1.28 6.31 6.23
CA GLU B 56 -1.80 6.82 7.51
C GLU B 56 -2.60 5.70 8.18
N ALA B 57 -3.53 5.13 7.40
CA ALA B 57 -4.42 4.06 7.87
C ALA B 57 -3.68 2.72 8.01
N GLY B 58 -2.75 2.46 7.07
CA GLY B 58 -2.02 1.20 7.04
C GLY B 58 -1.14 1.09 8.25
N ASP B 59 -0.21 2.06 8.39
CA ASP B 59 0.71 2.13 9.51
C ASP B 59 -0.03 2.36 10.87
N GLU B 60 -1.30 2.91 10.83
CA GLU B 60 -2.12 3.10 12.06
C GLU B 60 -2.44 1.74 12.71
N PHE B 61 -3.20 0.89 11.99
CA PHE B 61 -3.70 -0.38 12.54
C PHE B 61 -2.58 -1.43 12.59
N GLU B 62 -1.52 -1.18 11.76
CA GLU B 62 -0.41 -2.11 11.55
C GLU B 62 0.13 -2.60 12.87
N LEU B 63 0.68 -1.69 13.70
CA LEU B 63 1.60 -2.00 14.87
C LEU B 63 1.34 -3.38 15.56
N ARG B 64 0.06 -3.68 15.82
CA ARG B 64 -0.43 -4.97 16.35
C ARG B 64 -0.17 -6.12 15.33
N TYR B 65 -0.83 -6.01 14.17
CA TYR B 65 -0.64 -6.93 13.05
C TYR B 65 0.78 -6.89 12.49
N ARG B 66 1.54 -5.80 12.72
CA ARG B 66 2.84 -5.53 12.08
C ARG B 66 3.92 -6.29 12.81
N ARG B 67 3.79 -6.38 14.16
CA ARG B 67 4.66 -7.22 14.98
C ARG B 67 4.33 -8.71 14.67
N ALA B 68 3.03 -9.00 14.40
CA ALA B 68 2.58 -10.35 13.98
C ALA B 68 3.19 -10.68 12.60
N PHE B 69 3.21 -9.67 11.72
CA PHE B 69 3.76 -9.80 10.37
C PHE B 69 5.28 -9.84 10.44
N SER B 70 5.85 -9.27 11.53
CA SER B 70 7.30 -9.33 11.81
C SER B 70 7.71 -10.76 12.16
N ASP B 71 6.78 -11.55 12.74
CA ASP B 71 6.97 -13.01 12.92
C ASP B 71 6.95 -13.74 11.56
N LEU B 72 6.02 -13.30 10.69
CA LEU B 72 5.83 -13.88 9.33
C LEU B 72 7.05 -13.61 8.41
N THR B 73 7.56 -12.36 8.41
CA THR B 73 8.74 -11.95 7.64
C THR B 73 10.04 -12.36 8.36
N SER B 74 9.93 -12.76 9.65
CA SER B 74 11.02 -13.45 10.36
C SER B 74 11.20 -14.85 9.75
N GLN B 75 10.07 -15.55 9.50
CA GLN B 75 10.07 -16.87 8.81
C GLN B 75 10.68 -16.73 7.41
N LEU B 76 10.38 -15.59 6.78
CA LEU B 76 10.96 -15.18 5.50
C LEU B 76 12.32 -14.52 5.74
N HIS B 77 13.29 -15.31 6.22
CA HIS B 77 14.68 -14.86 6.30
C HIS B 77 15.20 -14.67 4.87
N ILE B 78 15.03 -13.44 4.36
CA ILE B 78 15.46 -13.04 3.03
C ILE B 78 17.01 -13.17 2.93
N THR B 79 17.45 -14.34 2.46
CA THR B 79 18.88 -14.66 2.29
C THR B 79 19.42 -14.10 0.97
N PRO B 80 20.76 -13.89 0.84
CA PRO B 80 21.39 -13.55 -0.47
C PRO B 80 21.15 -14.67 -1.51
N GLY B 81 20.05 -14.52 -2.27
CA GLY B 81 19.70 -15.44 -3.36
C GLY B 81 18.43 -16.24 -3.12
N THR B 82 17.60 -15.83 -2.12
CA THR B 82 16.26 -16.40 -1.95
C THR B 82 15.34 -15.97 -3.12
N ALA B 83 14.39 -16.82 -3.48
CA ALA B 83 13.48 -16.57 -4.62
C ALA B 83 12.21 -15.83 -4.19
N TYR B 84 11.44 -15.40 -5.20
CA TYR B 84 10.11 -14.79 -5.03
C TYR B 84 9.07 -15.82 -4.53
N GLN B 85 9.43 -17.12 -4.60
CA GLN B 85 8.57 -18.26 -4.24
C GLN B 85 8.09 -18.21 -2.77
N SER B 86 8.95 -17.66 -1.88
CA SER B 86 8.61 -17.44 -0.46
C SER B 86 7.50 -16.37 -0.33
N PHE B 87 7.69 -15.27 -1.09
CA PHE B 87 6.71 -14.16 -1.19
C PHE B 87 5.37 -14.69 -1.74
N GLU B 88 5.42 -15.49 -2.83
CA GLU B 88 4.23 -16.02 -3.51
C GLU B 88 3.45 -16.95 -2.58
N GLN B 89 4.18 -17.77 -1.78
CA GLN B 89 3.57 -18.67 -0.77
C GLN B 89 2.71 -17.85 0.19
N VAL B 90 3.30 -16.76 0.72
CA VAL B 90 2.62 -15.83 1.65
C VAL B 90 1.38 -15.16 1.01
N VAL B 91 1.47 -14.86 -0.30
CA VAL B 91 0.35 -14.31 -1.09
C VAL B 91 -0.81 -15.34 -1.18
N ASN B 92 -0.43 -16.62 -1.36
CA ASN B 92 -1.38 -17.74 -1.50
C ASN B 92 -2.10 -18.01 -0.16
N GLU B 93 -1.37 -17.82 0.96
CA GLU B 93 -1.89 -17.97 2.32
C GLU B 93 -2.79 -16.78 2.70
N LEU B 94 -2.42 -15.60 2.19
CA LEU B 94 -3.08 -14.32 2.54
C LEU B 94 -4.46 -14.24 1.86
N PHE B 95 -4.46 -14.48 0.54
CA PHE B 95 -5.66 -14.41 -0.31
C PHE B 95 -6.47 -15.73 -0.26
N ARG B 96 -6.12 -16.62 0.68
CA ARG B 96 -6.88 -17.83 0.98
C ARG B 96 -8.09 -17.49 1.84
N ASP B 97 -7.83 -16.62 2.84
CA ASP B 97 -8.82 -16.19 3.83
C ASP B 97 -9.83 -15.22 3.22
N GLY B 98 -9.68 -14.95 1.91
CA GLY B 98 -10.45 -13.93 1.22
C GLY B 98 -9.52 -12.93 0.55
N VAL B 99 -10.08 -11.99 -0.22
CA VAL B 99 -9.28 -11.04 -1.02
C VAL B 99 -8.87 -9.78 -0.18
N ASN B 100 -9.02 -9.90 1.17
CA ASN B 100 -8.31 -9.08 2.15
C ASN B 100 -8.87 -7.65 2.16
N TRP B 101 -10.17 -7.58 2.42
CA TRP B 101 -10.94 -6.32 2.65
C TRP B 101 -10.18 -5.21 3.46
N GLY B 102 -9.25 -5.62 4.35
CA GLY B 102 -8.31 -4.69 5.03
C GLY B 102 -6.85 -5.16 4.91
N ARG B 103 -6.67 -6.48 4.80
CA ARG B 103 -5.34 -7.09 4.82
C ARG B 103 -4.63 -6.90 3.45
N ILE B 104 -5.36 -6.38 2.43
CA ILE B 104 -4.81 -5.91 1.14
C ILE B 104 -3.87 -4.68 1.32
N VAL B 105 -4.25 -3.70 2.17
CA VAL B 105 -3.32 -2.59 2.50
C VAL B 105 -2.24 -3.12 3.46
N ALA B 106 -2.61 -4.16 4.25
CA ALA B 106 -1.63 -4.88 5.07
C ALA B 106 -0.68 -5.75 4.21
N PHE B 107 -1.10 -6.05 2.97
CA PHE B 107 -0.31 -6.79 1.96
C PHE B 107 0.77 -5.88 1.36
N PHE B 108 0.42 -4.60 1.14
CA PHE B 108 1.43 -3.56 0.80
C PHE B 108 2.41 -3.37 1.98
N SER B 109 1.89 -3.53 3.22
CA SER B 109 2.70 -3.50 4.45
C SER B 109 3.68 -4.69 4.52
N PHE B 110 3.20 -5.89 4.08
CA PHE B 110 4.04 -7.12 4.00
C PHE B 110 5.23 -6.85 3.11
N GLY B 111 4.93 -6.51 1.84
CA GLY B 111 5.92 -6.28 0.81
C GLY B 111 6.91 -5.21 1.21
N GLY B 112 6.42 -4.16 1.88
CA GLY B 112 7.24 -3.04 2.33
C GLY B 112 8.28 -3.47 3.36
N ALA B 113 7.87 -4.34 4.30
CA ALA B 113 8.76 -4.91 5.34
C ALA B 113 9.80 -5.84 4.71
N LEU B 114 9.33 -6.61 3.71
CA LEU B 114 10.14 -7.52 2.91
C LEU B 114 11.17 -6.75 2.06
N CYS B 115 10.79 -5.52 1.63
CA CYS B 115 11.63 -4.66 0.80
C CYS B 115 12.75 -4.01 1.62
N VAL B 116 12.40 -3.62 2.87
CA VAL B 116 13.36 -3.11 3.87
C VAL B 116 14.42 -4.18 4.13
N GLU B 117 13.94 -5.42 4.33
CA GLU B 117 14.77 -6.59 4.58
C GLU B 117 15.57 -7.00 3.31
N SER B 118 14.97 -6.76 2.13
CA SER B 118 15.55 -7.19 0.84
C SER B 118 16.80 -6.36 0.54
N VAL B 119 16.67 -5.01 0.53
CA VAL B 119 17.81 -4.10 0.29
C VAL B 119 18.85 -4.21 1.43
N ASP B 120 18.36 -4.50 2.65
CA ASP B 120 19.21 -4.76 3.83
C ASP B 120 20.16 -5.97 3.59
N LYS B 121 19.71 -6.90 2.74
CA LYS B 121 20.40 -8.17 2.46
C LYS B 121 20.97 -8.17 1.03
N GLU B 122 21.11 -6.96 0.41
CA GLU B 122 21.72 -6.76 -0.93
C GLU B 122 20.87 -7.38 -2.05
N MET B 123 19.62 -7.66 -1.72
CA MET B 123 18.62 -8.24 -2.61
C MET B 123 17.75 -7.11 -3.18
N GLN B 124 18.35 -5.92 -3.33
CA GLN B 124 17.75 -4.79 -4.10
C GLN B 124 17.20 -5.23 -5.49
N VAL B 125 17.87 -6.22 -6.12
CA VAL B 125 17.42 -6.83 -7.38
C VAL B 125 16.13 -7.68 -7.15
N LEU B 126 16.06 -8.36 -5.99
CA LEU B 126 14.93 -9.19 -5.61
C LEU B 126 13.69 -8.32 -5.30
N VAL B 127 13.86 -7.16 -4.62
CA VAL B 127 12.72 -6.25 -4.31
C VAL B 127 12.19 -5.57 -5.58
N SER B 128 13.07 -5.22 -6.54
CA SER B 128 12.60 -4.71 -7.85
C SER B 128 11.74 -5.80 -8.56
N ARG B 129 12.11 -7.09 -8.35
CA ARG B 129 11.27 -8.23 -8.78
C ARG B 129 9.95 -8.28 -7.97
N ILE B 130 10.02 -8.13 -6.61
CA ILE B 130 8.83 -8.22 -5.71
C ILE B 130 7.78 -7.16 -6.10
N ALA B 131 8.28 -5.95 -6.45
CA ALA B 131 7.47 -4.82 -6.89
C ALA B 131 6.77 -5.14 -8.22
N ALA B 132 7.48 -5.88 -9.10
CA ALA B 132 6.96 -6.29 -10.41
C ALA B 132 5.86 -7.37 -10.27
N TRP B 133 6.15 -8.45 -9.48
CA TRP B 133 5.18 -9.52 -9.17
C TRP B 133 3.90 -8.94 -8.51
N MET B 134 4.10 -8.02 -7.54
CA MET B 134 3.00 -7.42 -6.75
C MET B 134 2.16 -6.47 -7.61
N ALA B 135 2.84 -5.74 -8.52
CA ALA B 135 2.16 -4.80 -9.45
C ALA B 135 1.31 -5.55 -10.48
N THR B 136 1.86 -6.68 -10.94
CA THR B 136 1.20 -7.58 -11.90
C THR B 136 0.00 -8.29 -11.23
N TYR B 137 0.16 -8.62 -9.92
CA TYR B 137 -0.88 -9.30 -9.15
C TYR B 137 -1.96 -8.27 -8.71
N LEU B 138 -1.52 -7.01 -8.59
CA LEU B 138 -2.39 -5.87 -8.27
C LEU B 138 -3.40 -5.64 -9.39
N ASN B 139 -2.93 -5.63 -10.66
CA ASN B 139 -3.83 -5.52 -11.82
C ASN B 139 -4.50 -6.87 -12.17
N ASP B 140 -4.06 -7.97 -11.52
CA ASP B 140 -4.59 -9.33 -11.79
C ASP B 140 -5.89 -9.61 -10.99
N HIS B 141 -5.78 -9.63 -9.66
CA HIS B 141 -6.85 -10.14 -8.77
C HIS B 141 -7.42 -9.02 -7.92
N LEU B 142 -6.62 -7.97 -7.71
CA LEU B 142 -6.92 -6.88 -6.77
C LEU B 142 -7.61 -5.72 -7.50
N GLU B 143 -7.30 -5.59 -8.81
CA GLU B 143 -7.83 -4.54 -9.70
C GLU B 143 -9.37 -4.37 -9.59
N PRO B 144 -10.23 -5.47 -9.70
CA PRO B 144 -11.70 -5.34 -9.48
C PRO B 144 -12.04 -4.84 -8.06
N TRP B 145 -11.31 -5.33 -7.04
CA TRP B 145 -11.59 -4.98 -5.62
C TRP B 145 -11.10 -3.57 -5.28
N ILE B 146 -10.23 -3.01 -6.12
CA ILE B 146 -9.85 -1.59 -6.05
C ILE B 146 -10.80 -0.73 -6.94
N GLN B 147 -11.32 -1.31 -8.03
CA GLN B 147 -12.28 -0.61 -8.94
C GLN B 147 -13.76 -0.78 -8.51
N GLU B 148 -14.00 -1.53 -7.41
CA GLU B 148 -15.37 -1.84 -6.91
C GLU B 148 -16.23 -0.58 -6.69
N ASN B 149 -15.61 0.49 -6.14
CA ASN B 149 -16.25 1.82 -5.99
C ASN B 149 -15.19 2.87 -5.67
N GLY B 150 -13.92 2.52 -5.91
CA GLY B 150 -12.79 3.38 -5.59
C GLY B 150 -12.09 2.92 -4.33
N GLY B 151 -11.63 1.65 -4.32
CA GLY B 151 -10.74 1.12 -3.26
C GLY B 151 -9.49 1.96 -3.03
N TRP B 152 -9.12 2.77 -4.04
CA TRP B 152 -8.06 3.76 -3.91
C TRP B 152 -8.62 5.08 -3.30
N ASP B 153 -9.84 5.45 -3.74
CA ASP B 153 -10.43 6.79 -3.49
C ASP B 153 -11.15 6.88 -2.13
N THR B 154 -11.57 5.74 -1.59
CA THR B 154 -12.47 5.67 -0.41
C THR B 154 -11.77 6.14 0.86
N PHE B 155 -10.53 5.68 1.04
CA PHE B 155 -9.65 6.09 2.15
C PHE B 155 -9.42 7.61 2.06
N VAL B 156 -9.30 8.11 0.83
CA VAL B 156 -9.01 9.54 0.55
C VAL B 156 -10.22 10.41 0.89
N GLU B 157 -11.43 9.88 0.68
CA GLU B 157 -12.68 10.57 1.02
C GLU B 157 -12.79 10.75 2.54
N LEU B 158 -12.64 9.64 3.29
CA LEU B 158 -12.85 9.63 4.75
C LEU B 158 -11.85 10.55 5.49
N TYR B 159 -10.58 10.57 5.02
CA TYR B 159 -9.47 11.28 5.72
C TYR B 159 -9.29 12.69 5.14
N GLY B 160 -9.32 12.78 3.80
CA GLY B 160 -9.13 14.05 3.09
C GLY B 160 -10.37 14.96 3.06
N ASN B 161 -11.39 14.69 3.93
CA ASN B 161 -12.59 15.57 4.12
C ASN B 161 -13.51 15.57 2.87
N ASN B 162 -13.35 14.53 2.01
CA ASN B 162 -14.03 14.43 0.70
C ASN B 162 -13.61 15.61 -0.20
N ALA B 163 -12.35 16.10 -0.01
CA ALA B 163 -11.76 17.17 -0.82
C ALA B 163 -11.64 16.70 -2.28
N ALA B 164 -11.42 15.39 -2.45
CA ALA B 164 -11.37 14.73 -3.76
C ALA B 164 -12.75 14.79 -4.45
N ALA B 165 -13.82 14.59 -3.65
CA ALA B 165 -15.22 14.65 -4.12
C ALA B 165 -15.63 16.07 -4.53
N GLU B 166 -15.12 17.04 -3.78
CA GLU B 166 -15.37 18.47 -3.98
C GLU B 166 -14.67 18.95 -5.27
N SER B 167 -13.45 18.46 -5.45
CA SER B 167 -12.61 18.71 -6.64
C SER B 167 -13.14 17.93 -7.85
N ARG B 168 -13.86 16.84 -7.58
CA ARG B 168 -14.44 15.97 -8.62
C ARG B 168 -15.60 16.67 -9.34
N LYS B 169 -16.32 17.53 -8.61
CA LYS B 169 -17.48 18.27 -9.14
C LYS B 169 -17.09 19.20 -10.29
N GLY B 170 -18.00 19.32 -11.26
CA GLY B 170 -17.90 20.33 -12.32
C GLY B 170 -18.23 21.72 -11.80
N GLN B 171 -18.82 21.78 -10.55
CA GLN B 171 -19.22 22.99 -9.77
C GLN B 171 -19.67 24.23 -10.58
N GLU B 172 -20.22 23.96 -11.79
CA GLU B 172 -20.70 24.96 -12.77
C GLU B 172 -19.66 26.10 -13.00
N ARG B 173 -18.37 25.69 -13.01
CA ARG B 173 -17.23 26.59 -13.25
C ARG B 173 -17.05 26.88 -14.75
N LEU B 174 -17.84 26.15 -15.57
CA LEU B 174 -17.98 26.35 -17.02
C LEU B 174 -16.63 26.06 -17.72
N GLU B 175 -16.34 24.75 -17.82
CA GLU B 175 -15.10 24.24 -18.46
C GLU B 175 -15.23 24.32 -20.00
N ASP A 1 -17.47 16.33 8.76
CA ASP A 1 -17.56 16.25 10.24
C ASP A 1 -18.08 14.88 10.64
N GLY A 2 -17.16 14.01 11.13
CA GLY A 2 -17.52 12.70 11.65
C GLY A 2 -17.72 11.66 10.56
N GLY A 3 -16.68 11.46 9.74
CA GLY A 3 -16.62 10.29 8.84
C GLY A 3 -16.10 9.07 9.60
N THR A 4 -16.28 7.88 9.02
CA THR A 4 -15.84 6.62 9.63
C THR A 4 -14.28 6.58 9.72
N THR A 5 -13.77 6.86 10.93
CA THR A 5 -12.33 7.02 11.19
C THR A 5 -11.61 5.67 11.29
N PHE A 6 -10.28 5.75 11.57
CA PHE A 6 -9.37 4.59 11.65
C PHE A 6 -9.87 3.57 12.68
N GLU A 7 -10.33 4.09 13.82
CA GLU A 7 -10.82 3.30 14.95
C GLU A 7 -11.98 2.39 14.51
N HIS A 8 -13.01 3.00 13.90
CA HIS A 8 -14.21 2.29 13.42
C HIS A 8 -13.87 1.31 12.28
N LEU A 9 -13.01 1.79 11.38
CA LEU A 9 -12.62 1.08 10.14
C LEU A 9 -12.00 -0.29 10.47
N TRP A 10 -10.93 -0.22 11.27
CA TRP A 10 -10.12 -1.37 11.65
C TRP A 10 -10.74 -2.18 12.79
N SER A 11 -11.72 -1.60 13.51
CA SER A 11 -12.48 -2.34 14.56
C SER A 11 -13.45 -3.31 13.89
N SER A 12 -13.97 -2.88 12.74
CA SER A 12 -14.88 -3.65 11.90
C SER A 12 -14.10 -4.70 11.10
N LEU A 13 -12.91 -4.30 10.63
CA LEU A 13 -12.09 -5.10 9.70
C LEU A 13 -11.31 -6.21 10.42
N GLU A 14 -10.71 -5.86 11.57
CA GLU A 14 -9.74 -6.74 12.29
C GLU A 14 -10.29 -8.17 12.60
N PRO A 15 -11.53 -8.35 13.17
CA PRO A 15 -12.05 -9.71 13.50
C PRO A 15 -12.40 -10.55 12.24
N ASP A 16 -12.38 -9.93 11.05
CA ASP A 16 -12.69 -10.64 9.79
C ASP A 16 -11.55 -11.65 9.47
N MET B 5 -7.62 4.07 -13.49
CA MET B 5 -6.74 4.46 -12.35
C MET B 5 -5.57 3.46 -12.20
N SER B 6 -5.23 2.74 -13.31
CA SER B 6 -4.16 1.73 -13.31
C SER B 6 -2.78 2.35 -12.99
N GLN B 7 -2.54 3.54 -13.56
CA GLN B 7 -1.31 4.32 -13.35
C GLN B 7 -1.21 4.73 -11.87
N SER B 8 -2.35 5.08 -11.27
CA SER B 8 -2.43 5.47 -9.86
C SER B 8 -2.18 4.28 -8.92
N ASN B 9 -2.54 3.07 -9.36
CA ASN B 9 -2.36 1.82 -8.58
C ASN B 9 -0.92 1.32 -8.71
N ARG B 10 -0.34 1.57 -9.87
CA ARG B 10 1.05 1.21 -10.16
C ARG B 10 1.99 2.13 -9.36
N GLU B 11 1.67 3.42 -9.34
CA GLU B 11 2.44 4.41 -8.55
C GLU B 11 2.07 4.31 -7.06
N LEU B 12 0.88 3.73 -6.75
CA LEU B 12 0.49 3.41 -5.36
C LEU B 12 1.48 2.42 -4.74
N VAL B 13 1.75 1.30 -5.45
CA VAL B 13 2.67 0.25 -4.95
C VAL B 13 4.13 0.75 -4.92
N VAL B 14 4.60 1.41 -6.01
CA VAL B 14 6.00 1.94 -6.10
C VAL B 14 6.29 2.91 -4.94
N ASP B 15 5.36 3.86 -4.73
CA ASP B 15 5.46 4.84 -3.65
C ASP B 15 5.31 4.17 -2.27
N PHE B 16 4.46 3.15 -2.14
CA PHE B 16 4.18 2.54 -0.82
C PHE B 16 5.42 1.77 -0.33
N LEU B 17 6.07 1.05 -1.27
CA LEU B 17 7.30 0.29 -0.99
C LEU B 17 8.44 1.25 -0.60
N SER B 18 8.60 2.35 -1.38
CA SER B 18 9.69 3.32 -1.18
C SER B 18 9.54 4.11 0.13
N TYR B 19 8.28 4.46 0.48
CA TYR B 19 7.96 5.21 1.70
C TYR B 19 8.05 4.31 2.94
N LYS B 20 7.86 2.99 2.76
CA LYS B 20 8.06 2.01 3.83
C LYS B 20 9.57 1.70 3.99
N LEU B 21 10.32 1.82 2.87
CA LEU B 21 11.78 1.74 2.86
C LEU B 21 12.39 2.93 3.60
N SER B 22 11.71 4.09 3.59
CA SER B 22 12.18 5.33 4.22
C SER B 22 12.51 5.21 5.73
N GLN B 23 12.01 4.14 6.41
CA GLN B 23 12.30 3.86 7.83
C GLN B 23 13.81 3.73 8.08
N LYS B 24 14.56 3.29 7.05
CA LYS B 24 16.02 3.09 7.15
C LYS B 24 16.77 4.24 6.47
N GLY B 25 15.99 5.23 5.99
CA GLY B 25 16.52 6.39 5.29
C GLY B 25 16.90 6.09 3.85
N TYR B 26 16.05 5.28 3.20
CA TYR B 26 16.28 4.83 1.82
C TYR B 26 14.92 4.72 1.08
N SER B 27 14.95 4.77 -0.26
CA SER B 27 13.73 4.65 -1.09
C SER B 27 14.08 4.05 -2.47
N TRP B 28 13.04 3.79 -3.29
CA TRP B 28 13.17 3.43 -4.72
C TRP B 28 13.90 4.54 -5.52
N SER B 29 13.73 5.78 -5.07
CA SER B 29 14.36 6.94 -5.71
C SER B 29 15.85 7.06 -5.33
N GLN B 30 16.19 6.56 -4.13
CA GLN B 30 17.61 6.35 -3.74
C GLN B 30 18.21 5.18 -4.56
N PHE B 31 17.40 4.12 -4.78
CA PHE B 31 17.81 2.92 -5.53
C PHE B 31 18.15 3.27 -7.00
N SER B 32 17.25 4.04 -7.63
CA SER B 32 17.41 4.53 -9.01
C SER B 32 18.45 5.67 -9.09
N ASP B 33 18.84 6.18 -7.89
CA ASP B 33 19.96 7.14 -7.72
C ASP B 33 19.58 8.54 -8.26
N VAL B 34 18.26 8.76 -8.42
CA VAL B 34 17.71 10.06 -8.89
C VAL B 34 17.68 11.12 -7.76
N GLU B 35 18.32 10.77 -6.60
CA GLU B 35 18.53 11.67 -5.46
C GLU B 35 17.21 12.11 -4.80
N GLU B 36 16.23 11.18 -4.81
CA GLU B 36 14.96 11.33 -4.09
C GLU B 36 14.13 12.54 -4.61
N ASN B 37 14.38 12.92 -5.88
CA ASN B 37 13.59 13.91 -6.59
C ASN B 37 12.16 13.36 -6.80
N ARG B 38 11.16 14.17 -6.38
CA ARG B 38 9.72 13.87 -6.55
C ARG B 38 9.33 12.74 -5.55
N THR B 39 9.87 12.86 -4.34
CA THR B 39 9.55 12.01 -3.18
C THR B 39 9.34 12.94 -1.98
N GLU B 40 8.45 12.51 -1.03
CA GLU B 40 7.96 13.33 0.11
C GLU B 40 7.02 14.46 -0.35
N ALA B 41 6.72 14.53 -1.68
CA ALA B 41 5.84 15.54 -2.26
C ALA B 41 4.42 15.38 -1.67
N PRO B 42 3.81 16.48 -1.11
CA PRO B 42 2.47 16.41 -0.45
C PRO B 42 1.35 16.09 -1.47
N GLU B 43 1.66 16.36 -2.75
CA GLU B 43 0.77 16.21 -3.92
C GLU B 43 -0.62 16.85 -3.75
N GLY B 44 -0.83 17.97 -4.47
CA GLY B 44 -2.15 18.55 -4.68
C GLY B 44 -2.90 17.89 -5.83
N THR B 45 -2.39 16.71 -6.24
CA THR B 45 -3.01 15.88 -7.29
C THR B 45 -4.36 15.30 -6.83
N GLU B 46 -4.47 15.08 -5.49
CA GLU B 46 -5.69 14.59 -4.77
C GLU B 46 -6.00 13.10 -5.00
N SER B 47 -5.94 12.67 -6.24
CA SER B 47 -6.19 11.26 -6.61
C SER B 47 -5.10 10.33 -6.07
N GLU B 48 -3.87 10.86 -6.03
CA GLU B 48 -2.68 10.15 -5.55
C GLU B 48 -2.57 10.23 -4.01
N ALA B 49 -3.34 11.15 -3.39
CA ALA B 49 -3.46 11.26 -1.92
C ALA B 49 -3.92 9.95 -1.26
N VAL B 50 -4.45 9.01 -2.09
CA VAL B 50 -4.80 7.65 -1.68
C VAL B 50 -3.66 6.97 -0.89
N LYS B 51 -2.39 7.07 -1.39
CA LYS B 51 -1.25 6.39 -0.75
C LYS B 51 -1.04 6.94 0.67
N GLN B 52 -1.23 8.26 0.83
CA GLN B 52 -1.08 8.94 2.12
C GLN B 52 -2.20 8.50 3.07
N ALA B 53 -3.42 8.37 2.52
CA ALA B 53 -4.59 7.90 3.27
C ALA B 53 -4.40 6.43 3.71
N LEU B 54 -3.68 5.68 2.88
CA LEU B 54 -3.36 4.27 3.12
C LEU B 54 -2.10 4.13 4.00
N ARG B 55 -1.27 5.18 4.08
CA ARG B 55 -0.11 5.19 5.00
C ARG B 55 -0.59 5.54 6.42
N GLU B 56 -1.60 6.44 6.52
CA GLU B 56 -2.20 6.83 7.80
C GLU B 56 -2.95 5.63 8.38
N ALA B 57 -3.95 5.14 7.61
CA ALA B 57 -4.78 3.98 8.00
C ALA B 57 -3.96 2.70 8.10
N GLY B 58 -2.93 2.59 7.24
CA GLY B 58 -2.06 1.44 7.23
C GLY B 58 -1.28 1.34 8.52
N ASP B 59 -0.76 2.51 8.98
CA ASP B 59 0.00 2.62 10.24
C ASP B 59 -0.87 2.29 11.46
N GLU B 60 -2.14 2.73 11.41
CA GLU B 60 -3.10 2.48 12.49
C GLU B 60 -3.33 0.97 12.67
N PHE B 61 -3.67 0.29 11.56
CA PHE B 61 -3.92 -1.16 11.51
C PHE B 61 -2.62 -1.95 11.78
N GLU B 62 -1.47 -1.30 11.48
CA GLU B 62 -0.16 -1.93 11.47
C GLU B 62 0.22 -2.46 12.85
N LEU B 63 0.37 -1.58 13.85
CA LEU B 63 1.11 -1.85 15.13
C LEU B 63 1.10 -3.35 15.64
N ARG B 64 -0.10 -3.89 15.93
CA ARG B 64 -0.25 -5.31 16.37
C ARG B 64 -0.01 -6.31 15.21
N TYR B 65 -0.54 -5.99 14.02
CA TYR B 65 -0.25 -6.73 12.79
C TYR B 65 1.19 -6.49 12.29
N ARG B 66 1.91 -5.52 12.90
CA ARG B 66 3.28 -5.14 12.53
C ARG B 66 4.24 -6.11 13.16
N ARG B 67 4.10 -6.29 14.49
CA ARG B 67 4.86 -7.32 15.20
C ARG B 67 4.51 -8.71 14.64
N ALA B 68 3.26 -8.87 14.17
CA ALA B 68 2.79 -10.13 13.57
C ALA B 68 3.45 -10.36 12.20
N PHE B 69 3.47 -9.32 11.32
CA PHE B 69 4.01 -9.48 9.96
C PHE B 69 5.53 -9.48 9.99
N SER B 70 6.13 -8.80 10.98
CA SER B 70 7.60 -8.78 11.15
C SER B 70 8.09 -10.15 11.61
N ASP B 71 7.22 -10.88 12.35
CA ASP B 71 7.44 -12.31 12.67
C ASP B 71 7.44 -13.16 11.38
N LEU B 72 6.46 -12.90 10.48
CA LEU B 72 6.29 -13.63 9.21
C LEU B 72 7.50 -13.41 8.27
N THR B 73 7.88 -12.14 8.07
CA THR B 73 9.04 -11.77 7.22
C THR B 73 10.38 -12.10 7.90
N SER B 74 10.36 -12.44 9.22
CA SER B 74 11.52 -13.03 9.92
C SER B 74 11.62 -14.55 9.60
N GLN B 75 10.45 -15.21 9.38
CA GLN B 75 10.38 -16.64 8.96
C GLN B 75 10.99 -16.81 7.57
N LEU B 76 10.81 -15.76 6.76
CA LEU B 76 11.39 -15.67 5.42
C LEU B 76 12.85 -15.25 5.57
N HIS B 77 13.06 -14.15 6.36
CA HIS B 77 14.39 -13.58 6.73
C HIS B 77 15.08 -12.87 5.54
N ILE B 78 14.88 -13.41 4.34
CA ILE B 78 15.59 -13.07 3.13
C ILE B 78 17.11 -13.40 3.25
N THR B 79 17.53 -14.42 2.51
CA THR B 79 18.92 -14.89 2.43
C THR B 79 19.35 -14.89 0.94
N PRO B 80 20.68 -14.78 0.62
CA PRO B 80 21.18 -14.89 -0.79
C PRO B 80 20.68 -16.17 -1.51
N GLY B 81 19.66 -16.00 -2.37
CA GLY B 81 19.08 -17.12 -3.12
C GLY B 81 17.65 -17.48 -2.70
N THR B 82 16.98 -16.58 -1.93
CA THR B 82 15.55 -16.75 -1.56
C THR B 82 14.66 -16.72 -2.82
N ALA B 83 13.90 -17.80 -3.03
CA ALA B 83 12.97 -17.93 -4.14
C ALA B 83 11.70 -17.10 -3.89
N TYR B 84 11.13 -16.55 -4.96
CA TYR B 84 9.91 -15.73 -4.89
C TYR B 84 8.68 -16.56 -4.44
N GLN B 85 8.81 -17.90 -4.45
CA GLN B 85 7.76 -18.84 -4.01
C GLN B 85 7.34 -18.58 -2.54
N SER B 86 8.26 -17.99 -1.75
CA SER B 86 7.98 -17.54 -0.39
C SER B 86 6.91 -16.43 -0.39
N PHE B 87 7.11 -15.45 -1.28
CA PHE B 87 6.19 -14.31 -1.42
C PHE B 87 4.85 -14.79 -2.00
N GLU B 88 4.93 -15.70 -2.99
CA GLU B 88 3.75 -16.33 -3.62
C GLU B 88 2.85 -16.99 -2.57
N GLN B 89 3.48 -17.77 -1.65
CA GLN B 89 2.80 -18.42 -0.53
C GLN B 89 2.02 -17.38 0.31
N VAL B 90 2.75 -16.33 0.72
CA VAL B 90 2.19 -15.24 1.55
C VAL B 90 1.04 -14.51 0.82
N VAL B 91 1.11 -14.43 -0.53
CA VAL B 91 0.04 -13.85 -1.37
C VAL B 91 -1.23 -14.75 -1.29
N ASN B 92 -1.06 -16.07 -1.40
CA ASN B 92 -2.21 -17.03 -1.34
C ASN B 92 -2.82 -17.10 0.08
N GLU B 93 -2.00 -16.84 1.11
CA GLU B 93 -2.45 -16.83 2.52
C GLU B 93 -3.26 -15.57 2.83
N LEU B 94 -2.76 -14.43 2.34
CA LEU B 94 -3.45 -13.13 2.46
C LEU B 94 -4.75 -13.15 1.65
N PHE B 95 -4.67 -13.63 0.41
CA PHE B 95 -5.79 -13.66 -0.54
C PHE B 95 -6.65 -14.93 -0.38
N ARG B 96 -6.69 -15.43 0.86
CA ARG B 96 -7.55 -16.54 1.28
C ARG B 96 -8.98 -16.08 1.52
N ASP B 97 -9.14 -14.90 2.15
CA ASP B 97 -10.45 -14.32 2.46
C ASP B 97 -11.15 -13.85 1.19
N GLY B 98 -10.34 -13.66 0.15
CA GLY B 98 -10.74 -12.90 -1.01
C GLY B 98 -9.66 -11.89 -1.33
N VAL B 99 -10.03 -10.60 -1.51
CA VAL B 99 -9.07 -9.56 -1.93
C VAL B 99 -8.80 -8.51 -0.81
N ASN B 100 -8.91 -8.96 0.45
CA ASN B 100 -8.22 -8.39 1.59
C ASN B 100 -8.76 -7.00 1.88
N TRP B 101 -9.95 -6.96 2.47
CA TRP B 101 -10.72 -5.72 2.69
C TRP B 101 -9.89 -4.65 3.46
N GLY B 102 -8.95 -5.12 4.31
CA GLY B 102 -7.96 -4.26 4.97
C GLY B 102 -6.55 -4.80 4.85
N ARG B 103 -6.43 -6.12 4.60
CA ARG B 103 -5.11 -6.75 4.51
C ARG B 103 -4.45 -6.47 3.15
N ILE B 104 -5.20 -5.87 2.20
CA ILE B 104 -4.64 -5.38 0.92
C ILE B 104 -3.62 -4.25 1.15
N VAL B 105 -3.96 -3.30 2.04
CA VAL B 105 -3.02 -2.22 2.41
C VAL B 105 -1.96 -2.78 3.36
N ALA B 106 -2.35 -3.82 4.15
CA ALA B 106 -1.38 -4.56 4.96
C ALA B 106 -0.41 -5.36 4.05
N PHE B 107 -0.88 -5.74 2.83
CA PHE B 107 -0.12 -6.52 1.83
C PHE B 107 0.95 -5.64 1.16
N PHE B 108 0.60 -4.37 0.90
CA PHE B 108 1.58 -3.35 0.47
C PHE B 108 2.62 -3.11 1.59
N SER B 109 2.16 -3.22 2.86
CA SER B 109 3.02 -3.12 4.05
C SER B 109 3.90 -4.40 4.24
N PHE B 110 3.40 -5.57 3.78
CA PHE B 110 4.15 -6.86 3.80
C PHE B 110 5.33 -6.76 2.86
N GLY B 111 5.02 -6.49 1.57
CA GLY B 111 6.03 -6.33 0.53
C GLY B 111 6.95 -5.15 0.79
N GLY B 112 6.45 -4.18 1.58
CA GLY B 112 7.25 -3.04 2.02
C GLY B 112 8.34 -3.47 3.00
N ALA B 113 7.97 -4.36 3.94
CA ALA B 113 8.90 -4.94 4.93
C ALA B 113 9.87 -5.91 4.26
N LEU B 114 9.36 -6.61 3.25
CA LEU B 114 10.11 -7.55 2.40
C LEU B 114 11.14 -6.81 1.55
N CYS B 115 10.77 -5.60 1.10
CA CYS B 115 11.68 -4.71 0.37
C CYS B 115 12.77 -4.18 1.32
N VAL B 116 12.38 -3.81 2.57
CA VAL B 116 13.32 -3.34 3.61
C VAL B 116 14.41 -4.40 3.85
N GLU B 117 13.96 -5.67 4.02
CA GLU B 117 14.87 -6.80 4.29
C GLU B 117 15.67 -7.24 3.05
N SER B 118 15.11 -7.05 1.84
CA SER B 118 15.83 -7.39 0.58
C SER B 118 16.98 -6.38 0.33
N VAL B 119 16.82 -5.15 0.83
CA VAL B 119 17.89 -4.12 0.78
C VAL B 119 18.86 -4.29 1.97
N ASP B 120 18.29 -4.72 3.10
CA ASP B 120 19.02 -4.95 4.36
C ASP B 120 19.97 -6.16 4.23
N LYS B 121 19.57 -7.13 3.40
CA LYS B 121 20.39 -8.32 3.11
C LYS B 121 21.16 -8.12 1.81
N GLU B 122 21.11 -6.85 1.30
CA GLU B 122 21.98 -6.34 0.22
C GLU B 122 21.75 -7.09 -1.11
N MET B 123 20.49 -7.50 -1.31
CA MET B 123 20.07 -8.25 -2.49
C MET B 123 19.69 -7.26 -3.58
N GLN B 124 18.76 -6.34 -3.19
CA GLN B 124 18.19 -5.24 -4.05
C GLN B 124 17.27 -5.79 -5.18
N VAL B 125 17.82 -6.74 -5.94
CA VAL B 125 17.14 -7.39 -7.06
C VAL B 125 15.84 -8.09 -6.60
N LEU B 126 15.84 -8.61 -5.34
CA LEU B 126 14.63 -9.23 -4.75
C LEU B 126 13.50 -8.20 -4.55
N VAL B 127 13.85 -6.92 -4.21
CA VAL B 127 12.86 -5.80 -4.16
C VAL B 127 12.18 -5.65 -5.53
N SER B 128 13.04 -5.60 -6.56
CA SER B 128 12.60 -5.47 -7.96
C SER B 128 11.65 -6.63 -8.39
N ARG B 129 11.89 -7.84 -7.84
CA ARG B 129 11.09 -9.04 -8.14
C ARG B 129 9.76 -9.07 -7.36
N ILE B 130 9.79 -8.62 -6.09
CA ILE B 130 8.59 -8.53 -5.22
C ILE B 130 7.58 -7.57 -5.85
N ALA B 131 8.10 -6.43 -6.32
CA ALA B 131 7.32 -5.37 -6.98
C ALA B 131 6.73 -5.87 -8.31
N ALA B 132 7.49 -6.72 -9.01
CA ALA B 132 7.05 -7.33 -10.27
C ALA B 132 5.80 -8.19 -10.04
N TRP B 133 5.94 -9.23 -9.19
CA TRP B 133 4.82 -10.14 -8.82
C TRP B 133 3.64 -9.41 -8.17
N MET B 134 3.94 -8.38 -7.34
CA MET B 134 2.91 -7.60 -6.64
C MET B 134 2.09 -6.79 -7.64
N ALA B 135 2.78 -6.25 -8.65
CA ALA B 135 2.16 -5.48 -9.75
C ALA B 135 1.38 -6.40 -10.70
N THR B 136 1.90 -7.63 -10.87
CA THR B 136 1.30 -8.66 -11.74
C THR B 136 -0.05 -9.11 -11.15
N TYR B 137 -0.10 -9.23 -9.81
CA TYR B 137 -1.31 -9.65 -9.09
C TYR B 137 -2.25 -8.44 -8.90
N LEU B 138 -1.64 -7.23 -8.80
CA LEU B 138 -2.33 -5.93 -8.65
C LEU B 138 -3.33 -5.70 -9.80
N ASN B 139 -2.82 -5.77 -11.06
CA ASN B 139 -3.67 -5.57 -12.26
C ASN B 139 -4.63 -6.76 -12.48
N ASP B 140 -4.37 -7.88 -11.78
CA ASP B 140 -5.10 -9.14 -11.97
C ASP B 140 -6.44 -9.14 -11.18
N HIS B 141 -6.44 -8.68 -9.90
CA HIS B 141 -7.68 -8.69 -9.07
C HIS B 141 -7.88 -7.39 -8.28
N LEU B 142 -6.76 -6.74 -7.93
CA LEU B 142 -6.77 -5.63 -6.96
C LEU B 142 -7.34 -4.36 -7.60
N GLU B 143 -6.93 -4.09 -8.86
CA GLU B 143 -7.38 -2.89 -9.61
C GLU B 143 -8.92 -2.80 -9.71
N PRO B 144 -9.69 -3.90 -10.06
CA PRO B 144 -11.17 -3.90 -9.88
C PRO B 144 -11.61 -3.44 -8.46
N TRP B 145 -11.03 -4.05 -7.41
CA TRP B 145 -11.39 -3.77 -6.01
C TRP B 145 -10.95 -2.38 -5.53
N ILE B 146 -9.97 -1.78 -6.22
CA ILE B 146 -9.51 -0.42 -5.92
C ILE B 146 -10.37 0.60 -6.69
N GLN B 147 -10.29 0.51 -8.03
CA GLN B 147 -10.83 1.50 -8.98
C GLN B 147 -12.37 1.55 -9.03
N GLU B 148 -13.04 0.59 -8.36
CA GLU B 148 -14.50 0.68 -8.10
C GLU B 148 -14.86 1.88 -7.19
N ASN B 149 -13.82 2.60 -6.69
CA ASN B 149 -13.89 3.75 -5.77
C ASN B 149 -14.14 3.27 -4.34
N GLY B 150 -13.99 1.96 -4.14
CA GLY B 150 -14.19 1.33 -2.84
C GLY B 150 -12.88 0.99 -2.17
N GLY B 151 -11.80 0.85 -2.97
CA GLY B 151 -10.48 0.46 -2.46
C GLY B 151 -9.48 1.62 -2.43
N TRP B 152 -9.87 2.79 -2.97
CA TRP B 152 -9.00 4.00 -2.92
C TRP B 152 -9.78 5.22 -2.41
N ASP B 153 -10.90 5.51 -3.09
CA ASP B 153 -11.61 6.81 -3.00
C ASP B 153 -12.24 7.01 -1.63
N THR B 154 -12.63 5.90 -1.00
CA THR B 154 -13.33 5.89 0.27
C THR B 154 -12.41 6.37 1.39
N PHE B 155 -11.20 5.77 1.44
CA PHE B 155 -10.16 6.12 2.43
C PHE B 155 -9.81 7.61 2.30
N VAL B 156 -9.85 8.10 1.05
CA VAL B 156 -9.54 9.50 0.75
C VAL B 156 -10.66 10.43 1.23
N GLU B 157 -11.94 10.05 0.97
CA GLU B 157 -13.11 10.89 1.29
C GLU B 157 -13.26 11.12 2.80
N LEU B 158 -12.99 10.08 3.59
CA LEU B 158 -13.13 10.10 5.05
C LEU B 158 -12.03 10.94 5.71
N TYR B 159 -10.80 10.88 5.14
CA TYR B 159 -9.60 11.48 5.74
C TYR B 159 -9.35 12.87 5.13
N GLY B 160 -9.14 12.88 3.81
CA GLY B 160 -9.11 14.12 3.04
C GLY B 160 -10.52 14.60 2.76
N ASN B 161 -11.04 15.40 3.72
CA ASN B 161 -12.47 15.78 3.86
C ASN B 161 -13.19 16.14 2.56
N ASN B 162 -13.64 15.11 1.80
CA ASN B 162 -14.66 15.23 0.74
C ASN B 162 -14.38 16.38 -0.23
N ALA B 163 -13.08 16.66 -0.46
CA ALA B 163 -12.64 17.86 -1.16
C ALA B 163 -13.21 17.88 -2.59
N ALA B 164 -13.14 16.70 -3.24
CA ALA B 164 -13.69 16.46 -4.58
C ALA B 164 -15.22 16.48 -4.54
N ALA B 165 -15.79 15.93 -3.45
CA ALA B 165 -17.25 15.83 -3.28
C ALA B 165 -17.90 17.21 -3.06
N GLU B 166 -17.10 18.17 -2.56
CA GLU B 166 -17.52 19.54 -2.29
C GLU B 166 -17.31 20.44 -3.52
N SER B 167 -16.27 20.15 -4.29
CA SER B 167 -15.99 20.86 -5.56
C SER B 167 -17.10 20.60 -6.58
N ARG B 168 -17.58 19.35 -6.62
CA ARG B 168 -18.63 18.92 -7.54
C ARG B 168 -20.02 19.10 -6.86
N LYS B 169 -20.29 18.23 -5.84
CA LYS B 169 -21.58 18.10 -5.11
C LYS B 169 -22.71 17.48 -5.94
N GLY B 170 -22.82 17.91 -7.20
CA GLY B 170 -24.00 17.64 -8.01
C GLY B 170 -25.12 18.60 -7.65
N GLN B 171 -24.72 19.79 -7.16
CA GLN B 171 -25.61 20.85 -6.65
C GLN B 171 -26.47 21.47 -7.75
N GLU B 172 -26.06 21.22 -9.01
CA GLU B 172 -26.83 21.54 -10.21
C GLU B 172 -26.96 23.07 -10.37
N ARG B 173 -25.80 23.70 -10.56
CA ARG B 173 -25.67 25.12 -10.87
C ARG B 173 -26.30 25.41 -12.23
N LEU B 174 -26.12 24.41 -13.11
CA LEU B 174 -26.62 24.43 -14.49
C LEU B 174 -28.15 24.34 -14.52
N GLU B 175 -28.77 25.52 -14.61
CA GLU B 175 -30.23 25.69 -14.72
C GLU B 175 -30.53 27.17 -15.05
N ASP A 1 -17.90 5.84 -0.10
CA ASP A 1 -17.74 6.05 1.36
C ASP A 1 -17.40 4.73 2.06
N GLY A 2 -16.82 4.83 3.27
CA GLY A 2 -16.46 3.66 4.07
C GLY A 2 -17.04 3.77 5.47
N GLY A 3 -16.17 3.69 6.50
CA GLY A 3 -16.57 3.94 7.88
C GLY A 3 -16.60 5.43 8.19
N THR A 4 -16.17 5.82 9.40
CA THR A 4 -16.00 7.22 9.78
C THR A 4 -14.52 7.61 9.62
N THR A 5 -13.67 7.21 10.58
CA THR A 5 -12.22 7.46 10.55
C THR A 5 -11.46 6.17 10.96
N PHE A 6 -10.15 6.32 11.21
CA PHE A 6 -9.18 5.20 11.43
C PHE A 6 -9.70 4.19 12.47
N GLU A 7 -10.18 4.74 13.60
CA GLU A 7 -10.69 3.98 14.75
C GLU A 7 -11.80 3.00 14.31
N HIS A 8 -12.87 3.57 13.74
CA HIS A 8 -14.06 2.78 13.34
C HIS A 8 -13.76 1.89 12.13
N LEU A 9 -12.81 2.35 11.29
CA LEU A 9 -12.44 1.67 10.06
C LEU A 9 -11.94 0.25 10.36
N TRP A 10 -10.84 0.18 11.11
CA TRP A 10 -10.15 -1.08 11.41
C TRP A 10 -10.82 -1.87 12.54
N SER A 11 -11.64 -1.19 13.35
CA SER A 11 -12.36 -1.81 14.48
C SER A 11 -13.56 -2.61 13.97
N SER A 12 -14.15 -2.12 12.88
CA SER A 12 -15.21 -2.84 12.14
C SER A 12 -14.61 -3.84 11.15
N LEU A 13 -13.44 -3.45 10.60
CA LEU A 13 -12.78 -4.20 9.50
C LEU A 13 -12.29 -5.54 10.00
N GLU A 14 -11.40 -5.49 10.98
CA GLU A 14 -10.54 -6.62 11.34
C GLU A 14 -11.27 -7.83 12.01
N PRO A 15 -12.42 -7.67 12.77
CA PRO A 15 -13.30 -8.83 13.14
C PRO A 15 -13.89 -9.60 11.92
N ASP A 16 -13.64 -9.11 10.69
CA ASP A 16 -13.95 -9.85 9.43
C ASP A 16 -13.13 -11.16 9.37
N MET B 5 -4.98 2.60 -15.20
CA MET B 5 -4.25 2.97 -13.96
C MET B 5 -2.93 2.18 -13.87
N SER B 6 -2.29 1.91 -15.04
CA SER B 6 -1.07 1.09 -15.11
C SER B 6 0.12 1.78 -14.42
N GLN B 7 0.29 3.10 -14.68
CA GLN B 7 1.29 3.92 -13.98
C GLN B 7 0.90 4.04 -12.50
N SER B 8 -0.37 4.39 -12.24
CA SER B 8 -0.92 4.61 -10.88
C SER B 8 -0.67 3.39 -9.95
N ASN B 9 -0.71 2.19 -10.57
CA ASN B 9 -0.48 0.89 -9.91
C ASN B 9 0.99 0.85 -9.44
N ARG B 10 1.88 1.02 -10.43
CA ARG B 10 3.33 0.98 -10.26
C ARG B 10 3.80 2.04 -9.23
N GLU B 11 3.26 3.27 -9.37
CA GLU B 11 3.61 4.42 -8.54
C GLU B 11 3.22 4.17 -7.08
N LEU B 12 2.06 3.52 -6.88
CA LEU B 12 1.56 3.19 -5.52
C LEU B 12 2.41 2.09 -4.87
N VAL B 13 2.76 1.06 -5.66
CA VAL B 13 3.60 -0.07 -5.21
C VAL B 13 4.93 0.45 -4.66
N VAL B 14 5.69 1.16 -5.53
CA VAL B 14 7.01 1.69 -5.18
C VAL B 14 6.93 2.73 -4.05
N ASP B 15 5.86 3.54 -4.03
CA ASP B 15 5.65 4.61 -3.03
C ASP B 15 5.57 4.04 -1.61
N PHE B 16 4.81 2.93 -1.49
CA PHE B 16 4.55 2.26 -0.21
C PHE B 16 5.85 1.59 0.28
N LEU B 17 6.50 0.86 -0.65
CA LEU B 17 7.81 0.21 -0.45
C LEU B 17 8.89 1.24 -0.05
N SER B 18 8.79 2.44 -0.67
CA SER B 18 9.70 3.58 -0.43
C SER B 18 9.57 4.07 1.01
N TYR B 19 8.30 4.20 1.49
CA TYR B 19 8.00 4.65 2.88
C TYR B 19 8.57 3.67 3.91
N LYS B 20 8.55 2.37 3.55
CA LYS B 20 9.11 1.30 4.39
C LYS B 20 10.65 1.38 4.46
N LEU B 21 11.27 1.71 3.33
CA LEU B 21 12.72 1.98 3.26
C LEU B 21 13.07 3.30 3.98
N SER B 22 12.09 4.25 3.97
CA SER B 22 12.23 5.59 4.58
C SER B 22 12.20 5.53 6.11
N GLN B 23 11.78 4.37 6.66
CA GLN B 23 11.96 4.05 8.10
C GLN B 23 13.45 4.08 8.47
N LYS B 24 14.31 3.85 7.46
CA LYS B 24 15.80 3.91 7.57
C LYS B 24 16.31 5.26 7.06
N GLY B 25 15.37 6.11 6.64
CA GLY B 25 15.67 7.38 5.96
C GLY B 25 16.23 7.16 4.56
N TYR B 26 15.86 6.03 3.94
CA TYR B 26 16.40 5.58 2.63
C TYR B 26 15.25 5.32 1.63
N SER B 27 15.57 5.26 0.33
CA SER B 27 14.69 4.70 -0.72
C SER B 27 15.56 4.14 -1.86
N TRP B 28 15.07 3.10 -2.57
CA TRP B 28 15.74 2.62 -3.82
C TRP B 28 15.45 3.64 -4.96
N SER B 29 14.41 4.47 -4.73
CA SER B 29 14.01 5.57 -5.61
C SER B 29 14.84 6.84 -5.35
N GLN B 30 15.85 6.75 -4.46
CA GLN B 30 16.86 7.82 -4.27
C GLN B 30 17.82 7.84 -5.46
N PHE B 31 18.22 6.63 -5.91
CA PHE B 31 19.06 6.46 -7.11
C PHE B 31 18.17 6.62 -8.34
N SER B 32 17.00 5.97 -8.26
CA SER B 32 16.03 5.89 -9.36
C SER B 32 15.05 7.10 -9.35
N ASP B 33 15.50 8.23 -8.76
CA ASP B 33 14.66 9.45 -8.51
C ASP B 33 14.02 10.06 -9.78
N VAL B 34 14.42 9.57 -10.96
CA VAL B 34 13.85 10.02 -12.26
C VAL B 34 12.37 9.62 -12.43
N GLU B 35 11.91 8.73 -11.56
CA GLU B 35 10.53 8.27 -11.52
C GLU B 35 9.62 9.25 -10.75
N GLU B 36 10.24 10.20 -10.02
CA GLU B 36 9.52 11.24 -9.25
C GLU B 36 8.60 12.06 -10.18
N ASN B 37 9.13 12.39 -11.35
CA ASN B 37 8.45 13.21 -12.37
C ASN B 37 7.36 12.41 -13.10
N ARG B 38 7.41 11.07 -12.97
CA ARG B 38 6.36 10.16 -13.47
C ARG B 38 5.20 10.09 -12.46
N THR B 39 5.54 10.32 -11.20
CA THR B 39 4.61 10.22 -10.09
C THR B 39 3.61 11.39 -10.11
N GLU B 40 2.40 11.11 -9.67
CA GLU B 40 1.31 12.09 -9.56
C GLU B 40 1.43 12.91 -8.24
N ALA B 41 2.20 12.37 -7.28
CA ALA B 41 2.35 12.93 -5.92
C ALA B 41 3.07 14.32 -5.85
N PRO B 42 4.21 14.58 -6.59
CA PRO B 42 4.97 15.85 -6.46
C PRO B 42 4.38 16.95 -7.37
N GLU B 43 3.59 16.52 -8.38
CA GLU B 43 2.94 17.40 -9.33
C GLU B 43 1.84 18.20 -8.64
N GLY B 44 1.23 17.58 -7.63
CA GLY B 44 0.16 18.20 -6.86
C GLY B 44 -1.16 17.91 -7.51
N THR B 45 -1.32 16.66 -7.98
CA THR B 45 -2.56 16.20 -8.61
C THR B 45 -3.72 16.16 -7.58
N GLU B 46 -3.85 15.03 -6.86
CA GLU B 46 -4.92 14.73 -5.88
C GLU B 46 -4.90 13.23 -5.52
N SER B 47 -4.35 12.41 -6.44
CA SER B 47 -4.20 10.95 -6.28
C SER B 47 -3.17 10.59 -5.20
N GLU B 48 -2.30 11.56 -4.90
CA GLU B 48 -1.40 11.53 -3.73
C GLU B 48 -2.18 11.35 -2.41
N ALA B 49 -3.45 11.81 -2.37
CA ALA B 49 -4.33 11.66 -1.21
C ALA B 49 -4.72 10.18 -0.99
N VAL B 50 -4.68 9.36 -2.07
CA VAL B 50 -4.80 7.89 -1.97
C VAL B 50 -3.63 7.34 -1.15
N LYS B 51 -2.42 7.74 -1.52
CA LYS B 51 -1.17 7.27 -0.89
C LYS B 51 -1.08 7.67 0.58
N GLN B 52 -1.40 8.94 0.85
CA GLN B 52 -1.48 9.50 2.21
C GLN B 52 -2.57 8.77 3.02
N ALA B 53 -3.66 8.38 2.35
CA ALA B 53 -4.78 7.69 2.99
C ALA B 53 -4.39 6.25 3.37
N LEU B 54 -3.55 5.63 2.51
CA LEU B 54 -3.05 4.26 2.73
C LEU B 54 -1.82 4.26 3.65
N ARG B 55 -1.15 5.42 3.73
CA ARG B 55 0.00 5.63 4.63
C ARG B 55 -0.49 5.72 6.07
N GLU B 56 -1.53 6.55 6.28
CA GLU B 56 -2.05 6.84 7.63
C GLU B 56 -2.82 5.62 8.16
N ALA B 57 -3.83 5.17 7.37
CA ALA B 57 -4.68 4.03 7.74
C ALA B 57 -3.89 2.71 7.77
N GLY B 58 -2.90 2.61 6.86
CA GLY B 58 -2.04 1.44 6.79
C GLY B 58 -1.24 1.31 8.06
N ASP B 59 -0.64 2.45 8.49
CA ASP B 59 0.19 2.54 9.70
C ASP B 59 -0.63 2.23 10.97
N GLU B 60 -1.90 2.70 10.98
CA GLU B 60 -2.84 2.46 12.10
C GLU B 60 -3.06 0.96 12.33
N PHE B 61 -3.38 0.25 11.25
CA PHE B 61 -3.55 -1.22 11.26
C PHE B 61 -2.19 -1.91 11.52
N GLU B 62 -1.10 -1.34 10.95
CA GLU B 62 0.22 -1.97 10.97
C GLU B 62 0.73 -2.17 12.38
N LEU B 63 1.01 -1.08 13.11
CA LEU B 63 1.97 -1.07 14.28
C LEU B 63 2.14 -2.44 15.03
N ARG B 64 1.04 -2.98 15.60
CA ARG B 64 1.02 -4.28 16.31
C ARG B 64 1.17 -5.45 15.31
N TYR B 65 0.32 -5.43 14.28
CA TYR B 65 0.33 -6.38 13.14
C TYR B 65 1.64 -6.23 12.31
N ARG B 66 2.39 -5.13 12.51
CA ARG B 66 3.67 -4.86 11.81
C ARG B 66 4.76 -5.66 12.47
N ARG B 67 4.76 -5.62 13.81
CA ARG B 67 5.58 -6.51 14.62
C ARG B 67 5.27 -7.98 14.27
N ALA B 68 3.97 -8.27 14.04
CA ALA B 68 3.48 -9.63 13.78
C ALA B 68 3.90 -10.09 12.38
N PHE B 69 3.75 -9.21 11.37
CA PHE B 69 4.08 -9.57 9.98
C PHE B 69 5.60 -9.57 9.77
N SER B 70 6.34 -8.80 10.61
CA SER B 70 7.81 -8.84 10.62
C SER B 70 8.29 -10.19 11.17
N ASP B 71 7.50 -10.73 12.12
CA ASP B 71 7.69 -12.07 12.69
C ASP B 71 7.38 -13.17 11.63
N LEU B 72 6.46 -12.86 10.69
CA LEU B 72 6.12 -13.75 9.55
C LEU B 72 7.19 -13.67 8.42
N THR B 73 7.68 -12.44 8.18
CA THR B 73 8.60 -12.16 7.07
C THR B 73 10.06 -12.50 7.45
N SER B 74 10.32 -12.67 8.76
CA SER B 74 11.59 -13.20 9.27
C SER B 74 11.69 -14.71 9.01
N GLN B 75 10.52 -15.39 8.94
CA GLN B 75 10.43 -16.81 8.55
C GLN B 75 10.91 -16.99 7.11
N LEU B 76 10.44 -16.08 6.24
CA LEU B 76 10.89 -15.93 4.85
C LEU B 76 12.39 -15.64 4.84
N HIS B 77 12.79 -14.71 5.74
CA HIS B 77 14.18 -14.32 6.03
C HIS B 77 14.77 -13.41 4.93
N ILE B 78 14.43 -13.74 3.67
CA ILE B 78 15.03 -13.20 2.47
C ILE B 78 16.53 -13.57 2.40
N THR B 79 16.85 -14.54 1.54
CA THR B 79 18.24 -14.94 1.25
C THR B 79 18.61 -14.48 -0.17
N PRO B 80 19.94 -14.34 -0.51
CA PRO B 80 20.36 -14.01 -1.89
C PRO B 80 20.05 -15.18 -2.86
N GLY B 81 18.83 -15.15 -3.44
CA GLY B 81 18.34 -16.21 -4.33
C GLY B 81 17.15 -17.00 -3.77
N THR B 82 16.46 -16.42 -2.75
CA THR B 82 15.25 -17.03 -2.16
C THR B 82 14.06 -17.07 -3.17
N ALA B 83 13.05 -17.88 -2.85
CA ALA B 83 11.82 -18.03 -3.65
C ALA B 83 10.86 -16.85 -3.40
N TYR B 84 10.39 -16.19 -4.49
CA TYR B 84 9.37 -15.11 -4.40
C TYR B 84 7.98 -15.71 -4.11
N GLN B 85 7.82 -17.02 -4.41
CA GLN B 85 6.58 -17.77 -4.17
C GLN B 85 6.31 -17.95 -2.66
N SER B 86 7.33 -17.68 -1.82
CA SER B 86 7.17 -17.61 -0.35
C SER B 86 6.28 -16.40 0.02
N PHE B 87 6.60 -15.23 -0.58
CA PHE B 87 5.77 -14.01 -0.48
C PHE B 87 4.37 -14.32 -1.02
N GLU B 88 4.32 -14.89 -2.25
CA GLU B 88 3.06 -15.23 -2.93
C GLU B 88 2.17 -16.15 -2.08
N GLN B 89 2.81 -17.07 -1.32
CA GLN B 89 2.11 -18.00 -0.41
C GLN B 89 1.39 -17.23 0.71
N VAL B 90 2.11 -16.26 1.31
CA VAL B 90 1.55 -15.38 2.35
C VAL B 90 0.38 -14.54 1.78
N VAL B 91 0.51 -14.13 0.52
CA VAL B 91 -0.53 -13.37 -0.22
C VAL B 91 -1.78 -14.27 -0.46
N ASN B 92 -1.52 -15.58 -0.73
CA ASN B 92 -2.59 -16.58 -0.94
C ASN B 92 -3.46 -16.70 0.33
N GLU B 93 -2.77 -16.71 1.49
CA GLU B 93 -3.42 -16.80 2.81
C GLU B 93 -4.22 -15.54 3.12
N LEU B 94 -3.68 -14.39 2.71
CA LEU B 94 -4.26 -13.07 2.95
C LEU B 94 -5.53 -12.83 2.09
N PHE B 95 -5.60 -13.50 0.91
CA PHE B 95 -6.75 -13.38 -0.02
C PHE B 95 -8.07 -13.85 0.62
N ARG B 96 -8.00 -14.86 1.52
CA ARG B 96 -9.18 -15.46 2.15
C ARG B 96 -9.83 -14.47 3.12
N ASP B 97 -9.03 -13.51 3.58
CA ASP B 97 -9.43 -12.48 4.53
C ASP B 97 -9.96 -11.26 3.77
N GLY B 98 -10.28 -11.46 2.48
CA GLY B 98 -10.94 -10.44 1.69
C GLY B 98 -9.99 -9.73 0.74
N VAL B 99 -10.25 -9.86 -0.57
CA VAL B 99 -9.44 -9.31 -1.65
C VAL B 99 -9.95 -7.88 -2.01
N ASN B 100 -10.33 -7.08 -0.99
CA ASN B 100 -11.06 -5.80 -1.21
C ASN B 100 -11.01 -4.87 0.02
N TRP B 101 -11.14 -5.45 1.22
CA TRP B 101 -11.46 -4.70 2.48
C TRP B 101 -10.45 -3.60 2.86
N GLY B 102 -9.16 -3.83 2.58
CA GLY B 102 -8.08 -2.98 3.10
C GLY B 102 -6.83 -3.80 3.43
N ARG B 103 -7.04 -5.12 3.52
CA ARG B 103 -5.96 -6.08 3.70
C ARG B 103 -5.08 -6.19 2.43
N ILE B 104 -5.54 -5.60 1.31
CA ILE B 104 -4.68 -5.32 0.14
C ILE B 104 -3.63 -4.23 0.46
N VAL B 105 -4.02 -3.21 1.24
CA VAL B 105 -3.09 -2.18 1.77
C VAL B 105 -2.04 -2.89 2.67
N ALA B 106 -2.53 -3.89 3.43
CA ALA B 106 -1.66 -4.79 4.23
C ALA B 106 -0.72 -5.63 3.33
N PHE B 107 -1.21 -6.02 2.13
CA PHE B 107 -0.41 -6.76 1.11
C PHE B 107 0.81 -5.93 0.65
N PHE B 108 0.59 -4.61 0.48
CA PHE B 108 1.69 -3.65 0.22
C PHE B 108 2.67 -3.62 1.42
N SER B 109 2.11 -3.68 2.64
CA SER B 109 2.90 -3.67 3.88
C SER B 109 3.76 -4.96 4.06
N PHE B 110 3.26 -6.13 3.55
CA PHE B 110 3.98 -7.42 3.62
C PHE B 110 5.21 -7.35 2.70
N GLY B 111 4.95 -7.06 1.41
CA GLY B 111 6.01 -6.97 0.40
C GLY B 111 6.93 -5.80 0.63
N GLY B 112 6.41 -4.77 1.31
CA GLY B 112 7.16 -3.58 1.69
C GLY B 112 8.17 -3.90 2.79
N ALA B 113 7.75 -4.72 3.77
CA ALA B 113 8.60 -5.16 4.89
C ALA B 113 9.75 -6.03 4.35
N LEU B 114 9.38 -6.89 3.40
CA LEU B 114 10.31 -7.74 2.65
C LEU B 114 11.35 -6.90 1.91
N CYS B 115 10.88 -5.82 1.26
CA CYS B 115 11.75 -4.91 0.49
C CYS B 115 12.76 -4.17 1.40
N VAL B 116 12.36 -3.91 2.65
CA VAL B 116 13.26 -3.35 3.69
C VAL B 116 14.38 -4.35 3.98
N GLU B 117 13.96 -5.56 4.36
CA GLU B 117 14.84 -6.66 4.78
C GLU B 117 15.67 -7.20 3.59
N SER B 118 15.20 -6.93 2.36
CA SER B 118 15.86 -7.37 1.14
C SER B 118 16.98 -6.39 0.76
N VAL B 119 16.76 -5.06 0.89
CA VAL B 119 17.86 -4.06 0.73
C VAL B 119 18.88 -4.22 1.88
N ASP B 120 18.36 -4.58 3.07
CA ASP B 120 19.18 -4.87 4.26
C ASP B 120 19.96 -6.20 4.08
N LYS B 121 19.53 -7.01 3.08
CA LYS B 121 20.19 -8.28 2.72
C LYS B 121 21.14 -8.04 1.52
N GLU B 122 21.19 -6.76 1.05
CA GLU B 122 21.97 -6.33 -0.14
C GLU B 122 21.41 -7.01 -1.42
N MET B 123 20.16 -7.46 -1.29
CA MET B 123 19.41 -8.21 -2.30
C MET B 123 18.31 -7.28 -2.90
N GLN B 124 18.64 -5.98 -2.98
CA GLN B 124 17.80 -4.92 -3.61
C GLN B 124 17.25 -5.29 -5.02
N VAL B 125 17.93 -6.21 -5.72
CA VAL B 125 17.48 -6.72 -7.02
C VAL B 125 16.16 -7.51 -6.90
N LEU B 126 16.01 -8.22 -5.76
CA LEU B 126 14.79 -8.94 -5.40
C LEU B 126 13.67 -7.95 -5.03
N VAL B 127 14.03 -6.77 -4.49
CA VAL B 127 13.07 -5.66 -4.22
C VAL B 127 12.42 -5.20 -5.53
N SER B 128 13.28 -5.04 -6.55
CA SER B 128 12.86 -4.69 -7.92
C SER B 128 11.89 -5.77 -8.46
N ARG B 129 12.20 -7.05 -8.18
CA ARG B 129 11.33 -8.19 -8.55
C ARG B 129 9.98 -8.15 -7.79
N ILE B 130 10.02 -7.86 -6.46
CA ILE B 130 8.83 -7.83 -5.59
C ILE B 130 7.88 -6.70 -6.03
N ALA B 131 8.46 -5.58 -6.50
CA ALA B 131 7.70 -4.44 -7.05
C ALA B 131 6.93 -4.88 -8.32
N ALA B 132 7.60 -5.69 -9.15
CA ALA B 132 7.03 -6.23 -10.39
C ALA B 132 5.89 -7.21 -10.10
N TRP B 133 6.13 -8.18 -9.18
CA TRP B 133 5.14 -9.21 -8.80
C TRP B 133 3.91 -8.56 -8.14
N MET B 134 4.15 -7.61 -7.23
CA MET B 134 3.08 -6.89 -6.49
C MET B 134 2.17 -6.14 -7.45
N ALA B 135 2.80 -5.46 -8.42
CA ALA B 135 2.11 -4.69 -9.46
C ALA B 135 1.23 -5.59 -10.34
N THR B 136 1.84 -6.68 -10.83
CA THR B 136 1.18 -7.60 -11.78
C THR B 136 0.01 -8.37 -11.12
N TYR B 137 0.14 -8.68 -9.82
CA TYR B 137 -0.92 -9.39 -9.06
C TYR B 137 -2.09 -8.44 -8.81
N LEU B 138 -1.75 -7.17 -8.56
CA LEU B 138 -2.71 -6.08 -8.34
C LEU B 138 -3.59 -5.86 -9.59
N ASN B 139 -2.96 -5.74 -10.77
CA ASN B 139 -3.66 -5.54 -12.06
C ASN B 139 -4.06 -6.89 -12.71
N ASP B 140 -4.02 -7.98 -11.94
CA ASP B 140 -4.44 -9.31 -12.41
C ASP B 140 -5.94 -9.52 -12.18
N HIS B 141 -6.38 -9.52 -10.90
CA HIS B 141 -7.77 -9.87 -10.53
C HIS B 141 -8.33 -8.98 -9.38
N LEU B 142 -7.64 -7.90 -9.01
CA LEU B 142 -7.98 -7.11 -7.79
C LEU B 142 -8.73 -5.81 -8.16
N GLU B 143 -8.59 -5.40 -9.43
CA GLU B 143 -9.12 -4.11 -9.95
C GLU B 143 -10.65 -3.95 -9.73
N PRO B 144 -11.55 -4.94 -10.12
CA PRO B 144 -13.01 -4.80 -9.87
C PRO B 144 -13.33 -4.86 -8.36
N TRP B 145 -12.53 -5.68 -7.64
CA TRP B 145 -12.74 -6.01 -6.24
C TRP B 145 -12.55 -4.78 -5.37
N ILE B 146 -11.61 -3.92 -5.81
CA ILE B 146 -11.41 -2.62 -5.18
C ILE B 146 -12.31 -1.55 -5.81
N GLN B 147 -12.42 -1.51 -7.16
CA GLN B 147 -13.09 -0.38 -7.87
C GLN B 147 -14.63 -0.35 -7.62
N GLU B 148 -15.14 -1.30 -6.81
CA GLU B 148 -16.50 -1.23 -6.22
C GLU B 148 -16.79 0.17 -5.57
N ASN B 149 -15.77 0.79 -4.92
CA ASN B 149 -15.81 2.24 -4.57
C ASN B 149 -14.42 2.86 -4.78
N GLY B 150 -13.49 2.05 -5.33
CA GLY B 150 -12.13 2.48 -5.63
C GLY B 150 -11.12 1.65 -4.85
N GLY B 151 -11.61 1.08 -3.71
CA GLY B 151 -10.81 0.25 -2.81
C GLY B 151 -9.91 1.04 -1.90
N TRP B 152 -9.11 1.90 -2.53
CA TRP B 152 -8.22 2.81 -1.84
C TRP B 152 -8.89 4.18 -1.70
N ASP B 153 -9.85 4.44 -2.62
CA ASP B 153 -10.55 5.72 -2.71
C ASP B 153 -11.44 5.94 -1.51
N THR B 154 -11.92 4.84 -0.90
CA THR B 154 -12.80 4.90 0.27
C THR B 154 -12.06 5.44 1.51
N PHE B 155 -10.75 5.09 1.64
CA PHE B 155 -9.87 5.63 2.70
C PHE B 155 -9.76 7.15 2.53
N VAL B 156 -9.65 7.55 1.26
CA VAL B 156 -9.59 8.96 0.84
C VAL B 156 -10.92 9.67 1.22
N GLU B 157 -12.05 9.02 0.91
CA GLU B 157 -13.40 9.56 1.18
C GLU B 157 -13.59 9.86 2.68
N LEU B 158 -12.86 9.13 3.55
CA LEU B 158 -12.84 9.39 4.99
C LEU B 158 -11.89 10.56 5.35
N TYR B 159 -10.65 10.54 4.82
CA TYR B 159 -9.56 11.47 5.28
C TYR B 159 -9.39 12.63 4.28
N GLY B 160 -9.01 12.28 3.03
CA GLY B 160 -8.84 13.24 1.94
C GLY B 160 -10.15 13.46 1.23
N ASN B 161 -11.06 14.14 1.93
CA ASN B 161 -12.50 14.29 1.56
C ASN B 161 -12.76 14.92 0.18
N ASN B 162 -11.68 15.37 -0.52
CA ASN B 162 -11.72 16.20 -1.74
C ASN B 162 -12.00 17.69 -1.39
N ALA B 163 -12.36 17.93 -0.11
CA ALA B 163 -12.58 19.27 0.44
C ALA B 163 -11.32 20.13 0.32
N ALA B 164 -10.17 19.50 0.62
CA ALA B 164 -8.84 20.13 0.54
C ALA B 164 -8.37 20.29 -0.92
N ALA B 165 -8.91 19.42 -1.80
CA ALA B 165 -8.60 19.44 -3.24
C ALA B 165 -9.30 20.60 -3.96
N GLU B 166 -10.43 21.04 -3.38
CA GLU B 166 -11.19 22.22 -3.81
C GLU B 166 -10.59 23.50 -3.20
N SER B 167 -10.32 23.43 -1.88
CA SER B 167 -9.73 24.54 -1.10
C SER B 167 -8.25 24.79 -1.49
N ARG B 168 -7.69 23.82 -2.24
CA ARG B 168 -6.38 23.90 -2.91
C ARG B 168 -6.19 25.24 -3.65
N LYS B 169 -7.26 25.69 -4.33
CA LYS B 169 -7.23 26.90 -5.18
C LYS B 169 -6.66 28.13 -4.45
N GLY B 170 -5.57 28.65 -5.00
CA GLY B 170 -4.85 29.81 -4.46
C GLY B 170 -4.65 30.90 -5.50
N GLN B 171 -5.35 30.77 -6.65
CA GLN B 171 -5.32 31.76 -7.75
C GLN B 171 -6.12 33.02 -7.39
N GLU B 172 -7.10 32.86 -6.47
CA GLU B 172 -7.99 33.95 -6.04
C GLU B 172 -7.24 34.97 -5.15
N ARG B 173 -6.15 34.49 -4.53
CA ARG B 173 -5.18 35.35 -3.82
C ARG B 173 -4.61 36.45 -4.74
N LEU B 174 -4.63 36.15 -6.05
CA LEU B 174 -3.94 36.93 -7.10
C LEU B 174 -2.43 37.08 -6.75
N GLU B 175 -2.13 38.07 -5.87
CA GLU B 175 -0.81 38.25 -5.24
C GLU B 175 0.33 38.44 -6.29
N ASP A 1 -20.90 9.68 12.58
CA ASP A 1 -20.86 11.00 13.26
C ASP A 1 -19.92 11.94 12.50
N GLY A 2 -20.53 12.87 11.72
CA GLY A 2 -19.77 13.88 10.96
C GLY A 2 -18.90 13.28 9.87
N GLY A 3 -17.66 12.94 10.25
CA GLY A 3 -16.71 12.23 9.39
C GLY A 3 -16.17 10.99 10.10
N THR A 4 -16.32 9.80 9.47
CA THR A 4 -15.77 8.54 10.00
C THR A 4 -14.25 8.49 9.78
N THR A 5 -13.52 8.89 10.83
CA THR A 5 -12.06 8.82 10.90
C THR A 5 -11.61 7.38 11.19
N PHE A 6 -10.32 7.20 11.55
CA PHE A 6 -9.70 5.89 11.80
C PHE A 6 -10.44 5.10 12.90
N GLU A 7 -10.94 5.87 13.89
CA GLU A 7 -11.59 5.32 15.09
C GLU A 7 -12.83 4.51 14.71
N HIS A 8 -13.73 5.14 13.94
CA HIS A 8 -15.02 4.52 13.57
C HIS A 8 -14.85 3.55 12.39
N LEU A 9 -13.92 3.90 11.48
CA LEU A 9 -13.64 3.10 10.27
C LEU A 9 -13.29 1.67 10.66
N TRP A 10 -12.25 1.56 11.46
CA TRP A 10 -11.71 0.29 11.92
C TRP A 10 -12.58 -0.33 13.03
N SER A 11 -13.46 0.46 13.64
CA SER A 11 -14.42 -0.05 14.64
C SER A 11 -15.40 -1.03 13.96
N SER A 12 -15.83 -0.64 12.76
CA SER A 12 -16.69 -1.47 11.90
C SER A 12 -15.88 -2.49 11.05
N LEU A 13 -14.83 -1.99 10.40
CA LEU A 13 -14.12 -2.68 9.29
C LEU A 13 -13.06 -3.70 9.77
N GLU A 14 -12.42 -3.42 10.90
CA GLU A 14 -11.32 -4.27 11.43
C GLU A 14 -11.83 -5.66 11.91
N PRO A 15 -12.96 -5.76 12.73
CA PRO A 15 -13.54 -7.08 13.10
C PRO A 15 -14.17 -7.85 11.91
N ASP A 16 -14.24 -7.21 10.72
CA ASP A 16 -14.77 -7.86 9.51
C ASP A 16 -13.76 -8.92 9.00
N MET B 5 -6.85 0.67 -12.97
CA MET B 5 -5.87 1.01 -11.90
C MET B 5 -4.55 0.20 -12.07
N SER B 6 -4.30 -0.35 -13.30
CA SER B 6 -3.10 -1.15 -13.60
C SER B 6 -1.80 -0.32 -13.43
N GLN B 7 -1.88 0.98 -13.78
CA GLN B 7 -0.81 1.96 -13.54
C GLN B 7 -0.57 2.11 -12.03
N SER B 8 -1.62 2.60 -11.33
CA SER B 8 -1.57 2.98 -9.90
C SER B 8 -1.20 1.79 -8.98
N ASN B 9 -1.39 0.54 -9.47
CA ASN B 9 -0.91 -0.67 -8.77
C ASN B 9 0.60 -0.56 -8.52
N ARG B 10 1.34 -0.50 -9.64
CA ARG B 10 2.80 -0.49 -9.64
C ARG B 10 3.33 0.81 -9.03
N GLU B 11 2.74 1.96 -9.41
CA GLU B 11 3.21 3.30 -9.00
C GLU B 11 3.14 3.45 -7.47
N LEU B 12 2.06 2.90 -6.87
CA LEU B 12 1.88 2.88 -5.41
C LEU B 12 2.93 1.96 -4.75
N VAL B 13 3.15 0.77 -5.34
CA VAL B 13 4.16 -0.21 -4.87
C VAL B 13 5.59 0.40 -4.89
N VAL B 14 5.90 1.14 -5.96
CA VAL B 14 7.25 1.74 -6.19
C VAL B 14 7.54 2.79 -5.11
N ASP B 15 6.60 3.74 -5.02
CA ASP B 15 6.65 4.88 -4.11
C ASP B 15 6.70 4.41 -2.65
N PHE B 16 5.83 3.45 -2.31
CA PHE B 16 5.62 3.02 -0.92
C PHE B 16 6.85 2.28 -0.39
N LEU B 17 7.41 1.39 -1.23
CA LEU B 17 8.59 0.58 -0.89
C LEU B 17 9.83 1.46 -0.66
N SER B 18 9.96 2.52 -1.48
CA SER B 18 11.03 3.54 -1.35
C SER B 18 10.91 4.37 -0.05
N TYR B 19 9.67 4.80 0.28
CA TYR B 19 9.39 5.55 1.53
C TYR B 19 9.40 4.63 2.76
N LYS B 20 9.25 3.31 2.53
CA LYS B 20 9.41 2.30 3.59
C LYS B 20 10.92 2.16 3.91
N LEU B 21 11.77 2.24 2.86
CA LEU B 21 13.23 2.30 3.00
C LEU B 21 13.67 3.60 3.73
N SER B 22 12.87 4.67 3.53
CA SER B 22 13.08 5.99 4.16
C SER B 22 13.03 5.99 5.71
N GLN B 23 12.58 4.87 6.34
CA GLN B 23 12.74 4.66 7.81
C GLN B 23 14.22 4.79 8.22
N LYS B 24 15.11 4.47 7.27
CA LYS B 24 16.58 4.51 7.44
C LYS B 24 17.15 5.81 6.84
N GLY B 25 16.25 6.61 6.27
CA GLY B 25 16.59 7.86 5.55
C GLY B 25 17.08 7.58 4.14
N TYR B 26 16.74 6.39 3.62
CA TYR B 26 17.27 5.86 2.37
C TYR B 26 16.12 5.60 1.36
N SER B 27 16.42 5.68 0.07
CA SER B 27 15.56 5.16 -1.00
C SER B 27 16.47 4.74 -2.18
N TRP B 28 15.88 4.07 -3.18
CA TRP B 28 16.54 3.89 -4.50
C TRP B 28 16.00 4.94 -5.49
N SER B 29 14.88 5.61 -5.09
CA SER B 29 14.23 6.67 -5.88
C SER B 29 15.05 7.97 -5.83
N GLN B 30 15.96 8.09 -4.84
CA GLN B 30 16.89 9.23 -4.74
C GLN B 30 17.96 9.19 -5.86
N PHE B 31 18.09 8.04 -6.54
CA PHE B 31 19.08 7.85 -7.61
C PHE B 31 18.68 8.61 -8.89
N SER B 32 17.43 8.43 -9.37
CA SER B 32 16.99 9.06 -10.65
C SER B 32 15.47 9.30 -10.74
N ASP B 33 14.75 9.23 -9.61
CA ASP B 33 13.28 9.41 -9.59
C ASP B 33 12.91 10.74 -8.93
N VAL B 34 12.76 10.71 -7.57
CA VAL B 34 12.27 11.83 -6.71
C VAL B 34 11.13 12.66 -7.37
N GLU B 35 10.19 11.95 -8.03
CA GLU B 35 9.06 12.56 -8.76
C GLU B 35 8.12 13.38 -7.85
N GLU B 36 8.07 13.02 -6.55
CA GLU B 36 7.22 13.71 -5.57
C GLU B 36 7.78 15.12 -5.23
N ASN B 37 9.13 15.24 -5.31
CA ASN B 37 9.91 16.38 -4.83
C ASN B 37 9.70 16.61 -3.32
N ARG B 38 8.63 17.32 -2.98
CA ARG B 38 8.18 17.58 -1.58
C ARG B 38 6.66 17.55 -1.48
N THR B 39 5.99 17.87 -2.60
CA THR B 39 4.53 18.07 -2.64
C THR B 39 3.78 16.76 -2.35
N GLU B 40 2.65 16.85 -1.62
CA GLU B 40 1.79 15.68 -1.28
C GLU B 40 1.28 14.95 -2.55
N ALA B 41 1.24 15.70 -3.66
CA ALA B 41 0.75 15.25 -4.95
C ALA B 41 1.55 15.99 -6.05
N PRO B 42 2.36 15.28 -6.90
CA PRO B 42 3.24 15.92 -7.89
C PRO B 42 2.47 16.25 -9.18
N GLU B 43 1.19 15.80 -9.22
CA GLU B 43 0.30 15.96 -10.34
C GLU B 43 -1.03 16.60 -9.88
N GLY B 44 -1.27 16.55 -8.55
CA GLY B 44 -2.42 17.19 -7.92
C GLY B 44 -3.76 16.55 -8.24
N THR B 45 -3.72 15.34 -8.81
CA THR B 45 -4.92 14.63 -9.30
C THR B 45 -5.71 13.94 -8.17
N GLU B 46 -5.11 13.90 -6.96
CA GLU B 46 -5.68 13.28 -5.73
C GLU B 46 -5.83 11.73 -5.83
N SER B 47 -5.39 11.15 -6.97
CA SER B 47 -5.36 9.68 -7.20
C SER B 47 -4.06 9.08 -6.64
N GLU B 48 -3.02 9.91 -6.56
CA GLU B 48 -1.74 9.55 -5.94
C GLU B 48 -1.82 9.74 -4.41
N ALA B 49 -2.81 10.55 -3.94
CA ALA B 49 -3.10 10.76 -2.50
C ALA B 49 -3.55 9.47 -1.79
N VAL B 50 -3.97 8.47 -2.61
CA VAL B 50 -4.37 7.12 -2.16
C VAL B 50 -3.32 6.50 -1.21
N LYS B 51 -2.03 6.63 -1.56
CA LYS B 51 -0.92 5.99 -0.80
C LYS B 51 -0.90 6.48 0.66
N GLN B 52 -1.16 7.79 0.87
CA GLN B 52 -1.11 8.43 2.20
C GLN B 52 -2.25 7.92 3.07
N ALA B 53 -3.44 7.85 2.45
CA ALA B 53 -4.67 7.37 3.10
C ALA B 53 -4.52 5.92 3.58
N LEU B 54 -3.70 5.15 2.83
CA LEU B 54 -3.42 3.74 3.14
C LEU B 54 -2.24 3.60 4.11
N ARG B 55 -1.33 4.59 4.10
CA ARG B 55 -0.19 4.65 5.05
C ARG B 55 -0.72 4.87 6.47
N GLU B 56 -1.68 5.80 6.59
CA GLU B 56 -2.25 6.22 7.88
C GLU B 56 -3.16 5.13 8.42
N ALA B 57 -4.22 4.81 7.64
CA ALA B 57 -5.23 3.80 8.03
C ALA B 57 -4.61 2.41 8.17
N GLY B 58 -3.59 2.14 7.36
CA GLY B 58 -2.87 0.87 7.40
C GLY B 58 -2.10 0.76 8.70
N ASP B 59 -1.48 1.87 9.13
CA ASP B 59 -0.71 1.91 10.38
C ASP B 59 -1.62 1.68 11.61
N GLU B 60 -2.86 2.23 11.53
CA GLU B 60 -3.88 2.12 12.60
C GLU B 60 -4.39 0.66 12.73
N PHE B 61 -4.86 0.09 11.61
CA PHE B 61 -5.41 -1.27 11.52
C PHE B 61 -4.37 -2.32 11.90
N GLU B 62 -3.20 -2.20 11.29
CA GLU B 62 -2.21 -3.27 11.24
C GLU B 62 -1.50 -3.44 12.59
N LEU B 63 -1.34 -2.36 13.37
CA LEU B 63 -0.36 -2.24 14.51
C LEU B 63 0.00 -3.58 15.28
N ARG B 64 -1.03 -4.29 15.79
CA ARG B 64 -0.81 -5.58 16.52
C ARG B 64 -0.38 -6.66 15.52
N TYR B 65 -1.15 -6.76 14.43
CA TYR B 65 -0.86 -7.62 13.27
C TYR B 65 0.53 -7.29 12.70
N ARG B 66 0.96 -6.00 12.79
CA ARG B 66 2.21 -5.48 12.21
C ARG B 66 3.41 -6.10 12.92
N ARG B 67 3.28 -6.21 14.24
CA ARG B 67 4.23 -6.96 15.09
C ARG B 67 4.33 -8.42 14.61
N ALA B 68 3.14 -9.03 14.44
CA ALA B 68 3.00 -10.43 13.97
C ALA B 68 3.46 -10.58 12.51
N PHE B 69 3.40 -9.47 11.74
CA PHE B 69 3.78 -9.44 10.32
C PHE B 69 5.29 -9.24 10.18
N SER B 70 5.89 -8.57 11.18
CA SER B 70 7.35 -8.47 11.31
C SER B 70 7.92 -9.87 11.60
N ASP B 71 7.13 -10.68 12.34
CA ASP B 71 7.45 -12.08 12.58
C ASP B 71 7.35 -12.89 11.26
N LEU B 72 6.27 -12.65 10.47
CA LEU B 72 6.02 -13.36 9.20
C LEU B 72 7.11 -13.08 8.17
N THR B 73 7.52 -11.81 8.07
CA THR B 73 8.52 -11.36 7.09
C THR B 73 9.93 -11.87 7.44
N SER B 74 10.16 -12.15 8.75
CA SER B 74 11.40 -12.81 9.20
C SER B 74 11.29 -14.35 9.04
N GLN B 75 10.05 -14.90 8.92
CA GLN B 75 9.85 -16.33 8.56
C GLN B 75 10.23 -16.58 7.10
N LEU B 76 10.06 -15.52 6.28
CA LEU B 76 10.46 -15.51 4.85
C LEU B 76 11.98 -15.32 4.76
N HIS B 77 12.56 -14.65 5.81
CA HIS B 77 14.01 -14.42 6.01
C HIS B 77 14.72 -14.11 4.69
N ILE B 78 14.31 -12.98 4.09
CA ILE B 78 14.51 -12.69 2.66
C ILE B 78 16.02 -12.83 2.25
N THR B 79 16.34 -13.96 1.60
CA THR B 79 17.73 -14.38 1.29
C THR B 79 17.94 -14.39 -0.24
N PRO B 80 19.23 -14.28 -0.74
CA PRO B 80 19.55 -14.49 -2.17
C PRO B 80 18.97 -15.80 -2.72
N GLY B 81 17.95 -15.70 -3.59
CA GLY B 81 17.32 -16.85 -4.23
C GLY B 81 15.90 -17.12 -3.74
N THR B 82 15.40 -16.28 -2.79
CA THR B 82 14.00 -16.36 -2.32
C THR B 82 13.05 -16.03 -3.49
N ALA B 83 12.25 -17.02 -3.90
CA ALA B 83 11.36 -16.91 -5.06
C ALA B 83 10.05 -16.20 -4.67
N TYR B 84 9.23 -15.95 -5.69
CA TYR B 84 7.90 -15.34 -5.53
C TYR B 84 6.93 -16.28 -4.77
N GLN B 85 7.33 -17.57 -4.59
CA GLN B 85 6.56 -18.58 -3.82
C GLN B 85 6.32 -18.14 -2.37
N SER B 86 7.26 -17.37 -1.77
CA SER B 86 7.08 -16.81 -0.40
C SER B 86 5.80 -15.93 -0.35
N PHE B 87 5.58 -15.18 -1.44
CA PHE B 87 4.38 -14.35 -1.62
C PHE B 87 3.16 -15.25 -1.83
N GLU B 88 3.28 -16.25 -2.74
CA GLU B 88 2.20 -17.21 -3.06
C GLU B 88 1.72 -17.98 -1.80
N GLN B 89 2.65 -18.19 -0.85
CA GLN B 89 2.40 -18.84 0.44
C GLN B 89 1.57 -17.93 1.37
N VAL B 90 2.06 -16.68 1.56
CA VAL B 90 1.36 -15.70 2.40
C VAL B 90 0.02 -15.27 1.77
N VAL B 91 -0.07 -15.40 0.43
CA VAL B 91 -1.29 -15.11 -0.37
C VAL B 91 -2.35 -16.16 -0.06
N ASN B 92 -1.90 -17.43 -0.06
CA ASN B 92 -2.74 -18.59 0.27
C ASN B 92 -3.40 -18.39 1.66
N GLU B 93 -2.58 -18.01 2.64
CA GLU B 93 -3.01 -17.87 4.05
C GLU B 93 -3.70 -16.53 4.36
N LEU B 94 -3.47 -15.48 3.56
CA LEU B 94 -4.06 -14.15 3.82
C LEU B 94 -5.42 -14.06 3.12
N PHE B 95 -5.44 -14.37 1.81
CA PHE B 95 -6.62 -14.24 0.93
C PHE B 95 -7.67 -15.39 1.13
N ARG B 96 -7.66 -16.04 2.30
CA ARG B 96 -8.68 -17.03 2.67
C ARG B 96 -10.00 -16.35 3.05
N ASP B 97 -9.89 -15.12 3.61
CA ASP B 97 -11.05 -14.31 4.01
C ASP B 97 -11.80 -13.81 2.79
N GLY B 98 -11.06 -13.78 1.67
CA GLY B 98 -11.49 -13.08 0.48
C GLY B 98 -10.37 -12.22 -0.04
N VAL B 99 -10.68 -11.02 -0.52
CA VAL B 99 -9.69 -10.14 -1.19
C VAL B 99 -9.38 -8.88 -0.38
N ASN B 100 -9.45 -9.02 0.97
CA ASN B 100 -8.61 -8.29 1.89
C ASN B 100 -8.96 -6.79 1.92
N TRP B 101 -10.24 -6.50 2.10
CA TRP B 101 -10.80 -5.14 2.29
C TRP B 101 -9.87 -4.13 3.07
N GLY B 102 -9.17 -4.62 4.11
CA GLY B 102 -8.10 -3.84 4.80
C GLY B 102 -6.75 -4.56 4.78
N ARG B 103 -6.78 -5.88 4.58
CA ARG B 103 -5.58 -6.74 4.69
C ARG B 103 -4.73 -6.66 3.39
N ILE B 104 -5.32 -6.10 2.31
CA ILE B 104 -4.62 -5.79 1.04
C ILE B 104 -3.73 -4.55 1.20
N VAL B 105 -4.19 -3.63 2.09
CA VAL B 105 -3.40 -2.48 2.52
C VAL B 105 -2.19 -3.02 3.33
N ALA B 106 -2.52 -4.03 4.16
CA ALA B 106 -1.53 -4.73 5.00
C ALA B 106 -0.62 -5.64 4.12
N PHE B 107 -1.13 -6.05 2.94
CA PHE B 107 -0.43 -6.95 2.00
C PHE B 107 0.73 -6.24 1.30
N PHE B 108 0.48 -5.04 0.75
CA PHE B 108 1.57 -4.26 0.10
C PHE B 108 2.49 -3.68 1.20
N SER B 109 1.96 -3.58 2.44
CA SER B 109 2.74 -3.26 3.64
C SER B 109 3.75 -4.39 3.99
N PHE B 110 3.36 -5.69 3.73
CA PHE B 110 4.30 -6.84 3.78
C PHE B 110 5.45 -6.58 2.81
N GLY B 111 5.09 -6.38 1.52
CA GLY B 111 6.06 -6.17 0.44
C GLY B 111 7.02 -5.02 0.70
N GLY B 112 6.51 -4.01 1.43
CA GLY B 112 7.30 -2.87 1.85
C GLY B 112 8.37 -3.28 2.85
N ALA B 113 7.94 -4.00 3.91
CA ALA B 113 8.80 -4.47 5.01
C ALA B 113 9.88 -5.44 4.50
N LEU B 114 9.46 -6.28 3.55
CA LEU B 114 10.31 -7.24 2.84
C LEU B 114 11.43 -6.53 2.09
N CYS B 115 11.09 -5.44 1.38
CA CYS B 115 12.06 -4.65 0.59
C CYS B 115 13.04 -3.88 1.51
N VAL B 116 12.59 -3.51 2.72
CA VAL B 116 13.45 -2.89 3.75
C VAL B 116 14.51 -3.89 4.23
N GLU B 117 14.03 -5.11 4.54
CA GLU B 117 14.87 -6.24 4.98
C GLU B 117 15.75 -6.77 3.82
N SER B 118 15.28 -6.57 2.56
CA SER B 118 15.93 -7.10 1.35
C SER B 118 17.08 -6.19 0.92
N VAL B 119 16.96 -4.84 0.99
CA VAL B 119 18.12 -3.94 0.80
C VAL B 119 19.09 -4.10 1.98
N ASP B 120 18.53 -4.43 3.17
CA ASP B 120 19.32 -4.80 4.37
C ASP B 120 20.02 -6.16 4.19
N LYS B 121 19.66 -6.90 3.11
CA LYS B 121 20.30 -8.17 2.72
C LYS B 121 21.25 -7.92 1.51
N GLU B 122 21.29 -6.66 1.03
CA GLU B 122 22.02 -6.23 -0.21
C GLU B 122 21.40 -6.91 -1.45
N MET B 123 20.11 -7.20 -1.32
CA MET B 123 19.26 -7.79 -2.35
C MET B 123 18.27 -6.72 -2.86
N GLN B 124 18.76 -5.48 -3.00
CA GLN B 124 18.06 -4.39 -3.74
C GLN B 124 17.60 -4.85 -5.16
N VAL B 125 18.37 -5.76 -5.79
CA VAL B 125 18.00 -6.41 -7.05
C VAL B 125 16.71 -7.28 -6.87
N LEU B 126 16.65 -7.97 -5.73
CA LEU B 126 15.50 -8.81 -5.35
C LEU B 126 14.31 -7.91 -4.90
N VAL B 127 14.60 -6.66 -4.47
CA VAL B 127 13.56 -5.64 -4.15
C VAL B 127 12.77 -5.25 -5.40
N SER B 128 13.50 -4.98 -6.49
CA SER B 128 12.87 -4.67 -7.79
C SER B 128 12.11 -5.90 -8.33
N ARG B 129 12.57 -7.13 -7.98
CA ARG B 129 11.79 -8.36 -8.24
C ARG B 129 10.49 -8.40 -7.39
N ILE B 130 10.61 -8.07 -6.08
CA ILE B 130 9.48 -8.09 -5.10
C ILE B 130 8.38 -7.12 -5.56
N ALA B 131 8.80 -5.93 -6.01
CA ALA B 131 7.92 -4.88 -6.52
C ALA B 131 7.13 -5.39 -7.73
N ALA B 132 7.84 -6.09 -8.65
CA ALA B 132 7.27 -6.67 -9.86
C ALA B 132 6.20 -7.72 -9.52
N TRP B 133 6.60 -8.78 -8.76
CA TRP B 133 5.73 -9.95 -8.47
C TRP B 133 4.47 -9.56 -7.69
N MET B 134 4.63 -8.65 -6.71
CA MET B 134 3.51 -8.19 -5.85
C MET B 134 2.53 -7.33 -6.66
N ALA B 135 3.06 -6.49 -7.57
CA ALA B 135 2.26 -5.65 -8.48
C ALA B 135 1.57 -6.49 -9.58
N THR B 136 2.23 -7.60 -9.95
CA THR B 136 1.72 -8.55 -10.96
C THR B 136 0.52 -9.32 -10.41
N TYR B 137 0.55 -9.59 -9.10
CA TYR B 137 -0.58 -10.21 -8.39
C TYR B 137 -1.64 -9.14 -8.02
N LEU B 138 -1.20 -7.87 -7.89
CA LEU B 138 -2.07 -6.74 -7.55
C LEU B 138 -3.03 -6.40 -8.71
N ASN B 139 -2.58 -6.62 -9.98
CA ASN B 139 -3.45 -6.43 -11.17
C ASN B 139 -4.31 -7.68 -11.45
N ASP B 140 -3.91 -8.82 -10.86
CA ASP B 140 -4.46 -10.15 -11.18
C ASP B 140 -5.95 -10.27 -10.79
N HIS B 141 -6.27 -10.21 -9.49
CA HIS B 141 -7.67 -10.34 -8.99
C HIS B 141 -7.93 -9.37 -7.83
N LEU B 142 -7.02 -8.41 -7.64
CA LEU B 142 -7.02 -7.47 -6.50
C LEU B 142 -7.49 -6.09 -6.98
N GLU B 143 -6.89 -5.66 -8.11
CA GLU B 143 -7.24 -4.42 -8.81
C GLU B 143 -8.76 -4.32 -9.13
N PRO B 144 -9.47 -5.39 -9.63
CA PRO B 144 -10.96 -5.37 -9.77
C PRO B 144 -11.68 -4.90 -8.48
N TRP B 145 -11.22 -5.44 -7.34
CA TRP B 145 -11.79 -5.15 -6.00
C TRP B 145 -11.44 -3.73 -5.53
N ILE B 146 -10.43 -3.12 -6.16
CA ILE B 146 -10.11 -1.69 -5.95
C ILE B 146 -10.84 -0.79 -6.99
N GLN B 147 -11.08 -1.33 -8.19
CA GLN B 147 -11.59 -0.56 -9.37
C GLN B 147 -13.13 -0.46 -9.36
N GLU B 148 -13.77 -1.30 -8.52
CA GLU B 148 -15.25 -1.36 -8.37
C GLU B 148 -15.92 0.04 -8.21
N ASN B 149 -15.20 0.99 -7.55
CA ASN B 149 -15.51 2.44 -7.57
C ASN B 149 -14.40 3.23 -6.83
N GLY B 150 -13.31 2.53 -6.43
CA GLY B 150 -12.25 3.13 -5.64
C GLY B 150 -12.26 2.61 -4.21
N GLY B 151 -11.91 1.32 -4.05
CA GLY B 151 -11.87 0.66 -2.75
C GLY B 151 -10.78 1.21 -1.85
N TRP B 152 -9.71 1.74 -2.47
CA TRP B 152 -8.65 2.47 -1.78
C TRP B 152 -8.97 3.97 -1.74
N ASP B 153 -9.85 4.44 -2.64
CA ASP B 153 -10.23 5.87 -2.72
C ASP B 153 -11.26 6.24 -1.65
N THR B 154 -11.83 5.23 -0.97
CA THR B 154 -12.75 5.41 0.15
C THR B 154 -12.02 6.04 1.35
N PHE B 155 -10.80 5.52 1.61
CA PHE B 155 -9.91 6.04 2.66
C PHE B 155 -9.57 7.51 2.36
N VAL B 156 -9.44 7.82 1.06
CA VAL B 156 -9.11 9.17 0.56
C VAL B 156 -10.30 10.13 0.79
N GLU B 157 -11.53 9.62 0.58
CA GLU B 157 -12.77 10.37 0.83
C GLU B 157 -12.86 10.79 2.31
N LEU B 158 -12.40 9.90 3.21
CA LEU B 158 -12.52 10.11 4.66
C LEU B 158 -11.35 10.93 5.24
N TYR B 159 -10.18 10.96 4.56
CA TYR B 159 -8.96 11.59 5.13
C TYR B 159 -8.52 12.81 4.33
N GLY B 160 -8.35 12.59 3.01
CA GLY B 160 -7.76 13.57 2.11
C GLY B 160 -8.53 14.89 2.11
N ASN B 161 -9.69 14.89 1.45
CA ASN B 161 -10.64 16.00 1.47
C ASN B 161 -12.06 15.42 1.61
N ASN B 162 -12.61 15.47 2.84
CA ASN B 162 -14.06 15.27 3.08
C ASN B 162 -14.89 16.24 2.21
N ALA B 163 -14.29 17.42 1.97
CA ALA B 163 -14.87 18.50 1.15
C ALA B 163 -15.07 18.04 -0.30
N ALA B 164 -14.08 17.27 -0.82
CA ALA B 164 -14.16 16.68 -2.17
C ALA B 164 -15.30 15.68 -2.23
N ALA B 165 -15.38 14.84 -1.20
CA ALA B 165 -16.42 13.79 -1.07
C ALA B 165 -17.84 14.39 -1.12
N GLU B 166 -17.98 15.58 -0.52
CA GLU B 166 -19.23 16.33 -0.46
C GLU B 166 -19.53 17.06 -1.78
N SER B 167 -18.48 17.55 -2.45
CA SER B 167 -18.62 18.32 -3.72
C SER B 167 -18.95 17.39 -4.90
N ARG B 168 -18.51 16.14 -4.76
CA ARG B 168 -18.79 15.04 -5.70
C ARG B 168 -20.28 14.62 -5.63
N LYS B 169 -20.94 14.99 -4.53
CA LYS B 169 -22.40 14.83 -4.36
C LYS B 169 -23.17 16.01 -4.99
N GLY B 170 -24.48 15.96 -4.80
CA GLY B 170 -25.39 17.01 -5.21
C GLY B 170 -26.81 16.61 -4.89
N GLN B 171 -27.05 16.30 -3.60
CA GLN B 171 -28.32 15.75 -3.10
C GLN B 171 -29.45 16.79 -3.16
N GLU B 172 -29.07 18.06 -3.02
CA GLU B 172 -30.02 19.18 -2.93
C GLU B 172 -29.37 20.50 -3.30
N ARG B 173 -28.18 20.75 -2.74
CA ARG B 173 -27.47 22.06 -2.83
C ARG B 173 -26.87 22.34 -4.24
N LEU B 174 -27.32 21.56 -5.23
CA LEU B 174 -27.03 21.73 -6.67
C LEU B 174 -27.04 23.22 -7.12
N GLU B 175 -26.05 23.57 -7.94
CA GLU B 175 -25.89 24.93 -8.49
C GLU B 175 -27.06 25.24 -9.47
N ASP A 1 -19.87 6.36 19.01
CA ASP A 1 -19.73 7.77 18.56
C ASP A 1 -18.44 7.93 17.72
N GLY A 2 -18.44 8.91 16.80
CA GLY A 2 -17.33 9.14 15.87
C GLY A 2 -17.54 8.41 14.53
N GLY A 3 -17.53 9.18 13.42
CA GLY A 3 -17.84 8.64 12.10
C GLY A 3 -16.65 7.96 11.41
N THR A 4 -16.67 7.95 10.06
CA THR A 4 -15.66 7.29 9.23
C THR A 4 -14.29 8.00 9.33
N THR A 5 -13.56 7.64 10.39
CA THR A 5 -12.25 8.18 10.74
C THR A 5 -11.31 7.00 11.06
N PHE A 6 -10.00 7.28 11.29
CA PHE A 6 -8.97 6.24 11.39
C PHE A 6 -9.26 5.24 12.51
N GLU A 7 -9.40 5.76 13.74
CA GLU A 7 -9.55 4.91 14.95
C GLU A 7 -10.84 4.10 14.88
N HIS A 8 -11.92 4.74 14.38
CA HIS A 8 -13.25 4.10 14.26
C HIS A 8 -13.22 2.97 13.19
N LEU A 9 -12.50 3.27 12.09
CA LEU A 9 -12.35 2.36 10.94
C LEU A 9 -11.80 1.01 11.42
N TRP A 10 -10.63 1.11 12.05
CA TRP A 10 -9.88 -0.04 12.53
C TRP A 10 -10.46 -0.61 13.83
N SER A 11 -11.27 0.17 14.56
CA SER A 11 -11.91 -0.30 15.81
C SER A 11 -12.93 -1.40 15.48
N SER A 12 -13.62 -1.22 14.35
CA SER A 12 -14.54 -2.23 13.81
C SER A 12 -13.80 -3.29 12.98
N LEU A 13 -12.78 -2.86 12.23
CA LEU A 13 -12.14 -3.67 11.19
C LEU A 13 -11.06 -4.65 11.71
N GLU A 14 -10.34 -4.25 12.77
CA GLU A 14 -9.23 -5.07 13.37
C GLU A 14 -9.73 -6.44 13.97
N PRO A 15 -10.96 -6.53 14.62
CA PRO A 15 -11.61 -7.83 14.99
C PRO A 15 -11.66 -8.91 13.87
N ASP A 16 -11.57 -8.48 12.58
CA ASP A 16 -11.57 -9.41 11.43
C ASP A 16 -10.33 -10.34 11.45
N MET B 5 -5.59 1.29 -11.94
CA MET B 5 -4.86 1.64 -13.18
C MET B 5 -3.59 0.78 -13.29
N SER B 6 -2.63 1.20 -14.14
CA SER B 6 -1.30 0.59 -14.21
C SER B 6 -0.28 1.56 -13.61
N GLN B 7 -0.13 2.73 -14.27
CA GLN B 7 0.87 3.77 -13.93
C GLN B 7 0.80 4.18 -12.46
N SER B 8 -0.37 4.68 -12.03
CA SER B 8 -0.59 5.24 -10.68
C SER B 8 -0.49 4.15 -9.59
N ASN B 9 -0.69 2.89 -10.00
CA ASN B 9 -0.58 1.71 -9.11
C ASN B 9 0.90 1.39 -8.81
N ARG B 10 1.75 1.55 -9.84
CA ARG B 10 3.22 1.37 -9.70
C ARG B 10 3.75 2.44 -8.73
N GLU B 11 3.27 3.70 -8.96
CA GLU B 11 3.65 4.87 -8.15
C GLU B 11 3.29 4.60 -6.69
N LEU B 12 2.05 4.10 -6.46
CA LEU B 12 1.53 3.76 -5.12
C LEU B 12 2.47 2.78 -4.38
N VAL B 13 2.75 1.62 -5.01
CA VAL B 13 3.52 0.53 -4.40
C VAL B 13 4.97 0.96 -4.11
N VAL B 14 5.70 1.41 -5.15
CA VAL B 14 7.16 1.69 -5.04
C VAL B 14 7.44 2.88 -4.10
N ASP B 15 6.54 3.88 -4.12
CA ASP B 15 6.58 5.03 -3.19
C ASP B 15 6.45 4.52 -1.74
N PHE B 16 5.48 3.61 -1.52
CA PHE B 16 5.15 3.11 -0.18
C PHE B 16 6.36 2.31 0.37
N LEU B 17 6.98 1.51 -0.52
CA LEU B 17 8.16 0.67 -0.21
C LEU B 17 9.37 1.55 0.17
N SER B 18 9.62 2.59 -0.65
CA SER B 18 10.73 3.55 -0.50
C SER B 18 10.65 4.35 0.83
N TYR B 19 9.51 5.01 1.03
CA TYR B 19 9.26 5.85 2.23
C TYR B 19 9.06 5.00 3.50
N LYS B 20 8.73 3.70 3.35
CA LYS B 20 8.70 2.74 4.49
C LYS B 20 10.09 2.08 4.70
N LEU B 21 10.96 2.14 3.69
CA LEU B 21 12.40 1.80 3.85
C LEU B 21 13.07 2.85 4.76
N SER B 22 12.48 4.07 4.74
CA SER B 22 12.84 5.19 5.65
C SER B 22 12.77 4.85 7.16
N GLN B 23 12.16 3.70 7.55
CA GLN B 23 12.21 3.22 8.95
C GLN B 23 13.68 3.11 9.45
N LYS B 24 14.59 2.85 8.50
CA LYS B 24 16.03 2.66 8.79
C LYS B 24 16.83 3.90 8.39
N GLY B 25 16.10 4.91 7.93
CA GLY B 25 16.67 6.17 7.44
C GLY B 25 17.30 6.00 6.07
N TYR B 26 16.64 5.19 5.24
CA TYR B 26 17.06 4.95 3.84
C TYR B 26 15.83 5.10 2.92
N SER B 27 16.05 5.46 1.66
CA SER B 27 14.97 5.54 0.66
C SER B 27 15.53 5.22 -0.74
N TRP B 28 14.64 4.84 -1.68
CA TRP B 28 15.01 4.73 -3.12
C TRP B 28 15.44 6.08 -3.69
N SER B 29 15.04 7.17 -3.01
CA SER B 29 15.45 8.52 -3.36
C SER B 29 16.96 8.73 -3.12
N GLN B 30 17.45 8.09 -2.05
CA GLN B 30 18.87 8.12 -1.65
C GLN B 30 19.71 7.27 -2.61
N PHE B 31 19.20 6.05 -2.89
CA PHE B 31 19.83 5.06 -3.78
C PHE B 31 19.92 5.59 -5.23
N SER B 32 18.79 6.13 -5.73
CA SER B 32 18.66 6.65 -7.10
C SER B 32 19.24 8.07 -7.20
N ASP B 33 19.50 8.70 -6.03
CA ASP B 33 20.15 10.03 -5.92
C ASP B 33 19.26 11.15 -6.48
N VAL B 34 17.94 10.91 -6.57
CA VAL B 34 16.95 11.90 -7.02
C VAL B 34 16.62 12.92 -5.91
N GLU B 35 17.26 12.74 -4.71
CA GLU B 35 17.15 13.63 -3.53
C GLU B 35 15.70 13.82 -3.07
N GLU B 36 14.88 12.78 -3.32
CA GLU B 36 13.44 12.72 -3.01
C GLU B 36 12.64 13.61 -3.97
N ASN B 37 11.91 12.94 -4.87
CA ASN B 37 10.93 13.57 -5.76
C ASN B 37 9.71 14.09 -4.95
N ARG B 38 8.64 14.46 -5.68
CA ARG B 38 7.47 15.20 -5.18
C ARG B 38 7.83 16.68 -5.03
N THR B 39 8.76 16.94 -4.09
CA THR B 39 9.13 18.29 -3.63
C THR B 39 7.95 19.00 -2.95
N GLU B 40 7.06 19.53 -3.77
CA GLU B 40 5.86 20.26 -3.35
C GLU B 40 4.66 19.91 -4.25
N ALA B 41 4.89 19.04 -5.25
CA ALA B 41 3.86 18.53 -6.15
C ALA B 41 2.87 17.63 -5.37
N PRO B 42 1.54 17.79 -5.64
CA PRO B 42 0.50 16.96 -5.01
C PRO B 42 0.19 15.70 -5.84
N GLU B 43 0.97 15.51 -6.94
CA GLU B 43 0.74 14.49 -7.96
C GLU B 43 -0.61 14.67 -8.68
N GLY B 44 -0.51 15.10 -9.95
CA GLY B 44 -1.62 15.04 -10.90
C GLY B 44 -1.99 13.61 -11.27
N THR B 45 -1.08 12.69 -10.89
CA THR B 45 -1.29 11.22 -10.95
C THR B 45 -2.46 10.82 -10.04
N GLU B 46 -2.64 11.64 -8.97
CA GLU B 46 -3.65 11.47 -7.89
C GLU B 46 -3.39 10.24 -7.01
N SER B 47 -2.29 9.51 -7.29
CA SER B 47 -1.94 8.32 -6.50
C SER B 47 -1.39 8.73 -5.13
N GLU B 48 -0.84 9.97 -5.02
CA GLU B 48 -0.32 10.52 -3.75
C GLU B 48 -1.44 10.70 -2.72
N ALA B 49 -2.62 11.10 -3.22
CA ALA B 49 -3.84 11.21 -2.40
C ALA B 49 -4.23 9.83 -1.83
N VAL B 50 -3.96 8.77 -2.63
CA VAL B 50 -4.14 7.37 -2.21
C VAL B 50 -3.05 6.93 -1.22
N LYS B 51 -1.79 7.37 -1.47
CA LYS B 51 -0.62 6.98 -0.65
C LYS B 51 -0.77 7.43 0.78
N GLN B 52 -0.96 8.75 0.97
CA GLN B 52 -1.18 9.37 2.30
C GLN B 52 -2.39 8.75 3.02
N ALA B 53 -3.39 8.32 2.22
CA ALA B 53 -4.61 7.71 2.73
C ALA B 53 -4.32 6.29 3.31
N LEU B 54 -3.47 5.54 2.57
CA LEU B 54 -3.08 4.17 2.96
C LEU B 54 -1.87 4.20 3.93
N ARG B 55 -1.16 5.34 3.95
CA ARG B 55 0.04 5.54 4.79
C ARG B 55 -0.39 5.74 6.24
N GLU B 56 -1.34 6.67 6.47
CA GLU B 56 -1.74 7.06 7.83
C GLU B 56 -2.59 5.94 8.45
N ALA B 57 -3.63 5.54 7.70
CA ALA B 57 -4.56 4.49 8.12
C ALA B 57 -3.88 3.14 8.21
N GLY B 58 -3.09 2.81 7.18
CA GLY B 58 -2.40 1.53 7.11
C GLY B 58 -1.46 1.36 8.26
N ASP B 59 -0.79 2.47 8.64
CA ASP B 59 0.17 2.51 9.75
C ASP B 59 -0.53 2.25 11.10
N GLU B 60 -1.76 2.80 11.27
CA GLU B 60 -2.59 2.54 12.47
C GLU B 60 -2.86 1.03 12.65
N PHE B 61 -3.27 0.38 11.56
CA PHE B 61 -3.60 -1.06 11.53
C PHE B 61 -2.34 -1.95 11.47
N GLU B 62 -1.22 -1.35 11.04
CA GLU B 62 0.06 -2.05 10.85
C GLU B 62 0.77 -2.27 12.18
N LEU B 63 0.30 -1.70 13.32
CA LEU B 63 0.96 -1.95 14.64
C LEU B 63 1.02 -3.49 14.92
N ARG B 64 -0.15 -4.13 14.89
CA ARG B 64 -0.28 -5.57 15.11
C ARG B 64 0.35 -6.34 13.93
N TYR B 65 0.13 -5.82 12.70
CA TYR B 65 0.57 -6.46 11.45
C TYR B 65 2.05 -6.22 11.13
N ARG B 66 2.72 -5.30 11.85
CA ARG B 66 4.18 -5.12 11.72
C ARG B 66 4.88 -6.08 12.64
N ARG B 67 4.29 -6.31 13.84
CA ARG B 67 4.75 -7.39 14.72
C ARG B 67 4.52 -8.76 14.05
N ALA B 68 3.43 -8.81 13.29
CA ALA B 68 2.98 -10.02 12.59
C ALA B 68 3.89 -10.29 11.41
N PHE B 69 4.27 -9.22 10.64
CA PHE B 69 5.19 -9.40 9.50
C PHE B 69 6.64 -9.56 10.00
N SER B 70 6.96 -9.03 11.20
CA SER B 70 8.28 -9.26 11.82
C SER B 70 8.44 -10.73 12.23
N ASP B 71 7.30 -11.43 12.41
CA ASP B 71 7.26 -12.89 12.58
C ASP B 71 7.27 -13.64 11.21
N LEU B 72 6.40 -13.18 10.28
CA LEU B 72 6.15 -13.85 8.96
C LEU B 72 7.36 -13.70 8.00
N THR B 73 7.78 -12.45 7.75
CA THR B 73 8.92 -12.14 6.85
C THR B 73 10.26 -12.62 7.45
N SER B 74 10.26 -12.95 8.76
CA SER B 74 11.39 -13.59 9.45
C SER B 74 11.48 -15.09 9.11
N GLN B 75 10.32 -15.75 8.91
CA GLN B 75 10.26 -17.17 8.46
C GLN B 75 10.84 -17.29 7.05
N LEU B 76 10.49 -16.29 6.23
CA LEU B 76 11.04 -16.06 4.89
C LEU B 76 12.52 -15.70 5.01
N HIS B 77 12.83 -14.82 5.99
CA HIS B 77 14.19 -14.35 6.34
C HIS B 77 14.83 -13.41 5.27
N ILE B 78 14.47 -13.66 4.00
CA ILE B 78 15.11 -13.11 2.82
C ILE B 78 16.63 -13.41 2.83
N THR B 79 17.01 -14.52 2.23
CA THR B 79 18.41 -14.85 1.93
C THR B 79 18.77 -14.31 0.52
N PRO B 80 20.09 -14.09 0.25
CA PRO B 80 20.59 -13.86 -1.14
C PRO B 80 20.15 -15.00 -2.11
N GLY B 81 19.05 -14.76 -2.85
CA GLY B 81 18.52 -15.75 -3.81
C GLY B 81 17.17 -16.33 -3.41
N THR B 82 16.45 -15.70 -2.44
CA THR B 82 15.08 -16.10 -2.06
C THR B 82 14.10 -15.86 -3.23
N ALA B 83 13.35 -16.92 -3.60
CA ALA B 83 12.36 -16.90 -4.68
C ALA B 83 11.02 -16.29 -4.21
N TYR B 84 10.15 -15.99 -5.19
CA TYR B 84 8.80 -15.45 -4.95
C TYR B 84 7.85 -16.49 -4.34
N GLN B 85 8.29 -17.78 -4.33
CA GLN B 85 7.51 -18.94 -3.84
C GLN B 85 6.97 -18.74 -2.41
N SER B 86 7.82 -18.15 -1.55
CA SER B 86 7.47 -17.83 -0.16
C SER B 86 6.34 -16.79 -0.10
N PHE B 87 6.48 -15.74 -0.92
CA PHE B 87 5.49 -14.66 -1.05
C PHE B 87 4.19 -15.18 -1.68
N GLU B 88 4.32 -16.14 -2.62
CA GLU B 88 3.17 -16.75 -3.34
C GLU B 88 2.29 -17.51 -2.33
N GLN B 89 2.96 -18.20 -1.39
CA GLN B 89 2.29 -18.94 -0.31
C GLN B 89 1.50 -17.97 0.60
N VAL B 90 2.17 -16.88 1.03
CA VAL B 90 1.55 -15.85 1.91
C VAL B 90 0.33 -15.17 1.23
N VAL B 91 0.42 -14.97 -0.10
CA VAL B 91 -0.69 -14.44 -0.91
C VAL B 91 -1.88 -15.41 -0.93
N ASN B 92 -1.57 -16.72 -1.09
CA ASN B 92 -2.58 -17.79 -1.13
C ASN B 92 -3.37 -17.85 0.19
N GLU B 93 -2.64 -17.72 1.31
CA GLU B 93 -3.20 -17.80 2.66
C GLU B 93 -4.06 -16.56 2.98
N LEU B 94 -3.52 -15.36 2.67
CA LEU B 94 -4.12 -14.05 3.02
C LEU B 94 -5.43 -13.78 2.22
N PHE B 95 -5.42 -14.11 0.91
CA PHE B 95 -6.59 -13.90 0.01
C PHE B 95 -7.69 -14.93 0.30
N ARG B 96 -7.30 -16.10 0.83
CA ARG B 96 -8.25 -17.14 1.27
C ARG B 96 -8.80 -16.83 2.66
N ASP B 97 -8.01 -16.08 3.44
CA ASP B 97 -8.33 -15.69 4.82
C ASP B 97 -9.28 -14.46 4.81
N GLY B 98 -9.83 -14.15 3.63
CA GLY B 98 -10.75 -13.05 3.44
C GLY B 98 -10.31 -12.20 2.27
N VAL B 99 -11.10 -11.17 1.93
CA VAL B 99 -10.85 -10.34 0.74
C VAL B 99 -10.21 -8.98 1.13
N ASN B 100 -9.48 -9.01 2.27
CA ASN B 100 -8.40 -8.07 2.57
C ASN B 100 -8.93 -6.64 2.69
N TRP B 101 -10.06 -6.49 3.39
CA TRP B 101 -10.77 -5.19 3.59
C TRP B 101 -9.78 -4.03 3.93
N GLY B 102 -9.05 -4.22 5.04
CA GLY B 102 -7.91 -3.36 5.39
C GLY B 102 -6.58 -4.10 5.23
N ARG B 103 -6.66 -5.43 5.15
CA ARG B 103 -5.50 -6.33 5.10
C ARG B 103 -4.80 -6.28 3.72
N ILE B 104 -5.48 -5.67 2.72
CA ILE B 104 -4.88 -5.33 1.40
C ILE B 104 -3.87 -4.18 1.54
N VAL B 105 -4.15 -3.25 2.49
CA VAL B 105 -3.22 -2.17 2.83
C VAL B 105 -2.05 -2.77 3.64
N ALA B 106 -2.39 -3.77 4.48
CA ALA B 106 -1.40 -4.56 5.24
C ALA B 106 -0.63 -5.52 4.31
N PHE B 107 -1.20 -5.81 3.12
CA PHE B 107 -0.54 -6.60 2.06
C PHE B 107 0.54 -5.75 1.38
N PHE B 108 0.28 -4.44 1.21
CA PHE B 108 1.31 -3.47 0.81
C PHE B 108 2.41 -3.39 1.88
N SER B 109 2.01 -3.55 3.17
CA SER B 109 2.94 -3.62 4.31
C SER B 109 3.76 -4.94 4.33
N PHE B 110 3.15 -6.07 3.88
CA PHE B 110 3.84 -7.38 3.83
C PHE B 110 4.93 -7.35 2.76
N GLY B 111 4.50 -7.03 1.51
CA GLY B 111 5.42 -6.86 0.37
C GLY B 111 6.43 -5.75 0.60
N GLY B 112 6.00 -4.72 1.36
CA GLY B 112 6.84 -3.61 1.77
C GLY B 112 7.96 -4.06 2.69
N ALA B 113 7.61 -4.92 3.67
CA ALA B 113 8.54 -5.42 4.71
C ALA B 113 9.58 -6.36 4.09
N LEU B 114 9.14 -7.10 3.07
CA LEU B 114 10.00 -7.98 2.25
C LEU B 114 11.07 -7.15 1.55
N CYS B 115 10.63 -6.05 0.92
CA CYS B 115 11.51 -5.10 0.22
C CYS B 115 12.46 -4.36 1.18
N VAL B 116 11.98 -4.10 2.41
CA VAL B 116 12.78 -3.50 3.50
C VAL B 116 13.94 -4.45 3.86
N GLU B 117 13.61 -5.75 3.95
CA GLU B 117 14.59 -6.80 4.24
C GLU B 117 15.44 -7.15 3.01
N SER B 118 14.94 -6.84 1.79
CA SER B 118 15.68 -7.10 0.55
C SER B 118 16.91 -6.18 0.47
N VAL B 119 16.71 -4.84 0.66
CA VAL B 119 17.83 -3.88 0.72
C VAL B 119 18.73 -4.15 1.93
N ASP B 120 18.11 -4.60 3.03
CA ASP B 120 18.81 -4.99 4.28
C ASP B 120 19.78 -6.17 4.04
N LYS B 121 19.51 -6.99 3.00
CA LYS B 121 20.34 -8.16 2.65
C LYS B 121 21.19 -7.83 1.41
N GLU B 122 21.19 -6.52 1.01
CA GLU B 122 21.95 -5.98 -0.16
C GLU B 122 21.39 -6.52 -1.49
N MET B 123 20.18 -7.08 -1.41
CA MET B 123 19.45 -7.68 -2.53
C MET B 123 18.23 -6.82 -2.87
N GLN B 124 18.45 -5.50 -2.99
CA GLN B 124 17.46 -4.54 -3.58
C GLN B 124 17.00 -4.94 -5.01
N VAL B 125 17.73 -5.87 -5.67
CA VAL B 125 17.26 -6.52 -6.90
C VAL B 125 15.93 -7.27 -6.63
N LEU B 126 15.83 -7.90 -5.43
CA LEU B 126 14.61 -8.56 -4.94
C LEU B 126 13.48 -7.55 -4.72
N VAL B 127 13.80 -6.27 -4.35
CA VAL B 127 12.76 -5.20 -4.24
C VAL B 127 12.12 -4.96 -5.60
N SER B 128 12.98 -4.81 -6.64
CA SER B 128 12.54 -4.62 -8.03
C SER B 128 11.66 -5.80 -8.50
N ARG B 129 12.03 -7.02 -8.07
CA ARG B 129 11.29 -8.25 -8.38
C ARG B 129 9.93 -8.29 -7.66
N ILE B 130 9.94 -7.98 -6.36
CA ILE B 130 8.75 -8.04 -5.49
C ILE B 130 7.74 -6.96 -5.90
N ALA B 131 8.24 -5.81 -6.37
CA ALA B 131 7.41 -4.69 -6.88
C ALA B 131 6.64 -5.15 -8.15
N ALA B 132 7.31 -5.99 -8.97
CA ALA B 132 6.72 -6.60 -10.16
C ALA B 132 5.63 -7.62 -9.76
N TRP B 133 5.93 -8.45 -8.73
CA TRP B 133 4.97 -9.45 -8.20
C TRP B 133 3.75 -8.77 -7.55
N MET B 134 3.99 -7.65 -6.83
CA MET B 134 2.94 -6.84 -6.18
C MET B 134 1.98 -6.32 -7.24
N ALA B 135 2.57 -5.84 -8.35
CA ALA B 135 1.84 -5.32 -9.52
C ALA B 135 1.09 -6.45 -10.26
N THR B 136 1.65 -7.68 -10.22
CA THR B 136 1.06 -8.88 -10.84
C THR B 136 -0.26 -9.25 -10.15
N TYR B 137 -0.23 -9.35 -8.80
CA TYR B 137 -1.43 -9.67 -7.98
C TYR B 137 -2.44 -8.51 -8.07
N LEU B 138 -1.89 -7.28 -8.13
CA LEU B 138 -2.65 -6.03 -8.18
C LEU B 138 -3.62 -6.02 -9.37
N ASN B 139 -3.07 -6.22 -10.60
CA ASN B 139 -3.89 -6.21 -11.84
C ASN B 139 -4.70 -7.53 -11.99
N ASP B 140 -4.34 -8.56 -11.18
CA ASP B 140 -4.97 -9.89 -11.21
C ASP B 140 -6.37 -9.89 -10.58
N HIS B 141 -6.47 -9.62 -9.26
CA HIS B 141 -7.76 -9.72 -8.53
C HIS B 141 -8.05 -8.48 -7.70
N LEU B 142 -7.00 -7.72 -7.39
CA LEU B 142 -7.12 -6.54 -6.52
C LEU B 142 -7.79 -5.38 -7.26
N GLU B 143 -7.61 -5.32 -8.58
CA GLU B 143 -8.25 -4.31 -9.45
C GLU B 143 -9.80 -4.45 -9.49
N PRO B 144 -10.41 -5.67 -9.69
CA PRO B 144 -11.85 -5.89 -9.39
C PRO B 144 -12.26 -5.37 -7.99
N TRP B 145 -11.56 -5.90 -6.96
CA TRP B 145 -11.91 -5.69 -5.54
C TRP B 145 -11.83 -4.20 -5.12
N ILE B 146 -10.90 -3.47 -5.74
CA ILE B 146 -10.71 -2.04 -5.49
C ILE B 146 -11.58 -1.22 -6.46
N GLN B 147 -11.26 -1.28 -7.76
CA GLN B 147 -11.79 -0.34 -8.76
C GLN B 147 -13.30 -0.51 -9.03
N GLU B 148 -13.95 -1.48 -8.35
CA GLU B 148 -15.42 -1.62 -8.35
C GLU B 148 -16.13 -0.34 -7.83
N ASN B 149 -15.42 0.45 -6.99
CA ASN B 149 -15.93 1.72 -6.46
C ASN B 149 -14.76 2.65 -6.10
N GLY B 150 -13.54 2.25 -6.49
CA GLY B 150 -12.34 2.86 -5.96
C GLY B 150 -12.18 2.51 -4.49
N GLY B 151 -11.68 1.28 -4.25
CA GLY B 151 -11.49 0.76 -2.91
C GLY B 151 -10.42 1.51 -2.16
N TRP B 152 -9.50 2.14 -2.93
CA TRP B 152 -8.50 3.08 -2.40
C TRP B 152 -9.11 4.49 -2.33
N ASP B 153 -10.02 4.79 -3.30
CA ASP B 153 -10.63 6.13 -3.49
C ASP B 153 -11.48 6.51 -2.25
N THR B 154 -11.98 5.48 -1.56
CA THR B 154 -12.85 5.64 -0.42
C THR B 154 -12.08 6.17 0.79
N PHE B 155 -10.83 5.66 1.00
CA PHE B 155 -9.94 6.18 2.06
C PHE B 155 -9.62 7.66 1.76
N VAL B 156 -9.44 7.94 0.46
CA VAL B 156 -9.06 9.27 -0.03
C VAL B 156 -10.18 10.29 0.19
N GLU B 157 -11.44 9.84 0.11
CA GLU B 157 -12.59 10.69 0.42
C GLU B 157 -12.65 11.00 1.92
N LEU B 158 -12.65 9.93 2.75
CA LEU B 158 -12.90 10.04 4.21
C LEU B 158 -11.82 10.88 4.91
N TYR B 159 -10.59 10.88 4.34
CA TYR B 159 -9.43 11.57 4.93
C TYR B 159 -9.16 12.88 4.19
N GLY B 160 -9.20 12.80 2.84
CA GLY B 160 -8.98 13.95 1.98
C GLY B 160 -10.02 15.05 2.17
N ASN B 161 -11.26 14.81 1.68
CA ASN B 161 -12.36 15.81 1.76
C ASN B 161 -13.70 15.15 2.11
N ASN B 162 -14.14 14.17 1.27
CA ASN B 162 -15.47 13.48 1.33
C ASN B 162 -16.54 14.37 0.68
N ALA B 163 -16.52 15.62 1.15
CA ALA B 163 -17.24 16.73 0.55
C ALA B 163 -16.83 16.95 -0.92
N ALA B 164 -15.67 16.38 -1.34
CA ALA B 164 -15.23 16.38 -2.75
C ALA B 164 -16.32 15.75 -3.64
N ALA B 165 -16.59 14.47 -3.38
CA ALA B 165 -17.57 13.69 -4.14
C ALA B 165 -19.00 14.22 -3.95
N GLU B 166 -19.29 14.77 -2.76
CA GLU B 166 -20.58 15.41 -2.45
C GLU B 166 -20.81 16.71 -3.26
N SER B 167 -19.73 17.49 -3.45
CA SER B 167 -19.79 18.81 -4.14
C SER B 167 -19.66 18.67 -5.67
N ARG B 168 -19.25 17.48 -6.13
CA ARG B 168 -19.33 17.11 -7.56
C ARG B 168 -20.81 17.03 -8.00
N LYS B 169 -21.66 16.69 -7.03
CA LYS B 169 -23.12 16.71 -7.16
C LYS B 169 -23.64 18.15 -6.96
N GLY B 170 -24.84 18.46 -7.48
CA GLY B 170 -25.47 19.78 -7.33
C GLY B 170 -26.70 19.74 -6.44
N GLN B 171 -26.68 18.80 -5.47
CA GLN B 171 -27.84 18.51 -4.58
C GLN B 171 -28.11 19.68 -3.61
N GLU B 172 -27.06 20.46 -3.32
CA GLU B 172 -27.09 21.60 -2.39
C GLU B 172 -28.04 22.72 -2.89
N ARG B 173 -28.22 22.78 -4.22
CA ARG B 173 -29.06 23.77 -4.87
C ARG B 173 -30.57 23.50 -4.61
N LEU B 174 -30.88 22.26 -4.16
CA LEU B 174 -32.23 21.83 -3.72
C LEU B 174 -33.30 21.99 -4.83
N GLU B 175 -32.87 21.84 -6.09
CA GLU B 175 -33.72 21.98 -7.28
C GLU B 175 -34.77 20.84 -7.33
N ASP A 1 -4.51 7.31 18.10
CA ASP A 1 -5.76 8.03 17.75
C ASP A 1 -5.78 8.28 16.23
N GLY A 2 -4.92 9.22 15.77
CA GLY A 2 -4.82 9.57 14.34
C GLY A 2 -5.88 10.55 13.88
N GLY A 3 -7.14 10.15 14.03
CA GLY A 3 -8.29 10.98 13.67
C GLY A 3 -9.59 10.23 13.92
N THR A 4 -10.72 10.93 13.90
CA THR A 4 -12.04 10.36 14.22
C THR A 4 -12.43 9.25 13.20
N THR A 5 -11.95 9.39 11.94
CA THR A 5 -12.25 8.47 10.84
C THR A 5 -11.27 7.29 10.81
N PHE A 6 -10.08 7.52 11.33
CA PHE A 6 -9.06 6.48 11.55
C PHE A 6 -9.53 5.49 12.62
N GLU A 7 -9.98 6.07 13.74
CA GLU A 7 -10.46 5.32 14.92
C GLU A 7 -11.65 4.46 14.54
N HIS A 8 -12.57 5.05 13.76
CA HIS A 8 -13.77 4.37 13.24
C HIS A 8 -13.38 3.19 12.35
N LEU A 9 -12.46 3.47 11.43
CA LEU A 9 -11.98 2.50 10.41
C LEU A 9 -11.44 1.24 11.09
N TRP A 10 -10.43 1.44 11.92
CA TRP A 10 -9.65 0.38 12.52
C TRP A 10 -10.32 -0.31 13.70
N SER A 11 -11.32 0.34 14.34
CA SER A 11 -12.12 -0.31 15.39
C SER A 11 -13.12 -1.28 14.77
N SER A 12 -13.56 -0.96 13.54
CA SER A 12 -14.42 -1.84 12.73
C SER A 12 -13.58 -2.95 12.05
N LEU A 13 -12.36 -2.59 11.65
CA LEU A 13 -11.49 -3.43 10.79
C LEU A 13 -10.76 -4.52 11.61
N GLU A 14 -10.30 -4.14 12.80
CA GLU A 14 -9.43 -5.00 13.65
C GLU A 14 -10.08 -6.35 14.01
N PRO A 15 -11.39 -6.39 14.50
CA PRO A 15 -12.09 -7.67 14.74
C PRO A 15 -12.41 -8.46 13.45
N ASP A 16 -12.31 -7.79 12.27
CA ASP A 16 -12.64 -8.41 10.97
C ASP A 16 -11.39 -9.17 10.45
N MET B 5 -6.03 2.33 -14.26
CA MET B 5 -4.74 2.81 -14.81
C MET B 5 -3.62 1.97 -14.21
N SER B 6 -3.10 1.00 -14.99
CA SER B 6 -2.10 0.03 -14.51
C SER B 6 -0.80 0.74 -14.15
N GLN B 7 -0.41 1.74 -14.96
CA GLN B 7 0.80 2.56 -14.76
C GLN B 7 0.80 3.19 -13.35
N SER B 8 -0.34 3.81 -13.00
CA SER B 8 -0.53 4.54 -11.72
C SER B 8 -0.49 3.57 -10.51
N ASN B 9 -1.01 2.34 -10.71
CA ASN B 9 -1.07 1.30 -9.66
C ASN B 9 0.27 0.58 -9.44
N ARG B 10 1.11 0.56 -10.48
CA ARG B 10 2.48 0.00 -10.40
C ARG B 10 3.40 1.00 -9.72
N GLU B 11 3.20 2.29 -10.03
CA GLU B 11 3.90 3.40 -9.36
C GLU B 11 3.44 3.50 -7.90
N LEU B 12 2.17 3.13 -7.64
CA LEU B 12 1.62 2.98 -6.28
C LEU B 12 2.43 1.91 -5.50
N VAL B 13 2.66 0.74 -6.14
CA VAL B 13 3.47 -0.36 -5.56
C VAL B 13 4.87 0.12 -5.16
N VAL B 14 5.65 0.53 -6.17
CA VAL B 14 7.08 0.85 -6.01
C VAL B 14 7.30 2.03 -5.05
N ASP B 15 6.44 3.06 -5.17
CA ASP B 15 6.58 4.30 -4.38
C ASP B 15 6.15 4.07 -2.92
N PHE B 16 5.22 3.10 -2.69
CA PHE B 16 4.76 2.77 -1.33
C PHE B 16 5.88 2.03 -0.58
N LEU B 17 6.51 1.07 -1.30
CA LEU B 17 7.67 0.32 -0.80
C LEU B 17 8.83 1.28 -0.51
N SER B 18 8.94 2.33 -1.35
CA SER B 18 9.95 3.39 -1.27
C SER B 18 9.75 4.23 0.02
N TYR B 19 8.48 4.47 0.35
CA TYR B 19 8.06 5.18 1.57
C TYR B 19 8.28 4.34 2.84
N LYS B 20 8.33 3.01 2.69
CA LYS B 20 8.78 2.13 3.78
C LYS B 20 10.32 2.20 3.93
N LEU B 21 11.01 2.29 2.79
CA LEU B 21 12.49 2.36 2.73
C LEU B 21 13.04 3.67 3.30
N SER B 22 12.19 4.71 3.31
CA SER B 22 12.54 6.05 3.84
C SER B 22 12.85 6.07 5.34
N GLN B 23 12.49 4.98 6.06
CA GLN B 23 12.90 4.77 7.47
C GLN B 23 14.44 4.63 7.59
N LYS B 24 15.09 4.36 6.44
CA LYS B 24 16.56 4.29 6.34
C LYS B 24 17.11 5.63 5.80
N GLY B 25 16.17 6.46 5.35
CA GLY B 25 16.47 7.70 4.62
C GLY B 25 16.64 7.47 3.12
N TYR B 26 16.31 6.24 2.68
CA TYR B 26 16.52 5.79 1.30
C TYR B 26 15.16 5.65 0.58
N SER B 27 15.12 5.86 -0.74
CA SER B 27 13.91 5.64 -1.55
C SER B 27 14.30 5.26 -2.99
N TRP B 28 13.33 4.72 -3.76
CA TRP B 28 13.48 4.51 -5.21
C TRP B 28 13.52 5.87 -5.96
N SER B 29 13.06 6.92 -5.27
CA SER B 29 13.14 8.31 -5.75
C SER B 29 14.60 8.79 -5.73
N GLN B 30 15.36 8.32 -4.72
CA GLN B 30 16.81 8.58 -4.61
C GLN B 30 17.56 7.83 -5.73
N PHE B 31 17.10 6.59 -6.01
CA PHE B 31 17.68 5.71 -7.04
C PHE B 31 17.61 6.38 -8.43
N SER B 32 16.43 6.92 -8.77
CA SER B 32 16.23 7.63 -10.04
C SER B 32 16.71 9.09 -9.97
N ASP B 33 16.93 9.58 -8.73
CA ASP B 33 17.30 10.97 -8.41
C ASP B 33 16.28 11.94 -9.02
N VAL B 34 15.09 11.96 -8.41
CA VAL B 34 13.98 12.84 -8.83
C VAL B 34 13.74 13.87 -7.72
N GLU B 35 14.84 14.41 -7.18
CA GLU B 35 14.84 15.38 -6.08
C GLU B 35 14.21 16.73 -6.51
N GLU B 36 14.16 16.97 -7.83
CA GLU B 36 13.47 18.12 -8.44
C GLU B 36 11.95 18.02 -8.20
N ASN B 37 11.43 16.79 -8.34
CA ASN B 37 10.04 16.42 -8.08
C ASN B 37 10.00 15.56 -6.81
N ARG B 38 10.71 16.07 -5.77
CA ARG B 38 10.82 15.43 -4.44
C ARG B 38 9.45 15.25 -3.78
N THR B 39 8.50 16.06 -4.22
CA THR B 39 7.09 15.95 -3.85
C THR B 39 6.50 14.64 -4.38
N GLU B 40 5.46 14.12 -3.70
CA GLU B 40 4.73 12.91 -4.12
C GLU B 40 4.11 13.05 -5.53
N ALA B 41 3.94 14.32 -5.94
CA ALA B 41 3.45 14.73 -7.26
C ALA B 41 2.11 14.08 -7.65
N PRO B 42 0.98 14.54 -7.02
CA PRO B 42 -0.37 14.07 -7.35
C PRO B 42 -1.01 14.85 -8.53
N GLU B 43 -0.18 15.69 -9.22
CA GLU B 43 -0.48 16.40 -10.53
C GLU B 43 -1.89 17.06 -10.66
N GLY B 44 -2.59 17.25 -9.52
CA GLY B 44 -3.97 17.72 -9.51
C GLY B 44 -4.98 16.62 -9.84
N THR B 45 -4.46 15.47 -10.25
CA THR B 45 -5.22 14.27 -10.62
C THR B 45 -5.68 13.53 -9.35
N GLU B 46 -4.71 13.38 -8.41
CA GLU B 46 -4.90 12.93 -7.02
C GLU B 46 -5.46 11.50 -6.89
N SER B 47 -5.22 10.68 -7.92
CA SER B 47 -5.42 9.21 -7.84
C SER B 47 -4.27 8.58 -7.02
N GLU B 48 -3.14 9.32 -6.99
CA GLU B 48 -1.89 8.94 -6.32
C GLU B 48 -2.04 9.19 -4.80
N ALA B 49 -2.99 10.08 -4.42
CA ALA B 49 -3.26 10.46 -3.01
C ALA B 49 -3.64 9.25 -2.13
N VAL B 50 -4.00 8.14 -2.79
CA VAL B 50 -4.28 6.85 -2.14
C VAL B 50 -3.12 6.40 -1.22
N LYS B 51 -1.85 6.46 -1.71
CA LYS B 51 -0.69 5.95 -0.95
C LYS B 51 -0.48 6.76 0.34
N GLN B 52 -0.82 8.06 0.30
CA GLN B 52 -0.80 8.94 1.48
C GLN B 52 -1.75 8.36 2.55
N ALA B 53 -3.00 8.12 2.13
CA ALA B 53 -4.08 7.61 3.00
C ALA B 53 -3.77 6.18 3.52
N LEU B 54 -3.08 5.38 2.67
CA LEU B 54 -2.71 3.99 3.01
C LEU B 54 -1.47 3.96 3.91
N ARG B 55 -0.69 5.04 3.89
CA ARG B 55 0.44 5.21 4.82
C ARG B 55 -0.02 5.72 6.18
N GLU B 56 -0.95 6.70 6.17
CA GLU B 56 -1.43 7.34 7.40
C GLU B 56 -2.04 6.25 8.30
N ALA B 57 -3.07 5.61 7.73
CA ALA B 57 -3.85 4.60 8.42
C ALA B 57 -3.10 3.27 8.49
N GLY B 58 -2.30 2.99 7.45
CA GLY B 58 -1.57 1.73 7.36
C GLY B 58 -0.54 1.65 8.45
N ASP B 59 0.38 2.64 8.46
CA ASP B 59 1.47 2.70 9.44
C ASP B 59 0.96 2.80 10.89
N GLU B 60 -0.16 3.53 11.16
CA GLU B 60 -0.67 3.64 12.53
C GLU B 60 -1.22 2.30 13.06
N PHE B 61 -1.93 1.57 12.18
CA PHE B 61 -2.54 0.25 12.51
C PHE B 61 -1.52 -0.90 12.37
N GLU B 62 -0.43 -0.65 11.64
CA GLU B 62 0.53 -1.68 11.23
C GLU B 62 1.23 -2.29 12.47
N LEU B 63 1.69 -1.41 13.37
CA LEU B 63 2.69 -1.69 14.44
C LEU B 63 2.68 -3.15 15.04
N ARG B 64 1.63 -3.52 15.80
CA ARG B 64 1.52 -4.87 16.43
C ARG B 64 1.39 -5.97 15.36
N TYR B 65 0.51 -5.69 14.39
CA TYR B 65 0.31 -6.56 13.22
C TYR B 65 1.60 -6.71 12.40
N ARG B 66 2.47 -5.68 12.43
CA ARG B 66 3.71 -5.63 11.65
C ARG B 66 4.69 -6.65 12.22
N ARG B 67 4.74 -6.70 13.56
CA ARG B 67 5.53 -7.70 14.30
C ARG B 67 5.06 -9.14 13.94
N ALA B 68 3.73 -9.32 13.92
CA ALA B 68 3.09 -10.59 13.52
C ALA B 68 3.43 -10.94 12.06
N PHE B 69 3.45 -9.91 11.21
CA PHE B 69 3.77 -10.05 9.78
C PHE B 69 5.27 -10.27 9.59
N SER B 70 6.08 -9.86 10.59
CA SER B 70 7.52 -10.12 10.63
C SER B 70 7.79 -11.60 10.95
N ASP B 71 6.87 -12.26 11.68
CA ASP B 71 6.91 -13.73 11.90
C ASP B 71 6.58 -14.47 10.59
N LEU B 72 5.59 -13.92 9.86
CA LEU B 72 5.17 -14.46 8.54
C LEU B 72 6.29 -14.30 7.49
N THR B 73 6.96 -13.12 7.50
CA THR B 73 8.09 -12.83 6.61
C THR B 73 9.40 -13.45 7.14
N SER B 74 9.40 -13.89 8.42
CA SER B 74 10.51 -14.69 9.00
C SER B 74 10.51 -16.10 8.39
N GLN B 75 9.31 -16.59 7.99
CA GLN B 75 9.17 -17.84 7.22
C GLN B 75 9.78 -17.67 5.83
N LEU B 76 9.53 -16.51 5.24
CA LEU B 76 10.06 -16.12 3.92
C LEU B 76 11.59 -16.01 4.00
N HIS B 77 12.08 -15.55 5.19
CA HIS B 77 13.51 -15.49 5.56
C HIS B 77 14.36 -14.97 4.40
N ILE B 78 14.35 -13.64 4.22
CA ILE B 78 15.00 -12.99 3.08
C ILE B 78 16.53 -13.25 3.08
N THR B 79 16.89 -14.28 2.31
CA THR B 79 18.26 -14.75 2.11
C THR B 79 18.61 -14.58 0.60
N PRO B 80 19.93 -14.51 0.21
CA PRO B 80 20.33 -14.55 -1.22
C PRO B 80 19.68 -15.71 -1.99
N GLY B 81 18.86 -15.37 -3.00
CA GLY B 81 18.24 -16.36 -3.88
C GLY B 81 16.98 -17.00 -3.30
N THR B 82 16.37 -16.37 -2.26
CA THR B 82 15.13 -16.88 -1.62
C THR B 82 13.98 -16.96 -2.64
N ALA B 83 13.04 -17.88 -2.37
CA ALA B 83 12.00 -18.28 -3.32
C ALA B 83 10.87 -17.23 -3.42
N TYR B 84 10.37 -17.06 -4.66
CA TYR B 84 9.14 -16.32 -4.94
C TYR B 84 7.92 -17.06 -4.36
N GLN B 85 8.11 -18.39 -4.18
CA GLN B 85 7.07 -19.34 -3.73
C GLN B 85 6.55 -18.97 -2.32
N SER B 86 7.45 -18.42 -1.50
CA SER B 86 7.13 -17.92 -0.15
C SER B 86 6.12 -16.74 -0.22
N PHE B 87 6.39 -15.82 -1.17
CA PHE B 87 5.55 -14.63 -1.40
C PHE B 87 4.21 -15.07 -2.02
N GLU B 88 4.27 -16.09 -2.89
CA GLU B 88 3.10 -16.70 -3.55
C GLU B 88 2.19 -17.39 -2.50
N GLN B 89 2.82 -17.97 -1.47
CA GLN B 89 2.13 -18.67 -0.37
C GLN B 89 1.22 -17.65 0.35
N VAL B 90 1.85 -16.55 0.81
CA VAL B 90 1.14 -15.50 1.55
C VAL B 90 0.12 -14.77 0.65
N VAL B 91 0.38 -14.72 -0.69
CA VAL B 91 -0.57 -14.23 -1.70
C VAL B 91 -1.88 -15.06 -1.65
N ASN B 92 -1.75 -16.38 -1.82
CA ASN B 92 -2.92 -17.30 -1.90
C ASN B 92 -3.79 -17.21 -0.64
N GLU B 93 -3.16 -17.01 0.54
CA GLU B 93 -3.91 -16.85 1.81
C GLU B 93 -4.72 -15.53 1.86
N LEU B 94 -4.05 -14.39 1.59
CA LEU B 94 -4.65 -13.03 1.69
C LEU B 94 -5.79 -12.82 0.65
N PHE B 95 -5.53 -13.30 -0.58
CA PHE B 95 -6.45 -13.14 -1.74
C PHE B 95 -7.70 -14.00 -1.59
N ARG B 96 -7.57 -15.14 -0.88
CA ARG B 96 -8.70 -16.04 -0.63
C ARG B 96 -9.64 -15.44 0.40
N ASP B 97 -9.04 -14.85 1.46
CA ASP B 97 -9.78 -14.24 2.56
C ASP B 97 -10.46 -12.95 2.08
N GLY B 98 -10.20 -12.57 0.80
CA GLY B 98 -10.71 -11.34 0.24
C GLY B 98 -9.86 -10.15 0.64
N VAL B 99 -9.10 -9.60 -0.34
CA VAL B 99 -8.27 -8.39 -0.13
C VAL B 99 -9.10 -7.08 -0.13
N ASN B 100 -10.42 -7.24 -0.05
CA ASN B 100 -11.43 -6.22 -0.29
C ASN B 100 -11.54 -5.31 0.96
N TRP B 101 -11.40 -5.97 2.13
CA TRP B 101 -11.65 -5.38 3.46
C TRP B 101 -10.57 -4.36 3.87
N GLY B 102 -9.40 -4.41 3.20
CA GLY B 102 -8.21 -3.72 3.68
C GLY B 102 -6.97 -4.57 3.55
N ARG B 103 -7.15 -5.88 3.26
CA ARG B 103 -6.03 -6.85 3.12
C ARG B 103 -5.11 -6.47 1.93
N ILE B 104 -5.56 -5.56 1.03
CA ILE B 104 -4.68 -4.88 0.04
C ILE B 104 -3.62 -4.04 0.78
N VAL B 105 -4.07 -3.19 1.73
CA VAL B 105 -3.15 -2.37 2.57
C VAL B 105 -2.21 -3.31 3.36
N ALA B 106 -2.76 -4.48 3.75
CA ALA B 106 -2.01 -5.53 4.45
C ALA B 106 -1.04 -6.24 3.49
N PHE B 107 -1.39 -6.29 2.20
CA PHE B 107 -0.52 -6.88 1.16
C PHE B 107 0.71 -5.98 0.92
N PHE B 108 0.48 -4.66 1.03
CA PHE B 108 1.54 -3.63 1.00
C PHE B 108 2.33 -3.59 2.32
N SER B 109 1.72 -4.05 3.44
CA SER B 109 2.43 -4.14 4.74
C SER B 109 3.38 -5.35 4.77
N PHE B 110 2.99 -6.45 4.07
CA PHE B 110 3.84 -7.63 3.88
C PHE B 110 5.02 -7.26 3.00
N GLY B 111 4.70 -6.69 1.81
CA GLY B 111 5.71 -6.24 0.85
C GLY B 111 6.53 -5.08 1.36
N GLY B 112 5.98 -4.36 2.36
CA GLY B 112 6.69 -3.29 3.06
C GLY B 112 7.75 -3.84 4.00
N ALA B 113 7.40 -4.96 4.65
CA ALA B 113 8.34 -5.72 5.49
C ALA B 113 9.47 -6.29 4.62
N LEU B 114 9.07 -6.82 3.47
CA LEU B 114 9.94 -7.46 2.47
C LEU B 114 10.86 -6.46 1.76
N CYS B 115 10.35 -5.24 1.49
CA CYS B 115 11.13 -4.21 0.79
C CYS B 115 12.25 -3.72 1.68
N VAL B 116 11.88 -3.35 2.92
CA VAL B 116 12.82 -2.87 3.94
C VAL B 116 13.84 -3.97 4.29
N GLU B 117 13.34 -5.21 4.40
CA GLU B 117 14.16 -6.39 4.73
C GLU B 117 15.24 -6.65 3.66
N SER B 118 14.82 -6.76 2.38
CA SER B 118 15.71 -7.12 1.26
C SER B 118 16.81 -6.07 1.08
N VAL B 119 16.43 -4.78 1.16
CA VAL B 119 17.40 -3.66 1.09
C VAL B 119 18.36 -3.69 2.28
N ASP B 120 17.85 -4.09 3.45
CA ASP B 120 18.66 -4.27 4.67
C ASP B 120 19.66 -5.43 4.49
N LYS B 121 19.37 -6.36 3.56
CA LYS B 121 20.19 -7.57 3.32
C LYS B 121 21.11 -7.36 2.13
N GLU B 122 21.18 -6.09 1.62
CA GLU B 122 22.01 -5.70 0.45
C GLU B 122 21.48 -6.40 -0.81
N MET B 123 20.21 -6.81 -0.73
CA MET B 123 19.55 -7.70 -1.68
C MET B 123 18.37 -6.95 -2.31
N GLN B 124 18.64 -5.67 -2.64
CA GLN B 124 17.74 -4.79 -3.44
C GLN B 124 17.19 -5.48 -4.73
N VAL B 125 17.94 -6.47 -5.26
CA VAL B 125 17.48 -7.32 -6.39
C VAL B 125 16.12 -8.00 -6.05
N LEU B 126 15.98 -8.48 -4.80
CA LEU B 126 14.74 -9.13 -4.33
C LEU B 126 13.55 -8.15 -4.37
N VAL B 127 13.66 -6.98 -3.70
CA VAL B 127 12.55 -5.97 -3.68
C VAL B 127 12.16 -5.50 -5.11
N SER B 128 13.14 -5.44 -6.02
CA SER B 128 12.89 -5.13 -7.43
C SER B 128 11.96 -6.19 -8.07
N ARG B 129 12.22 -7.46 -7.72
CA ARG B 129 11.41 -8.60 -8.18
C ARG B 129 10.07 -8.70 -7.41
N ILE B 130 10.07 -8.32 -6.12
CA ILE B 130 8.87 -8.37 -5.24
C ILE B 130 7.86 -7.30 -5.69
N ALA B 131 8.38 -6.15 -6.14
CA ALA B 131 7.59 -5.04 -6.70
C ALA B 131 6.97 -5.47 -8.05
N ALA B 132 7.75 -6.26 -8.81
CA ALA B 132 7.31 -6.82 -10.11
C ALA B 132 6.17 -7.84 -9.91
N TRP B 133 6.36 -8.80 -8.97
CA TRP B 133 5.36 -9.84 -8.66
C TRP B 133 4.10 -9.22 -8.03
N MET B 134 4.31 -8.20 -7.17
CA MET B 134 3.20 -7.46 -6.53
C MET B 134 2.36 -6.73 -7.59
N ALA B 135 3.06 -6.19 -8.60
CA ALA B 135 2.44 -5.50 -9.73
C ALA B 135 1.69 -6.49 -10.66
N THR B 136 2.22 -7.74 -10.73
CA THR B 136 1.62 -8.84 -11.52
C THR B 136 0.24 -9.20 -10.94
N TYR B 137 0.21 -9.40 -9.61
CA TYR B 137 -1.02 -9.70 -8.86
C TYR B 137 -1.94 -8.47 -8.78
N LEU B 138 -1.33 -7.26 -8.78
CA LEU B 138 -2.04 -5.97 -8.68
C LEU B 138 -3.04 -5.84 -9.85
N ASN B 139 -2.51 -5.88 -11.09
CA ASN B 139 -3.35 -5.73 -12.31
C ASN B 139 -4.35 -6.89 -12.48
N ASP B 140 -4.01 -8.04 -11.87
CA ASP B 140 -4.74 -9.29 -12.07
C ASP B 140 -6.00 -9.38 -11.16
N HIS B 141 -5.91 -8.95 -9.87
CA HIS B 141 -7.04 -9.11 -8.92
C HIS B 141 -7.38 -7.77 -8.23
N LEU B 142 -6.35 -6.99 -7.88
CA LEU B 142 -6.48 -5.87 -6.93
C LEU B 142 -6.99 -4.59 -7.61
N GLU B 143 -6.62 -4.38 -8.88
CA GLU B 143 -7.06 -3.21 -9.68
C GLU B 143 -8.59 -3.24 -9.91
N PRO B 144 -9.26 -4.43 -10.17
CA PRO B 144 -10.73 -4.56 -9.94
C PRO B 144 -11.19 -3.96 -8.59
N TRP B 145 -10.61 -4.46 -7.47
CA TRP B 145 -11.02 -4.08 -6.09
C TRP B 145 -10.73 -2.59 -5.76
N ILE B 146 -9.75 -2.02 -6.45
CA ILE B 146 -9.31 -0.63 -6.24
C ILE B 146 -10.17 0.34 -7.09
N GLN B 147 -10.17 0.08 -8.41
CA GLN B 147 -10.73 1.00 -9.42
C GLN B 147 -12.25 0.85 -9.58
N GLU B 148 -12.87 -0.07 -8.80
CA GLU B 148 -14.36 -0.23 -8.72
C GLU B 148 -15.10 1.02 -8.17
N ASN B 149 -14.35 2.10 -7.81
CA ASN B 149 -14.89 3.35 -7.22
C ASN B 149 -15.37 3.09 -5.78
N GLY B 150 -14.77 2.08 -5.15
CA GLY B 150 -15.03 1.72 -3.76
C GLY B 150 -13.86 1.02 -3.10
N GLY B 151 -12.65 1.17 -3.67
CA GLY B 151 -11.45 0.50 -3.15
C GLY B 151 -10.43 1.48 -2.59
N TRP B 152 -9.69 2.14 -3.50
CA TRP B 152 -8.66 3.14 -3.12
C TRP B 152 -9.31 4.37 -2.49
N ASP B 153 -10.54 4.61 -2.94
CA ASP B 153 -11.31 5.84 -2.74
C ASP B 153 -11.55 6.08 -1.26
N THR B 154 -11.83 4.99 -0.53
CA THR B 154 -12.48 5.00 0.77
C THR B 154 -11.61 5.64 1.85
N PHE B 155 -10.33 5.19 1.94
CA PHE B 155 -9.35 5.73 2.89
C PHE B 155 -9.16 7.24 2.63
N VAL B 156 -9.17 7.58 1.33
CA VAL B 156 -8.94 8.96 0.87
C VAL B 156 -10.17 9.85 1.17
N GLU B 157 -11.37 9.25 1.07
CA GLU B 157 -12.64 9.95 1.34
C GLU B 157 -12.73 10.34 2.81
N LEU B 158 -12.23 9.46 3.69
CA LEU B 158 -12.29 9.69 5.14
C LEU B 158 -11.28 10.78 5.59
N TYR B 159 -10.09 10.81 4.95
CA TYR B 159 -8.94 11.62 5.44
C TYR B 159 -8.75 12.90 4.60
N GLY B 160 -8.48 12.71 3.30
CA GLY B 160 -8.17 13.82 2.39
C GLY B 160 -9.39 14.44 1.72
N ASN B 161 -10.57 14.32 2.36
CA ASN B 161 -11.84 14.81 1.78
C ASN B 161 -12.89 15.02 2.90
N ASN B 162 -13.05 14.00 3.76
CA ASN B 162 -14.08 13.91 4.78
C ASN B 162 -15.45 13.75 4.07
N ALA B 163 -15.75 12.49 3.71
CA ALA B 163 -17.02 12.08 3.08
C ALA B 163 -18.20 12.41 3.99
N ALA B 164 -17.94 12.44 5.31
CA ALA B 164 -18.93 12.83 6.31
C ALA B 164 -19.17 14.35 6.30
N ALA B 165 -18.14 15.12 5.89
CA ALA B 165 -18.26 16.60 5.78
C ALA B 165 -19.12 16.97 4.56
N GLU B 166 -19.04 16.14 3.51
CA GLU B 166 -19.91 16.25 2.34
C GLU B 166 -21.35 15.83 2.67
N SER B 167 -21.49 14.69 3.35
CA SER B 167 -22.81 14.11 3.72
C SER B 167 -23.47 14.89 4.87
N ARG B 168 -22.70 15.81 5.48
CA ARG B 168 -23.15 16.75 6.52
C ARG B 168 -24.34 17.62 6.03
N LYS B 169 -24.44 17.79 4.70
CA LYS B 169 -25.51 18.60 4.07
C LYS B 169 -26.89 17.89 4.17
N GLY B 170 -27.26 17.12 3.12
CA GLY B 170 -28.52 16.35 3.08
C GLY B 170 -29.82 17.16 3.21
N GLN B 171 -29.72 18.51 3.11
CA GLN B 171 -30.87 19.42 3.36
C GLN B 171 -31.62 19.78 2.07
N GLU B 172 -31.03 19.44 0.90
CA GLU B 172 -31.67 19.68 -0.41
C GLU B 172 -32.73 18.58 -0.70
N ARG B 173 -32.73 17.55 0.15
CA ARG B 173 -33.75 16.50 0.15
C ARG B 173 -35.09 17.02 0.70
N LEU B 174 -35.07 18.24 1.25
CA LEU B 174 -36.25 18.91 1.82
C LEU B 174 -37.11 19.51 0.70
N GLU B 175 -38.43 19.26 0.76
CA GLU B 175 -39.41 19.72 -0.25
C GLU B 175 -39.48 21.27 -0.30
#